data_2FK0
#
_entry.id   2FK0
#
_cell.length_a   197.943
_cell.length_b   197.943
_cell.length_c   134.688
_cell.angle_alpha   90.00
_cell.angle_beta   90.00
_cell.angle_gamma   120.00
#
_symmetry.space_group_name_H-M   'P 3'
#
loop_
_entity.id
_entity.type
_entity.pdbx_description
1 polymer hemagglutinin
2 polymer hemagglutinin
3 branched 2-acetamido-2-deoxy-beta-D-glucopyranose-(1-4)-2-acetamido-2-deoxy-beta-D-glucopyranose
4 branched beta-D-mannopyranose-(1-4)-2-acetamido-2-deoxy-beta-D-glucopyranose-(1-4)-2-acetamido-2-deoxy-beta-D-glucopyranose
#
loop_
_entity_poly.entity_id
_entity_poly.type
_entity_poly.pdbx_seq_one_letter_code
_entity_poly.pdbx_strand_id
1 'polypeptide(L)'
;ADPGDQICIGYHANNSTEQVDTIMEKNVTVTHAQDILEKKHNGKLCDLDGVKPLILRDCSVAGWLLGNPMCDEFINVPEW
SYIVEKANPVNDLCYPGDFNDYEELKHLLSRINHFEKIQIIPKSSWSSHEASLGVSSACPYQGKSSFFRNVVWLIKKNST
YPTIKRSYNNTNQEDLLVLWGIHHPNDAAEQTKLYQNPTTYISVGTSTLNQRLVPRIATRSKVNGQSGRMEFFWTILKPN
DAINFESNGNFIAPEYAYKIVKKGDSTIMKSELEYGNCNTKCQTPMGAINSSMPFHNIHPLTIGECPKYVKSNRLVLATG
LRNSPQRERRRKKR
;
A,C,E,G,I,K,M,O,Q
2 'polypeptide(L)'
;GLFGAIAGFIEGGWQGMVDGWYGYHHSNEQGSGYAADKESTQKAIDGVTNKVNSIIDKMNTQFEAVGREFNNLERRIENL
NKKMEDGFLDVWTYNAELLVLMENERTLDFHDSNVKNLYDKVRLQLRDNAKELGNGCFEFYHKCDNECMESVRNGTYDYP
QYSEEARLKREEISSGRLVPR
;
B,D,F,H,J,L,N,P,R
#
# COMPACT_ATOMS: atom_id res chain seq x y z
N GLY A 4 -30.23 27.99 74.23
CA GLY A 4 -28.96 27.24 74.42
C GLY A 4 -27.81 27.75 73.57
N ASP A 5 -26.67 27.04 73.64
CA ASP A 5 -25.45 27.43 72.91
C ASP A 5 -24.99 26.35 71.94
N GLN A 6 -24.37 26.75 70.84
CA GLN A 6 -24.01 25.79 69.79
C GLN A 6 -22.53 25.73 69.45
N ILE A 7 -22.13 24.56 68.96
CA ILE A 7 -20.94 24.39 68.14
C ILE A 7 -21.35 23.53 66.94
N CYS A 8 -20.86 23.91 65.76
CA CYS A 8 -21.11 23.15 64.54
C CYS A 8 -19.81 22.78 63.83
N ILE A 9 -19.69 21.51 63.45
CA ILE A 9 -18.55 21.04 62.65
C ILE A 9 -18.83 21.17 61.15
N GLY A 10 -17.90 21.80 60.43
CA GLY A 10 -18.00 21.96 58.98
C GLY A 10 -16.66 21.81 58.29
N TYR A 11 -16.66 21.92 56.97
CA TYR A 11 -15.45 21.75 56.20
C TYR A 11 -15.21 22.97 55.30
N HIS A 12 -14.01 23.08 54.73
CA HIS A 12 -13.66 24.24 53.95
C HIS A 12 -14.46 24.32 52.66
N ALA A 13 -14.53 25.51 52.07
CA ALA A 13 -15.07 25.71 50.74
C ALA A 13 -14.52 27.01 50.20
N ASN A 14 -14.05 27.00 48.96
CA ASN A 14 -13.50 28.22 48.34
C ASN A 14 -14.10 28.49 46.96
N ASN A 15 -13.57 29.50 46.27
CA ASN A 15 -14.08 29.83 44.95
C ASN A 15 -13.47 28.99 43.81
N SER A 16 -13.11 27.74 44.11
CA SER A 16 -12.53 26.83 43.09
C SER A 16 -13.57 26.14 42.23
N THR A 17 -13.31 26.08 40.93
CA THR A 17 -14.21 25.43 39.99
C THR A 17 -13.52 24.29 39.26
N GLU A 18 -12.35 23.88 39.75
CA GLU A 18 -11.62 22.78 39.13
C GLU A 18 -12.26 21.42 39.43
N GLN A 19 -12.66 20.74 38.37
CA GLN A 19 -13.32 19.45 38.47
C GLN A 19 -12.31 18.30 38.49
N VAL A 20 -12.79 17.18 39.01
CA VAL A 20 -12.03 15.95 39.16
C VAL A 20 -12.96 14.76 38.95
N ASP A 21 -12.40 13.66 38.47
CA ASP A 21 -13.17 12.43 38.27
C ASP A 21 -12.85 11.34 39.29
N THR A 22 -13.85 10.50 39.51
CA THR A 22 -13.83 9.43 40.49
C THR A 22 -14.34 8.15 39.86
N ILE A 23 -13.88 7.01 40.37
CA ILE A 23 -14.34 5.70 39.92
C ILE A 23 -15.86 5.62 39.73
N MET A 24 -16.57 6.36 40.58
CA MET A 24 -18.02 6.37 40.64
C MET A 24 -18.69 7.68 40.26
N GLU A 25 -17.90 8.75 40.13
CA GLU A 25 -18.45 10.04 39.84
C GLU A 25 -17.64 10.87 38.88
N LYS A 26 -18.35 11.60 38.04
CA LYS A 26 -17.73 12.44 37.03
C LYS A 26 -17.94 13.90 37.41
N ASN A 27 -17.08 14.77 36.87
CA ASN A 27 -17.21 16.24 37.00
C ASN A 27 -17.45 16.71 38.43
N VAL A 28 -16.59 16.26 39.35
CA VAL A 28 -16.73 16.61 40.77
C VAL A 28 -15.91 17.85 41.13
N THR A 29 -16.59 18.90 41.61
CA THR A 29 -15.93 20.17 41.94
C THR A 29 -15.13 20.02 43.22
N VAL A 30 -13.91 20.55 43.20
CA VAL A 30 -12.92 20.26 44.24
C VAL A 30 -12.22 21.53 44.70
N THR A 31 -11.75 21.52 45.95
CA THR A 31 -11.09 22.65 46.59
C THR A 31 -9.72 22.93 46.00
N HIS A 32 -8.87 21.91 45.96
CA HIS A 32 -7.53 21.99 45.37
C HIS A 32 -7.25 20.72 44.59
N ALA A 33 -6.45 20.85 43.54
CA ALA A 33 -6.13 19.70 42.70
C ALA A 33 -4.74 19.82 42.11
N GLN A 34 -4.20 18.70 41.68
CA GLN A 34 -2.84 18.63 41.22
C GLN A 34 -2.77 17.87 39.89
N ASP A 35 -2.24 18.51 38.83
CA ASP A 35 -2.09 17.80 37.56
C ASP A 35 -0.84 16.90 37.59
N ILE A 36 -1.02 15.64 37.23
CA ILE A 36 0.03 14.62 37.28
C ILE A 36 0.67 14.46 35.92
N LEU A 37 0.03 15.04 34.91
CA LEU A 37 0.41 14.84 33.52
C LEU A 37 1.15 16.05 32.96
N GLU A 38 2.40 15.85 32.55
CA GLU A 38 3.14 16.90 31.87
C GLU A 38 2.62 17.17 30.47
N LYS A 39 2.42 18.46 30.18
CA LYS A 39 1.98 18.88 28.85
C LYS A 39 2.85 19.97 28.23
N LYS A 40 3.80 20.50 29.01
CA LYS A 40 4.66 21.60 28.54
C LYS A 40 6.02 21.15 28.04
N HIS A 41 6.36 21.56 26.82
CA HIS A 41 7.72 21.40 26.32
C HIS A 41 8.23 22.77 25.95
N ASN A 42 9.48 22.89 25.54
CA ASN A 42 10.03 24.21 25.26
C ASN A 42 10.38 24.48 23.81
N GLY A 43 9.99 23.57 22.94
CA GLY A 43 10.15 23.76 21.50
C GLY A 43 11.56 23.93 20.97
N LYS A 44 12.56 23.51 21.74
CA LYS A 44 13.92 23.47 21.23
C LYS A 44 14.68 22.17 21.53
N LEU A 45 15.82 22.00 20.86
CA LEU A 45 16.68 20.86 21.07
C LEU A 45 17.78 21.22 22.05
N CYS A 46 18.04 20.35 23.01
CA CYS A 46 18.98 20.68 24.06
C CYS A 46 19.98 19.57 24.33
N ASP A 47 21.04 19.93 25.03
CA ASP A 47 22.00 18.96 25.54
C ASP A 47 21.30 17.94 26.39
N LEU A 48 21.76 16.69 26.30
CA LEU A 48 21.40 15.69 27.28
C LEU A 48 22.46 15.67 28.36
N ASP A 49 22.03 15.90 29.60
CA ASP A 49 22.95 16.03 30.71
C ASP A 49 24.20 16.78 30.33
N GLY A 50 24.02 18.00 29.82
CA GLY A 50 25.15 18.86 29.47
C GLY A 50 26.03 18.37 28.34
N VAL A 51 25.50 17.53 27.46
CA VAL A 51 26.27 17.12 26.30
C VAL A 51 25.42 17.44 25.07
N LYS A 52 25.99 18.19 24.15
CA LYS A 52 25.27 18.64 22.97
C LYS A 52 24.85 17.54 22.02
N PRO A 53 23.78 17.78 21.27
CA PRO A 53 23.53 16.85 20.19
C PRO A 53 24.34 17.21 18.97
N LEU A 54 24.48 16.22 18.10
CA LEU A 54 24.99 16.43 16.77
C LEU A 54 23.81 16.71 15.84
N ILE A 55 23.70 17.94 15.36
CA ILE A 55 22.61 18.35 14.47
C ILE A 55 23.09 18.49 13.04
N LEU A 56 22.89 17.44 12.24
CA LEU A 56 23.21 17.46 10.82
C LEU A 56 22.10 18.27 10.21
N ARG A 57 22.41 19.25 9.37
CA ARG A 57 21.31 20.17 9.06
C ARG A 57 20.52 19.61 7.91
N ASP A 58 21.16 19.61 6.75
CA ASP A 58 20.57 19.09 5.56
C ASP A 58 21.23 17.82 5.11
N CYS A 59 22.00 17.19 6.01
CA CYS A 59 22.74 16.00 5.63
C CYS A 59 22.25 14.79 6.32
N SER A 60 22.21 13.70 5.57
CA SER A 60 22.21 12.36 6.13
C SER A 60 23.54 12.06 6.82
N VAL A 61 23.55 11.05 7.66
CA VAL A 61 24.79 10.62 8.24
C VAL A 61 25.80 10.18 7.19
N ALA A 62 25.31 9.45 6.20
CA ALA A 62 26.16 9.04 5.11
C ALA A 62 26.78 10.27 4.49
N GLY A 63 25.93 11.24 4.15
CA GLY A 63 26.35 12.48 3.51
C GLY A 63 27.48 13.10 4.29
N TRP A 64 27.34 13.09 5.60
CA TRP A 64 28.29 13.71 6.48
C TRP A 64 29.57 12.93 6.54
N LEU A 65 29.49 11.61 6.62
CA LEU A 65 30.68 10.82 6.87
C LEU A 65 31.59 10.80 5.68
N LEU A 66 31.03 10.42 4.54
CA LEU A 66 31.69 10.61 3.28
C LEU A 66 31.70 12.10 3.12
N GLY A 67 32.63 12.67 2.40
CA GLY A 67 32.55 14.10 2.35
C GLY A 67 31.60 14.60 1.29
N ASN A 68 30.30 14.62 1.53
CA ASN A 68 29.41 15.21 0.51
C ASN A 68 29.71 16.67 0.39
N PRO A 69 30.04 17.14 -0.82
CA PRO A 69 30.55 18.51 -1.01
C PRO A 69 29.66 19.60 -0.40
N MET A 70 28.36 19.34 -0.37
CA MET A 70 27.37 20.30 0.11
C MET A 70 27.16 20.25 1.63
N CYS A 71 27.37 19.09 2.21
CA CYS A 71 27.60 19.04 3.61
C CYS A 71 28.93 19.67 3.89
N ASP A 72 29.31 19.75 5.15
CA ASP A 72 30.71 20.02 5.45
C ASP A 72 31.28 19.04 6.48
N GLU A 73 32.59 19.22 6.75
CA GLU A 73 33.32 18.46 7.78
C GLU A 73 33.28 19.28 9.08
N PHE A 74 32.91 20.57 8.96
CA PHE A 74 32.45 21.31 10.11
C PHE A 74 31.36 20.47 10.75
N ILE A 75 31.82 19.64 11.67
CA ILE A 75 31.02 18.93 12.64
C ILE A 75 32.20 18.55 13.58
N ASN A 76 33.14 19.50 13.66
CA ASN A 76 34.30 19.43 14.54
C ASN A 76 33.87 19.56 15.98
N VAL A 77 32.77 18.87 16.28
CA VAL A 77 32.32 18.67 17.62
C VAL A 77 32.79 17.29 18.04
N PRO A 78 33.60 17.22 19.12
CA PRO A 78 34.31 16.01 19.49
C PRO A 78 33.44 14.93 20.11
N GLU A 79 32.23 15.28 20.53
CA GLU A 79 31.46 14.44 21.44
C GLU A 79 29.98 14.74 21.22
N TRP A 80 29.12 13.74 21.34
CA TRP A 80 27.70 14.03 21.31
C TRP A 80 26.88 12.98 22.03
N SER A 81 25.62 13.34 22.28
CA SER A 81 24.76 12.53 23.12
C SER A 81 23.65 11.88 22.32
N TYR A 82 23.27 12.52 21.21
CA TYR A 82 22.37 11.95 20.26
C TYR A 82 22.49 12.72 18.96
N ILE A 83 22.05 12.14 17.85
CA ILE A 83 22.11 12.79 16.53
C ILE A 83 20.73 13.25 16.08
N VAL A 84 20.67 14.39 15.39
CA VAL A 84 19.40 14.87 14.82
C VAL A 84 19.42 15.06 13.31
N GLU A 85 18.80 14.12 12.58
CA GLU A 85 18.60 14.22 11.12
C GLU A 85 17.26 14.83 10.89
N LYS A 86 17.11 15.51 9.77
CA LYS A 86 15.77 15.90 9.32
C LYS A 86 14.96 14.70 8.78
N ALA A 87 13.69 14.94 8.50
CA ALA A 87 12.83 13.89 7.95
C ALA A 87 13.43 13.38 6.66
N ASN A 88 13.77 14.31 5.78
CA ASN A 88 14.30 13.96 4.48
C ASN A 88 15.47 14.84 4.15
N PRO A 89 16.63 14.52 4.72
CA PRO A 89 17.81 15.34 4.46
C PRO A 89 18.02 15.45 2.97
N VAL A 90 18.40 16.64 2.51
CA VAL A 90 18.58 16.91 1.09
C VAL A 90 19.91 16.37 0.55
N ASN A 91 20.92 16.29 1.41
CA ASN A 91 22.24 15.88 0.99
C ASN A 91 22.63 14.51 1.51
N ASP A 92 22.50 13.53 0.63
CA ASP A 92 22.79 12.15 0.98
C ASP A 92 23.94 11.71 0.10
N LEU A 93 23.70 10.74 -0.76
CA LEU A 93 24.71 10.24 -1.66
C LEU A 93 24.55 10.96 -2.96
N CYS A 94 25.29 12.07 -3.12
CA CYS A 94 25.24 12.85 -4.36
C CYS A 94 25.44 11.92 -5.57
N TYR A 95 26.53 11.15 -5.55
CA TYR A 95 26.67 10.05 -6.49
C TYR A 95 25.83 8.88 -6.01
N PRO A 96 24.93 8.38 -6.88
CA PRO A 96 23.98 7.38 -6.45
C PRO A 96 24.70 6.11 -6.09
N GLY A 97 24.12 5.32 -5.19
CA GLY A 97 24.79 4.14 -4.70
C GLY A 97 24.13 3.54 -3.48
N ASP A 98 24.94 2.84 -2.70
CA ASP A 98 24.46 2.15 -1.51
C ASP A 98 25.47 2.12 -0.40
N PHE A 99 24.98 2.00 0.81
CA PHE A 99 25.83 2.01 1.98
C PHE A 99 25.45 0.83 2.80
N ASN A 100 26.43 0.08 3.18
CA ASN A 100 26.22 -1.23 3.69
C ASN A 100 26.08 -1.14 5.19
N ASP A 101 25.10 -1.85 5.76
CA ASP A 101 24.88 -1.77 7.20
C ASP A 101 24.80 -0.35 7.67
N TYR A 102 24.14 0.49 6.89
CA TYR A 102 24.00 1.90 7.19
C TYR A 102 23.35 2.13 8.54
N GLU A 103 22.17 1.56 8.76
CA GLU A 103 21.45 1.72 10.02
C GLU A 103 22.28 1.31 11.20
N GLU A 104 22.89 0.13 11.12
CA GLU A 104 23.78 -0.28 12.22
C GLU A 104 24.83 0.76 12.48
N LEU A 105 25.47 1.24 11.44
CA LEU A 105 26.43 2.32 11.60
C LEU A 105 25.83 3.59 12.21
N LYS A 106 24.70 4.04 11.69
CA LYS A 106 23.97 5.14 12.33
C LYS A 106 23.78 4.86 13.83
N HIS A 107 23.35 3.66 14.19
CA HIS A 107 23.09 3.41 15.60
C HIS A 107 24.36 3.52 16.40
N LEU A 108 25.43 2.93 15.90
CA LEU A 108 26.70 2.98 16.57
C LEU A 108 27.11 4.46 16.83
N LEU A 109 26.73 5.34 15.92
CA LEU A 109 27.24 6.71 15.96
C LEU A 109 26.34 7.67 16.74
N SER A 110 25.20 7.15 17.15
CA SER A 110 24.21 8.00 17.77
C SER A 110 24.73 8.74 19.02
N ARG A 111 25.69 8.18 19.72
CA ARG A 111 26.25 8.78 20.93
C ARG A 111 27.70 8.38 20.98
N ILE A 112 28.56 9.39 21.06
CA ILE A 112 29.98 9.22 20.97
C ILE A 112 30.74 10.03 22.01
N ASN A 113 31.70 9.39 22.65
CA ASN A 113 32.43 9.98 23.73
C ASN A 113 33.56 10.86 23.19
N HIS A 114 34.13 10.43 22.06
CA HIS A 114 35.20 11.14 21.40
C HIS A 114 35.18 10.69 20.00
N PHE A 115 35.44 11.63 19.09
CA PHE A 115 35.37 11.42 17.67
C PHE A 115 36.37 12.36 17.04
N GLU A 116 37.24 11.84 16.20
CA GLU A 116 38.31 12.70 15.63
C GLU A 116 38.71 12.15 14.28
N LYS A 117 38.83 13.05 13.30
CA LYS A 117 39.02 12.68 11.90
C LYS A 117 40.52 12.63 11.60
N ILE A 118 40.95 11.54 11.04
CA ILE A 118 42.36 11.36 10.83
C ILE A 118 42.61 11.05 9.38
N GLN A 119 43.64 11.66 8.82
CA GLN A 119 44.04 11.35 7.45
C GLN A 119 44.76 10.02 7.37
N ILE A 120 44.03 8.96 7.05
CA ILE A 120 44.59 7.63 7.05
C ILE A 120 45.48 7.35 5.86
N ILE A 121 44.94 7.53 4.65
CA ILE A 121 45.73 7.43 3.43
C ILE A 121 45.58 8.69 2.62
N PRO A 122 46.56 9.54 2.71
CA PRO A 122 46.66 10.87 2.10
C PRO A 122 46.51 10.87 0.59
N LYS A 123 45.68 11.80 0.11
CA LYS A 123 45.31 11.92 -1.29
C LYS A 123 46.51 12.06 -2.21
N SER A 124 47.62 12.52 -1.69
CA SER A 124 48.68 12.66 -2.64
C SER A 124 49.68 11.49 -2.69
N SER A 125 49.46 10.42 -1.92
CA SER A 125 50.43 9.34 -1.88
C SER A 125 50.17 8.32 -2.99
N TRP A 126 49.22 8.62 -3.85
CA TRP A 126 48.93 7.76 -4.95
C TRP A 126 49.75 8.25 -6.08
N SER A 127 50.99 7.75 -6.15
CA SER A 127 51.95 8.26 -7.13
C SER A 127 51.68 7.65 -8.49
N SER A 128 51.38 6.35 -8.51
CA SER A 128 51.16 5.64 -9.77
C SER A 128 49.68 5.40 -10.11
N HIS A 129 48.80 6.23 -9.56
CA HIS A 129 47.40 6.29 -9.96
C HIS A 129 46.95 7.73 -9.95
N GLU A 130 45.85 8.02 -10.64
CA GLU A 130 45.30 9.38 -10.69
C GLU A 130 44.36 9.62 -9.53
N ALA A 131 44.75 10.54 -8.65
CA ALA A 131 43.92 10.80 -7.46
C ALA A 131 42.97 11.98 -7.64
N SER A 132 43.38 12.96 -8.41
CA SER A 132 42.64 14.19 -8.46
C SER A 132 41.60 14.24 -9.59
N LEU A 133 41.29 13.12 -10.23
CA LEU A 133 40.38 13.16 -11.40
C LEU A 133 39.00 12.59 -11.14
N GLY A 134 38.88 11.67 -10.18
CA GLY A 134 37.60 11.02 -9.89
C GLY A 134 36.56 11.99 -9.37
N VAL A 135 35.77 12.53 -10.27
CA VAL A 135 34.98 13.74 -10.03
C VAL A 135 33.76 13.68 -10.95
N SER A 136 32.58 14.09 -10.47
CA SER A 136 31.42 14.00 -11.35
C SER A 136 30.43 15.13 -11.15
N SER A 137 29.57 15.34 -12.14
CA SER A 137 28.61 16.41 -12.03
C SER A 137 27.47 16.07 -11.08
N ALA A 138 27.36 14.81 -10.71
CA ALA A 138 26.45 14.44 -9.65
C ALA A 138 26.80 15.08 -8.30
N CYS A 139 28.09 15.37 -8.05
CA CYS A 139 28.48 16.08 -6.81
C CYS A 139 29.00 17.46 -7.08
N PRO A 140 28.10 18.37 -7.47
CA PRO A 140 28.65 19.64 -7.87
C PRO A 140 29.11 20.36 -6.60
N TYR A 141 30.34 20.84 -6.60
CA TYR A 141 30.72 21.71 -5.51
C TYR A 141 30.34 23.20 -5.77
N GLN A 142 31.21 23.99 -6.38
CA GLN A 142 30.80 25.37 -6.55
C GLN A 142 30.59 25.70 -8.00
N GLY A 143 29.80 24.85 -8.65
CA GLY A 143 29.64 24.95 -10.10
C GLY A 143 30.61 23.97 -10.73
N LYS A 144 31.86 23.95 -10.25
CA LYS A 144 32.80 22.89 -10.61
C LYS A 144 32.25 21.59 -10.08
N SER A 145 32.37 20.53 -10.88
CA SER A 145 31.94 19.19 -10.45
C SER A 145 33.00 18.62 -9.56
N SER A 146 32.65 17.60 -8.78
CA SER A 146 33.48 17.17 -7.66
C SER A 146 33.01 15.82 -7.14
N PHE A 147 33.20 15.56 -5.84
CA PHE A 147 33.02 14.25 -5.23
C PHE A 147 33.26 14.28 -3.73
N PHE A 148 32.83 13.23 -3.02
CA PHE A 148 33.01 13.09 -1.58
C PHE A 148 34.43 13.44 -1.16
N ARG A 149 34.56 14.24 -0.12
CA ARG A 149 35.86 14.70 0.36
C ARG A 149 36.68 13.65 1.10
N ASN A 150 36.01 12.82 1.88
CA ASN A 150 36.70 11.93 2.81
C ASN A 150 37.11 10.58 2.18
N VAL A 151 37.05 10.52 0.86
CA VAL A 151 37.22 9.28 0.16
C VAL A 151 37.76 9.63 -1.25
N VAL A 152 38.59 8.77 -1.84
CA VAL A 152 39.20 9.11 -3.11
C VAL A 152 38.79 8.18 -4.21
N TRP A 153 38.47 8.75 -5.37
CA TRP A 153 38.07 7.94 -6.52
C TRP A 153 39.21 7.84 -7.49
N LEU A 154 39.93 6.72 -7.41
CA LEU A 154 41.17 6.57 -8.14
C LEU A 154 40.90 6.18 -9.58
N ILE A 155 41.65 6.80 -10.48
CA ILE A 155 41.54 6.56 -11.92
C ILE A 155 42.91 6.12 -12.46
N LYS A 156 42.92 5.42 -13.60
CA LYS A 156 44.17 5.04 -14.25
C LYS A 156 45.08 6.23 -14.58
N LYS A 157 46.39 6.02 -14.46
CA LYS A 157 47.41 6.99 -14.87
C LYS A 157 48.13 6.41 -16.09
N ASN A 158 48.56 7.26 -17.02
CA ASN A 158 48.81 6.81 -18.38
C ASN A 158 47.66 5.90 -18.83
N SER A 159 47.97 4.71 -19.32
CA SER A 159 46.91 3.79 -19.63
C SER A 159 47.08 2.53 -18.80
N THR A 160 47.28 2.74 -17.51
CA THR A 160 47.71 1.67 -16.61
C THR A 160 47.07 1.82 -15.25
N TYR A 161 46.74 0.70 -14.63
CA TYR A 161 46.29 0.72 -13.25
C TYR A 161 46.98 -0.41 -12.49
N PRO A 162 48.16 -0.11 -11.93
CA PRO A 162 48.89 -1.15 -11.21
C PRO A 162 48.05 -1.66 -10.04
N THR A 163 48.29 -2.90 -9.65
CA THR A 163 47.60 -3.46 -8.53
C THR A 163 48.02 -2.70 -7.30
N ILE A 164 47.05 -2.12 -6.60
CA ILE A 164 47.29 -1.46 -5.33
C ILE A 164 47.47 -2.46 -4.17
N LYS A 165 48.54 -2.32 -3.42
CA LYS A 165 48.74 -3.12 -2.22
C LYS A 165 49.09 -2.13 -1.14
N ARG A 166 48.23 -2.04 -0.12
CA ARG A 166 48.36 -0.93 0.79
C ARG A 166 47.63 -1.17 2.09
N SER A 167 48.25 -0.80 3.19
CA SER A 167 47.70 -1.10 4.49
C SER A 167 48.00 -0.01 5.50
N TYR A 168 47.23 -0.01 6.57
CA TYR A 168 47.39 0.97 7.60
C TYR A 168 47.28 0.31 8.98
N ASN A 169 48.30 0.48 9.82
CA ASN A 169 48.24 0.02 11.19
C ASN A 169 47.62 1.06 12.06
N ASN A 170 46.57 0.66 12.77
CA ASN A 170 46.03 1.52 13.79
C ASN A 170 46.96 1.61 15.02
N THR A 171 47.86 2.58 15.06
CA THR A 171 48.75 2.70 16.20
C THR A 171 48.18 3.60 17.30
N ASN A 172 46.92 4.00 17.16
CA ASN A 172 46.27 4.85 18.14
C ASN A 172 45.69 3.98 19.16
N GLN A 173 45.23 4.55 20.24
CA GLN A 173 44.64 3.74 21.26
C GLN A 173 43.18 3.59 21.01
N GLU A 174 42.59 4.51 20.26
CA GLU A 174 41.16 4.49 20.04
C GLU A 174 40.85 3.53 18.93
N ASP A 175 39.71 2.86 19.00
CA ASP A 175 39.10 2.18 17.86
C ASP A 175 39.02 3.11 16.67
N LEU A 176 39.18 2.62 15.44
CA LEU A 176 38.91 3.57 14.38
C LEU A 176 37.98 3.10 13.30
N LEU A 177 37.07 3.98 12.93
CA LEU A 177 36.07 3.67 11.93
C LEU A 177 36.64 3.95 10.56
N VAL A 178 36.63 2.94 9.69
CA VAL A 178 37.18 3.12 8.36
C VAL A 178 36.17 2.82 7.27
N LEU A 179 36.19 3.60 6.19
CA LEU A 179 35.24 3.50 5.08
C LEU A 179 35.90 3.35 3.71
N TRP A 180 35.27 2.58 2.82
CA TRP A 180 35.76 2.43 1.43
C TRP A 180 34.63 2.06 0.50
N GLY A 181 34.85 2.10 -0.81
CA GLY A 181 33.77 1.74 -1.73
C GLY A 181 34.22 1.10 -3.03
N ILE A 182 33.26 0.66 -3.83
CA ILE A 182 33.49 0.10 -5.16
C ILE A 182 32.74 1.02 -6.06
N HIS A 183 33.23 1.15 -7.28
CA HIS A 183 32.44 1.72 -8.33
C HIS A 183 31.93 0.60 -9.21
N HIS A 184 30.62 0.53 -9.39
CA HIS A 184 30.05 -0.39 -10.34
C HIS A 184 29.71 0.41 -11.58
N PRO A 185 30.58 0.35 -12.59
CA PRO A 185 30.30 1.08 -13.81
C PRO A 185 29.06 0.61 -14.57
N ASN A 186 28.65 1.41 -15.55
CA ASN A 186 27.51 1.11 -16.36
C ASN A 186 27.80 0.04 -17.43
N ASP A 187 29.02 0.04 -18.00
CA ASP A 187 29.37 -0.88 -19.12
C ASP A 187 30.86 -1.12 -19.30
N ALA A 188 31.20 -2.10 -20.13
CA ALA A 188 32.59 -2.50 -20.32
C ALA A 188 33.52 -1.38 -20.78
N ALA A 189 33.05 -0.56 -21.73
CA ALA A 189 33.81 0.58 -22.21
C ALA A 189 34.18 1.50 -21.05
N GLU A 190 33.18 1.92 -20.28
CA GLU A 190 33.35 2.75 -19.09
C GLU A 190 34.40 2.17 -18.13
N GLN A 191 34.44 0.84 -18.03
CA GLN A 191 35.46 0.17 -17.20
C GLN A 191 36.83 0.53 -17.66
N THR A 192 37.11 0.23 -18.94
CA THR A 192 38.42 0.37 -19.53
C THR A 192 38.83 1.81 -19.46
N LYS A 193 37.86 2.69 -19.65
CA LYS A 193 38.15 4.09 -19.69
C LYS A 193 38.71 4.55 -18.37
N LEU A 194 38.11 4.09 -17.27
CA LEU A 194 38.51 4.56 -15.96
C LEU A 194 39.68 3.80 -15.38
N TYR A 195 39.66 2.49 -15.57
CA TYR A 195 40.66 1.57 -15.04
C TYR A 195 41.01 0.79 -16.29
N GLN A 196 42.25 0.37 -16.50
CA GLN A 196 42.50 -0.33 -17.76
C GLN A 196 41.87 -1.70 -17.79
N ASN A 197 41.92 -2.38 -16.64
CA ASN A 197 41.71 -3.81 -16.57
C ASN A 197 40.25 -4.20 -16.57
N PRO A 198 39.87 -5.18 -17.41
CA PRO A 198 38.48 -5.55 -17.55
C PRO A 198 37.95 -6.27 -16.31
N THR A 199 38.75 -7.19 -15.78
CA THR A 199 38.37 -8.00 -14.62
C THR A 199 39.07 -7.38 -13.42
N THR A 200 38.35 -7.23 -12.31
CA THR A 200 38.82 -6.40 -11.23
C THR A 200 38.32 -6.86 -9.86
N TYR A 201 39.04 -6.48 -8.81
CA TYR A 201 38.56 -6.77 -7.47
C TYR A 201 39.11 -5.77 -6.49
N ILE A 202 38.39 -5.55 -5.39
CA ILE A 202 39.00 -5.03 -4.19
C ILE A 202 38.91 -6.09 -3.09
N SER A 203 40.02 -6.29 -2.38
CA SER A 203 40.00 -7.16 -1.21
C SER A 203 40.55 -6.48 0.04
N VAL A 204 39.79 -6.62 1.13
CA VAL A 204 40.11 -5.93 2.36
C VAL A 204 40.19 -6.96 3.45
N GLY A 205 41.25 -6.91 4.24
CA GLY A 205 41.39 -7.84 5.34
C GLY A 205 41.75 -7.17 6.64
N THR A 206 41.27 -7.74 7.73
CA THR A 206 41.49 -7.21 9.05
C THR A 206 41.96 -8.39 9.87
N SER A 207 41.88 -8.32 11.19
CA SER A 207 41.87 -9.55 12.00
C SER A 207 40.44 -10.13 12.02
N THR A 208 39.53 -9.51 11.33
CA THR A 208 38.13 -9.78 11.46
C THR A 208 37.56 -9.81 10.04
N LEU A 209 37.85 -8.73 9.32
CA LEU A 209 37.26 -8.55 8.01
C LEU A 209 37.99 -9.41 7.00
N ASN A 210 37.23 -10.00 6.10
CA ASN A 210 37.82 -10.79 5.05
C ASN A 210 36.99 -10.71 3.77
N GLN A 211 37.04 -9.58 3.11
CA GLN A 211 36.15 -9.37 2.01
C GLN A 211 36.85 -9.23 0.65
N ARG A 212 36.11 -9.60 -0.41
CA ARG A 212 36.55 -9.42 -1.79
C ARG A 212 35.39 -8.91 -2.65
N LEU A 213 35.40 -7.64 -3.00
CA LEU A 213 34.36 -7.07 -3.82
C LEU A 213 34.73 -7.21 -5.30
N VAL A 214 33.72 -7.17 -6.15
CA VAL A 214 33.91 -7.37 -7.58
C VAL A 214 32.86 -6.47 -8.23
N PRO A 215 33.27 -5.57 -9.11
CA PRO A 215 32.29 -4.63 -9.65
C PRO A 215 31.29 -5.37 -10.50
N ARG A 216 30.05 -4.87 -10.49
CA ARG A 216 28.93 -5.51 -11.12
C ARG A 216 28.49 -4.57 -12.21
N ILE A 217 28.78 -4.94 -13.46
CA ILE A 217 28.46 -4.08 -14.60
C ILE A 217 27.05 -4.34 -15.15
N ALA A 218 26.29 -3.27 -15.38
CA ALA A 218 24.89 -3.34 -15.81
C ALA A 218 24.29 -2.01 -16.17
N THR A 219 23.47 -2.02 -17.21
CA THR A 219 22.60 -0.93 -17.54
C THR A 219 21.64 -0.67 -16.39
N ARG A 220 21.61 0.59 -15.95
CA ARG A 220 20.73 1.02 -14.88
C ARG A 220 20.17 2.32 -15.31
N SER A 221 19.25 2.84 -14.51
CA SER A 221 18.66 4.11 -14.82
C SER A 221 19.52 5.20 -14.23
N LYS A 222 19.56 6.34 -14.91
CA LYS A 222 20.33 7.46 -14.46
C LYS A 222 19.72 7.96 -13.15
N VAL A 223 20.57 8.36 -12.22
CA VAL A 223 20.16 8.96 -10.96
C VAL A 223 21.14 10.08 -10.69
N ASN A 224 20.65 11.33 -10.60
CA ASN A 224 21.51 12.51 -10.70
C ASN A 224 22.41 12.33 -11.92
N GLY A 225 21.79 11.84 -12.99
CA GLY A 225 22.43 11.76 -14.31
C GLY A 225 23.41 10.63 -14.42
N GLN A 226 23.48 9.80 -13.39
CA GLN A 226 24.51 8.75 -13.35
C GLN A 226 23.88 7.38 -13.32
N SER A 227 24.30 6.53 -14.25
CA SER A 227 23.82 5.16 -14.20
C SER A 227 24.89 4.25 -13.58
N GLY A 228 26.02 4.83 -13.23
CA GLY A 228 26.98 4.10 -12.39
C GLY A 228 26.50 4.08 -10.93
N ARG A 229 27.16 3.27 -10.12
CA ARG A 229 26.79 3.21 -8.72
C ARG A 229 28.00 3.12 -7.81
N MET A 230 27.85 3.66 -6.61
CA MET A 230 28.92 3.64 -5.64
C MET A 230 28.44 2.77 -4.46
N GLU A 231 29.20 1.75 -4.08
CA GLU A 231 28.77 0.99 -2.93
C GLU A 231 29.78 1.11 -1.77
N PHE A 232 29.32 1.37 -0.55
CA PHE A 232 30.27 1.70 0.51
C PHE A 232 30.20 0.70 1.62
N PHE A 233 31.26 0.66 2.41
CA PHE A 233 31.52 -0.40 3.36
C PHE A 233 32.33 0.19 4.50
N TRP A 234 32.26 -0.38 5.70
CA TRP A 234 32.98 0.17 6.85
C TRP A 234 33.44 -0.90 7.84
N THR A 235 34.32 -0.56 8.78
CA THR A 235 34.53 -1.40 9.99
C THR A 235 35.14 -0.57 11.06
N ILE A 236 35.16 -1.18 12.24
CA ILE A 236 35.95 -0.65 13.30
C ILE A 236 37.27 -1.45 13.26
N LEU A 237 38.37 -0.72 13.08
CA LEU A 237 39.66 -1.31 13.13
C LEU A 237 40.16 -1.16 14.54
N LYS A 238 40.47 -2.29 15.15
CA LYS A 238 40.78 -2.31 16.59
C LYS A 238 42.16 -1.72 16.88
N PRO A 239 42.41 -1.22 18.12
CA PRO A 239 43.63 -0.57 18.42
C PRO A 239 44.82 -1.21 17.74
N ASN A 240 45.27 -2.39 18.13
CA ASN A 240 46.54 -2.79 17.52
C ASN A 240 46.51 -3.44 16.15
N ASP A 241 45.32 -3.54 15.56
CA ASP A 241 45.15 -4.17 14.26
C ASP A 241 45.56 -3.34 13.08
N ALA A 242 45.33 -3.89 11.90
CA ALA A 242 45.73 -3.30 10.63
C ALA A 242 44.76 -3.70 9.51
N ILE A 243 44.42 -2.76 8.65
CA ILE A 243 43.59 -3.05 7.52
C ILE A 243 44.46 -3.05 6.26
N ASN A 244 44.28 -4.07 5.42
CA ASN A 244 45.06 -4.18 4.15
C ASN A 244 44.13 -4.11 2.98
N PHE A 245 44.40 -3.18 2.07
CA PHE A 245 43.63 -3.11 0.88
C PHE A 245 44.51 -3.54 -0.23
N GLU A 246 43.86 -4.19 -1.18
CA GLU A 246 44.49 -4.62 -2.40
C GLU A 246 43.47 -4.50 -3.49
N SER A 247 43.79 -3.71 -4.50
CA SER A 247 42.89 -3.60 -5.65
C SER A 247 43.58 -3.49 -6.99
N ASN A 248 42.81 -3.96 -7.96
CA ASN A 248 43.13 -4.10 -9.33
C ASN A 248 42.35 -3.03 -10.06
N GLY A 249 41.18 -2.67 -9.51
CA GLY A 249 40.69 -1.31 -9.60
C GLY A 249 39.25 -1.01 -9.78
N ASN A 250 38.48 -0.87 -8.74
CA ASN A 250 37.28 -0.04 -8.90
C ASN A 250 37.12 0.66 -7.59
N PHE A 251 38.28 0.93 -7.03
CA PHE A 251 38.50 1.19 -5.63
C PHE A 251 38.25 2.62 -5.26
N ILE A 252 37.36 2.82 -4.32
CA ILE A 252 37.24 4.14 -3.75
C ILE A 252 37.96 4.13 -2.39
N ALA A 253 39.13 4.75 -2.37
CA ALA A 253 40.04 4.62 -1.26
C ALA A 253 39.63 5.54 -0.15
N PRO A 254 39.83 5.12 1.10
CA PRO A 254 39.67 6.05 2.21
C PRO A 254 40.70 7.17 2.08
N GLU A 255 40.41 8.36 2.58
CA GLU A 255 41.49 9.30 2.82
C GLU A 255 41.47 9.56 4.30
N TYR A 256 40.28 9.77 4.81
CA TYR A 256 40.12 10.05 6.21
C TYR A 256 39.41 8.91 6.88
N ALA A 257 39.73 8.71 8.15
CA ALA A 257 38.96 7.79 9.03
C ALA A 257 38.77 8.41 10.42
N TYR A 258 37.99 7.75 11.26
CA TYR A 258 37.64 8.40 12.49
C TYR A 258 38.10 7.63 13.67
N LYS A 259 38.86 8.27 14.56
CA LYS A 259 39.07 7.73 15.88
C LYS A 259 37.75 7.89 16.61
N ILE A 260 37.43 6.91 17.45
CA ILE A 260 36.14 6.82 18.03
C ILE A 260 36.26 6.17 19.37
N VAL A 261 35.59 6.74 20.35
CA VAL A 261 35.50 6.12 21.64
C VAL A 261 34.04 6.09 21.95
N LYS A 262 33.53 4.89 22.17
CA LYS A 262 32.12 4.71 22.35
C LYS A 262 31.90 4.22 23.76
N LYS A 263 31.06 4.92 24.51
CA LYS A 263 30.84 4.55 25.90
C LYS A 263 29.37 4.51 26.21
N GLY A 264 28.53 4.34 25.19
CA GLY A 264 27.10 4.34 25.40
C GLY A 264 26.29 4.55 24.14
N ASP A 265 25.06 4.04 24.16
CA ASP A 265 24.19 4.15 23.01
C ASP A 265 23.10 5.22 23.18
N SER A 266 22.56 5.65 22.06
CA SER A 266 21.28 6.35 22.03
C SER A 266 20.57 6.07 20.72
N THR A 267 20.16 7.09 19.99
CA THR A 267 19.39 6.90 18.76
C THR A 267 19.44 8.11 17.85
N ILE A 268 18.94 8.00 16.64
CA ILE A 268 18.85 9.19 15.78
C ILE A 268 17.47 9.78 15.90
N MET A 269 17.38 11.06 16.21
CA MET A 269 16.11 11.71 16.31
C MET A 269 15.74 12.47 15.05
N LYS A 270 14.46 12.43 14.69
CA LYS A 270 14.02 13.14 13.51
C LYS A 270 13.28 14.38 13.92
N SER A 271 13.86 15.52 13.59
CA SER A 271 13.25 16.79 13.94
C SER A 271 13.72 17.89 13.00
N GLU A 272 12.84 18.87 12.81
CA GLU A 272 13.13 20.02 11.97
C GLU A 272 13.47 21.20 12.83
N LEU A 273 13.53 20.99 14.16
CA LEU A 273 13.89 22.04 15.10
C LEU A 273 15.38 22.39 15.06
N GLU A 274 15.70 23.56 15.59
CA GLU A 274 17.10 23.89 15.83
C GLU A 274 17.55 23.98 17.28
N TYR A 275 18.85 23.79 17.47
CA TYR A 275 19.48 23.92 18.76
C TYR A 275 18.99 25.17 19.46
N GLY A 276 18.78 25.06 20.76
CA GLY A 276 18.59 26.23 21.63
C GLY A 276 19.49 25.97 22.80
N ASN A 277 20.47 26.83 23.02
CA ASN A 277 21.45 26.61 24.08
C ASN A 277 20.71 26.37 25.37
N CYS A 278 20.96 25.21 25.99
CA CYS A 278 19.91 24.62 26.77
C CYS A 278 20.20 23.19 27.18
N ASN A 279 19.65 22.76 28.31
CA ASN A 279 19.91 21.44 28.83
C ASN A 279 18.65 20.72 29.34
N THR A 280 18.52 19.41 29.07
CA THR A 280 17.52 18.58 29.76
C THR A 280 18.00 17.17 30.06
N LYS A 281 17.16 16.45 30.79
CA LYS A 281 17.40 15.05 31.03
C LYS A 281 16.46 14.26 30.14
N CYS A 282 15.71 14.97 29.30
CA CYS A 282 14.72 14.32 28.46
C CYS A 282 14.29 15.19 27.26
N GLN A 283 14.42 14.66 26.06
CA GLN A 283 14.28 15.43 24.83
C GLN A 283 13.26 14.81 23.92
N THR A 284 12.70 15.63 23.04
CA THR A 284 11.54 15.28 22.22
C THR A 284 11.65 15.98 20.88
N PRO A 285 11.30 15.32 19.76
CA PRO A 285 11.40 15.97 18.46
C PRO A 285 10.65 17.29 18.41
N MET A 286 9.74 17.50 19.34
CA MET A 286 9.05 18.79 19.41
C MET A 286 9.62 19.72 20.46
N GLY A 287 10.49 19.21 21.31
CA GLY A 287 11.15 20.04 22.30
C GLY A 287 11.45 19.32 23.60
N ALA A 288 12.22 19.97 24.46
CA ALA A 288 12.71 19.37 25.68
C ALA A 288 11.63 19.39 26.73
N ILE A 289 11.70 18.46 27.68
CA ILE A 289 10.82 18.44 28.84
C ILE A 289 11.60 18.52 30.15
N ASN A 290 11.29 19.54 30.95
CA ASN A 290 11.80 19.66 32.32
C ASN A 290 10.86 18.89 33.26
N SER A 291 11.02 17.57 33.23
CA SER A 291 10.11 16.59 33.84
C SER A 291 10.11 16.52 35.36
N SER A 292 8.96 16.21 35.93
CA SER A 292 8.84 15.85 37.35
C SER A 292 7.68 14.91 37.48
N MET A 293 6.70 15.11 36.59
CA MET A 293 5.50 14.32 36.53
C MET A 293 5.84 12.93 36.02
N PRO A 294 5.07 11.92 36.42
CA PRO A 294 5.46 10.60 35.96
C PRO A 294 4.84 10.27 34.62
N PHE A 295 4.13 11.22 34.02
CA PHE A 295 3.46 11.00 32.74
C PHE A 295 3.51 12.22 31.85
N HIS A 296 3.65 12.00 30.55
CA HIS A 296 3.54 13.08 29.60
C HIS A 296 2.81 12.57 28.40
N ASN A 297 2.32 13.50 27.60
CA ASN A 297 1.58 13.17 26.39
C ASN A 297 2.08 13.96 25.20
N ILE A 298 3.32 14.42 25.26
CA ILE A 298 3.88 15.27 24.22
C ILE A 298 4.16 14.51 22.93
N HIS A 299 4.96 13.44 23.03
CA HIS A 299 5.45 12.72 21.87
C HIS A 299 6.05 11.39 22.30
N PRO A 300 5.74 10.31 21.56
CA PRO A 300 6.31 9.01 21.87
C PRO A 300 7.84 8.87 21.71
N LEU A 301 8.45 9.55 20.73
CA LEU A 301 9.84 9.30 20.40
C LEU A 301 10.81 10.15 21.18
N THR A 302 10.94 9.88 22.47
CA THR A 302 11.82 10.66 23.30
C THR A 302 13.20 10.04 23.42
N ILE A 303 14.14 10.82 23.99
CA ILE A 303 15.46 10.33 24.31
C ILE A 303 15.81 10.89 25.68
N GLY A 304 16.16 10.03 26.63
CA GLY A 304 16.45 10.50 27.98
C GLY A 304 15.78 9.75 29.10
N GLU A 305 15.69 10.42 30.24
CA GLU A 305 14.96 9.92 31.39
C GLU A 305 13.63 10.66 31.42
N CYS A 306 12.60 10.02 30.89
CA CYS A 306 11.31 10.67 30.70
C CYS A 306 10.14 10.05 31.48
N PRO A 307 9.15 10.89 31.77
CA PRO A 307 7.86 10.43 32.20
C PRO A 307 7.27 9.50 31.17
N LYS A 308 6.56 8.49 31.64
CA LYS A 308 5.91 7.55 30.78
C LYS A 308 4.93 8.29 29.88
N TYR A 309 5.00 8.01 28.58
CA TYR A 309 4.15 8.70 27.61
C TYR A 309 2.81 8.04 27.64
N VAL A 310 1.79 8.88 27.61
CA VAL A 310 0.45 8.42 27.90
C VAL A 310 -0.55 9.06 26.90
N LYS A 311 -1.66 8.36 26.66
CA LYS A 311 -2.66 8.93 25.79
C LYS A 311 -3.85 9.48 26.58
N SER A 312 -3.69 10.71 27.07
CA SER A 312 -4.79 11.44 27.72
C SER A 312 -4.46 12.92 27.94
N ASN A 313 -5.47 13.72 28.29
CA ASN A 313 -5.30 15.15 28.52
C ASN A 313 -5.29 15.47 30.00
N ARG A 314 -6.00 14.67 30.77
CA ARG A 314 -6.22 14.99 32.15
C ARG A 314 -5.77 13.82 32.97
N LEU A 315 -4.79 14.07 33.83
CA LEU A 315 -4.56 13.18 34.95
C LEU A 315 -4.53 14.05 36.17
N VAL A 316 -5.71 14.37 36.66
CA VAL A 316 -5.86 15.41 37.66
C VAL A 316 -6.28 14.79 38.97
N LEU A 317 -5.42 14.96 39.96
CA LEU A 317 -5.55 14.29 41.23
C LEU A 317 -6.13 15.21 42.28
N ALA A 318 -7.04 14.70 43.09
CA ALA A 318 -7.73 15.53 44.09
C ALA A 318 -6.89 15.82 45.34
N THR A 319 -6.63 17.09 45.59
CA THR A 319 -5.95 17.50 46.81
C THR A 319 -7.03 17.80 47.88
N GLY A 320 -7.81 18.86 47.67
CA GLY A 320 -8.84 19.28 48.63
C GLY A 320 -10.07 18.38 48.69
N LEU A 321 -11.24 19.00 48.86
CA LEU A 321 -12.49 18.26 49.02
C LEU A 321 -13.65 18.80 48.20
N ARG A 322 -14.85 18.31 48.49
CA ARG A 322 -16.01 18.59 47.67
C ARG A 322 -16.47 20.03 47.85
N ASN A 323 -15.93 20.90 47.01
CA ASN A 323 -16.22 22.33 47.02
C ASN A 323 -17.32 22.61 46.02
N SER A 324 -18.58 22.39 46.44
CA SER A 324 -19.75 22.60 45.57
C SER A 324 -20.66 23.74 46.09
N PRO A 325 -20.98 24.73 45.21
CA PRO A 325 -21.78 25.93 45.54
C PRO A 325 -23.15 25.65 46.13
N GLY B 1 -20.64 11.56 49.78
CA GLY B 1 -19.71 11.13 50.88
C GLY B 1 -20.21 9.97 51.75
N LEU B 2 -19.38 8.92 51.82
CA LEU B 2 -19.71 7.62 52.47
C LEU B 2 -19.95 7.58 53.99
N PHE B 3 -19.29 8.47 54.75
CA PHE B 3 -19.33 8.37 56.21
C PHE B 3 -20.41 9.25 56.89
N GLY B 4 -21.45 9.59 56.11
CA GLY B 4 -22.60 10.38 56.60
C GLY B 4 -22.24 11.83 56.81
N ALA B 5 -21.09 12.23 56.32
CA ALA B 5 -20.49 13.53 56.61
C ALA B 5 -20.91 14.62 55.61
N ILE B 6 -20.34 14.54 54.40
CA ILE B 6 -20.52 15.55 53.34
C ILE B 6 -21.91 15.43 52.67
N ALA B 7 -22.21 14.28 52.07
CA ALA B 7 -23.56 13.99 51.55
C ALA B 7 -24.61 13.68 52.66
N GLY B 8 -24.16 13.64 53.92
CA GLY B 8 -25.00 13.27 55.07
C GLY B 8 -25.41 14.42 55.97
N PHE B 9 -25.32 14.22 57.29
CA PHE B 9 -25.84 15.18 58.30
C PHE B 9 -25.31 16.63 58.20
N ILE B 10 -24.03 16.80 57.87
CA ILE B 10 -23.48 18.12 57.58
C ILE B 10 -23.68 18.46 56.11
N GLU B 11 -24.82 19.11 55.82
CA GLU B 11 -25.12 19.57 54.48
C GLU B 11 -24.34 20.85 54.25
N GLY B 12 -23.41 20.81 53.29
CA GLY B 12 -22.57 21.94 52.97
C GLY B 12 -21.45 22.16 53.98
N GLY B 13 -20.32 22.65 53.49
CA GLY B 13 -19.20 23.01 54.35
C GLY B 13 -19.03 24.50 54.43
N TRP B 14 -18.66 24.98 55.61
CA TRP B 14 -18.56 26.42 55.85
C TRP B 14 -17.43 27.07 55.03
N GLN B 15 -17.80 27.98 54.14
CA GLN B 15 -16.85 28.82 53.40
C GLN B 15 -16.24 29.87 54.31
N GLY B 16 -17.01 30.29 55.32
CA GLY B 16 -16.56 31.25 56.32
C GLY B 16 -15.27 30.87 57.02
N MET B 17 -14.87 29.61 56.89
CA MET B 17 -13.65 29.12 57.52
C MET B 17 -12.46 29.05 56.55
N VAL B 18 -11.40 29.82 56.87
CA VAL B 18 -10.17 29.85 56.09
C VAL B 18 -9.04 29.14 56.83
N ASP B 19 -9.12 29.15 58.16
CA ASP B 19 -8.14 28.51 59.05
C ASP B 19 -7.55 27.18 58.57
N GLY B 20 -8.41 26.23 58.19
CA GLY B 20 -7.95 24.91 57.82
C GLY B 20 -8.92 24.16 56.94
N TRP B 21 -9.02 22.85 57.16
CA TRP B 21 -9.87 22.00 56.34
C TRP B 21 -11.09 21.56 57.13
N TYR B 22 -10.85 21.33 58.41
CA TYR B 22 -11.89 20.89 59.34
C TYR B 22 -11.92 21.82 60.53
N GLY B 23 -13.09 21.96 61.14
CA GLY B 23 -13.21 22.86 62.28
C GLY B 23 -14.56 22.95 62.97
N TYR B 24 -14.69 23.97 63.82
CA TYR B 24 -15.86 24.17 64.65
C TYR B 24 -16.51 25.51 64.35
N HIS B 25 -17.74 25.65 64.77
CA HIS B 25 -18.46 26.91 64.67
C HIS B 25 -19.35 27.06 65.89
N HIS B 26 -18.94 27.91 66.81
CA HIS B 26 -19.69 28.12 68.03
C HIS B 26 -20.73 29.23 67.89
N SER B 27 -21.73 29.19 68.76
CA SER B 27 -22.68 30.29 68.92
C SER B 27 -23.06 30.42 70.39
N ASN B 28 -22.08 30.84 71.19
CA ASN B 28 -22.26 31.06 72.62
C ASN B 28 -22.83 32.47 72.94
N GLU B 29 -22.88 32.81 74.23
CA GLU B 29 -23.49 34.07 74.67
C GLU B 29 -22.61 35.32 74.48
N GLN B 30 -21.35 35.11 74.09
CA GLN B 30 -20.46 36.22 73.71
C GLN B 30 -20.72 36.64 72.27
N GLY B 31 -20.66 35.68 71.36
CA GLY B 31 -20.92 35.90 69.95
C GLY B 31 -20.84 34.56 69.25
N SER B 32 -20.22 34.53 68.08
CA SER B 32 -20.04 33.30 67.33
C SER B 32 -18.80 33.39 66.45
N GLY B 33 -18.28 32.24 66.04
CA GLY B 33 -17.06 32.18 65.23
C GLY B 33 -16.57 30.77 64.94
N TYR B 34 -15.58 30.68 64.04
CA TYR B 34 -15.02 29.41 63.63
C TYR B 34 -13.49 29.42 63.62
N ALA B 35 -12.91 28.61 64.50
CA ALA B 35 -11.48 28.36 64.52
C ALA B 35 -11.23 26.90 64.18
N ALA B 36 -10.44 26.64 63.13
CA ALA B 36 -10.23 25.28 62.64
C ALA B 36 -9.43 24.40 63.61
N ASP B 37 -9.61 23.10 63.48
CA ASP B 37 -8.84 22.14 64.25
C ASP B 37 -7.50 21.89 63.57
N LYS B 38 -6.47 21.66 64.36
CA LYS B 38 -5.12 21.69 63.86
C LYS B 38 -4.44 20.34 63.70
N GLU B 39 -4.50 19.48 64.72
CA GLU B 39 -3.88 18.15 64.64
C GLU B 39 -4.53 17.32 63.56
N SER B 40 -5.85 17.43 63.47
CA SER B 40 -6.62 16.80 62.42
C SER B 40 -6.23 17.34 61.04
N THR B 41 -6.41 18.65 60.82
CA THR B 41 -6.07 19.28 59.54
C THR B 41 -4.62 18.98 59.16
N GLN B 42 -3.72 19.09 60.14
CA GLN B 42 -2.32 18.78 59.91
C GLN B 42 -2.07 17.35 59.48
N LYS B 43 -2.68 16.39 60.17
CA LYS B 43 -2.48 14.99 59.84
C LYS B 43 -3.00 14.67 58.44
N ALA B 44 -4.02 15.42 58.02
CA ALA B 44 -4.59 15.27 56.69
C ALA B 44 -3.63 15.79 55.63
N ILE B 45 -3.20 17.04 55.77
CA ILE B 45 -2.26 17.63 54.82
C ILE B 45 -1.11 16.66 54.63
N ASP B 46 -0.49 16.25 55.72
CA ASP B 46 0.57 15.26 55.68
C ASP B 46 0.17 14.07 54.80
N GLY B 47 -0.98 13.48 55.09
CA GLY B 47 -1.46 12.30 54.40
C GLY B 47 -1.66 12.50 52.91
N VAL B 48 -2.32 13.59 52.53
CA VAL B 48 -2.56 13.86 51.12
C VAL B 48 -1.25 14.12 50.37
N THR B 49 -0.45 15.05 50.88
CA THR B 49 0.87 15.31 50.33
C THR B 49 1.63 13.99 50.13
N ASN B 50 1.65 13.17 51.16
CA ASN B 50 2.32 11.87 51.13
C ASN B 50 1.85 10.94 50.02
N LYS B 51 0.55 10.88 49.82
CA LYS B 51 -0.07 10.16 48.72
C LYS B 51 0.39 10.71 47.39
N VAL B 52 0.32 12.03 47.22
CA VAL B 52 0.79 12.64 45.98
C VAL B 52 2.24 12.28 45.73
N ASN B 53 3.07 12.43 46.75
CA ASN B 53 4.48 12.15 46.62
C ASN B 53 4.80 10.71 46.27
N SER B 54 4.30 9.78 47.05
CA SER B 54 4.59 8.40 46.77
C SER B 54 4.16 8.00 45.33
N ILE B 55 3.01 8.52 44.88
CA ILE B 55 2.59 8.33 43.48
C ILE B 55 3.64 8.84 42.46
N ILE B 56 4.34 9.92 42.81
CA ILE B 56 5.41 10.40 42.00
C ILE B 56 6.70 9.63 42.27
N ASP B 57 7.06 9.49 43.53
CA ASP B 57 8.37 8.97 43.91
C ASP B 57 8.59 7.48 43.67
N LYS B 58 7.52 6.70 43.61
CA LYS B 58 7.71 5.28 43.41
C LYS B 58 7.98 4.93 41.96
N MET B 59 7.85 5.88 41.06
CA MET B 59 8.28 5.56 39.73
C MET B 59 9.72 5.81 39.53
N ASN B 60 10.31 6.64 40.37
CA ASN B 60 11.79 6.89 40.40
C ASN B 60 12.72 5.79 39.80
N THR B 61 12.08 4.73 39.27
CA THR B 61 12.66 3.99 38.18
C THR B 61 11.99 4.58 36.96
N GLN B 62 12.75 5.46 36.36
CA GLN B 62 12.89 5.39 34.91
C GLN B 62 14.33 5.77 34.63
N PHE B 63 14.76 5.51 33.41
CA PHE B 63 16.14 5.64 33.04
C PHE B 63 16.26 5.87 31.58
N GLU B 64 17.48 5.90 31.08
CA GLU B 64 17.73 6.29 29.71
C GLU B 64 17.05 5.40 28.68
N ALA B 65 16.40 5.98 27.66
CA ALA B 65 15.83 5.24 26.52
C ALA B 65 15.71 6.13 25.22
N VAL B 66 14.88 5.77 24.19
CA VAL B 66 14.96 6.31 22.74
C VAL B 66 13.77 6.26 21.67
N GLY B 67 14.03 6.80 20.45
CA GLY B 67 13.18 6.81 19.19
C GLY B 67 13.46 5.68 18.15
N ARG B 68 13.42 5.91 16.79
CA ARG B 68 13.14 4.76 15.79
C ARG B 68 13.84 4.49 14.35
N GLU B 69 14.24 3.23 14.05
CA GLU B 69 15.59 2.94 13.47
C GLU B 69 15.79 1.79 12.45
N PHE B 70 14.74 1.27 11.82
CA PHE B 70 14.89 0.15 10.87
C PHE B 70 14.57 0.52 9.46
N ASN B 71 15.26 -0.09 8.51
CA ASN B 71 15.05 0.27 7.11
C ASN B 71 13.86 -0.45 6.55
N ASN B 72 13.48 -0.14 5.34
CA ASN B 72 12.28 -0.76 4.88
C ASN B 72 12.43 -2.20 4.32
N LEU B 73 13.56 -2.84 4.58
CA LEU B 73 13.58 -4.31 4.50
C LEU B 73 13.57 -5.00 5.87
N GLU B 74 13.28 -4.24 6.91
CA GLU B 74 13.23 -4.79 8.25
C GLU B 74 11.89 -4.40 8.82
N ARG B 75 10.84 -4.64 8.04
CA ARG B 75 9.58 -4.05 8.41
C ARG B 75 8.97 -4.85 9.47
N ARG B 76 9.22 -6.15 9.46
CA ARG B 76 8.69 -7.03 10.47
C ARG B 76 9.17 -6.67 11.88
N ILE B 77 10.32 -6.03 11.95
CA ILE B 77 10.97 -5.75 13.22
C ILE B 77 10.49 -4.43 13.70
N GLU B 78 10.30 -3.53 12.75
CA GLU B 78 9.66 -2.23 12.98
C GLU B 78 8.27 -2.46 13.58
N ASN B 79 7.62 -3.50 13.08
CA ASN B 79 6.34 -3.82 13.58
C ASN B 79 6.52 -4.33 14.97
N LEU B 80 7.55 -5.14 15.19
CA LEU B 80 7.76 -5.71 16.52
C LEU B 80 7.91 -4.60 17.53
N ASN B 81 8.78 -3.65 17.23
CA ASN B 81 8.92 -2.50 18.06
C ASN B 81 7.58 -1.71 18.24
N LYS B 82 6.88 -1.42 17.16
CA LYS B 82 5.63 -0.72 17.31
C LYS B 82 4.82 -1.38 18.40
N LYS B 83 4.52 -2.67 18.21
CA LYS B 83 3.66 -3.38 19.12
C LYS B 83 4.19 -3.11 20.52
N MET B 84 5.47 -3.25 20.74
CA MET B 84 5.99 -3.12 22.07
C MET B 84 5.71 -1.75 22.65
N GLU B 85 6.06 -0.70 21.93
CA GLU B 85 5.73 0.65 22.33
C GLU B 85 4.24 0.83 22.55
N ASP B 86 3.46 0.48 21.55
CA ASP B 86 2.04 0.49 21.67
C ASP B 86 1.62 -0.18 22.99
N GLY B 87 2.05 -1.41 23.23
CA GLY B 87 1.65 -2.18 24.42
C GLY B 87 1.97 -1.48 25.73
N PHE B 88 3.11 -0.83 25.78
CA PHE B 88 3.46 -0.09 26.95
C PHE B 88 2.57 1.11 27.12
N LEU B 89 2.18 1.74 26.01
CA LEU B 89 1.30 2.90 26.09
C LEU B 89 -0.05 2.47 26.64
N ASP B 90 -0.52 1.31 26.22
CA ASP B 90 -1.80 0.80 26.66
C ASP B 90 -1.71 0.51 28.14
N VAL B 91 -0.57 0.01 28.60
CA VAL B 91 -0.45 -0.35 30.01
C VAL B 91 -0.46 0.90 30.86
N TRP B 92 0.51 1.77 30.64
CA TRP B 92 0.59 2.99 31.40
C TRP B 92 -0.67 3.86 31.35
N THR B 93 -1.20 4.10 30.16
CA THR B 93 -2.42 4.86 30.02
C THR B 93 -3.55 4.31 30.91
N TYR B 94 -3.81 3.00 30.82
CA TYR B 94 -4.85 2.36 31.65
C TYR B 94 -4.60 2.47 33.15
N ASN B 95 -3.40 2.08 33.57
CA ASN B 95 -3.01 2.15 34.96
C ASN B 95 -3.14 3.56 35.50
N ALA B 96 -2.50 4.53 34.85
CA ALA B 96 -2.57 5.92 35.34
C ALA B 96 -4.00 6.41 35.56
N GLU B 97 -4.83 6.22 34.55
CA GLU B 97 -6.21 6.64 34.60
C GLU B 97 -6.96 6.02 35.76
N LEU B 98 -6.85 4.70 35.92
CA LEU B 98 -7.54 4.00 37.01
C LEU B 98 -6.93 4.29 38.35
N LEU B 99 -5.63 4.49 38.36
CA LEU B 99 -4.99 4.84 39.61
C LEU B 99 -5.63 6.10 40.15
N VAL B 100 -5.64 7.13 39.32
CA VAL B 100 -6.23 8.39 39.68
C VAL B 100 -7.68 8.20 40.15
N LEU B 101 -8.48 7.51 39.35
CA LEU B 101 -9.89 7.30 39.69
C LEU B 101 -10.07 6.68 41.06
N MET B 102 -9.31 5.62 41.32
CA MET B 102 -9.41 4.88 42.58
C MET B 102 -8.95 5.71 43.75
N GLU B 103 -7.82 6.38 43.58
CA GLU B 103 -7.25 7.16 44.65
C GLU B 103 -8.02 8.44 44.93
N ASN B 104 -8.60 9.04 43.88
CA ASN B 104 -9.50 10.16 44.07
C ASN B 104 -10.66 9.76 44.96
N GLU B 105 -11.27 8.62 44.68
CA GLU B 105 -12.34 8.14 45.53
C GLU B 105 -11.91 7.99 46.99
N ARG B 106 -10.79 7.31 47.22
CA ARG B 106 -10.33 7.05 48.57
C ARG B 106 -10.00 8.34 49.31
N THR B 107 -9.62 9.37 48.56
CA THR B 107 -9.31 10.67 49.13
C THR B 107 -10.56 11.33 49.71
N LEU B 108 -11.62 11.37 48.93
CA LEU B 108 -12.85 12.04 49.33
C LEU B 108 -13.55 11.32 50.48
N ASP B 109 -13.30 10.02 50.59
CA ASP B 109 -13.79 9.23 51.69
C ASP B 109 -12.94 9.43 52.91
N PHE B 110 -11.65 9.63 52.70
CA PHE B 110 -10.70 9.92 53.77
C PHE B 110 -11.10 11.20 54.53
N HIS B 111 -11.56 12.20 53.79
CA HIS B 111 -12.04 13.44 54.39
C HIS B 111 -13.31 13.22 55.19
N ASP B 112 -14.29 12.59 54.57
CA ASP B 112 -15.52 12.20 55.25
C ASP B 112 -15.24 11.46 56.55
N SER B 113 -14.30 10.51 56.50
CA SER B 113 -13.90 9.72 57.65
C SER B 113 -13.44 10.61 58.79
N ASN B 114 -12.56 11.56 58.46
CA ASN B 114 -12.00 12.46 59.46
C ASN B 114 -13.05 13.37 60.11
N VAL B 115 -13.95 13.88 59.28
CA VAL B 115 -15.05 14.68 59.76
C VAL B 115 -15.83 13.90 60.80
N LYS B 116 -16.23 12.66 60.46
CA LYS B 116 -16.97 11.81 61.38
C LYS B 116 -16.19 11.51 62.65
N ASN B 117 -14.87 11.31 62.51
CA ASN B 117 -13.97 11.19 63.65
C ASN B 117 -14.09 12.36 64.60
N LEU B 118 -13.99 13.56 64.02
CA LEU B 118 -14.04 14.80 64.76
C LEU B 118 -15.40 14.96 65.43
N TYR B 119 -16.46 14.65 64.68
CA TYR B 119 -17.81 14.68 65.20
C TYR B 119 -17.91 13.76 66.40
N ASP B 120 -17.37 12.56 66.27
CA ASP B 120 -17.51 11.54 67.31
C ASP B 120 -16.64 11.79 68.51
N LYS B 121 -15.50 12.46 68.32
CA LYS B 121 -14.65 12.86 69.44
C LYS B 121 -15.37 13.85 70.34
N VAL B 122 -15.98 14.86 69.73
CA VAL B 122 -16.75 15.86 70.46
C VAL B 122 -17.89 15.16 71.17
N ARG B 123 -18.63 14.35 70.41
CA ARG B 123 -19.81 13.67 70.92
C ARG B 123 -19.54 12.89 72.22
N LEU B 124 -18.47 12.10 72.22
CA LEU B 124 -18.14 11.24 73.37
C LEU B 124 -17.61 12.02 74.56
N GLN B 125 -16.90 13.11 74.29
CA GLN B 125 -16.30 13.95 75.31
C GLN B 125 -17.34 14.51 76.26
N LEU B 126 -18.56 14.64 75.75
CA LEU B 126 -19.67 15.23 76.48
C LEU B 126 -20.99 14.48 76.24
N ARG B 127 -21.13 13.31 76.88
CA ARG B 127 -22.26 12.40 76.67
C ARG B 127 -23.65 13.07 76.71
N ASP B 128 -24.27 13.11 77.89
CA ASP B 128 -25.61 13.71 78.03
C ASP B 128 -25.59 15.11 78.65
N ASN B 129 -24.43 15.76 78.59
CA ASN B 129 -24.29 17.17 78.95
C ASN B 129 -24.58 18.05 77.75
N ALA B 130 -24.99 17.42 76.65
CA ALA B 130 -25.33 18.11 75.41
C ALA B 130 -26.37 17.36 74.58
N LYS B 131 -27.07 18.11 73.72
CA LYS B 131 -28.13 17.58 72.86
C LYS B 131 -27.63 17.36 71.43
N GLU B 132 -28.00 16.23 70.83
CA GLU B 132 -27.57 15.92 69.47
C GLU B 132 -28.59 16.35 68.42
N LEU B 133 -28.37 17.53 67.85
CA LEU B 133 -29.32 18.16 66.93
C LEU B 133 -29.58 17.39 65.65
N GLY B 134 -28.54 16.81 65.06
CA GLY B 134 -28.67 16.11 63.78
C GLY B 134 -28.16 16.88 62.56
N ASN B 135 -27.82 18.15 62.75
CA ASN B 135 -27.32 18.99 61.67
C ASN B 135 -25.81 18.88 61.64
N GLY B 136 -25.29 17.96 62.44
CA GLY B 136 -23.88 17.88 62.73
C GLY B 136 -23.55 18.86 63.86
N CYS B 137 -24.59 19.28 64.58
CA CYS B 137 -24.45 20.27 65.63
C CYS B 137 -24.84 19.74 66.99
N PHE B 138 -24.20 20.30 68.02
CA PHE B 138 -24.51 19.98 69.40
C PHE B 138 -25.03 21.20 70.16
N GLU B 139 -26.11 21.03 70.93
CA GLU B 139 -26.58 22.06 71.85
C GLU B 139 -26.29 21.66 73.30
N PHE B 140 -25.69 22.59 74.03
CA PHE B 140 -25.36 22.40 75.44
C PHE B 140 -26.58 22.46 76.36
N TYR B 141 -26.67 21.47 77.26
CA TYR B 141 -27.68 21.45 78.33
C TYR B 141 -27.43 22.56 79.32
N HIS B 142 -26.18 23.01 79.39
CA HIS B 142 -25.79 24.12 80.23
C HIS B 142 -25.40 25.34 79.38
N LYS B 143 -25.06 26.43 80.06
CA LYS B 143 -24.55 27.63 79.41
C LYS B 143 -23.04 27.46 79.18
N CYS B 144 -22.52 28.15 78.17
CA CYS B 144 -21.09 28.03 77.80
C CYS B 144 -20.52 29.34 77.20
N ASP B 145 -19.21 29.54 77.41
CA ASP B 145 -18.51 30.74 76.94
C ASP B 145 -17.33 30.41 76.01
N ASN B 146 -16.49 31.40 75.73
CA ASN B 146 -15.34 31.23 74.86
C ASN B 146 -14.24 30.36 75.46
N GLU B 147 -13.80 30.71 76.67
CA GLU B 147 -12.81 29.90 77.42
C GLU B 147 -13.33 28.49 77.67
N CYS B 148 -14.66 28.36 77.72
CA CYS B 148 -15.35 27.09 77.91
C CYS B 148 -15.09 26.11 76.75
N MET B 149 -15.03 26.64 75.53
CA MET B 149 -14.89 25.81 74.34
C MET B 149 -13.46 25.48 73.97
N GLU B 150 -12.50 26.06 74.69
CA GLU B 150 -11.07 25.75 74.52
C GLU B 150 -10.79 24.31 74.93
N SER B 151 -11.32 23.91 76.09
CA SER B 151 -11.17 22.54 76.58
C SER B 151 -11.90 21.56 75.67
N VAL B 152 -12.97 22.05 75.04
CA VAL B 152 -13.72 21.27 74.06
C VAL B 152 -12.86 20.89 72.85
N ARG B 153 -12.14 21.86 72.31
CA ARG B 153 -11.11 21.59 71.30
C ARG B 153 -9.95 20.80 71.90
N ASN B 154 -9.41 21.29 73.03
CA ASN B 154 -8.30 20.63 73.75
C ASN B 154 -8.49 19.12 73.90
N GLY B 155 -9.71 18.71 74.23
CA GLY B 155 -10.01 17.35 74.67
C GLY B 155 -9.96 17.29 76.19
N THR B 156 -10.16 18.44 76.84
CA THR B 156 -10.15 18.53 78.30
C THR B 156 -11.51 19.02 78.84
N TYR B 157 -12.60 18.62 78.19
CA TYR B 157 -13.94 18.89 78.71
C TYR B 157 -14.24 17.99 79.91
N ASP B 158 -14.68 18.62 81.01
CA ASP B 158 -14.97 17.87 82.24
C ASP B 158 -16.46 17.59 82.42
N TYR B 159 -16.82 16.32 82.29
CA TYR B 159 -18.20 15.85 82.36
C TYR B 159 -18.86 16.03 83.73
N PRO B 160 -18.21 15.52 84.82
CA PRO B 160 -18.84 15.59 86.15
C PRO B 160 -19.04 17.01 86.70
N GLN B 161 -18.55 18.02 85.98
CA GLN B 161 -18.69 19.41 86.40
C GLN B 161 -20.09 19.93 86.13
N TYR B 162 -20.53 19.81 84.88
CA TYR B 162 -21.77 20.43 84.43
C TYR B 162 -22.87 19.39 84.28
N SER B 163 -22.63 18.22 84.87
CA SER B 163 -23.55 17.10 84.82
C SER B 163 -24.90 17.39 85.49
N GLU B 164 -24.88 17.81 86.76
CA GLU B 164 -26.11 18.07 87.53
C GLU B 164 -26.84 19.37 87.12
N GLU B 165 -26.13 20.23 86.39
CA GLU B 165 -26.70 21.42 85.79
C GLU B 165 -27.49 21.02 84.56
N ALA B 166 -26.97 20.01 83.85
CA ALA B 166 -27.64 19.40 82.71
C ALA B 166 -28.80 18.52 83.17
N ARG B 167 -28.51 17.63 84.12
CA ARG B 167 -29.45 16.63 84.65
C ARG B 167 -30.78 17.24 85.08
N LEU B 168 -30.71 18.34 85.84
CA LEU B 168 -31.91 19.06 86.27
C LEU B 168 -32.50 19.81 85.08
N LYS B 169 -31.65 20.45 84.28
CA LYS B 169 -32.09 21.14 83.05
C LYS B 169 -32.70 20.19 82.01
N ARG B 170 -32.42 18.89 82.15
CA ARG B 170 -32.95 17.85 81.27
C ARG B 170 -34.39 17.47 81.61
N GLU B 171 -34.67 17.34 82.91
CA GLU B 171 -36.00 17.02 83.44
C GLU B 171 -36.99 18.16 83.27
N GLU B 172 -36.47 19.38 83.23
CA GLU B 172 -37.27 20.59 83.02
C GLU B 172 -37.92 20.64 81.66
N ILE B 173 -37.18 20.13 80.67
CA ILE B 173 -37.66 20.03 79.29
C ILE B 173 -38.58 18.82 79.14
N SER B 174 -38.40 17.81 79.98
CA SER B 174 -39.21 16.59 79.94
C SER B 174 -40.64 16.82 80.42
N SER B 175 -41.60 16.67 79.51
CA SER B 175 -43.02 16.91 79.81
C SER B 175 -43.28 18.34 80.24
N GLY C 4 -18.68 1.87 90.19
CA GLY C 4 -19.21 0.99 89.09
C GLY C 4 -18.19 0.00 88.55
N ASP C 5 -18.56 -0.72 87.50
CA ASP C 5 -17.72 -1.77 86.89
C ASP C 5 -17.44 -1.50 85.42
N GLN C 6 -16.27 -1.91 84.95
CA GLN C 6 -15.84 -1.59 83.59
C GLN C 6 -15.62 -2.79 82.68
N ILE C 7 -15.75 -2.52 81.39
CA ILE C 7 -15.13 -3.31 80.31
C ILE C 7 -14.50 -2.34 79.32
N CYS C 8 -13.29 -2.66 78.87
CA CYS C 8 -12.59 -1.84 77.90
C CYS C 8 -12.18 -2.65 76.67
N ILE C 9 -12.46 -2.12 75.48
CA ILE C 9 -12.01 -2.74 74.23
C ILE C 9 -10.65 -2.17 73.83
N GLY C 10 -9.70 -3.07 73.54
CA GLY C 10 -8.37 -2.69 73.07
C GLY C 10 -7.87 -3.64 72.01
N TYR C 11 -6.68 -3.36 71.50
CA TYR C 11 -6.08 -4.18 70.45
C TYR C 11 -4.69 -4.67 70.87
N HIS C 12 -4.17 -5.66 70.15
CA HIS C 12 -2.88 -6.25 70.51
C HIS C 12 -1.71 -5.25 70.38
N ALA C 13 -0.61 -5.54 71.06
CA ALA C 13 0.64 -4.83 70.90
C ALA C 13 1.75 -5.76 71.40
N ASN C 14 2.84 -5.86 70.64
CA ASN C 14 3.97 -6.68 71.05
C ASN C 14 5.30 -5.94 70.94
N ASN C 15 6.41 -6.65 71.12
CA ASN C 15 7.73 -6.04 71.03
C ASN C 15 8.32 -5.98 69.60
N SER C 16 7.44 -5.85 68.61
CA SER C 16 7.88 -5.72 67.22
C SER C 16 8.29 -4.29 66.85
N THR C 17 9.35 -4.19 66.06
CA THR C 17 9.86 -2.91 65.60
C THR C 17 9.94 -2.86 64.07
N GLU C 18 9.28 -3.82 63.41
CA GLU C 18 9.27 -3.85 61.97
C GLU C 18 8.35 -2.80 61.40
N GLN C 19 8.93 -1.93 60.59
CA GLN C 19 8.19 -0.84 59.99
C GLN C 19 7.57 -1.22 58.65
N VAL C 20 6.55 -0.47 58.27
CA VAL C 20 5.83 -0.67 57.03
C VAL C 20 5.45 0.71 56.46
N ASP C 21 5.32 0.80 55.13
CA ASP C 21 4.85 2.03 54.46
C ASP C 21 3.42 1.97 53.92
N THR C 22 2.82 3.14 53.81
CA THR C 22 1.43 3.31 53.43
C THR C 22 1.35 4.45 52.44
N ILE C 23 0.35 4.38 51.56
CA ILE C 23 0.08 5.43 50.59
C ILE C 23 0.20 6.84 51.20
N MET C 24 -0.12 6.94 52.49
CA MET C 24 -0.20 8.21 53.17
C MET C 24 0.75 8.34 54.33
N GLU C 25 1.39 7.24 54.70
CA GLU C 25 2.29 7.23 55.84
C GLU C 25 3.55 6.41 55.66
N LYS C 26 4.65 6.96 56.17
CA LYS C 26 5.95 6.29 56.11
C LYS C 26 6.35 5.80 57.51
N ASN C 27 7.25 4.82 57.53
CA ASN C 27 7.86 4.29 58.76
C ASN C 27 6.83 3.98 59.85
N VAL C 28 5.83 3.19 59.52
CA VAL C 28 4.79 2.81 60.48
C VAL C 28 5.10 1.49 61.16
N THR C 29 5.17 1.51 62.49
CA THR C 29 5.50 0.32 63.28
C THR C 29 4.31 -0.62 63.33
N VAL C 30 4.59 -1.90 63.12
CA VAL C 30 3.55 -2.88 62.89
C VAL C 30 3.76 -4.14 63.72
N THR C 31 2.65 -4.82 64.03
CA THR C 31 2.70 -6.04 64.84
C THR C 31 3.38 -7.20 64.13
N HIS C 32 2.89 -7.52 62.93
CA HIS C 32 3.44 -8.60 62.11
C HIS C 32 3.49 -8.15 60.68
N ALA C 33 4.47 -8.65 59.95
CA ALA C 33 4.63 -8.26 58.56
C ALA C 33 5.19 -9.41 57.72
N GLN C 34 5.00 -9.29 56.41
CA GLN C 34 5.39 -10.34 55.48
C GLN C 34 6.19 -9.74 54.31
N ASP C 35 7.40 -10.22 54.09
CA ASP C 35 8.15 -9.75 52.92
C ASP C 35 7.65 -10.46 51.66
N ILE C 36 7.42 -9.69 50.60
CA ILE C 36 6.86 -10.21 49.35
C ILE C 36 7.95 -10.43 48.33
N LEU C 37 9.11 -9.86 48.60
CA LEU C 37 10.19 -9.78 47.65
C LEU C 37 11.31 -10.76 47.97
N GLU C 38 11.60 -11.63 47.03
CA GLU C 38 12.65 -12.60 47.23
C GLU C 38 14.00 -11.95 47.04
N LYS C 39 14.92 -12.24 47.96
CA LYS C 39 16.27 -11.71 47.91
C LYS C 39 17.32 -12.80 48.02
N LYS C 40 16.90 -14.01 48.36
CA LYS C 40 17.85 -15.11 48.63
C LYS C 40 18.08 -16.00 47.40
N HIS C 41 19.35 -16.19 47.03
CA HIS C 41 19.72 -17.19 46.04
C HIS C 41 20.75 -18.10 46.68
N ASN C 42 21.10 -19.21 46.03
CA ASN C 42 22.03 -20.15 46.64
C ASN C 42 23.42 -20.22 46.02
N GLY C 43 23.72 -19.29 45.13
CA GLY C 43 25.05 -19.16 44.58
C GLY C 43 25.61 -20.34 43.81
N LYS C 44 24.73 -21.22 43.33
CA LYS C 44 25.17 -22.28 42.45
C LYS C 44 24.30 -22.50 41.23
N LEU C 45 24.78 -23.28 40.28
CA LEU C 45 24.00 -23.55 39.11
C LEU C 45 23.34 -24.89 39.30
N CYS C 46 22.06 -24.99 38.91
CA CYS C 46 21.28 -26.22 39.16
C CYS C 46 20.51 -26.71 37.98
N ASP C 47 20.05 -27.94 38.06
CA ASP C 47 19.18 -28.51 37.08
C ASP C 47 17.94 -27.68 36.97
N LEU C 48 17.38 -27.60 35.76
CA LEU C 48 16.02 -27.07 35.60
C LEU C 48 15.07 -28.22 35.47
N ASP C 49 14.12 -28.25 36.41
CA ASP C 49 13.23 -29.38 36.55
C ASP C 49 13.91 -30.72 36.41
N GLY C 50 14.94 -30.96 37.19
CA GLY C 50 15.67 -32.22 37.13
C GLY C 50 16.40 -32.47 35.82
N VAL C 51 16.73 -31.42 35.07
CA VAL C 51 17.55 -31.62 33.90
C VAL C 51 18.78 -30.76 34.03
N LYS C 52 19.97 -31.39 34.04
CA LYS C 52 21.25 -30.67 34.16
C LYS C 52 21.49 -29.64 33.08
N PRO C 53 22.24 -28.58 33.41
CA PRO C 53 22.74 -27.73 32.34
C PRO C 53 24.00 -28.32 31.70
N LEU C 54 24.31 -27.85 30.51
CA LEU C 54 25.58 -28.07 29.87
C LEU C 54 26.47 -26.92 30.26
N ILE C 55 27.48 -27.20 31.05
CA ILE C 55 28.44 -26.19 31.46
C ILE C 55 29.75 -26.34 30.70
N LEU C 56 29.94 -25.51 29.69
CA LEU C 56 31.17 -25.47 28.94
C LEU C 56 32.17 -24.75 29.84
N ARG C 57 33.36 -25.24 30.08
CA ARG C 57 34.08 -24.54 31.13
C ARG C 57 34.79 -23.33 30.56
N ASP C 58 35.86 -23.60 29.82
CA ASP C 58 36.61 -22.59 29.14
C ASP C 58 36.38 -22.62 27.66
N CYS C 59 35.25 -23.16 27.21
CA CYS C 59 34.99 -23.27 25.79
C CYS C 59 33.75 -22.57 25.32
N SER C 60 33.88 -21.90 24.18
CA SER C 60 32.76 -21.42 23.46
C SER C 60 32.05 -22.61 22.85
N VAL C 61 30.85 -22.38 22.37
CA VAL C 61 30.08 -23.42 21.80
C VAL C 61 30.81 -23.88 20.59
N ALA C 62 31.33 -22.90 19.83
CA ALA C 62 32.02 -23.20 18.60
C ALA C 62 33.18 -24.10 18.96
N GLY C 63 33.97 -23.66 19.94
CA GLY C 63 35.11 -24.43 20.40
C GLY C 63 34.74 -25.87 20.69
N TRP C 64 33.67 -26.06 21.41
CA TRP C 64 33.16 -27.38 21.70
C TRP C 64 32.75 -28.18 20.48
N LEU C 65 31.94 -27.61 19.59
CA LEU C 65 31.32 -28.37 18.50
C LEU C 65 32.32 -28.87 17.47
N LEU C 66 33.12 -27.95 16.96
CA LEU C 66 34.36 -28.29 16.30
C LEU C 66 35.24 -28.89 17.39
N GLY C 67 36.10 -29.82 17.08
CA GLY C 67 36.88 -30.26 18.20
C GLY C 67 38.05 -29.38 18.57
N ASN C 68 37.87 -28.28 19.30
CA ASN C 68 39.06 -27.53 19.70
C ASN C 68 39.91 -28.46 20.59
N PRO C 69 41.20 -28.61 20.29
CA PRO C 69 42.03 -29.54 21.04
C PRO C 69 42.03 -29.33 22.52
N MET C 70 41.82 -28.10 22.97
CA MET C 70 41.95 -27.80 24.38
C MET C 70 40.64 -27.98 25.10
N CYS C 71 39.55 -27.82 24.37
CA CYS C 71 38.28 -28.34 24.80
C CYS C 71 38.31 -29.85 24.73
N ASP C 72 37.28 -30.53 25.19
CA ASP C 72 37.18 -31.92 24.86
C ASP C 72 35.87 -32.29 24.25
N GLU C 73 35.72 -33.57 23.94
CA GLU C 73 34.43 -34.09 23.44
C GLU C 73 33.64 -34.64 24.62
N PHE C 74 34.34 -34.75 25.74
CA PHE C 74 33.70 -34.96 27.04
C PHE C 74 32.74 -33.83 27.17
N ILE C 75 31.54 -34.11 26.67
CA ILE C 75 30.38 -33.36 27.00
C ILE C 75 29.40 -34.41 26.60
N ASN C 76 29.76 -35.61 27.02
CA ASN C 76 29.04 -36.85 26.75
C ASN C 76 27.83 -36.91 27.70
N VAL C 77 27.27 -35.74 28.00
CA VAL C 77 25.92 -35.62 28.55
C VAL C 77 24.87 -35.56 27.40
N PRO C 78 23.85 -36.45 27.45
CA PRO C 78 22.95 -36.70 26.34
C PRO C 78 21.87 -35.62 26.14
N GLU C 79 21.64 -34.80 27.17
CA GLU C 79 20.44 -34.01 27.27
C GLU C 79 20.77 -32.82 28.14
N TRP C 80 20.16 -31.66 27.90
CA TRP C 80 20.34 -30.53 28.77
C TRP C 80 19.22 -29.50 28.64
N SER C 81 19.15 -28.60 29.61
CA SER C 81 18.03 -27.68 29.75
C SER C 81 18.41 -26.24 29.43
N TYR C 82 19.68 -25.91 29.68
CA TYR C 82 20.28 -24.66 29.23
C TYR C 82 21.81 -24.77 29.17
N ILE C 83 22.47 -23.85 28.51
CA ILE C 83 23.93 -23.91 28.41
C ILE C 83 24.57 -22.77 29.23
N VAL C 84 25.73 -23.05 29.81
CA VAL C 84 26.44 -22.00 30.51
C VAL C 84 27.83 -21.76 29.96
N GLU C 85 28.00 -20.67 29.20
CA GLU C 85 29.33 -20.21 28.76
C GLU C 85 29.81 -19.20 29.75
N LYS C 86 31.13 -19.08 29.87
CA LYS C 86 31.72 -17.96 30.59
C LYS C 86 31.60 -16.64 29.83
N ALA C 87 31.97 -15.55 30.50
CA ALA C 87 31.93 -14.25 29.88
C ALA C 87 32.80 -14.32 28.63
N ASN C 88 34.04 -14.72 28.83
CA ASN C 88 35.00 -14.72 27.75
C ASN C 88 35.73 -16.03 27.72
N PRO C 89 35.06 -17.04 27.17
CA PRO C 89 35.68 -18.37 27.12
C PRO C 89 37.04 -18.29 26.45
N VAL C 90 38.01 -19.01 26.98
CA VAL C 90 39.37 -18.94 26.47
C VAL C 90 39.56 -19.73 25.18
N ASN C 91 38.77 -20.78 25.01
CA ASN C 91 38.91 -21.68 23.87
C ASN C 91 37.78 -21.59 22.87
N ASP C 92 38.05 -20.87 21.79
CA ASP C 92 37.06 -20.61 20.77
C ASP C 92 37.61 -21.23 19.50
N LEU C 93 37.90 -20.40 18.49
CA LEU C 93 38.45 -20.86 17.23
C LEU C 93 39.93 -20.70 17.29
N CYS C 94 40.63 -21.75 17.71
CA CYS C 94 42.10 -21.73 17.80
C CYS C 94 42.69 -21.22 16.49
N TYR C 95 42.24 -21.82 15.38
CA TYR C 95 42.52 -21.29 14.06
C TYR C 95 41.56 -20.19 13.76
N PRO C 96 42.07 -19.01 13.41
CA PRO C 96 41.20 -17.84 13.32
C PRO C 96 40.27 -17.98 12.15
N GLY C 97 39.11 -17.35 12.24
CA GLY C 97 38.09 -17.59 11.24
C GLY C 97 36.74 -17.04 11.60
N ASP C 98 35.70 -17.64 11.05
CA ASP C 98 34.35 -17.22 11.31
C ASP C 98 33.37 -18.41 11.30
N PHE C 99 32.22 -18.20 11.91
CA PHE C 99 31.22 -19.22 12.05
C PHE C 99 29.90 -18.58 11.66
N ASN C 100 29.19 -19.28 10.80
CA ASN C 100 28.09 -18.68 10.09
C ASN C 100 26.84 -18.96 10.86
N ASP C 101 26.01 -17.92 11.10
CA ASP C 101 24.80 -18.07 11.89
C ASP C 101 25.11 -18.71 13.24
N TYR C 102 26.18 -18.26 13.85
CA TYR C 102 26.66 -18.85 15.09
C TYR C 102 25.63 -18.68 16.19
N GLU C 103 25.17 -17.45 16.43
CA GLU C 103 24.16 -17.22 17.44
C GLU C 103 22.93 -18.08 17.23
N GLU C 104 22.38 -18.07 16.02
CA GLU C 104 21.21 -18.92 15.76
C GLU C 104 21.49 -20.35 16.18
N LEU C 105 22.67 -20.86 15.83
CA LEU C 105 22.97 -22.21 16.20
C LEU C 105 23.10 -22.34 17.73
N LYS C 106 23.74 -21.37 18.39
CA LYS C 106 23.79 -21.36 19.84
C LYS C 106 22.37 -21.43 20.37
N HIS C 107 21.46 -20.60 19.86
CA HIS C 107 20.11 -20.63 20.37
C HIS C 107 19.43 -21.97 20.16
N LEU C 108 19.59 -22.56 18.97
CA LEU C 108 19.06 -23.87 18.70
C LEU C 108 19.55 -24.89 19.73
N LEU C 109 20.78 -24.73 20.22
CA LEU C 109 21.42 -25.76 21.00
C LEU C 109 21.23 -25.57 22.49
N SER C 110 20.63 -24.45 22.83
CA SER C 110 20.50 -24.09 24.23
C SER C 110 19.76 -25.12 25.08
N ARG C 111 18.84 -25.88 24.49
CA ARG C 111 18.11 -26.92 25.20
C ARG C 111 17.82 -28.07 24.26
N ILE C 112 18.27 -29.25 24.66
CA ILE C 112 18.26 -30.42 23.79
C ILE C 112 17.78 -31.62 24.54
N ASN C 113 16.93 -32.39 23.88
CA ASN C 113 16.32 -33.57 24.43
C ASN C 113 17.25 -34.79 24.31
N HIS C 114 17.97 -34.87 23.21
CA HIS C 114 18.92 -35.91 22.97
C HIS C 114 19.94 -35.35 22.03
N PHE C 115 21.18 -35.79 22.19
CA PHE C 115 22.33 -35.29 21.47
C PHE C 115 23.40 -36.37 21.50
N GLU C 116 23.92 -36.73 20.35
CA GLU C 116 24.82 -37.89 20.27
C GLU C 116 25.73 -37.67 19.06
N LYS C 117 27.00 -37.95 19.25
CA LYS C 117 27.97 -37.64 18.24
C LYS C 117 28.23 -38.87 17.38
N ILE C 118 28.14 -38.71 16.07
CA ILE C 118 28.20 -39.82 15.18
C ILE C 118 29.26 -39.57 14.15
N GLN C 119 30.03 -40.61 13.83
CA GLN C 119 31.03 -40.46 12.79
C GLN C 119 30.36 -40.49 11.42
N ILE C 120 30.21 -39.33 10.81
CA ILE C 120 29.60 -39.25 9.48
C ILE C 120 30.52 -39.63 8.33
N ILE C 121 31.69 -39.01 8.23
CA ILE C 121 32.70 -39.37 7.21
C ILE C 121 34.06 -39.59 7.86
N PRO C 122 34.41 -40.86 7.99
CA PRO C 122 35.57 -41.31 8.69
C PRO C 122 36.86 -40.69 8.16
N LYS C 123 37.70 -40.24 9.09
CA LYS C 123 39.00 -39.64 8.77
C LYS C 123 39.86 -40.57 7.93
N SER C 124 39.59 -41.86 7.94
CA SER C 124 40.45 -42.69 7.16
C SER C 124 39.91 -43.12 5.81
N SER C 125 38.81 -42.56 5.38
CA SER C 125 38.23 -42.97 4.11
C SER C 125 38.67 -42.06 2.97
N TRP C 126 39.61 -41.18 3.29
CA TRP C 126 40.12 -40.27 2.31
C TRP C 126 41.34 -40.93 1.76
N SER C 127 41.14 -41.81 0.80
CA SER C 127 42.24 -42.56 0.27
C SER C 127 43.10 -41.71 -0.66
N SER C 128 42.46 -40.88 -1.48
CA SER C 128 43.24 -40.14 -2.46
C SER C 128 43.43 -38.69 -2.12
N HIS C 129 43.36 -38.39 -0.84
CA HIS C 129 43.75 -37.08 -0.30
C HIS C 129 44.50 -37.30 1.01
N GLU C 130 45.27 -36.30 1.46
CA GLU C 130 45.94 -36.37 2.76
C GLU C 130 45.01 -35.90 3.87
N ALA C 131 44.64 -36.83 4.76
CA ALA C 131 43.77 -36.50 5.91
C ALA C 131 44.55 -36.14 7.19
N SER C 132 45.70 -36.74 7.38
CA SER C 132 46.33 -36.55 8.64
C SER C 132 47.40 -35.47 8.65
N LEU C 133 47.38 -34.55 7.69
CA LEU C 133 48.38 -33.47 7.67
C LEU C 133 47.87 -32.09 8.03
N GLY C 134 46.59 -31.85 7.85
CA GLY C 134 45.99 -30.54 8.08
C GLY C 134 46.05 -30.14 9.53
N VAL C 135 47.15 -29.49 9.90
CA VAL C 135 47.50 -29.28 11.28
C VAL C 135 48.25 -27.95 11.42
N SER C 136 48.08 -27.22 12.53
CA SER C 136 48.73 -25.93 12.66
C SER C 136 49.16 -25.58 14.06
N SER C 137 50.11 -24.65 14.16
CA SER C 137 50.57 -24.27 15.48
C SER C 137 49.56 -23.37 16.20
N ALA C 138 48.57 -22.92 15.46
CA ALA C 138 47.47 -22.21 16.07
C ALA C 138 46.63 -23.09 16.99
N CYS C 139 46.57 -24.40 16.73
CA CYS C 139 45.85 -25.28 17.63
C CYS C 139 46.80 -26.21 18.29
N PRO C 140 47.59 -25.70 19.22
CA PRO C 140 48.55 -26.62 19.79
C PRO C 140 47.86 -27.63 20.70
N TYR C 141 48.09 -28.91 20.50
CA TYR C 141 47.55 -29.85 21.45
C TYR C 141 48.52 -30.08 22.62
N GLN C 142 49.46 -31.00 22.52
CA GLN C 142 50.25 -31.16 23.74
C GLN C 142 51.67 -30.74 23.49
N GLY C 143 51.80 -29.54 22.93
CA GLY C 143 53.08 -29.12 22.42
C GLY C 143 53.12 -29.40 20.93
N LYS C 144 52.75 -30.63 20.54
CA LYS C 144 52.53 -30.93 19.13
C LYS C 144 51.42 -30.02 18.65
N SER C 145 51.56 -29.52 17.43
CA SER C 145 50.55 -28.72 16.83
C SER C 145 49.52 -29.65 16.24
N SER C 146 48.34 -29.13 15.90
CA SER C 146 47.16 -29.95 15.69
C SER C 146 46.00 -29.10 15.17
N PHE C 147 44.76 -29.53 15.40
CA PHE C 147 43.58 -28.92 14.73
C PHE C 147 42.27 -29.49 15.29
N PHE C 148 41.16 -28.81 15.06
CA PHE C 148 39.84 -29.29 15.46
C PHE C 148 39.68 -30.80 15.23
N ARG C 149 39.07 -31.46 16.21
CA ARG C 149 38.92 -32.91 16.17
C ARG C 149 37.77 -33.40 15.29
N ASN C 150 36.67 -32.66 15.28
CA ASN C 150 35.46 -33.14 14.72
C ASN C 150 35.31 -32.87 13.24
N VAL C 151 36.41 -32.52 12.60
CA VAL C 151 36.35 -31.95 11.25
C VAL C 151 37.75 -32.19 10.68
N VAL C 152 37.89 -32.38 9.38
CA VAL C 152 39.20 -32.72 8.81
C VAL C 152 39.71 -31.75 7.76
N TRP C 153 40.98 -31.41 7.86
CA TRP C 153 41.54 -30.42 6.95
C TRP C 153 42.37 -31.14 5.90
N LEU C 154 41.71 -31.47 4.80
CA LEU C 154 42.33 -32.23 3.74
C LEU C 154 43.35 -31.48 2.90
N ILE C 155 44.47 -32.15 2.66
CA ILE C 155 45.58 -31.60 1.92
C ILE C 155 45.82 -32.49 0.68
N LYS C 156 46.45 -31.95 -0.35
CA LYS C 156 46.81 -32.71 -1.54
C LYS C 156 47.70 -33.93 -1.23
N LYS C 157 47.51 -35.01 -1.97
CA LYS C 157 48.35 -36.19 -1.90
C LYS C 157 49.11 -36.23 -3.21
N ASN C 158 50.33 -36.78 -3.18
CA ASN C 158 51.30 -36.54 -4.26
C ASN C 158 51.27 -35.07 -4.59
N SER C 159 51.08 -34.73 -5.86
CA SER C 159 50.87 -33.33 -6.15
C SER C 159 49.54 -33.16 -6.84
N THR C 160 48.48 -33.65 -6.18
CA THR C 160 47.17 -33.85 -6.80
C THR C 160 46.07 -33.67 -5.78
N TYR C 161 44.96 -33.09 -6.22
CA TYR C 161 43.78 -33.02 -5.39
C TYR C 161 42.59 -33.34 -6.26
N PRO C 162 42.26 -34.64 -6.36
CA PRO C 162 41.14 -34.98 -7.19
C PRO C 162 39.90 -34.31 -6.67
N THR C 163 38.93 -34.09 -7.55
CA THR C 163 37.66 -33.56 -7.13
C THR C 163 36.94 -34.56 -6.23
N ILE C 164 36.60 -34.11 -5.04
CA ILE C 164 35.86 -34.93 -4.12
C ILE C 164 34.37 -34.93 -4.50
N LYS C 165 33.78 -36.09 -4.58
CA LYS C 165 32.34 -36.21 -4.68
C LYS C 165 31.91 -37.18 -3.61
N ARG C 166 31.02 -36.77 -2.74
CA ARG C 166 30.81 -37.58 -1.56
C ARG C 166 29.54 -37.16 -0.87
N SER C 167 28.80 -38.15 -0.41
CA SER C 167 27.53 -37.85 0.24
C SER C 167 27.20 -38.82 1.38
N TYR C 168 26.31 -38.40 2.25
CA TYR C 168 25.91 -39.20 3.38
C TYR C 168 24.39 -39.14 3.52
N ASN C 169 23.74 -40.31 3.58
CA ASN C 169 22.33 -40.40 3.85
C ASN C 169 22.13 -40.46 5.33
N ASN C 170 21.28 -39.59 5.85
CA ASN C 170 20.85 -39.66 7.23
C ASN C 170 19.84 -40.79 7.35
N THR C 171 20.29 -41.95 7.79
CA THR C 171 19.38 -43.07 7.91
C THR C 171 18.89 -43.28 9.32
N ASN C 172 19.30 -42.40 10.24
CA ASN C 172 18.75 -42.39 11.59
C ASN C 172 17.38 -41.73 11.63
N GLN C 173 16.73 -41.79 12.78
CA GLN C 173 15.45 -41.15 12.88
C GLN C 173 15.60 -39.72 13.31
N GLU C 174 16.74 -39.39 13.88
CA GLU C 174 16.90 -38.10 14.47
C GLU C 174 17.39 -37.18 13.38
N ASP C 175 16.96 -35.92 13.44
CA ASP C 175 17.61 -34.81 12.71
C ASP C 175 19.12 -34.95 12.97
N LEU C 176 19.95 -34.55 12.05
CA LEU C 176 21.33 -34.43 12.45
C LEU C 176 22.04 -33.19 12.00
N LEU C 177 22.84 -32.62 12.90
CA LEU C 177 23.46 -31.32 12.69
C LEU C 177 24.81 -31.60 12.10
N VAL C 178 25.06 -31.00 10.95
CA VAL C 178 26.29 -31.22 10.23
C VAL C 178 27.05 -29.93 10.00
N LEU C 179 28.39 -30.02 10.09
CA LEU C 179 29.31 -28.88 10.02
C LEU C 179 30.46 -29.06 9.05
N TRP C 180 30.82 -28.00 8.34
CA TRP C 180 31.95 -28.04 7.39
C TRP C 180 32.59 -26.67 7.23
N GLY C 181 33.80 -26.61 6.67
CA GLY C 181 34.46 -25.30 6.50
C GLY C 181 35.14 -25.05 5.17
N ILE C 182 35.52 -23.80 4.89
CA ILE C 182 36.44 -23.45 3.81
C ILE C 182 37.67 -22.94 4.48
N HIS C 183 38.79 -23.14 3.81
CA HIS C 183 40.00 -22.46 4.16
C HIS C 183 40.19 -21.33 3.15
N HIS C 184 40.31 -20.10 3.65
CA HIS C 184 40.71 -18.98 2.83
C HIS C 184 42.19 -18.69 3.04
N PRO C 185 43.07 -19.22 2.16
CA PRO C 185 44.51 -19.01 2.31
C PRO C 185 44.94 -17.55 2.24
N ASN C 186 46.20 -17.32 2.62
CA ASN C 186 46.71 -15.99 2.55
C ASN C 186 47.07 -15.55 1.12
N ASP C 187 47.60 -16.45 0.28
CA ASP C 187 48.07 -16.08 -1.07
C ASP C 187 48.06 -17.25 -2.07
N ALA C 188 48.34 -16.94 -3.33
CA ALA C 188 48.29 -17.95 -4.38
C ALA C 188 49.26 -19.13 -4.16
N ALA C 189 50.46 -18.84 -3.66
CA ALA C 189 51.46 -19.87 -3.43
C ALA C 189 50.94 -20.86 -2.42
N GLU C 190 50.45 -20.32 -1.30
CA GLU C 190 49.88 -21.10 -0.22
C GLU C 190 48.76 -22.01 -0.77
N GLN C 191 48.05 -21.53 -1.76
CA GLN C 191 46.98 -22.28 -2.40
C GLN C 191 47.50 -23.55 -2.97
N THR C 192 48.45 -23.41 -3.89
CA THR C 192 49.06 -24.49 -4.65
C THR C 192 49.75 -25.45 -3.72
N LYS C 193 50.42 -24.91 -2.71
CA LYS C 193 51.10 -25.74 -1.75
C LYS C 193 50.14 -26.75 -1.11
N LEU C 194 48.96 -26.30 -0.68
CA LEU C 194 48.07 -27.19 0.07
C LEU C 194 47.17 -28.03 -0.84
N TYR C 195 46.75 -27.42 -1.92
CA TYR C 195 45.81 -28.00 -2.87
C TYR C 195 46.46 -27.67 -4.20
N GLN C 196 46.43 -28.55 -5.19
CA GLN C 196 47.20 -28.17 -6.38
C GLN C 196 46.52 -27.03 -7.09
N ASN C 197 45.19 -27.09 -7.12
CA ASN C 197 44.42 -26.34 -8.09
C ASN C 197 44.21 -24.88 -7.71
N PRO C 198 44.42 -23.96 -8.65
CA PRO C 198 44.38 -22.54 -8.30
C PRO C 198 42.96 -22.06 -8.09
N THR C 199 42.05 -22.53 -8.94
CA THR C 199 40.66 -22.12 -8.83
C THR C 199 39.89 -23.24 -8.15
N THR C 200 39.07 -22.90 -7.17
CA THR C 200 38.55 -23.92 -6.31
C THR C 200 37.14 -23.64 -5.78
N TYR C 201 36.45 -24.69 -5.33
CA TYR C 201 35.10 -24.53 -4.82
C TYR C 201 34.73 -25.67 -3.91
N ILE C 202 33.88 -25.37 -2.94
CA ILE C 202 33.08 -26.42 -2.27
C ILE C 202 31.58 -26.18 -2.53
N SER C 203 30.85 -27.21 -2.91
CA SER C 203 29.42 -27.05 -3.07
C SER C 203 28.71 -28.14 -2.32
N VAL C 204 27.74 -27.72 -1.49
CA VAL C 204 26.95 -28.60 -0.63
C VAL C 204 25.49 -28.52 -0.95
N GLY C 205 24.86 -29.67 -1.07
CA GLY C 205 23.45 -29.66 -1.38
C GLY C 205 22.63 -30.54 -0.47
N THR C 206 21.43 -30.09 -0.15
CA THR C 206 20.53 -30.88 0.63
C THR C 206 19.18 -30.98 -0.12
N SER C 207 18.12 -31.28 0.59
CA SER C 207 16.83 -31.00 0.01
C SER C 207 16.47 -29.54 0.24
N THR C 208 17.37 -28.81 0.85
CA THR C 208 17.12 -27.49 1.38
C THR C 208 18.30 -26.61 1.06
N LEU C 209 19.49 -27.09 1.41
CA LEU C 209 20.70 -26.34 1.23
C LEU C 209 21.17 -26.38 -0.22
N ASN C 210 21.69 -25.28 -0.72
CA ASN C 210 22.16 -25.21 -2.07
C ASN C 210 23.28 -24.19 -2.08
N GLN C 211 24.46 -24.60 -1.60
CA GLN C 211 25.55 -23.64 -1.53
C GLN C 211 26.78 -23.97 -2.38
N ARG C 212 27.54 -22.95 -2.76
CA ARG C 212 28.84 -23.09 -3.40
C ARG C 212 29.76 -22.05 -2.79
N LEU C 213 30.74 -22.50 -2.05
CA LEU C 213 31.74 -21.58 -1.48
C LEU C 213 32.95 -21.47 -2.40
N VAL C 214 33.66 -20.36 -2.29
CA VAL C 214 34.82 -20.12 -3.11
C VAL C 214 35.81 -19.44 -2.19
N PRO C 215 37.03 -19.99 -2.05
CA PRO C 215 37.97 -19.36 -1.12
C PRO C 215 38.33 -17.94 -1.54
N ARG C 216 38.50 -17.08 -0.57
CA ARG C 216 38.77 -15.70 -0.81
C ARG C 216 40.22 -15.39 -0.38
N ILE C 217 41.10 -15.14 -1.35
CA ILE C 217 42.52 -14.97 -1.06
C ILE C 217 42.75 -13.51 -0.75
N ALA C 218 43.46 -13.27 0.35
CA ALA C 218 43.84 -11.92 0.77
C ALA C 218 44.87 -11.84 1.89
N THR C 219 45.81 -10.91 1.75
CA THR C 219 46.64 -10.46 2.87
C THR C 219 45.80 -9.97 4.05
N ARG C 220 45.95 -10.66 5.17
CA ARG C 220 45.26 -10.33 6.42
C ARG C 220 46.30 -10.28 7.47
N SER C 221 45.91 -9.81 8.65
CA SER C 221 46.82 -9.76 9.78
C SER C 221 46.86 -11.12 10.48
N LYS C 222 48.02 -11.49 11.00
CA LYS C 222 48.17 -12.76 11.69
C LYS C 222 47.32 -12.76 12.94
N VAL C 223 46.77 -13.91 13.27
CA VAL C 223 45.96 -14.08 14.47
C VAL C 223 46.26 -15.48 14.96
N ASN C 224 46.78 -15.58 16.17
CA ASN C 224 47.44 -16.77 16.58
C ASN C 224 48.44 -17.17 15.47
N GLY C 225 49.16 -16.19 14.95
CA GLY C 225 50.21 -16.47 14.01
C GLY C 225 49.74 -16.86 12.62
N GLN C 226 48.46 -16.73 12.35
CA GLN C 226 47.91 -17.17 11.07
C GLN C 226 47.25 -16.01 10.37
N SER C 227 47.56 -15.83 9.10
CA SER C 227 46.80 -14.87 8.34
C SER C 227 45.80 -15.58 7.40
N GLY C 228 45.79 -16.90 7.44
CA GLY C 228 44.72 -17.65 6.79
C GLY C 228 43.48 -17.61 7.64
N ARG C 229 42.35 -18.04 7.09
CA ARG C 229 41.10 -18.04 7.87
C ARG C 229 40.28 -19.29 7.62
N MET C 230 39.47 -19.64 8.60
CA MET C 230 38.63 -20.81 8.49
C MET C 230 37.16 -20.36 8.56
N GLU C 231 36.35 -20.69 7.58
CA GLU C 231 34.96 -20.25 7.74
C GLU C 231 34.06 -21.50 7.84
N PHE C 232 33.21 -21.57 8.88
CA PHE C 232 32.38 -22.76 9.08
C PHE C 232 30.92 -22.50 8.84
N PHE C 233 30.20 -23.60 8.63
CA PHE C 233 28.82 -23.57 8.17
C PHE C 233 28.14 -24.84 8.68
N TRP C 234 26.79 -24.82 8.73
CA TRP C 234 26.05 -25.94 9.34
C TRP C 234 24.64 -26.10 8.79
N THR C 235 24.03 -27.26 8.99
CA THR C 235 22.59 -27.42 8.76
C THR C 235 22.07 -28.58 9.53
N ILE C 236 20.76 -28.65 9.57
CA ILE C 236 20.10 -29.81 10.08
C ILE C 236 19.74 -30.62 8.87
N LEU C 237 20.25 -31.85 8.85
CA LEU C 237 19.93 -32.79 7.82
C LEU C 237 18.80 -33.67 8.26
N LYS C 238 17.71 -33.57 7.54
CA LYS C 238 16.46 -34.14 7.98
C LYS C 238 16.57 -35.67 7.92
N PRO C 239 15.81 -36.38 8.77
CA PRO C 239 15.83 -37.84 8.79
C PRO C 239 16.05 -38.47 7.42
N ASN C 240 15.11 -38.44 6.49
CA ASN C 240 15.43 -39.22 5.31
C ASN C 240 16.37 -38.65 4.30
N ASP C 241 16.78 -37.39 4.48
CA ASP C 241 17.54 -36.66 3.47
C ASP C 241 18.99 -37.13 3.32
N ALA C 242 19.74 -36.35 2.57
CA ALA C 242 21.12 -36.66 2.26
C ALA C 242 21.88 -35.36 1.88
N ILE C 243 23.10 -35.24 2.36
CA ILE C 243 23.92 -34.10 2.07
C ILE C 243 25.03 -34.55 1.13
N ASN C 244 25.30 -33.77 0.09
CA ASN C 244 26.28 -34.13 -0.90
C ASN C 244 27.30 -33.07 -0.92
N PHE C 245 28.54 -33.46 -0.74
CA PHE C 245 29.63 -32.54 -0.85
C PHE C 245 30.37 -32.80 -2.10
N GLU C 246 30.88 -31.71 -2.67
CA GLU C 246 31.74 -31.76 -3.85
C GLU C 246 32.76 -30.66 -3.71
N SER C 247 34.02 -31.04 -3.74
CA SER C 247 35.02 -30.02 -3.73
C SER C 247 36.21 -30.34 -4.60
N ASN C 248 36.81 -29.25 -5.00
CA ASN C 248 37.97 -29.15 -5.83
C ASN C 248 39.15 -28.77 -4.92
N GLY C 249 38.80 -28.08 -3.83
CA GLY C 249 39.58 -28.14 -2.64
C GLY C 249 39.87 -26.91 -1.82
N ASN C 250 39.01 -26.49 -0.92
CA ASN C 250 39.61 -25.81 0.25
C ASN C 250 38.86 -26.31 1.48
N PHE C 251 38.51 -27.57 1.37
CA PHE C 251 37.39 -28.17 2.03
C PHE C 251 37.82 -28.64 3.39
N ILE C 252 37.08 -28.23 4.40
CA ILE C 252 37.28 -28.80 5.71
C ILE C 252 36.12 -29.70 5.99
N ALA C 253 36.38 -30.99 5.87
CA ALA C 253 35.34 -32.03 5.77
C ALA C 253 34.85 -32.40 7.13
N PRO C 254 33.53 -32.63 7.29
CA PRO C 254 33.03 -33.16 8.56
C PRO C 254 33.66 -34.50 8.83
N GLU C 255 33.87 -34.85 10.09
CA GLU C 255 34.14 -36.25 10.41
C GLU C 255 33.00 -36.72 11.30
N TYR C 256 32.63 -35.87 12.23
CA TYR C 256 31.56 -36.21 13.11
C TYR C 256 30.40 -35.29 12.87
N ALA C 257 29.19 -35.77 13.14
CA ALA C 257 28.02 -34.91 13.20
C ALA C 257 27.13 -35.34 14.39
N TYR C 258 26.07 -34.59 14.66
CA TYR C 258 25.33 -34.78 15.86
C TYR C 258 23.90 -35.13 15.62
N LYS C 259 23.50 -36.28 16.16
CA LYS C 259 22.11 -36.61 16.25
C LYS C 259 21.52 -35.68 17.26
N ILE C 260 20.31 -35.20 16.99
CA ILE C 260 19.75 -34.13 17.78
C ILE C 260 18.27 -34.30 17.80
N VAL C 261 17.70 -34.23 18.99
CA VAL C 261 16.27 -34.17 19.17
C VAL C 261 15.98 -32.92 19.96
N LYS C 262 15.21 -32.02 19.36
CA LYS C 262 14.92 -30.73 19.94
C LYS C 262 13.46 -30.67 20.30
N LYS C 263 13.14 -30.52 21.59
CA LYS C 263 11.75 -30.45 22.06
C LYS C 263 11.46 -29.19 22.81
N GLY C 264 12.29 -28.17 22.67
CA GLY C 264 12.04 -26.91 23.36
C GLY C 264 13.21 -25.94 23.38
N ASP C 265 12.91 -24.69 23.66
CA ASP C 265 13.98 -23.69 23.65
C ASP C 265 14.42 -23.21 25.04
N SER C 266 15.63 -22.68 25.14
CA SER C 266 15.97 -21.81 26.26
C SER C 266 16.95 -20.71 25.82
N THR C 267 18.11 -20.62 26.46
CA THR C 267 19.07 -19.59 26.12
C THR C 267 20.47 -19.96 26.65
N ILE C 268 21.48 -19.17 26.29
CA ILE C 268 22.80 -19.39 26.86
C ILE C 268 22.98 -18.43 27.99
N MET C 269 23.36 -18.94 29.15
CA MET C 269 23.59 -18.10 30.30
C MET C 269 25.08 -17.84 30.51
N LYS C 270 25.40 -16.64 30.94
CA LYS C 270 26.78 -16.29 31.14
C LYS C 270 26.99 -16.24 32.61
N SER C 271 27.85 -17.12 33.10
CA SER C 271 28.15 -17.17 34.51
C SER C 271 29.53 -17.79 34.73
N GLU C 272 30.19 -17.40 35.81
CA GLU C 272 31.48 -17.96 36.15
C GLU C 272 31.33 -19.00 37.27
N LEU C 273 30.07 -19.27 37.64
CA LEU C 273 29.77 -20.23 38.70
C LEU C 273 30.00 -21.69 38.26
N GLU C 274 30.07 -22.59 39.22
CA GLU C 274 30.06 -23.98 38.83
C GLU C 274 28.85 -24.75 39.34
N TYR C 275 28.61 -25.86 38.67
CA TYR C 275 27.55 -26.76 39.06
C TYR C 275 27.58 -27.04 40.57
N GLY C 276 26.40 -27.10 41.16
CA GLY C 276 26.22 -27.62 42.52
C GLY C 276 25.07 -28.58 42.41
N ASN C 277 25.29 -29.86 42.69
CA ASN C 277 24.27 -30.88 42.47
C ASN C 277 23.04 -30.44 43.20
N CYS C 278 21.91 -30.40 42.51
CA CYS C 278 20.94 -29.40 42.90
C CYS C 278 19.85 -29.15 41.85
N ASN C 279 18.67 -28.73 42.30
CA ASN C 279 17.53 -28.51 41.41
C ASN C 279 16.73 -27.23 41.70
N THR C 280 16.30 -26.52 40.65
CA THR C 280 15.30 -25.45 40.79
C THR C 280 14.34 -25.37 39.63
N LYS C 281 13.39 -24.46 39.78
CA LYS C 281 12.49 -24.16 38.68
C LYS C 281 12.87 -22.81 38.10
N CYS C 282 13.96 -22.25 38.61
CA CYS C 282 14.36 -20.90 38.22
C CYS C 282 15.82 -20.63 38.60
N GLN C 283 16.61 -20.26 37.63
CA GLN C 283 18.06 -20.13 37.75
C GLN C 283 18.56 -18.72 37.38
N THR C 284 19.73 -18.36 37.84
CA THR C 284 20.24 -17.00 37.76
C THR C 284 21.75 -17.09 37.68
N PRO C 285 22.39 -16.25 36.89
CA PRO C 285 23.84 -16.29 36.77
C PRO C 285 24.57 -16.16 38.11
N MET C 286 23.87 -15.65 39.12
CA MET C 286 24.44 -15.61 40.47
C MET C 286 23.97 -16.75 41.34
N GLY C 287 22.92 -17.43 40.90
CA GLY C 287 22.47 -18.64 41.56
C GLY C 287 20.99 -18.91 41.42
N ALA C 288 20.58 -20.07 41.94
CA ALA C 288 19.25 -20.57 41.81
C ALA C 288 18.37 -19.86 42.80
N ILE C 289 17.08 -19.76 42.47
CA ILE C 289 16.05 -19.25 43.38
C ILE C 289 14.95 -20.28 43.65
N ASN C 290 14.76 -20.62 44.93
CA ASN C 290 13.64 -21.44 45.38
C ASN C 290 12.46 -20.50 45.64
N SER C 291 11.86 -20.07 44.53
CA SER C 291 10.80 -19.05 44.48
C SER C 291 9.44 -19.41 45.06
N SER C 292 8.77 -18.41 45.62
CA SER C 292 7.38 -18.54 46.03
C SER C 292 6.82 -17.15 45.94
N MET C 293 7.68 -16.17 46.20
CA MET C 293 7.33 -14.77 46.16
C MET C 293 7.06 -14.36 44.75
N PRO C 294 6.24 -13.32 44.55
CA PRO C 294 5.97 -12.96 43.16
C PRO C 294 6.97 -11.99 42.59
N PHE C 295 7.94 -11.60 43.40
CA PHE C 295 8.95 -10.61 42.97
C PHE C 295 10.32 -10.94 43.47
N HIS C 296 11.32 -10.72 42.63
CA HIS C 296 12.68 -10.81 43.11
C HIS C 296 13.49 -9.66 42.57
N ASN C 297 14.66 -9.45 43.17
CA ASN C 297 15.57 -8.37 42.77
C ASN C 297 17.00 -8.88 42.62
N ILE C 298 17.16 -10.18 42.42
CA ILE C 298 18.49 -10.77 42.36
C ILE C 298 19.21 -10.39 41.06
N HIS C 299 18.61 -10.69 39.90
CA HIS C 299 19.26 -10.55 38.60
C HIS C 299 18.22 -10.59 37.45
N PRO C 300 18.35 -9.71 36.46
CA PRO C 300 17.42 -9.75 35.32
C PRO C 300 17.52 -10.97 34.40
N LEU C 301 18.72 -11.54 34.23
CA LEU C 301 18.89 -12.60 33.26
C LEU C 301 18.60 -13.99 33.76
N THR C 302 17.34 -14.27 34.05
CA THR C 302 16.93 -15.57 34.55
C THR C 302 16.52 -16.58 33.45
N ILE C 303 16.41 -17.83 33.89
CA ILE C 303 15.93 -18.90 33.06
C ILE C 303 15.04 -19.76 33.96
N GLY C 304 13.78 -19.95 33.56
CA GLY C 304 12.84 -20.78 34.32
C GLY C 304 11.51 -20.10 34.52
N GLU C 305 10.80 -20.50 35.58
CA GLU C 305 9.54 -19.91 35.99
C GLU C 305 9.87 -19.05 37.18
N CYS C 306 10.03 -17.77 36.93
CA CYS C 306 10.56 -16.87 37.94
C CYS C 306 9.58 -15.80 38.45
N PRO C 307 9.76 -15.37 39.72
CA PRO C 307 9.15 -14.16 40.20
C PRO C 307 9.57 -13.02 39.32
N LYS C 308 8.69 -12.08 39.10
CA LYS C 308 8.99 -10.93 38.29
C LYS C 308 10.16 -10.15 38.91
N TYR C 309 11.09 -9.73 38.09
CA TYR C 309 12.26 -9.05 38.61
C TYR C 309 11.94 -7.59 38.75
N VAL C 310 12.34 -7.04 39.87
CA VAL C 310 11.85 -5.75 40.29
C VAL C 310 13.00 -4.92 40.83
N LYS C 311 12.90 -3.60 40.74
CA LYS C 311 13.94 -2.74 41.29
C LYS C 311 13.64 -2.10 42.69
N SER C 312 13.84 -2.86 43.76
CA SER C 312 13.59 -2.37 45.12
C SER C 312 14.11 -3.32 46.17
N ASN C 313 14.20 -2.83 47.40
CA ASN C 313 14.71 -3.64 48.52
C ASN C 313 13.64 -4.15 49.44
N ARG C 314 12.51 -3.42 49.47
CA ARG C 314 11.47 -3.67 50.41
C ARG C 314 10.19 -3.80 49.67
N LEU C 315 9.59 -4.98 49.76
CA LEU C 315 8.16 -5.10 49.47
C LEU C 315 7.56 -5.80 50.65
N VAL C 316 7.30 -5.01 51.69
CA VAL C 316 6.89 -5.53 52.97
C VAL C 316 5.42 -5.19 53.26
N LEU C 317 4.66 -6.25 53.44
CA LEU C 317 3.23 -6.16 53.53
C LEU C 317 2.77 -6.29 54.98
N ALA C 318 1.81 -5.48 55.38
CA ALA C 318 1.37 -5.45 56.77
C ALA C 318 0.46 -6.63 57.11
N THR C 319 0.86 -7.43 58.09
CA THR C 319 0.00 -8.49 58.60
C THR C 319 -0.79 -7.97 59.81
N GLY C 320 -0.09 -7.67 60.90
CA GLY C 320 -0.71 -7.14 62.12
C GLY C 320 -1.22 -5.69 62.07
N LEU C 321 -1.06 -4.97 63.17
CA LEU C 321 -1.57 -3.59 63.26
C LEU C 321 -0.57 -2.60 63.82
N ARG C 322 -1.08 -1.42 64.19
CA ARG C 322 -0.22 -0.32 64.61
C ARG C 322 0.33 -0.56 66.02
N ASN C 323 1.48 -1.21 66.05
CA ASN C 323 2.16 -1.52 67.28
C ASN C 323 3.19 -0.40 67.57
N SER C 324 2.69 0.69 68.17
CA SER C 324 3.55 1.84 68.53
C SER C 324 3.67 2.03 70.06
N PRO C 325 4.93 2.12 70.57
CA PRO C 325 5.25 2.22 72.02
C PRO C 325 4.56 3.38 72.72
N GLY D 1 -5.50 5.92 62.54
CA GLY D 1 -6.66 5.03 62.20
C GLY D 1 -7.97 5.75 61.91
N LEU D 2 -8.55 5.45 60.75
CA LEU D 2 -9.72 6.17 60.21
C LEU D 2 -11.07 6.04 60.93
N PHE D 3 -11.30 4.90 61.60
CA PHE D 3 -12.63 4.64 62.15
C PHE D 3 -12.79 5.04 63.63
N GLY D 4 -11.93 5.95 64.07
CA GLY D 4 -11.95 6.49 65.43
C GLY D 4 -11.45 5.49 66.45
N ALA D 5 -10.85 4.43 65.95
CA ALA D 5 -10.47 3.28 66.77
C ALA D 5 -9.07 3.41 67.39
N ILE D 6 -8.05 3.27 66.54
CA ILE D 6 -6.64 3.24 66.96
C ILE D 6 -6.11 4.65 67.31
N ALA D 7 -6.16 5.58 66.34
CA ALA D 7 -5.82 6.99 66.59
C ALA D 7 -6.93 7.75 67.33
N GLY D 8 -8.06 7.07 67.58
CA GLY D 8 -9.23 7.68 68.20
C GLY D 8 -9.45 7.33 69.66
N PHE D 9 -10.70 7.03 70.02
CA PHE D 9 -11.11 6.80 71.43
C PHE D 9 -10.31 5.75 72.21
N ILE D 10 -9.95 4.65 71.55
CA ILE D 10 -9.07 3.65 72.17
C ILE D 10 -7.61 4.03 71.91
N GLU D 11 -7.06 4.80 72.85
CA GLU D 11 -5.65 5.19 72.78
C GLU D 11 -4.83 4.01 73.25
N GLY D 12 -4.03 3.48 72.34
CA GLY D 12 -3.19 2.33 72.65
C GLY D 12 -3.96 1.03 72.74
N GLY D 13 -3.31 -0.04 72.31
CA GLY D 13 -3.87 -1.37 72.40
C GLY D 13 -3.22 -2.18 73.50
N TRP D 14 -4.01 -3.00 74.18
CA TRP D 14 -3.51 -3.80 75.29
C TRP D 14 -2.48 -4.85 74.87
N GLN D 15 -1.25 -4.71 75.37
CA GLN D 15 -0.22 -5.72 75.17
C GLN D 15 -0.50 -6.94 76.06
N GLY D 16 -1.17 -6.70 77.18
CA GLY D 16 -1.57 -7.75 78.11
C GLY D 16 -2.36 -8.89 77.48
N MET D 17 -2.84 -8.67 76.26
CA MET D 17 -3.64 -9.66 75.55
C MET D 17 -2.82 -10.42 74.50
N VAL D 18 -2.74 -11.73 74.68
CA VAL D 18 -2.04 -12.61 73.74
C VAL D 18 -3.04 -13.46 72.95
N ASP D 19 -4.23 -13.65 73.53
CA ASP D 19 -5.30 -14.49 72.98
C ASP D 19 -5.53 -14.32 71.49
N GLY D 20 -5.68 -13.08 71.05
CA GLY D 20 -5.97 -12.81 69.64
C GLY D 20 -5.56 -11.43 69.21
N TRP D 21 -6.39 -10.81 68.37
CA TRP D 21 -6.08 -9.52 67.81
C TRP D 21 -6.98 -8.49 68.39
N TYR D 22 -8.22 -8.90 68.62
CA TYR D 22 -9.24 -8.06 69.23
C TYR D 22 -9.82 -8.72 70.47
N GLY D 23 -10.30 -7.90 71.42
CA GLY D 23 -10.88 -8.44 72.65
C GLY D 23 -11.42 -7.48 73.68
N TYR D 24 -11.67 -8.03 74.86
CA TYR D 24 -12.30 -7.29 75.94
C TYR D 24 -11.39 -7.26 77.16
N HIS D 25 -11.66 -6.33 78.06
CA HIS D 25 -10.98 -6.25 79.33
C HIS D 25 -11.98 -5.82 80.38
N HIS D 26 -12.39 -6.78 81.21
CA HIS D 26 -13.34 -6.51 82.26
C HIS D 26 -12.66 -6.06 83.56
N SER D 27 -13.42 -5.37 84.40
CA SER D 27 -13.02 -5.06 85.78
C SER D 27 -14.25 -5.16 86.70
N ASN D 28 -14.73 -6.38 86.88
CA ASN D 28 -15.88 -6.67 87.73
C ASN D 28 -15.48 -6.86 89.21
N GLU D 29 -16.43 -7.28 90.04
CA GLU D 29 -16.20 -7.40 91.48
C GLU D 29 -15.43 -8.67 91.90
N GLN D 30 -15.19 -9.58 90.95
CA GLN D 30 -14.32 -10.75 91.18
C GLN D 30 -12.85 -10.36 91.04
N GLY D 31 -12.54 -9.78 89.89
CA GLY D 31 -11.20 -9.31 89.58
C GLY D 31 -11.24 -8.61 88.23
N SER D 32 -10.25 -8.86 87.40
CA SER D 32 -10.18 -8.30 86.05
C SER D 32 -9.37 -9.19 85.13
N GLY D 33 -9.58 -9.05 83.83
CA GLY D 33 -8.89 -9.87 82.84
C GLY D 33 -9.33 -9.63 81.41
N TYR D 34 -8.59 -10.23 80.49
CA TYR D 34 -8.85 -10.07 79.07
C TYR D 34 -8.85 -11.40 78.32
N ALA D 35 -10.02 -11.76 77.79
CA ALA D 35 -10.16 -12.89 76.87
C ALA D 35 -10.56 -12.37 75.47
N ALA D 36 -9.76 -12.70 74.46
CA ALA D 36 -10.00 -12.19 73.12
C ALA D 36 -11.29 -12.72 72.49
N ASP D 37 -11.83 -11.96 71.53
CA ASP D 37 -12.97 -12.40 70.75
C ASP D 37 -12.50 -13.28 69.61
N LYS D 38 -13.31 -14.27 69.25
CA LYS D 38 -12.84 -15.35 68.39
C LYS D 38 -13.35 -15.33 66.96
N GLU D 39 -14.66 -15.17 66.77
CA GLU D 39 -15.25 -15.09 65.42
C GLU D 39 -14.69 -13.90 64.68
N SER D 40 -14.57 -12.77 65.38
CA SER D 40 -13.95 -11.58 64.83
C SER D 40 -12.48 -11.83 64.46
N THR D 41 -11.66 -12.19 65.45
CA THR D 41 -10.24 -12.43 65.20
C THR D 41 -10.07 -13.46 64.10
N GLN D 42 -10.87 -14.52 64.14
CA GLN D 42 -10.83 -15.57 63.11
C GLN D 42 -11.16 -15.09 61.72
N LYS D 43 -12.23 -14.31 61.59
CA LYS D 43 -12.59 -13.75 60.29
C LYS D 43 -11.52 -12.81 59.72
N ALA D 44 -10.82 -12.11 60.61
CA ALA D 44 -9.72 -11.24 60.19
C ALA D 44 -8.54 -12.05 59.69
N ILE D 45 -8.05 -13.01 60.49
CA ILE D 45 -6.93 -13.84 60.05
C ILE D 45 -7.23 -14.38 58.67
N ASP D 46 -8.40 -15.00 58.52
CA ASP D 46 -8.83 -15.51 57.22
C ASP D 46 -8.64 -14.45 56.15
N GLY D 47 -9.18 -13.25 56.37
CA GLY D 47 -9.15 -12.16 55.40
C GLY D 47 -7.75 -11.68 55.03
N VAL D 48 -6.89 -11.47 56.01
CA VAL D 48 -5.53 -11.04 55.75
C VAL D 48 -4.76 -12.12 55.00
N THR D 49 -4.77 -13.34 55.53
CA THR D 49 -4.16 -14.48 54.84
C THR D 49 -4.60 -14.51 53.38
N ASN D 50 -5.91 -14.44 53.16
CA ASN D 50 -6.51 -14.44 51.85
C ASN D 50 -5.96 -13.36 50.91
N LYS D 51 -5.82 -12.15 51.44
CA LYS D 51 -5.26 -11.02 50.70
C LYS D 51 -3.83 -11.34 50.32
N VAL D 52 -3.04 -11.79 51.28
CA VAL D 52 -1.65 -12.16 50.99
C VAL D 52 -1.61 -13.19 49.87
N ASN D 53 -2.39 -14.25 50.02
CA ASN D 53 -2.41 -15.32 49.05
C ASN D 53 -2.82 -14.87 47.67
N SER D 54 -3.92 -14.17 47.56
CA SER D 54 -4.37 -13.80 46.25
C SER D 54 -3.34 -12.89 45.55
N ILE D 55 -2.71 -12.01 46.32
CA ILE D 55 -1.55 -11.26 45.81
C ILE D 55 -0.40 -12.14 45.27
N ILE D 56 -0.20 -13.29 45.89
CA ILE D 56 0.74 -14.25 45.36
C ILE D 56 0.13 -15.11 44.24
N ASP D 57 -1.03 -15.70 44.50
CA ASP D 57 -1.63 -16.69 43.60
C ASP D 57 -2.16 -16.15 42.27
N LYS D 58 -2.46 -14.86 42.20
CA LYS D 58 -2.99 -14.33 40.97
C LYS D 58 -1.93 -14.06 39.93
N MET D 59 -0.67 -14.09 40.34
CA MET D 59 0.34 -14.06 39.30
C MET D 59 0.63 -15.37 38.66
N ASN D 60 0.31 -16.48 39.34
CA ASN D 60 0.40 -17.87 38.81
C ASN D 60 0.39 -18.09 37.29
N THR D 61 0.28 -16.97 36.56
CA THR D 61 0.92 -16.83 35.26
C THR D 61 2.27 -16.18 35.51
N GLN D 62 3.25 -17.06 35.53
CA GLN D 62 4.45 -16.77 34.79
C GLN D 62 4.89 -18.13 34.26
N PHE D 63 5.80 -18.09 33.29
CA PHE D 63 6.20 -19.29 32.59
C PHE D 63 7.62 -19.17 32.13
N GLU D 64 8.08 -20.15 31.39
CA GLU D 64 9.45 -20.17 30.93
C GLU D 64 9.85 -18.92 30.20
N ALA D 65 11.03 -18.37 30.55
CA ALA D 65 11.66 -17.23 29.79
C ALA D 65 13.24 -17.22 29.90
N VAL D 66 13.96 -16.13 29.53
CA VAL D 66 15.47 -16.09 29.32
C VAL D 66 16.43 -14.79 29.47
N GLY D 67 17.74 -14.96 29.15
CA GLY D 67 18.85 -13.94 29.04
C GLY D 67 19.22 -13.45 27.59
N ARG D 68 20.51 -13.17 27.22
CA ARG D 68 20.84 -12.20 26.06
C ARG D 68 21.97 -12.35 24.91
N GLU D 69 21.61 -12.08 23.64
CA GLU D 69 21.98 -12.97 22.53
C GLU D 69 22.33 -12.42 21.12
N PHE D 70 22.58 -11.13 20.99
CA PHE D 70 22.87 -10.58 19.67
C PHE D 70 24.32 -10.17 19.56
N ASN D 71 24.88 -10.31 18.37
CA ASN D 71 26.25 -9.90 18.08
C ASN D 71 26.36 -8.40 17.82
N ASN D 72 27.58 -7.88 17.75
CA ASN D 72 27.68 -6.44 17.74
C ASN D 72 27.51 -5.83 16.34
N LEU D 73 27.00 -6.63 15.41
CA LEU D 73 26.30 -6.04 14.26
C LEU D 73 24.78 -6.07 14.34
N GLU D 74 24.22 -6.33 15.50
CA GLU D 74 22.77 -6.33 15.66
C GLU D 74 22.46 -5.47 16.85
N ARG D 75 23.02 -4.27 16.88
CA ARG D 75 22.97 -3.55 18.10
C ARG D 75 21.66 -2.89 18.24
N ARG D 76 21.03 -2.57 17.12
CA ARG D 76 19.73 -1.92 17.17
C ARG D 76 18.71 -2.85 17.80
N ILE D 77 18.95 -4.15 17.69
CA ILE D 77 17.98 -5.11 18.13
C ILE D 77 18.22 -5.37 19.58
N GLU D 78 19.47 -5.38 19.95
CA GLU D 78 19.86 -5.49 21.33
C GLU D 78 19.20 -4.32 22.06
N ASN D 79 19.10 -3.19 21.38
CA ASN D 79 18.55 -2.03 22.02
C ASN D 79 17.09 -2.26 22.14
N LEU D 80 16.49 -2.78 21.07
CA LEU D 80 15.11 -3.11 21.14
C LEU D 80 14.82 -3.94 22.38
N ASN D 81 15.58 -5.00 22.57
CA ASN D 81 15.36 -5.86 23.69
C ASN D 81 15.56 -5.13 25.04
N LYS D 82 16.64 -4.37 25.18
CA LYS D 82 16.87 -3.59 26.37
C LYS D 82 15.63 -2.80 26.76
N LYS D 83 15.13 -1.97 25.83
CA LYS D 83 13.93 -1.20 26.06
C LYS D 83 12.87 -2.08 26.63
N MET D 84 12.67 -3.22 26.04
CA MET D 84 11.54 -4.01 26.41
C MET D 84 11.71 -4.51 27.84
N GLU D 85 12.83 -5.14 28.11
CA GLU D 85 13.17 -5.51 29.46
C GLU D 85 13.08 -4.34 30.43
N ASP D 86 13.70 -3.23 30.07
CA ASP D 86 13.64 -2.03 30.85
C ASP D 86 12.17 -1.65 31.10
N GLY D 87 11.35 -1.66 30.07
CA GLY D 87 10.00 -1.22 30.21
C GLY D 87 9.21 -2.11 31.14
N PHE D 88 9.45 -3.41 31.09
CA PHE D 88 8.74 -4.28 32.00
C PHE D 88 9.22 -4.06 33.41
N LEU D 89 10.47 -3.70 33.57
CA LEU D 89 10.98 -3.50 34.88
C LEU D 89 10.27 -2.28 35.49
N ASP D 90 10.03 -1.28 34.66
CA ASP D 90 9.44 -0.07 35.15
C ASP D 90 8.00 -0.36 35.54
N VAL D 91 7.31 -1.17 34.77
CA VAL D 91 5.92 -1.46 35.06
C VAL D 91 5.84 -2.23 36.37
N TRP D 92 6.55 -3.35 36.47
CA TRP D 92 6.40 -4.23 37.61
C TRP D 92 6.84 -3.53 38.89
N THR D 93 7.96 -2.84 38.81
CA THR D 93 8.48 -2.11 39.95
C THR D 93 7.46 -1.10 40.46
N TYR D 94 6.92 -0.28 39.59
CA TYR D 94 5.89 0.68 39.97
C TYR D 94 4.64 0.01 40.56
N ASN D 95 4.05 -0.91 39.83
CA ASN D 95 2.89 -1.62 40.32
C ASN D 95 3.09 -2.23 41.69
N ALA D 96 4.10 -3.07 41.82
CA ALA D 96 4.35 -3.75 43.10
C ALA D 96 4.42 -2.76 44.27
N GLU D 97 5.23 -1.73 44.12
CA GLU D 97 5.36 -0.69 45.13
C GLU D 97 4.05 -0.04 45.54
N LEU D 98 3.26 0.42 44.56
CA LEU D 98 1.99 1.03 44.87
C LEU D 98 0.98 0.03 45.31
N LEU D 99 1.06 -1.18 44.81
CA LEU D 99 0.12 -2.19 45.25
C LEU D 99 0.26 -2.33 46.75
N VAL D 100 1.51 -2.56 47.17
CA VAL D 100 1.81 -2.68 48.59
C VAL D 100 1.29 -1.45 49.35
N LEU D 101 1.62 -0.25 48.88
CA LEU D 101 1.24 0.95 49.60
C LEU D 101 -0.25 1.03 49.84
N MET D 102 -1.00 0.80 48.78
CA MET D 102 -2.45 0.88 48.82
C MET D 102 -3.06 -0.17 49.74
N GLU D 103 -2.61 -1.41 49.58
CA GLU D 103 -3.19 -2.50 50.35
C GLU D 103 -2.81 -2.45 51.82
N ASN D 104 -1.59 -2.00 52.11
CA ASN D 104 -1.19 -1.75 53.48
C ASN D 104 -2.17 -0.78 54.13
N GLU D 105 -2.48 0.33 53.45
CA GLU D 105 -3.44 1.26 54.00
C GLU D 105 -4.77 0.60 54.29
N ARG D 106 -5.33 -0.08 53.29
CA ARG D 106 -6.63 -0.72 53.45
C ARG D 106 -6.64 -1.76 54.56
N THR D 107 -5.48 -2.33 54.84
CA THR D 107 -5.37 -3.33 55.89
C THR D 107 -5.54 -2.67 57.24
N LEU D 108 -4.81 -1.58 57.47
CA LEU D 108 -4.84 -0.92 58.77
C LEU D 108 -6.18 -0.28 59.06
N ASP D 109 -6.91 0.06 58.00
CA ASP D 109 -8.25 0.56 58.11
C ASP D 109 -9.22 -0.57 58.37
N PHE D 110 -8.94 -1.73 57.78
CA PHE D 110 -9.72 -2.93 57.98
C PHE D 110 -9.78 -3.32 59.45
N HIS D 111 -8.65 -3.20 60.14
CA HIS D 111 -8.58 -3.45 61.57
C HIS D 111 -9.38 -2.45 62.38
N ASP D 112 -9.18 -1.17 62.10
CA ASP D 112 -9.95 -0.09 62.72
C ASP D 112 -11.43 -0.34 62.59
N SER D 113 -11.85 -0.71 61.39
CA SER D 113 -13.26 -1.02 61.08
C SER D 113 -13.81 -2.07 62.04
N ASN D 114 -13.08 -3.18 62.16
CA ASN D 114 -13.51 -4.30 62.98
C ASN D 114 -13.62 -3.93 64.45
N VAL D 115 -12.63 -3.17 64.92
CA VAL D 115 -12.65 -2.66 66.27
C VAL D 115 -13.95 -1.89 66.54
N LYS D 116 -14.26 -0.95 65.66
CA LYS D 116 -15.47 -0.15 65.78
C LYS D 116 -16.72 -1.01 65.68
N ASN D 117 -16.68 -2.04 64.84
CA ASN D 117 -17.75 -3.04 64.76
C ASN D 117 -18.00 -3.69 66.08
N LEU D 118 -16.91 -4.13 66.72
CA LEU D 118 -16.97 -4.82 68.00
C LEU D 118 -17.45 -3.88 69.07
N TYR D 119 -16.95 -2.65 69.04
CA TYR D 119 -17.41 -1.61 69.96
C TYR D 119 -18.92 -1.41 69.84
N ASP D 120 -19.40 -1.31 68.60
CA ASP D 120 -20.81 -0.99 68.36
C ASP D 120 -21.73 -2.16 68.62
N LYS D 121 -21.22 -3.38 68.49
CA LYS D 121 -21.99 -4.59 68.83
C LYS D 121 -22.30 -4.65 70.30
N VAL D 122 -21.27 -4.42 71.12
CA VAL D 122 -21.43 -4.34 72.56
C VAL D 122 -22.40 -3.21 72.89
N ARG D 123 -22.12 -2.02 72.37
CA ARG D 123 -22.91 -0.81 72.64
C ARG D 123 -24.41 -1.01 72.47
N LEU D 124 -24.79 -1.61 71.34
CA LEU D 124 -26.20 -1.80 70.99
C LEU D 124 -26.87 -2.91 71.82
N GLN D 125 -26.11 -3.95 72.13
CA GLN D 125 -26.59 -5.07 72.91
C GLN D 125 -27.14 -4.62 74.28
N LEU D 126 -26.63 -3.50 74.77
CA LEU D 126 -27.01 -2.98 76.09
C LEU D 126 -27.16 -1.45 76.08
N ARG D 127 -28.28 -0.98 75.55
CA ARG D 127 -28.53 0.46 75.32
C ARG D 127 -28.24 1.36 76.54
N ASP D 128 -29.24 1.59 77.38
CA ASP D 128 -29.06 2.46 78.55
C ASP D 128 -28.94 1.68 79.87
N ASN D 129 -28.57 0.40 79.76
CA ASN D 129 -28.19 -0.41 80.92
C ASN D 129 -26.71 -0.27 81.22
N ALA D 130 -26.06 0.63 80.48
CA ALA D 130 -24.62 0.94 80.61
C ALA D 130 -24.26 2.38 80.21
N LYS D 131 -23.16 2.87 80.78
CA LYS D 131 -22.67 4.22 80.55
C LYS D 131 -21.53 4.23 79.50
N GLU D 132 -21.55 5.19 78.59
CA GLU D 132 -20.52 5.30 77.58
C GLU D 132 -19.38 6.25 77.98
N LEU D 133 -18.32 5.68 78.53
CA LEU D 133 -17.21 6.45 79.08
C LEU D 133 -16.46 7.33 78.07
N GLY D 134 -16.21 6.81 76.88
CA GLY D 134 -15.46 7.54 75.84
C GLY D 134 -14.03 7.06 75.67
N ASN D 135 -13.58 6.18 76.55
CA ASN D 135 -12.23 5.61 76.48
C ASN D 135 -12.27 4.36 75.65
N GLY D 136 -13.42 4.11 75.03
CA GLY D 136 -13.70 2.84 74.38
C GLY D 136 -14.21 1.88 75.42
N CYS D 137 -14.62 2.44 76.56
CA CYS D 137 -15.06 1.62 77.69
C CYS D 137 -16.52 1.86 78.06
N PHE D 138 -17.13 0.81 78.60
CA PHE D 138 -18.51 0.87 79.08
C PHE D 138 -18.57 0.59 80.59
N GLU D 139 -19.31 1.43 81.32
CA GLU D 139 -19.61 1.17 82.73
C GLU D 139 -21.06 0.72 82.90
N PHE D 140 -21.24 -0.37 83.63
CA PHE D 140 -22.56 -0.92 83.91
C PHE D 140 -23.34 -0.10 84.94
N TYR D 141 -24.60 0.20 84.62
CA TYR D 141 -25.56 0.81 85.54
C TYR D 141 -25.88 -0.14 86.68
N HIS D 142 -25.71 -1.43 86.43
CA HIS D 142 -25.89 -2.46 87.44
C HIS D 142 -24.57 -3.13 87.79
N LYS D 143 -24.64 -4.05 88.75
CA LYS D 143 -23.49 -4.87 89.13
C LYS D 143 -23.38 -6.04 88.15
N CYS D 144 -22.16 -6.55 87.98
CA CYS D 144 -21.90 -7.65 87.04
C CYS D 144 -20.72 -8.54 87.48
N ASP D 145 -20.80 -9.81 87.08
CA ASP D 145 -19.80 -10.83 87.44
C ASP D 145 -19.17 -11.50 86.20
N ASN D 146 -18.46 -12.61 86.41
CA ASN D 146 -17.77 -13.31 85.34
C ASN D 146 -18.72 -14.03 84.39
N GLU D 147 -19.60 -14.85 84.95
CA GLU D 147 -20.63 -15.54 84.16
C GLU D 147 -21.54 -14.53 83.46
N CYS D 148 -21.67 -13.36 84.05
CA CYS D 148 -22.44 -12.26 83.52
C CYS D 148 -21.91 -11.79 82.16
N MET D 149 -20.59 -11.80 82.02
CA MET D 149 -19.95 -11.24 80.83
C MET D 149 -19.80 -12.24 79.69
N GLU D 150 -20.15 -13.49 79.97
CA GLU D 150 -20.15 -14.54 78.94
C GLU D 150 -21.20 -14.27 77.87
N SER D 151 -22.41 -13.94 78.32
CA SER D 151 -23.50 -13.58 77.42
C SER D 151 -23.18 -12.29 76.66
N VAL D 152 -22.36 -11.44 77.27
CA VAL D 152 -21.91 -10.19 76.66
C VAL D 152 -21.05 -10.48 75.42
N ARG D 153 -20.10 -11.40 75.57
CA ARG D 153 -19.34 -11.89 74.42
C ARG D 153 -20.25 -12.71 73.50
N ASN D 154 -21.00 -13.66 74.08
CA ASN D 154 -21.96 -14.51 73.34
C ASN D 154 -22.84 -13.72 72.36
N GLY D 155 -23.32 -12.57 72.80
CA GLY D 155 -24.37 -11.85 72.12
C GLY D 155 -25.73 -12.22 72.70
N THR D 156 -25.73 -12.71 73.93
CA THR D 156 -26.96 -13.10 74.63
C THR D 156 -27.21 -12.26 75.90
N TYR D 157 -26.84 -10.99 75.87
CA TYR D 157 -27.14 -10.08 76.97
C TYR D 157 -28.64 -9.73 76.95
N ASP D 158 -29.30 -9.88 78.09
CA ASP D 158 -30.72 -9.60 78.19
C ASP D 158 -31.01 -8.22 78.79
N TYR D 159 -31.51 -7.32 77.94
CA TYR D 159 -31.80 -5.93 78.31
C TYR D 159 -32.92 -5.77 79.35
N PRO D 160 -34.11 -6.38 79.12
CA PRO D 160 -35.24 -6.20 80.04
C PRO D 160 -35.05 -6.78 81.45
N GLN D 161 -33.92 -7.45 81.67
CA GLN D 161 -33.60 -8.03 82.98
C GLN D 161 -33.10 -6.99 83.97
N TYR D 162 -32.08 -6.24 83.57
CA TYR D 162 -31.38 -5.33 84.47
C TYR D 162 -31.74 -3.87 84.17
N SER D 163 -32.82 -3.71 83.40
CA SER D 163 -33.32 -2.40 82.99
C SER D 163 -33.77 -1.52 84.16
N GLU D 164 -34.69 -2.03 85.00
CA GLU D 164 -35.23 -1.26 86.13
C GLU D 164 -34.22 -1.10 87.28
N GLU D 165 -33.20 -1.95 87.30
CA GLU D 165 -32.08 -1.83 88.22
C GLU D 165 -31.20 -0.66 87.77
N ALA D 166 -31.07 -0.52 86.45
CA ALA D 166 -30.38 0.60 85.84
C ALA D 166 -31.20 1.88 85.94
N ARG D 167 -32.47 1.79 85.53
CA ARG D 167 -33.42 2.92 85.50
C ARG D 167 -33.52 3.71 86.82
N LEU D 168 -33.65 2.99 87.94
CA LEU D 168 -33.67 3.62 89.24
C LEU D 168 -32.26 4.11 89.61
N LYS D 169 -31.25 3.28 89.33
CA LYS D 169 -29.83 3.65 89.55
C LYS D 169 -29.38 4.86 88.69
N ARG D 170 -30.12 5.12 87.63
CA ARG D 170 -29.86 6.26 86.73
C ARG D 170 -30.35 7.60 87.32
N GLU D 171 -31.54 7.57 87.91
CA GLU D 171 -32.16 8.75 88.55
C GLU D 171 -31.46 9.14 89.85
N GLU D 172 -30.83 8.17 90.49
CA GLU D 172 -30.06 8.39 91.72
C GLU D 172 -28.84 9.26 91.48
N ILE D 173 -28.23 9.08 90.30
CA ILE D 173 -27.09 9.87 89.88
C ILE D 173 -27.54 11.23 89.35
N SER D 174 -28.77 11.30 88.85
CA SER D 174 -29.32 12.55 88.32
C SER D 174 -29.63 13.57 89.42
N SER D 175 -28.91 14.69 89.41
CA SER D 175 -29.05 15.74 90.42
C SER D 175 -28.71 15.27 91.81
N GLY E 4 -45.58 0.43 71.02
CA GLY E 4 -45.00 1.48 70.12
C GLY E 4 -45.00 1.13 68.64
N ASP E 5 -44.39 1.99 67.82
CA ASP E 5 -44.38 1.84 66.36
C ASP E 5 -42.96 1.74 65.81
N GLN E 6 -42.80 1.05 64.69
CA GLN E 6 -41.45 0.80 64.17
C GLN E 6 -41.18 1.29 62.75
N ILE E 7 -39.91 1.55 62.47
CA ILE E 7 -39.38 1.60 61.12
C ILE E 7 -38.08 0.82 61.19
N CYS E 8 -37.84 0.00 60.18
CA CYS E 8 -36.56 -0.73 60.06
C CYS E 8 -35.88 -0.49 58.71
N ILE E 9 -34.58 -0.22 58.75
CA ILE E 9 -33.77 -0.05 57.55
C ILE E 9 -33.22 -1.42 57.16
N GLY E 10 -33.44 -1.79 55.91
CA GLY E 10 -32.89 -3.02 55.34
C GLY E 10 -32.40 -2.82 53.91
N TYR E 11 -31.85 -3.87 53.34
CA TYR E 11 -31.32 -3.81 51.99
C TYR E 11 -31.94 -4.89 51.12
N HIS E 12 -31.74 -4.78 49.81
CA HIS E 12 -32.35 -5.70 48.84
C HIS E 12 -31.79 -7.11 48.95
N ALA E 13 -32.58 -8.07 48.50
CA ALA E 13 -32.14 -9.45 48.36
C ALA E 13 -33.05 -10.13 47.33
N ASN E 14 -32.46 -10.85 46.39
CA ASN E 14 -33.23 -11.55 45.37
C ASN E 14 -32.81 -13.01 45.24
N ASN E 15 -33.35 -13.70 44.24
CA ASN E 15 -33.01 -15.10 44.04
C ASN E 15 -31.73 -15.33 43.20
N SER E 16 -30.77 -14.41 43.30
CA SER E 16 -29.50 -14.56 42.59
C SER E 16 -28.55 -15.51 43.32
N THR E 17 -27.79 -16.27 42.54
CA THR E 17 -26.79 -17.18 43.08
C THR E 17 -25.42 -16.96 42.42
N GLU E 18 -25.27 -15.85 41.72
CA GLU E 18 -23.98 -15.51 41.12
C GLU E 18 -22.94 -15.03 42.13
N GLN E 19 -21.86 -15.79 42.19
CA GLN E 19 -20.76 -15.50 43.10
C GLN E 19 -19.72 -14.54 42.52
N VAL E 20 -18.97 -13.93 43.41
CA VAL E 20 -17.98 -12.91 43.10
C VAL E 20 -16.85 -13.09 44.10
N ASP E 21 -15.65 -12.71 43.70
CA ASP E 21 -14.49 -12.71 44.61
C ASP E 21 -13.97 -11.35 45.02
N THR E 22 -13.36 -11.33 46.20
CA THR E 22 -12.90 -10.11 46.87
C THR E 22 -11.46 -10.31 47.32
N ILE E 23 -10.69 -9.23 47.35
CA ILE E 23 -9.36 -9.26 47.90
C ILE E 23 -9.26 -10.12 49.19
N MET E 24 -10.32 -10.15 49.99
CA MET E 24 -10.33 -10.79 51.31
C MET E 24 -11.29 -11.96 51.42
N GLU E 25 -12.15 -12.11 50.41
CA GLU E 25 -13.20 -13.11 50.46
C GLU E 25 -13.42 -13.79 49.13
N LYS E 26 -13.67 -15.09 49.19
CA LYS E 26 -13.98 -15.88 48.03
C LYS E 26 -15.45 -16.32 48.03
N ASN E 27 -15.95 -16.67 46.84
CA ASN E 27 -17.30 -17.20 46.66
C ASN E 27 -18.38 -16.40 47.38
N VAL E 28 -18.44 -15.10 47.11
CA VAL E 28 -19.44 -14.23 47.74
C VAL E 28 -20.68 -14.10 46.85
N THR E 29 -21.84 -14.48 47.39
CA THR E 29 -23.09 -14.39 46.67
C THR E 29 -23.55 -12.94 46.55
N VAL E 30 -24.01 -12.58 45.37
CA VAL E 30 -24.22 -11.19 45.01
C VAL E 30 -25.55 -10.99 44.30
N THR E 31 -26.11 -9.80 44.44
CA THR E 31 -27.40 -9.45 43.86
C THR E 31 -27.34 -9.37 42.34
N HIS E 32 -26.40 -8.59 41.84
CA HIS E 32 -26.21 -8.41 40.40
C HIS E 32 -24.73 -8.36 40.13
N ALA E 33 -24.35 -8.85 38.97
CA ALA E 33 -22.95 -8.89 38.58
C ALA E 33 -22.73 -8.71 37.08
N GLN E 34 -21.53 -8.28 36.71
CA GLN E 34 -21.21 -7.93 35.34
C GLN E 34 -19.90 -8.63 34.93
N ASP E 35 -19.96 -9.43 33.87
CA ASP E 35 -18.71 -10.01 33.36
C ASP E 35 -17.94 -9.02 32.50
N ILE E 36 -16.66 -8.90 32.78
CA ILE E 36 -15.77 -7.91 32.18
C ILE E 36 -14.95 -8.56 31.04
N LEU E 37 -14.96 -9.89 31.03
CA LEU E 37 -14.12 -10.68 30.16
C LEU E 37 -14.91 -11.30 29.00
N GLU E 38 -14.50 -10.95 27.77
CA GLU E 38 -15.11 -11.49 26.57
C GLU E 38 -14.68 -12.92 26.32
N LYS E 39 -15.65 -13.78 26.02
CA LYS E 39 -15.40 -15.19 25.76
C LYS E 39 -16.10 -15.64 24.47
N LYS E 40 -16.94 -14.79 23.89
CA LYS E 40 -17.68 -15.18 22.70
C LYS E 40 -16.99 -14.72 21.43
N HIS E 41 -16.76 -15.64 20.52
CA HIS E 41 -16.39 -15.31 19.14
C HIS E 41 -17.44 -15.90 18.23
N ASN E 42 -17.36 -15.61 16.94
CA ASN E 42 -18.36 -16.11 16.01
C ASN E 42 -17.88 -17.18 15.01
N GLY E 43 -16.65 -17.64 15.17
CA GLY E 43 -16.13 -18.78 14.43
C GLY E 43 -16.05 -18.61 12.92
N LYS E 44 -16.10 -17.37 12.45
CA LYS E 44 -15.76 -17.11 11.06
C LYS E 44 -14.75 -15.98 10.86
N LEU E 45 -14.22 -15.86 9.65
CA LEU E 45 -13.32 -14.76 9.26
C LEU E 45 -14.10 -13.63 8.62
N CYS E 46 -13.78 -12.40 9.02
CA CYS E 46 -14.57 -11.25 8.58
C CYS E 46 -13.74 -10.11 8.08
N ASP E 47 -14.39 -9.16 7.41
CA ASP E 47 -13.75 -7.93 6.96
C ASP E 47 -13.24 -7.18 8.16
N LEU E 48 -12.07 -6.55 8.03
CA LEU E 48 -11.63 -5.58 9.00
C LEU E 48 -12.07 -4.21 8.54
N ASP E 49 -12.91 -3.59 9.36
CA ASP E 49 -13.54 -2.33 8.99
C ASP E 49 -14.04 -2.30 7.55
N GLY E 50 -14.91 -3.23 7.21
CA GLY E 50 -15.45 -3.31 5.86
C GLY E 50 -14.44 -3.56 4.76
N VAL E 51 -13.29 -4.15 5.08
CA VAL E 51 -12.37 -4.54 4.02
C VAL E 51 -12.08 -6.01 4.13
N LYS E 52 -12.37 -6.76 3.09
CA LYS E 52 -12.20 -8.21 3.10
C LYS E 52 -10.76 -8.67 3.37
N PRO E 53 -10.61 -9.84 3.96
CA PRO E 53 -9.30 -10.43 3.89
C PRO E 53 -9.04 -11.11 2.52
N LEU E 54 -7.76 -11.41 2.30
CA LEU E 54 -7.30 -12.26 1.23
C LEU E 54 -7.14 -13.65 1.81
N ILE E 55 -7.98 -14.59 1.40
CA ILE E 55 -7.93 -15.95 1.90
C ILE E 55 -7.34 -16.88 0.83
N LEU E 56 -6.07 -17.19 0.96
CA LEU E 56 -5.42 -18.14 0.06
C LEU E 56 -5.86 -19.49 0.58
N ARG E 57 -6.36 -20.38 -0.26
CA ARG E 57 -7.03 -21.53 0.35
C ARG E 57 -5.95 -22.55 0.62
N ASP E 58 -5.46 -23.17 -0.43
CA ASP E 58 -4.41 -24.15 -0.32
C ASP E 58 -3.05 -23.66 -0.76
N CYS E 59 -2.90 -22.35 -0.84
CA CYS E 59 -1.70 -21.76 -1.39
C CYS E 59 -0.96 -20.88 -0.44
N SER E 60 0.35 -21.01 -0.50
CA SER E 60 1.27 -20.09 0.10
C SER E 60 1.26 -18.83 -0.71
N VAL E 61 1.72 -17.77 -0.09
CA VAL E 61 1.81 -16.54 -0.82
C VAL E 61 2.70 -16.72 -2.02
N ALA E 62 3.83 -17.38 -1.83
CA ALA E 62 4.70 -17.71 -2.93
C ALA E 62 3.91 -18.42 -4.03
N GLY E 63 3.19 -19.44 -3.63
CA GLY E 63 2.44 -20.21 -4.59
C GLY E 63 1.52 -19.32 -5.38
N TRP E 64 0.91 -18.37 -4.70
CA TRP E 64 -0.03 -17.50 -5.31
C TRP E 64 0.67 -16.50 -6.23
N LEU E 65 1.78 -15.93 -5.78
CA LEU E 65 2.39 -14.83 -6.52
C LEU E 65 3.00 -15.27 -7.80
N LEU E 66 3.82 -16.31 -7.69
CA LEU E 66 4.26 -17.06 -8.84
C LEU E 66 3.02 -17.76 -9.35
N GLY E 67 2.90 -18.05 -10.62
CA GLY E 67 1.67 -18.72 -10.93
C GLY E 67 1.69 -20.21 -10.65
N ASN E 68 1.57 -20.66 -9.40
CA ASN E 68 1.52 -22.11 -9.19
C ASN E 68 0.27 -22.67 -9.92
N PRO E 69 0.44 -23.66 -10.81
CA PRO E 69 -0.67 -24.12 -11.65
C PRO E 69 -1.89 -24.58 -10.90
N MET E 70 -1.70 -25.05 -9.67
CA MET E 70 -2.79 -25.56 -8.84
C MET E 70 -3.48 -24.48 -7.99
N CYS E 71 -2.72 -23.46 -7.62
CA CYS E 71 -3.33 -22.22 -7.24
C CYS E 71 -4.05 -21.62 -8.47
N ASP E 72 -4.72 -20.49 -8.30
CA ASP E 72 -5.08 -19.70 -9.48
C ASP E 72 -4.73 -18.20 -9.31
N GLU E 73 -5.00 -17.43 -10.37
CA GLU E 73 -4.75 -15.98 -10.37
C GLU E 73 -6.04 -15.36 -9.93
N PHE E 74 -7.13 -16.15 -9.97
CA PHE E 74 -8.35 -15.77 -9.28
C PHE E 74 -7.93 -15.45 -7.85
N ILE E 75 -7.68 -14.17 -7.68
CA ILE E 75 -7.47 -13.52 -6.40
C ILE E 75 -7.54 -12.06 -6.91
N ASN E 76 -8.40 -11.93 -7.95
CA ASN E 76 -8.75 -10.67 -8.56
C ASN E 76 -9.56 -9.82 -7.60
N VAL E 77 -9.11 -9.82 -6.36
CA VAL E 77 -9.62 -8.92 -5.36
C VAL E 77 -8.60 -7.80 -5.23
N PRO E 78 -9.01 -6.55 -5.48
CA PRO E 78 -8.15 -5.41 -5.67
C PRO E 78 -7.53 -4.84 -4.39
N GLU E 79 -7.99 -5.28 -3.22
CA GLU E 79 -7.68 -4.64 -1.97
C GLU E 79 -7.84 -5.66 -0.85
N TRP E 80 -7.07 -5.56 0.22
CA TRP E 80 -7.36 -6.40 1.38
C TRP E 80 -6.77 -5.82 2.60
N SER E 81 -7.24 -6.33 3.74
CA SER E 81 -6.88 -5.81 5.05
C SER E 81 -5.90 -6.70 5.79
N TYR E 82 -5.94 -7.99 5.52
CA TYR E 82 -5.00 -8.98 6.07
C TYR E 82 -5.01 -10.23 5.19
N ILE E 83 -3.99 -11.06 5.30
CA ILE E 83 -3.98 -12.33 4.55
C ILE E 83 -4.28 -13.55 5.44
N VAL E 84 -4.99 -14.55 4.92
CA VAL E 84 -5.08 -15.79 5.68
C VAL E 84 -4.48 -17.02 4.95
N GLU E 85 -3.38 -17.54 5.48
CA GLU E 85 -2.79 -18.77 4.98
C GLU E 85 -3.22 -19.87 5.92
N LYS E 86 -3.35 -21.09 5.44
CA LYS E 86 -3.51 -22.23 6.34
C LYS E 86 -2.19 -22.56 7.08
N ALA E 87 -2.24 -23.49 8.02
CA ALA E 87 -1.03 -23.93 8.71
C ALA E 87 0.01 -24.45 7.72
N ASN E 88 -0.39 -25.40 6.90
CA ASN E 88 0.54 -25.97 5.97
C ASN E 88 -0.08 -26.00 4.59
N PRO E 89 -0.07 -24.86 3.90
CA PRO E 89 -0.65 -24.82 2.58
C PRO E 89 -0.06 -25.94 1.71
N VAL E 90 -0.90 -26.58 0.89
CA VAL E 90 -0.43 -27.69 0.07
C VAL E 90 0.34 -27.20 -1.16
N ASN E 91 0.04 -25.99 -1.62
CA ASN E 91 0.60 -25.51 -2.86
C ASN E 91 1.56 -24.39 -2.62
N ASP E 92 2.84 -24.72 -2.70
CA ASP E 92 3.88 -23.73 -2.51
C ASP E 92 4.71 -23.62 -3.80
N LEU E 93 5.96 -24.06 -3.74
CA LEU E 93 6.86 -24.08 -4.88
C LEU E 93 6.79 -25.48 -5.43
N CYS E 94 5.95 -25.68 -6.44
CA CYS E 94 5.82 -26.98 -7.06
C CYS E 94 7.21 -27.43 -7.50
N TYR E 95 7.90 -26.56 -8.22
CA TYR E 95 9.31 -26.78 -8.51
C TYR E 95 10.09 -26.37 -7.27
N PRO E 96 10.94 -27.27 -6.76
CA PRO E 96 11.61 -27.00 -5.50
C PRO E 96 12.61 -25.85 -5.64
N GLY E 97 12.86 -25.17 -4.54
CA GLY E 97 13.66 -23.97 -4.63
C GLY E 97 13.56 -23.06 -3.44
N ASP E 98 13.87 -21.79 -3.63
CA ASP E 98 13.90 -20.85 -2.54
C ASP E 98 13.40 -19.49 -2.96
N PHE E 99 12.96 -18.72 -1.97
CA PHE E 99 12.37 -17.41 -2.21
C PHE E 99 13.03 -16.46 -1.25
N ASN E 100 13.59 -15.40 -1.80
CA ASN E 100 14.47 -14.57 -1.06
C ASN E 100 13.69 -13.51 -0.37
N ASP E 101 14.01 -13.25 0.90
CA ASP E 101 13.24 -12.27 1.69
C ASP E 101 11.73 -12.54 1.68
N TYR E 102 11.36 -13.81 1.75
CA TYR E 102 10.00 -14.23 1.58
C TYR E 102 9.12 -13.64 2.68
N GLU E 103 9.52 -13.82 3.94
CA GLU E 103 8.80 -13.20 5.04
C GLU E 103 8.61 -11.71 4.90
N GLU E 104 9.67 -10.98 4.62
CA GLU E 104 9.51 -9.56 4.44
C GLU E 104 8.54 -9.25 3.36
N LEU E 105 8.59 -9.94 2.25
CA LEU E 105 7.57 -9.73 1.22
C LEU E 105 6.12 -10.04 1.71
N LYS E 106 5.94 -11.23 2.32
CA LYS E 106 4.69 -11.57 3.01
C LYS E 106 4.25 -10.35 3.82
N HIS E 107 5.11 -9.79 4.66
CA HIS E 107 4.66 -8.75 5.56
C HIS E 107 4.20 -7.56 4.77
N LEU E 108 4.99 -7.17 3.76
CA LEU E 108 4.65 -6.06 2.88
C LEU E 108 3.27 -6.23 2.24
N LEU E 109 2.89 -7.47 1.96
CA LEU E 109 1.67 -7.76 1.24
C LEU E 109 0.44 -7.93 2.12
N SER E 110 0.67 -8.00 3.42
CA SER E 110 -0.37 -8.37 4.36
C SER E 110 -1.58 -7.44 4.25
N ARG E 111 -1.38 -6.19 3.90
CA ARG E 111 -2.48 -5.26 3.76
C ARG E 111 -2.14 -4.37 2.61
N ILE E 112 -3.07 -4.32 1.66
CA ILE E 112 -2.90 -3.62 0.37
C ILE E 112 -4.12 -2.82 -0.01
N ASN E 113 -3.85 -1.61 -0.45
CA ASN E 113 -4.86 -0.62 -0.79
C ASN E 113 -5.37 -0.84 -2.21
N HIS E 114 -4.45 -1.18 -3.11
CA HIS E 114 -4.77 -1.50 -4.48
C HIS E 114 -3.70 -2.42 -5.01
N PHE E 115 -4.12 -3.35 -5.86
CA PHE E 115 -3.24 -4.41 -6.29
C PHE E 115 -3.81 -4.79 -7.63
N GLU E 116 -2.94 -4.92 -8.63
CA GLU E 116 -3.40 -5.19 -9.98
C GLU E 116 -2.26 -5.83 -10.77
N LYS E 117 -2.61 -6.79 -11.60
CA LYS E 117 -1.62 -7.65 -12.23
C LYS E 117 -1.40 -7.13 -13.60
N ILE E 118 -0.16 -6.86 -13.95
CA ILE E 118 0.15 -6.28 -15.23
C ILE E 118 1.14 -7.17 -15.98
N GLN E 119 0.87 -7.36 -17.27
CA GLN E 119 1.81 -8.08 -18.08
C GLN E 119 3.07 -7.26 -18.38
N ILE E 120 4.15 -7.51 -17.67
CA ILE E 120 5.34 -6.67 -17.82
C ILE E 120 6.18 -7.01 -19.02
N ILE E 121 6.58 -8.28 -19.14
CA ILE E 121 7.27 -8.77 -20.35
C ILE E 121 6.55 -10.01 -20.84
N PRO E 122 5.77 -9.82 -21.86
CA PRO E 122 4.84 -10.77 -22.45
C PRO E 122 5.55 -12.02 -22.98
N LYS E 123 4.91 -13.16 -22.72
CA LYS E 123 5.46 -14.46 -23.06
C LYS E 123 5.82 -14.64 -24.52
N SER E 124 5.22 -13.89 -25.42
CA SER E 124 5.55 -14.18 -26.79
C SER E 124 6.65 -13.26 -27.39
N SER E 125 7.27 -12.40 -26.59
CA SER E 125 8.20 -11.38 -27.12
C SER E 125 9.58 -11.92 -27.15
N TRP E 126 9.72 -13.19 -26.77
CA TRP E 126 10.99 -13.86 -26.76
C TRP E 126 11.11 -14.51 -28.09
N SER E 127 11.54 -13.74 -29.09
CA SER E 127 11.59 -14.23 -30.45
C SER E 127 12.77 -15.17 -30.58
N SER E 128 13.92 -14.79 -30.04
CA SER E 128 15.12 -15.58 -30.23
C SER E 128 15.49 -16.47 -29.02
N HIS E 129 14.50 -16.79 -28.19
CA HIS E 129 14.63 -17.85 -27.18
C HIS E 129 13.35 -18.67 -27.17
N GLU E 130 13.38 -19.86 -26.59
CA GLU E 130 12.21 -20.69 -26.42
C GLU E 130 11.44 -20.36 -25.16
N ALA E 131 10.20 -19.86 -25.35
CA ALA E 131 9.37 -19.43 -24.19
C ALA E 131 8.38 -20.49 -23.72
N SER E 132 7.93 -21.30 -24.65
CA SER E 132 6.88 -22.20 -24.31
C SER E 132 7.37 -23.61 -23.95
N LEU E 133 8.66 -23.79 -23.62
CA LEU E 133 9.16 -25.13 -23.32
C LEU E 133 9.52 -25.37 -21.88
N GLY E 134 9.80 -24.31 -21.13
CA GLY E 134 10.24 -24.45 -19.74
C GLY E 134 9.12 -24.98 -18.89
N VAL E 135 9.05 -26.30 -18.80
CA VAL E 135 7.91 -27.00 -18.22
C VAL E 135 8.38 -28.27 -17.52
N SER E 136 7.78 -28.64 -16.39
CA SER E 136 8.25 -29.85 -15.71
C SER E 136 7.13 -30.65 -15.06
N SER E 137 7.41 -31.93 -14.78
CA SER E 137 6.40 -32.76 -14.14
C SER E 137 6.20 -32.41 -12.67
N ALA E 138 7.12 -31.67 -12.08
CA ALA E 138 6.93 -31.16 -10.73
C ALA E 138 5.70 -30.24 -10.61
N CYS E 139 5.33 -29.54 -11.69
CA CYS E 139 4.17 -28.62 -11.66
C CYS E 139 3.09 -29.11 -12.55
N PRO E 140 2.48 -30.24 -12.20
CA PRO E 140 1.54 -30.81 -13.16
C PRO E 140 0.33 -29.93 -13.22
N TYR E 141 -0.09 -29.56 -14.43
CA TYR E 141 -1.31 -28.83 -14.48
C TYR E 141 -2.51 -29.78 -14.61
N GLN E 142 -2.88 -30.18 -15.82
CA GLN E 142 -4.03 -31.07 -15.87
C GLN E 142 -3.62 -32.43 -16.37
N GLY E 143 -2.58 -32.95 -15.74
CA GLY E 143 -1.96 -34.17 -16.23
C GLY E 143 -0.78 -33.74 -17.06
N LYS E 144 -1.01 -32.76 -17.95
CA LYS E 144 0.09 -32.17 -18.69
C LYS E 144 0.95 -31.51 -17.68
N SER E 145 2.24 -31.63 -17.87
CA SER E 145 3.16 -31.00 -16.98
C SER E 145 3.28 -29.56 -17.44
N SER E 146 3.82 -28.71 -16.57
CA SER E 146 3.69 -27.28 -16.73
C SER E 146 4.57 -26.56 -15.72
N PHE E 147 4.21 -25.35 -15.31
CA PHE E 147 5.13 -24.45 -14.56
C PHE E 147 4.38 -23.20 -14.12
N PHE E 148 4.93 -22.47 -13.14
CA PHE E 148 4.40 -21.18 -12.71
C PHE E 148 3.93 -20.32 -13.87
N ARG E 149 2.75 -19.76 -13.73
CA ARG E 149 2.13 -18.94 -14.77
C ARG E 149 2.72 -17.54 -14.88
N ASN E 150 3.12 -16.94 -13.77
CA ASN E 150 3.46 -15.52 -13.81
C ASN E 150 4.92 -15.24 -14.15
N VAL E 151 5.58 -16.26 -14.68
CA VAL E 151 7.01 -16.20 -14.79
C VAL E 151 7.35 -17.20 -15.88
N VAL E 152 8.38 -16.93 -16.67
CA VAL E 152 8.68 -17.77 -17.83
C VAL E 152 10.02 -18.42 -17.72
N TRP E 153 10.10 -19.70 -18.05
CA TRP E 153 11.36 -20.42 -17.95
C TRP E 153 11.99 -20.58 -19.31
N LEU E 154 12.90 -19.68 -19.67
CA LEU E 154 13.39 -19.61 -21.03
C LEU E 154 14.44 -20.68 -21.32
N ILE E 155 14.34 -21.28 -22.50
CA ILE E 155 15.21 -22.34 -22.94
C ILE E 155 15.84 -21.91 -24.26
N LYS E 156 17.00 -22.50 -24.57
CA LYS E 156 17.68 -22.26 -25.86
C LYS E 156 16.83 -22.59 -27.10
N LYS E 157 16.94 -21.75 -28.13
CA LYS E 157 16.30 -21.95 -29.42
C LYS E 157 17.43 -22.34 -30.37
N ASN E 158 17.14 -23.16 -31.38
CA ASN E 158 18.17 -23.88 -32.13
C ASN E 158 19.15 -24.39 -31.11
N SER E 159 20.44 -24.16 -31.31
CA SER E 159 21.37 -24.51 -30.26
C SER E 159 22.09 -23.26 -29.81
N THR E 160 21.33 -22.28 -29.37
CA THR E 160 21.87 -20.94 -29.12
C THR E 160 21.08 -20.29 -28.02
N TYR E 161 21.75 -19.48 -27.21
CA TYR E 161 21.05 -18.65 -26.22
C TYR E 161 21.68 -17.28 -26.26
N PRO E 162 21.16 -16.39 -27.14
CA PRO E 162 21.73 -15.06 -27.21
C PRO E 162 21.63 -14.36 -25.88
N THR E 163 22.53 -13.41 -25.61
CA THR E 163 22.48 -12.66 -24.38
C THR E 163 21.24 -11.78 -24.41
N ILE E 164 20.39 -11.97 -23.41
CA ILE E 164 19.20 -11.14 -23.26
C ILE E 164 19.53 -9.77 -22.66
N LYS E 165 19.09 -8.72 -23.33
CA LYS E 165 19.21 -7.37 -22.79
C LYS E 165 17.84 -6.80 -22.89
N ARG E 166 17.27 -6.39 -21.77
CA ARG E 166 15.84 -6.10 -21.75
C ARG E 166 15.43 -5.34 -20.51
N SER E 167 14.54 -4.38 -20.69
CA SER E 167 14.18 -3.54 -19.59
C SER E 167 12.75 -3.07 -19.65
N TYR E 168 12.25 -2.63 -18.52
CA TYR E 168 10.90 -2.14 -18.46
C TYR E 168 10.86 -0.84 -17.65
N ASN E 169 10.29 0.22 -18.23
CA ASN E 169 10.01 1.45 -17.50
C ASN E 169 8.66 1.40 -16.85
N ASN E 170 8.66 1.69 -15.57
CA ASN E 170 7.43 1.81 -14.83
C ASN E 170 6.83 3.18 -15.14
N THR E 171 5.91 3.19 -16.07
CA THR E 171 5.29 4.46 -16.45
C THR E 171 3.98 4.69 -15.74
N ASN E 172 3.65 3.81 -14.79
CA ASN E 172 2.45 3.95 -13.99
C ASN E 172 2.75 4.81 -12.82
N GLN E 173 1.70 5.25 -12.15
CA GLN E 173 1.92 5.99 -10.94
C GLN E 173 2.21 5.10 -9.73
N GLU E 174 1.73 3.87 -9.77
CA GLU E 174 1.86 2.97 -8.65
C GLU E 174 3.23 2.37 -8.63
N ASP E 175 3.76 2.14 -7.44
CA ASP E 175 4.93 1.28 -7.21
C ASP E 175 4.62 -0.03 -7.94
N LEU E 176 5.62 -0.73 -8.46
CA LEU E 176 5.31 -2.08 -8.88
C LEU E 176 6.23 -3.19 -8.44
N LEU E 177 5.61 -4.32 -8.04
CA LEU E 177 6.35 -5.40 -7.45
C LEU E 177 6.73 -6.31 -8.55
N VAL E 178 8.03 -6.55 -8.71
CA VAL E 178 8.50 -7.43 -9.77
C VAL E 178 9.29 -8.61 -9.22
N LEU E 179 9.10 -9.75 -9.90
CA LEU E 179 9.72 -11.03 -9.52
C LEU E 179 10.47 -11.73 -10.64
N TRP E 180 11.58 -12.39 -10.29
CA TRP E 180 12.37 -13.17 -11.26
C TRP E 180 13.10 -14.33 -10.60
N GLY E 181 13.55 -15.32 -11.35
CA GLY E 181 14.34 -16.39 -10.73
C GLY E 181 15.57 -16.83 -11.49
N ILE E 182 16.41 -17.69 -10.87
CA ILE E 182 17.52 -18.36 -11.52
C ILE E 182 17.14 -19.81 -11.49
N HIS E 183 17.62 -20.58 -12.46
CA HIS E 183 17.57 -22.01 -12.34
C HIS E 183 18.97 -22.52 -12.02
N HIS E 184 19.09 -23.27 -10.92
CA HIS E 184 20.35 -23.91 -10.54
C HIS E 184 20.28 -25.35 -10.99
N PRO E 185 20.79 -25.67 -12.20
CA PRO E 185 20.69 -27.06 -12.67
C PRO E 185 21.41 -28.05 -11.80
N ASN E 186 21.18 -29.33 -12.08
CA ASN E 186 21.88 -30.38 -11.34
C ASN E 186 23.33 -30.59 -11.78
N ASP E 187 23.64 -30.42 -13.06
CA ASP E 187 24.98 -30.73 -13.60
C ASP E 187 25.32 -30.03 -14.92
N ALA E 188 26.58 -30.14 -15.32
CA ALA E 188 27.06 -29.46 -16.51
C ALA E 188 26.28 -29.81 -17.79
N ALA E 189 25.97 -31.09 -17.97
CA ALA E 189 25.22 -31.55 -19.14
C ALA E 189 23.87 -30.86 -19.19
N GLU E 190 23.16 -30.90 -18.07
CA GLU E 190 21.86 -30.25 -17.91
C GLU E 190 21.95 -28.77 -18.26
N GLN E 191 23.06 -28.15 -17.89
CA GLN E 191 23.31 -26.75 -18.28
C GLN E 191 23.25 -26.57 -19.77
N THR E 192 24.11 -27.28 -20.48
CA THR E 192 24.26 -27.18 -21.90
C THR E 192 22.96 -27.52 -22.56
N LYS E 193 22.24 -28.48 -22.00
CA LYS E 193 21.03 -28.95 -22.63
C LYS E 193 19.99 -27.85 -22.71
N LEU E 194 19.87 -27.10 -21.63
CA LEU E 194 18.84 -26.10 -21.54
C LEU E 194 19.25 -24.78 -22.12
N TYR E 195 20.50 -24.42 -21.90
CA TYR E 195 21.08 -23.14 -22.32
C TYR E 195 22.38 -23.55 -22.91
N GLN E 196 22.83 -22.95 -24.00
CA GLN E 196 24.05 -23.54 -24.59
C GLN E 196 25.21 -23.31 -23.69
N ASN E 197 25.26 -22.10 -23.14
CA ASN E 197 26.48 -21.57 -22.58
C ASN E 197 26.83 -22.15 -21.20
N PRO E 198 28.10 -22.53 -21.00
CA PRO E 198 28.48 -23.17 -19.76
C PRO E 198 28.55 -22.21 -18.60
N THR E 199 29.11 -21.02 -18.84
CA THR E 199 29.24 -20.01 -17.79
C THR E 199 28.16 -18.97 -18.00
N THR E 200 27.50 -18.57 -16.94
CA THR E 200 26.24 -17.93 -17.06
C THR E 200 25.90 -16.95 -15.92
N TYR E 201 25.10 -15.93 -16.19
CA TYR E 201 24.74 -14.95 -15.18
C TYR E 201 23.39 -14.32 -15.51
N ILE E 202 22.71 -13.88 -14.46
CA ILE E 202 21.66 -12.86 -14.60
C ILE E 202 22.05 -11.64 -13.81
N SER E 203 21.91 -10.46 -14.42
CA SER E 203 22.15 -9.21 -13.71
C SER E 203 20.95 -8.28 -13.85
N VAL E 204 20.48 -7.77 -12.72
CA VAL E 204 19.30 -6.94 -12.64
C VAL E 204 19.64 -5.63 -11.99
N GLY E 205 19.19 -4.54 -12.59
CA GLY E 205 19.57 -3.25 -12.09
C GLY E 205 18.37 -2.33 -11.97
N THR E 206 18.38 -1.52 -10.92
CA THR E 206 17.33 -0.55 -10.66
C THR E 206 17.99 0.80 -10.41
N SER E 207 17.28 1.74 -9.84
CA SER E 207 17.96 2.87 -9.26
C SER E 207 18.45 2.50 -7.86
N THR E 208 18.27 1.22 -7.50
CA THR E 208 18.39 0.72 -6.12
C THR E 208 19.08 -0.62 -6.17
N LEU E 209 18.54 -1.47 -7.02
CA LEU E 209 18.93 -2.83 -7.10
C LEU E 209 20.14 -2.94 -7.99
N ASN E 210 21.12 -3.72 -7.57
CA ASN E 210 22.31 -3.90 -8.33
C ASN E 210 22.83 -5.32 -8.13
N GLN E 211 22.12 -6.29 -8.75
CA GLN E 211 22.48 -7.66 -8.50
C GLN E 211 23.03 -8.42 -9.70
N ARG E 212 23.87 -9.43 -9.43
CA ARG E 212 24.34 -10.40 -10.44
C ARG E 212 24.24 -11.81 -9.86
N LEU E 213 23.38 -12.63 -10.44
CA LEU E 213 23.21 -14.03 -10.00
C LEU E 213 24.00 -14.93 -10.90
N VAL E 214 24.44 -16.04 -10.32
CA VAL E 214 25.27 -17.02 -11.02
C VAL E 214 24.73 -18.37 -10.62
N PRO E 215 24.37 -19.21 -11.58
CA PRO E 215 23.78 -20.49 -11.16
C PRO E 215 24.79 -21.31 -10.45
N ARG E 216 24.32 -22.05 -9.44
CA ARG E 216 25.14 -22.91 -8.60
C ARG E 216 24.89 -24.39 -8.93
N ILE E 217 25.83 -25.05 -9.61
CA ILE E 217 25.63 -26.42 -10.06
C ILE E 217 26.05 -27.34 -8.94
N ALA E 218 25.18 -28.31 -8.62
CA ALA E 218 25.45 -29.30 -7.57
C ALA E 218 24.46 -30.45 -7.52
N THR E 219 24.99 -31.66 -7.40
CA THR E 219 24.19 -32.81 -6.96
C THR E 219 23.42 -32.54 -5.65
N ARG E 220 22.10 -32.65 -5.75
CA ARG E 220 21.18 -32.44 -4.64
C ARG E 220 20.25 -33.61 -4.64
N SER E 221 19.34 -33.62 -3.69
CA SER E 221 18.40 -34.69 -3.60
C SER E 221 17.16 -34.28 -4.38
N LYS E 222 16.48 -35.26 -4.96
CA LYS E 222 15.26 -34.98 -5.72
C LYS E 222 14.19 -34.51 -4.78
N VAL E 223 13.38 -33.56 -5.23
CA VAL E 223 12.25 -33.04 -4.47
C VAL E 223 11.17 -32.78 -5.51
N ASN E 224 10.03 -33.44 -5.33
CA ASN E 224 9.06 -33.61 -6.41
C ASN E 224 9.79 -34.09 -7.68
N GLY E 225 10.70 -35.04 -7.48
CA GLY E 225 11.47 -35.66 -8.56
C GLY E 225 12.53 -34.78 -9.19
N GLN E 226 12.80 -33.62 -8.58
CA GLN E 226 13.70 -32.64 -9.21
C GLN E 226 14.89 -32.38 -8.37
N SER E 227 16.08 -32.55 -8.92
CA SER E 227 17.26 -32.16 -8.18
C SER E 227 17.77 -30.76 -8.59
N GLY E 228 17.10 -30.15 -9.54
CA GLY E 228 17.40 -28.75 -9.85
C GLY E 228 16.68 -27.91 -8.84
N ARG E 229 16.95 -26.60 -8.86
CA ARG E 229 16.33 -25.69 -7.90
C ARG E 229 16.05 -24.37 -8.57
N MET E 230 15.06 -23.67 -8.01
CA MET E 230 14.62 -22.41 -8.56
C MET E 230 14.76 -21.42 -7.42
N GLU E 231 15.48 -20.32 -7.63
CA GLU E 231 15.59 -19.29 -6.59
C GLU E 231 14.91 -18.05 -7.09
N PHE E 232 14.05 -17.44 -6.27
CA PHE E 232 13.33 -16.25 -6.70
C PHE E 232 13.69 -15.02 -5.92
N PHE E 233 13.41 -13.88 -6.54
CA PHE E 233 13.88 -12.58 -6.05
C PHE E 233 12.84 -11.54 -6.42
N TRP E 234 12.81 -10.38 -5.77
CA TRP E 234 11.77 -9.38 -6.02
C TRP E 234 12.21 -7.97 -5.69
N THR E 235 11.50 -6.95 -6.17
CA THR E 235 11.72 -5.58 -5.69
C THR E 235 10.51 -4.78 -5.95
N ILE E 236 10.50 -3.60 -5.38
CA ILE E 236 9.51 -2.62 -5.72
C ILE E 236 10.19 -1.67 -6.66
N LEU E 237 9.65 -1.59 -7.87
CA LEU E 237 10.11 -0.64 -8.85
C LEU E 237 9.34 0.64 -8.74
N LYS E 238 10.06 1.68 -8.41
CA LYS E 238 9.47 2.97 -8.13
C LYS E 238 8.83 3.64 -9.39
N PRO E 239 7.75 4.41 -9.17
CA PRO E 239 7.07 5.01 -10.27
C PRO E 239 7.98 5.38 -11.42
N ASN E 240 8.88 6.35 -11.31
CA ASN E 240 9.51 6.67 -12.59
C ASN E 240 10.69 5.82 -13.03
N ASP E 241 11.04 4.84 -12.22
CA ASP E 241 12.23 4.05 -12.44
C ASP E 241 12.08 3.02 -13.56
N ALA E 242 13.15 2.24 -13.75
CA ALA E 242 13.21 1.19 -14.76
C ALA E 242 14.10 0.02 -14.29
N ILE E 243 13.65 -1.19 -14.59
CA ILE E 243 14.42 -2.35 -14.26
C ILE E 243 15.04 -2.91 -15.54
N ASN E 244 16.34 -3.19 -15.51
CA ASN E 244 17.01 -3.77 -16.65
C ASN E 244 17.45 -5.17 -16.32
N PHE E 245 17.07 -6.14 -17.17
CA PHE E 245 17.62 -7.49 -17.05
C PHE E 245 18.56 -7.77 -18.14
N GLU E 246 19.58 -8.53 -17.80
CA GLU E 246 20.57 -8.98 -18.75
C GLU E 246 20.94 -10.38 -18.37
N SER E 247 20.72 -11.30 -19.29
CA SER E 247 21.13 -12.66 -19.01
C SER E 247 21.70 -13.42 -20.15
N ASN E 248 22.54 -14.36 -19.75
CA ASN E 248 23.34 -15.22 -20.57
C ASN E 248 22.73 -16.59 -20.52
N GLY E 249 22.15 -16.86 -19.36
CA GLY E 249 20.99 -17.72 -19.30
C GLY E 249 20.80 -18.73 -18.18
N ASN E 250 20.30 -18.36 -17.04
CA ASN E 250 19.56 -19.39 -16.33
C ASN E 250 18.28 -18.74 -15.80
N PHE E 251 17.76 -17.84 -16.63
CA PHE E 251 16.89 -16.78 -16.26
C PHE E 251 15.49 -17.25 -16.31
N ILE E 252 14.79 -16.98 -15.21
CA ILE E 252 13.35 -17.14 -15.17
C ILE E 252 12.71 -15.78 -15.23
N ALA E 253 12.18 -15.45 -16.37
CA ALA E 253 11.84 -14.08 -16.67
C ALA E 253 10.48 -13.78 -16.09
N PRO E 254 10.26 -12.55 -15.55
CA PRO E 254 8.90 -12.15 -15.19
C PRO E 254 8.03 -12.21 -16.42
N GLU E 255 6.72 -12.40 -16.24
CA GLU E 255 5.81 -12.07 -17.33
C GLU E 255 4.82 -11.03 -16.79
N TYR E 256 4.41 -11.28 -15.56
CA TYR E 256 3.50 -10.41 -14.93
C TYR E 256 4.14 -9.83 -13.70
N ALA E 257 3.74 -8.60 -13.39
CA ALA E 257 4.13 -7.97 -12.15
C ALA E 257 2.90 -7.26 -11.57
N TYR E 258 3.04 -6.73 -10.36
CA TYR E 258 1.90 -6.17 -9.69
C TYR E 258 2.05 -4.70 -9.38
N LYS E 259 1.05 -3.94 -9.82
CA LYS E 259 0.90 -2.60 -9.34
C LYS E 259 0.42 -2.70 -7.90
N ILE E 260 0.81 -1.76 -7.06
CA ILE E 260 0.66 -1.92 -5.65
C ILE E 260 0.59 -0.56 -5.04
N VAL E 261 -0.40 -0.36 -4.19
CA VAL E 261 -0.46 0.83 -3.41
C VAL E 261 -0.57 0.37 -1.99
N LYS E 262 0.42 0.77 -1.20
CA LYS E 262 0.52 0.35 0.20
C LYS E 262 0.18 1.53 1.09
N LYS E 263 -0.81 1.41 1.96
CA LYS E 263 -1.13 2.50 2.87
C LYS E 263 -1.22 2.07 4.32
N GLY E 264 -0.55 0.97 4.68
CA GLY E 264 -0.64 0.43 6.03
C GLY E 264 -0.23 -1.02 6.15
N ASP E 265 0.14 -1.43 7.36
CA ASP E 265 0.55 -2.81 7.54
C ASP E 265 -0.48 -3.64 8.28
N SER E 266 -0.39 -4.96 8.16
CA SER E 266 -0.98 -5.86 9.14
C SER E 266 -0.08 -7.11 9.26
N THR E 267 -0.60 -8.31 9.05
CA THR E 267 0.13 -9.54 9.28
C THR E 267 -0.53 -10.68 8.52
N ILE E 268 0.08 -11.85 8.52
CA ILE E 268 -0.55 -13.02 7.94
C ILE E 268 -1.13 -13.82 9.07
N MET E 269 -2.41 -14.15 8.99
CA MET E 269 -3.04 -14.98 9.97
C MET E 269 -3.08 -16.41 9.53
N LYS E 270 -2.89 -17.33 10.47
CA LYS E 270 -2.99 -18.73 10.17
C LYS E 270 -4.31 -19.22 10.67
N SER E 271 -5.16 -19.69 9.77
CA SER E 271 -6.45 -20.23 10.15
C SER E 271 -6.97 -21.25 9.13
N GLU E 272 -7.79 -22.20 9.59
CA GLU E 272 -8.35 -23.20 8.71
C GLU E 272 -9.79 -22.80 8.47
N LEU E 273 -10.18 -21.65 9.02
CA LEU E 273 -11.52 -21.14 8.89
C LEU E 273 -11.84 -20.59 7.51
N GLU E 274 -13.13 -20.56 7.14
CA GLU E 274 -13.49 -19.85 5.94
C GLU E 274 -14.22 -18.54 6.15
N TYR E 275 -14.13 -17.68 5.15
CA TYR E 275 -14.86 -16.44 5.12
C TYR E 275 -16.30 -16.65 5.50
N GLY E 276 -16.83 -15.71 6.29
CA GLY E 276 -18.28 -15.60 6.52
C GLY E 276 -18.59 -14.13 6.27
N ASN E 277 -19.46 -13.83 5.33
CA ASN E 277 -19.74 -12.46 4.94
C ASN E 277 -20.19 -11.74 6.14
N CYS E 278 -19.56 -10.61 6.47
CA CYS E 278 -19.43 -10.30 7.86
C CYS E 278 -18.37 -9.25 8.15
N ASN E 279 -18.51 -8.50 9.22
CA ASN E 279 -17.54 -7.47 9.55
C ASN E 279 -17.15 -7.38 11.05
N THR E 280 -15.89 -7.06 11.35
CA THR E 280 -15.50 -6.73 12.73
C THR E 280 -14.45 -5.67 12.78
N LYS E 281 -14.16 -5.23 13.99
CA LYS E 281 -13.00 -4.40 14.24
C LYS E 281 -11.86 -5.20 14.84
N CYS E 282 -12.07 -6.51 14.97
CA CYS E 282 -11.10 -7.35 15.65
C CYS E 282 -11.31 -8.81 15.32
N GLN E 283 -10.29 -9.44 14.74
CA GLN E 283 -10.37 -10.80 14.20
C GLN E 283 -9.38 -11.75 14.84
N THR E 284 -9.64 -13.05 14.76
CA THR E 284 -8.99 -14.09 15.55
C THR E 284 -9.00 -15.35 14.71
N PRO E 285 -7.91 -16.10 14.70
CA PRO E 285 -7.90 -17.35 13.92
C PRO E 285 -9.06 -18.32 14.25
N MET E 286 -9.69 -18.12 15.40
CA MET E 286 -10.84 -18.93 15.76
C MET E 286 -12.17 -18.26 15.48
N GLY E 287 -12.10 -16.94 15.29
CA GLY E 287 -13.22 -16.18 14.78
C GLY E 287 -13.15 -14.75 15.21
N ALA E 288 -14.08 -13.95 14.71
CA ALA E 288 -14.18 -12.53 15.03
C ALA E 288 -14.73 -12.28 16.43
N ILE E 289 -14.35 -11.13 17.00
CA ILE E 289 -14.92 -10.66 18.25
C ILE E 289 -15.64 -9.32 18.10
N ASN E 290 -16.93 -9.28 18.45
CA ASN E 290 -17.68 -8.02 18.58
C ASN E 290 -17.47 -7.46 19.97
N SER E 291 -16.28 -6.88 20.16
CA SER E 291 -15.71 -6.46 21.45
C SER E 291 -16.36 -5.24 22.13
N SER E 292 -16.37 -5.23 23.45
CA SER E 292 -16.73 -4.04 24.21
C SER E 292 -15.98 -4.13 25.50
N MET E 293 -15.73 -5.36 25.90
CA MET E 293 -15.07 -5.66 27.13
C MET E 293 -13.62 -5.30 26.96
N PRO E 294 -12.92 -4.98 28.06
CA PRO E 294 -11.53 -4.61 27.86
C PRO E 294 -10.60 -5.81 27.89
N PHE E 295 -11.15 -7.01 27.98
CA PHE E 295 -10.33 -8.21 28.09
C PHE E 295 -10.97 -9.37 27.37
N HIS E 296 -10.14 -10.20 26.73
CA HIS E 296 -10.65 -11.44 26.21
C HIS E 296 -9.65 -12.55 26.45
N ASN E 297 -10.11 -13.78 26.30
CA ASN E 297 -9.26 -14.93 26.53
C ASN E 297 -9.36 -15.90 25.39
N ILE E 298 -9.79 -15.40 24.23
CA ILE E 298 -10.08 -16.27 23.08
C ILE E 298 -8.83 -16.85 22.48
N HIS E 299 -7.94 -15.95 22.05
CA HIS E 299 -6.73 -16.32 21.31
C HIS E 299 -5.70 -15.16 21.27
N PRO E 300 -4.40 -15.48 21.46
CA PRO E 300 -3.42 -14.43 21.47
C PRO E 300 -3.17 -13.75 20.10
N LEU E 301 -3.28 -14.47 18.99
CA LEU E 301 -2.84 -13.90 17.70
C LEU E 301 -3.93 -13.14 16.98
N THR E 302 -4.26 -11.96 17.49
CA THR E 302 -5.35 -11.19 16.93
C THR E 302 -4.86 -10.14 15.94
N ILE E 303 -5.82 -9.61 15.16
CA ILE E 303 -5.58 -8.51 14.22
C ILE E 303 -6.76 -7.56 14.34
N GLY E 304 -6.49 -6.31 14.65
CA GLY E 304 -7.52 -5.32 14.87
C GLY E 304 -7.38 -4.45 16.10
N GLU E 305 -8.50 -3.96 16.60
CA GLU E 305 -8.56 -3.19 17.82
C GLU E 305 -9.25 -4.07 18.80
N CYS E 306 -8.46 -4.74 19.63
CA CYS E 306 -8.97 -5.78 20.47
C CYS E 306 -8.87 -5.46 21.97
N PRO E 307 -9.72 -6.13 22.78
CA PRO E 307 -9.55 -6.24 24.21
C PRO E 307 -8.25 -6.91 24.49
N LYS E 308 -7.58 -6.51 25.54
CA LYS E 308 -6.37 -7.16 25.97
C LYS E 308 -6.60 -8.63 26.25
N TYR E 309 -5.73 -9.48 25.69
CA TYR E 309 -5.85 -10.92 25.87
C TYR E 309 -5.28 -11.29 27.21
N VAL E 310 -5.96 -12.16 27.92
CA VAL E 310 -5.71 -12.39 29.32
C VAL E 310 -5.78 -13.90 29.58
N LYS E 311 -5.14 -14.36 30.65
CA LYS E 311 -5.30 -15.75 31.02
C LYS E 311 -6.24 -15.98 32.22
N SER E 312 -7.55 -16.09 31.97
CA SER E 312 -8.53 -16.36 33.03
C SER E 312 -9.91 -16.65 32.47
N ASN E 313 -10.79 -17.18 33.31
CA ASN E 313 -12.18 -17.49 32.92
C ASN E 313 -13.15 -16.49 33.50
N ARG E 314 -12.78 -15.91 34.61
CA ARG E 314 -13.69 -15.06 35.35
C ARG E 314 -13.07 -13.71 35.55
N LEU E 315 -13.70 -12.69 35.01
CA LEU E 315 -13.48 -11.36 35.51
C LEU E 315 -14.85 -10.79 35.77
N VAL E 316 -15.37 -11.15 36.94
CA VAL E 316 -16.73 -10.84 37.28
C VAL E 316 -16.78 -9.77 38.37
N LEU E 317 -17.41 -8.67 38.02
CA LEU E 317 -17.44 -7.47 38.82
C LEU E 317 -18.77 -7.36 39.53
N ALA E 318 -18.75 -7.01 40.81
CA ALA E 318 -19.98 -6.91 41.60
C ALA E 318 -20.79 -5.65 41.27
N THR E 319 -22.04 -5.84 40.88
CA THR E 319 -22.95 -4.72 40.70
C THR E 319 -23.73 -4.52 42.01
N GLY E 320 -24.57 -5.49 42.36
CA GLY E 320 -25.41 -5.43 43.56
C GLY E 320 -24.66 -5.65 44.86
N LEU E 321 -25.33 -6.31 45.80
CA LEU E 321 -24.78 -6.50 47.16
C LEU E 321 -24.83 -7.93 47.67
N ARG E 322 -24.52 -8.11 48.95
CA ARG E 322 -24.38 -9.43 49.53
C ARG E 322 -25.73 -10.08 49.69
N ASN E 323 -26.08 -10.82 48.65
CA ASN E 323 -27.35 -11.51 48.57
C ASN E 323 -27.15 -12.96 49.05
N SER E 324 -27.17 -13.14 50.38
CA SER E 324 -26.99 -14.45 51.01
C SER E 324 -28.26 -14.92 51.73
N PRO E 325 -28.72 -16.16 51.41
CA PRO E 325 -29.96 -16.79 51.96
C PRO E 325 -30.03 -16.87 53.49
N GLY F 1 -19.46 -8.01 56.10
CA GLY F 1 -19.64 -6.55 55.87
C GLY F 1 -19.05 -5.66 56.96
N LEU F 2 -18.17 -4.74 56.53
CA LEU F 2 -17.37 -3.88 57.44
C LEU F 2 -18.07 -2.83 58.30
N PHE F 3 -19.21 -2.32 57.86
CA PHE F 3 -19.83 -1.18 58.54
C PHE F 3 -20.92 -1.57 59.56
N GLY F 4 -20.88 -2.84 60.00
CA GLY F 4 -21.82 -3.40 60.98
C GLY F 4 -23.19 -3.64 60.40
N ALA F 5 -23.28 -3.60 59.08
CA ALA F 5 -24.55 -3.60 58.37
C ALA F 5 -25.01 -5.02 58.03
N ILE F 6 -24.33 -5.63 57.06
CA ILE F 6 -24.68 -6.94 56.51
C ILE F 6 -24.29 -8.11 57.44
N ALA F 7 -22.99 -8.23 57.74
CA ALA F 7 -22.51 -9.19 58.76
C ALA F 7 -22.82 -8.75 60.22
N GLY F 8 -23.38 -7.55 60.38
CA GLY F 8 -23.62 -6.96 61.72
C GLY F 8 -25.09 -6.97 62.14
N PHE F 9 -25.56 -5.82 62.65
CA PHE F 9 -26.90 -5.70 63.28
C PHE F 9 -28.08 -6.15 62.42
N ILE F 10 -28.03 -5.82 61.13
CA ILE F 10 -29.05 -6.31 60.19
C ILE F 10 -28.61 -7.68 59.65
N GLU F 11 -29.06 -8.73 60.35
CA GLU F 11 -28.82 -10.09 59.92
C GLU F 11 -29.83 -10.43 58.83
N GLY F 12 -29.32 -10.66 57.63
CA GLY F 12 -30.16 -10.95 56.48
C GLY F 12 -30.83 -9.73 55.88
N GLY F 13 -30.96 -9.71 54.56
CA GLY F 13 -31.66 -8.64 53.87
C GLY F 13 -32.99 -9.13 53.38
N TRP F 14 -34.00 -8.27 53.46
CA TRP F 14 -35.37 -8.63 53.07
C TRP F 14 -35.50 -8.96 51.56
N GLN F 15 -35.86 -10.21 51.28
CA GLN F 15 -36.21 -10.64 49.93
C GLN F 15 -37.56 -10.09 49.53
N GLY F 16 -38.43 -9.89 50.52
CA GLY F 16 -39.75 -9.29 50.30
C GLY F 16 -39.74 -7.96 49.57
N MET F 17 -38.58 -7.32 49.49
CA MET F 17 -38.45 -6.02 48.84
C MET F 17 -37.91 -6.16 47.43
N VAL F 18 -38.72 -5.73 46.45
CA VAL F 18 -38.32 -5.71 45.04
C VAL F 18 -38.05 -4.28 44.57
N ASP F 19 -38.66 -3.30 45.26
CA ASP F 19 -38.60 -1.89 44.95
C ASP F 19 -37.22 -1.36 44.57
N GLY F 20 -36.21 -1.67 45.39
CA GLY F 20 -34.87 -1.18 45.11
C GLY F 20 -33.78 -2.02 45.74
N TRP F 21 -32.75 -1.35 46.25
CA TRP F 21 -31.66 -2.03 46.88
C TRP F 21 -31.66 -1.84 48.38
N TYR F 22 -32.12 -0.67 48.82
CA TYR F 22 -32.20 -0.36 50.23
C TYR F 22 -33.61 0.12 50.54
N GLY F 23 -34.03 -0.06 51.78
CA GLY F 23 -35.38 0.38 52.15
C GLY F 23 -35.82 0.18 53.59
N TYR F 24 -37.11 0.36 53.81
CA TYR F 24 -37.69 0.31 55.12
C TYR F 24 -38.70 -0.80 55.20
N HIS F 25 -39.05 -1.20 56.42
CA HIS F 25 -40.12 -2.13 56.67
C HIS F 25 -40.82 -1.70 57.94
N HIS F 26 -42.03 -1.18 57.77
CA HIS F 26 -42.86 -0.70 58.88
C HIS F 26 -43.78 -1.80 59.44
N SER F 27 -44.16 -1.64 60.70
CA SER F 27 -45.21 -2.45 61.30
C SER F 27 -46.07 -1.59 62.22
N ASN F 28 -46.84 -0.69 61.61
CA ASN F 28 -47.75 0.23 62.31
C ASN F 28 -49.13 -0.39 62.57
N GLU F 29 -50.05 0.42 63.09
CA GLU F 29 -51.36 -0.09 63.49
C GLU F 29 -52.33 -0.32 62.32
N GLN F 30 -51.94 0.11 61.12
CA GLN F 30 -52.71 -0.20 59.91
C GLN F 30 -52.39 -1.59 59.40
N GLY F 31 -51.10 -1.84 59.20
CA GLY F 31 -50.60 -3.13 58.74
C GLY F 31 -49.09 -3.07 58.74
N SER F 32 -48.49 -3.64 57.70
CA SER F 32 -47.04 -3.60 57.52
C SER F 32 -46.65 -3.68 56.05
N GLY F 33 -45.44 -3.24 55.73
CA GLY F 33 -44.97 -3.22 54.34
C GLY F 33 -43.60 -2.62 54.15
N TYR F 34 -43.08 -2.74 52.94
CA TYR F 34 -41.75 -2.23 52.59
C TYR F 34 -41.73 -1.47 51.27
N ALA F 35 -41.44 -0.18 51.35
CA ALA F 35 -41.21 0.66 50.18
C ALA F 35 -39.75 1.12 50.21
N ALA F 36 -39.02 0.82 49.14
CA ALA F 36 -37.58 1.13 49.07
C ALA F 36 -37.28 2.62 49.04
N ASP F 37 -36.07 2.99 49.47
CA ASP F 37 -35.63 4.37 49.40
C ASP F 37 -35.07 4.66 48.01
N LYS F 38 -35.27 5.88 47.52
CA LYS F 38 -35.02 6.16 46.11
C LYS F 38 -33.76 6.95 45.81
N GLU F 39 -33.53 8.08 46.51
CA GLU F 39 -32.31 8.86 46.29
C GLU F 39 -31.08 8.05 46.60
N SER F 40 -31.15 7.27 47.68
CA SER F 40 -30.10 6.36 48.05
C SER F 40 -29.89 5.30 46.97
N THR F 41 -30.92 4.50 46.71
CA THR F 41 -30.81 3.43 45.70
C THR F 41 -30.35 3.98 44.36
N GLN F 42 -30.90 5.13 43.97
CA GLN F 42 -30.51 5.79 42.73
C GLN F 42 -29.06 6.20 42.70
N LYS F 43 -28.57 6.81 43.77
CA LYS F 43 -27.17 7.24 43.81
C LYS F 43 -26.21 6.06 43.73
N ALA F 44 -26.64 4.92 44.26
CA ALA F 44 -25.86 3.69 44.21
C ALA F 44 -25.79 3.13 42.79
N ILE F 45 -26.94 2.88 42.18
CA ILE F 45 -26.98 2.41 40.80
C ILE F 45 -26.05 3.27 39.98
N ASP F 46 -26.21 4.59 40.07
CA ASP F 46 -25.32 5.53 39.39
C ASP F 46 -23.85 5.17 39.61
N GLY F 47 -23.48 5.08 40.89
CA GLY F 47 -22.12 4.78 41.30
C GLY F 47 -21.58 3.48 40.72
N VAL F 48 -22.33 2.39 40.90
CA VAL F 48 -21.89 1.09 40.43
C VAL F 48 -21.74 1.07 38.91
N THR F 49 -22.79 1.47 38.20
CA THR F 49 -22.72 1.62 36.76
C THR F 49 -21.44 2.37 36.36
N ASN F 50 -21.24 3.53 36.98
CA ASN F 50 -20.11 4.37 36.70
C ASN F 50 -18.76 3.64 36.83
N LYS F 51 -18.63 2.88 37.91
CA LYS F 51 -17.45 2.08 38.18
C LYS F 51 -17.25 1.10 37.06
N VAL F 52 -18.32 0.39 36.71
CA VAL F 52 -18.24 -0.59 35.64
C VAL F 52 -17.77 0.10 34.38
N ASN F 53 -18.39 1.23 34.05
CA ASN F 53 -18.08 1.94 32.82
C ASN F 53 -16.66 2.43 32.77
N SER F 54 -16.24 3.17 33.78
CA SER F 54 -14.89 3.68 33.76
C SER F 54 -13.88 2.54 33.60
N ILE F 55 -14.11 1.41 34.28
CA ILE F 55 -13.24 0.23 34.09
C ILE F 55 -13.19 -0.21 32.62
N ILE F 56 -14.29 -0.01 31.91
CA ILE F 56 -14.34 -0.32 30.50
C ILE F 56 -13.77 0.82 29.67
N ASP F 57 -14.27 2.02 29.93
CA ASP F 57 -13.97 3.17 29.10
C ASP F 57 -12.54 3.70 29.18
N LYS F 58 -11.86 3.42 30.27
CA LYS F 58 -10.53 3.98 30.44
C LYS F 58 -9.46 3.22 29.64
N MET F 59 -9.81 2.05 29.16
CA MET F 59 -8.88 1.43 28.25
C MET F 59 -8.96 1.89 26.85
N ASN F 60 -10.12 2.42 26.47
CA ASN F 60 -10.35 3.08 25.14
C ASN F 60 -9.10 3.57 24.38
N THR F 61 -7.92 3.38 25.00
CA THR F 61 -6.71 3.11 24.23
C THR F 61 -6.59 1.61 24.11
N GLN F 62 -7.02 1.17 22.96
CA GLN F 62 -6.26 0.16 22.27
C GLN F 62 -6.49 0.51 20.79
N PHE F 63 -5.65 -0.07 19.94
CA PHE F 63 -5.58 0.30 18.56
C PHE F 63 -5.02 -0.85 17.77
N GLU F 64 -4.75 -0.61 16.51
CA GLU F 64 -4.46 -1.67 15.59
C GLU F 64 -3.19 -2.44 15.98
N ALA F 65 -3.22 -3.79 15.96
CA ALA F 65 -2.02 -4.64 16.15
C ALA F 65 -2.10 -6.03 15.43
N VAL F 66 -1.29 -7.08 15.80
CA VAL F 66 -1.11 -8.38 14.99
C VAL F 66 -0.57 -9.77 15.59
N GLY F 67 -0.47 -10.80 14.71
CA GLY F 67 0.17 -12.16 14.90
C GLY F 67 1.66 -12.33 14.49
N ARG F 68 2.14 -13.45 13.88
CA ARG F 68 3.65 -13.88 13.96
C ARG F 68 4.55 -14.56 12.76
N GLU F 69 5.80 -14.10 12.60
CA GLU F 69 6.36 -13.70 11.28
C GLU F 69 7.87 -13.92 10.97
N PHE F 70 8.58 -14.71 11.75
CA PHE F 70 10.00 -14.91 11.49
C PHE F 70 10.31 -16.33 11.04
N ASN F 71 11.32 -16.47 10.18
CA ASN F 71 11.73 -17.77 9.68
C ASN F 71 12.60 -18.43 10.71
N ASN F 72 13.00 -19.65 10.45
CA ASN F 72 13.71 -20.33 11.44
C ASN F 72 15.21 -20.10 11.42
N LEU F 73 15.68 -19.10 10.69
CA LEU F 73 16.97 -18.56 11.01
C LEU F 73 16.86 -17.25 11.77
N GLU F 74 15.69 -16.97 12.31
CA GLU F 74 15.48 -15.74 13.04
C GLU F 74 14.89 -16.10 14.35
N ARG F 75 15.44 -17.12 14.99
CA ARG F 75 14.77 -17.65 16.13
C ARG F 75 14.99 -16.80 17.34
N ARG F 76 16.18 -16.21 17.46
CA ARG F 76 16.42 -15.28 18.53
C ARG F 76 15.39 -14.13 18.60
N ILE F 77 14.81 -13.77 17.48
CA ILE F 77 14.00 -12.58 17.42
C ILE F 77 12.61 -13.04 17.74
N GLU F 78 12.30 -14.23 17.26
CA GLU F 78 11.04 -14.89 17.55
C GLU F 78 10.95 -15.05 19.06
N ASN F 79 12.07 -15.32 19.70
CA ASN F 79 12.06 -15.45 21.11
C ASN F 79 11.85 -14.08 21.74
N LEU F 80 12.49 -13.07 21.16
CA LEU F 80 12.32 -11.71 21.61
C LEU F 80 10.86 -11.34 21.64
N ASN F 81 10.17 -11.60 20.53
CA ASN F 81 8.76 -11.30 20.45
C ASN F 81 7.95 -12.10 21.49
N LYS F 82 8.22 -13.40 21.61
CA LYS F 82 7.56 -14.25 22.58
C LYS F 82 7.63 -13.56 23.89
N LYS F 83 8.85 -13.29 24.34
CA LYS F 83 9.02 -12.67 25.66
C LYS F 83 8.08 -11.49 25.82
N MET F 84 8.08 -10.60 24.87
CA MET F 84 7.28 -9.44 24.95
C MET F 84 5.79 -9.76 25.07
N GLU F 85 5.26 -10.53 24.14
CA GLU F 85 3.90 -11.02 24.26
C GLU F 85 3.61 -11.66 25.60
N ASP F 86 4.44 -12.61 25.97
CA ASP F 86 4.34 -13.28 27.23
C ASP F 86 4.31 -12.24 28.36
N GLY F 87 5.23 -11.29 28.36
CA GLY F 87 5.32 -10.29 29.41
C GLY F 87 4.09 -9.42 29.51
N PHE F 88 3.50 -9.07 28.38
CA PHE F 88 2.27 -8.31 28.45
C PHE F 88 1.16 -9.17 29.02
N LEU F 89 1.13 -10.45 28.66
CA LEU F 89 0.08 -11.32 29.14
C LEU F 89 0.16 -11.39 30.67
N ASP F 90 1.39 -11.38 31.18
CA ASP F 90 1.57 -11.54 32.60
C ASP F 90 1.12 -10.24 33.27
N VAL F 91 1.34 -9.12 32.61
CA VAL F 91 0.92 -7.86 33.20
C VAL F 91 -0.58 -7.74 33.26
N TRP F 92 -1.21 -7.84 32.09
CA TRP F 92 -2.65 -7.69 32.00
C TRP F 92 -3.38 -8.72 32.86
N THR F 93 -2.97 -9.96 32.77
CA THR F 93 -3.60 -11.02 33.54
C THR F 93 -3.59 -10.67 35.02
N TYR F 94 -2.43 -10.27 35.54
CA TYR F 94 -2.29 -9.94 36.95
C TYR F 94 -3.10 -8.73 37.38
N ASN F 95 -2.96 -7.62 36.66
CA ASN F 95 -3.76 -6.44 36.92
C ASN F 95 -5.27 -6.69 36.90
N ALA F 96 -5.77 -7.23 35.82
CA ALA F 96 -7.19 -7.46 35.69
C ALA F 96 -7.72 -8.25 36.89
N GLU F 97 -7.06 -9.35 37.22
CA GLU F 97 -7.49 -10.21 38.31
C GLU F 97 -7.53 -9.45 39.62
N LEU F 98 -6.47 -8.71 39.94
CA LEU F 98 -6.42 -7.94 41.19
C LEU F 98 -7.33 -6.73 41.15
N LEU F 99 -7.52 -6.15 39.98
CA LEU F 99 -8.43 -5.04 39.89
C LEU F 99 -9.81 -5.49 40.33
N VAL F 100 -10.29 -6.54 39.70
CA VAL F 100 -11.56 -7.10 40.06
C VAL F 100 -11.62 -7.42 41.54
N LEU F 101 -10.61 -8.11 42.06
CA LEU F 101 -10.62 -8.47 43.49
C LEU F 101 -10.79 -7.27 44.39
N MET F 102 -10.00 -6.23 44.14
CA MET F 102 -9.97 -5.03 44.96
C MET F 102 -11.26 -4.26 44.87
N GLU F 103 -11.73 -4.11 43.64
CA GLU F 103 -12.94 -3.32 43.41
C GLU F 103 -14.20 -4.04 43.85
N ASN F 104 -14.25 -5.35 43.72
CA ASN F 104 -15.31 -6.12 44.32
C ASN F 104 -15.38 -5.84 45.82
N GLU F 105 -14.25 -5.88 46.50
CA GLU F 105 -14.25 -5.62 47.92
C GLU F 105 -14.85 -4.25 48.23
N ARG F 106 -14.36 -3.24 47.53
CA ARG F 106 -14.83 -1.87 47.77
C ARG F 106 -16.32 -1.71 47.50
N THR F 107 -16.84 -2.53 46.61
CA THR F 107 -18.22 -2.46 46.23
C THR F 107 -19.08 -2.92 47.40
N LEU F 108 -18.72 -4.07 47.98
CA LEU F 108 -19.54 -4.67 49.03
C LEU F 108 -19.50 -3.85 50.31
N ASP F 109 -18.42 -3.09 50.46
CA ASP F 109 -18.28 -2.17 51.56
C ASP F 109 -19.08 -0.91 51.29
N PHE F 110 -19.13 -0.50 50.03
CA PHE F 110 -19.87 0.67 49.61
C PHE F 110 -21.34 0.52 49.96
N HIS F 111 -21.87 -0.69 49.77
CA HIS F 111 -23.26 -1.02 50.14
C HIS F 111 -23.49 -0.98 51.65
N ASP F 112 -22.62 -1.64 52.40
CA ASP F 112 -22.64 -1.59 53.86
C ASP F 112 -22.65 -0.15 54.37
N SER F 113 -21.79 0.68 53.78
CA SER F 113 -21.69 2.10 54.13
C SER F 113 -23.04 2.79 54.00
N ASN F 114 -23.67 2.65 52.84
CA ASN F 114 -24.93 3.30 52.56
C ASN F 114 -26.04 2.85 53.50
N VAL F 115 -26.09 1.54 53.76
CA VAL F 115 -27.03 1.00 54.73
C VAL F 115 -26.89 1.72 56.08
N LYS F 116 -25.68 1.76 56.61
CA LYS F 116 -25.40 2.46 57.85
C LYS F 116 -25.72 3.94 57.77
N ASN F 117 -25.49 4.55 56.60
CA ASN F 117 -25.90 5.94 56.36
C ASN F 117 -27.37 6.11 56.57
N LEU F 118 -28.14 5.20 55.95
CA LEU F 118 -29.59 5.25 56.01
C LEU F 118 -30.08 5.00 57.41
N TYR F 119 -29.48 4.02 58.06
CA TYR F 119 -29.77 3.74 59.46
C TYR F 119 -29.58 4.99 60.32
N ASP F 120 -28.45 5.66 60.13
CA ASP F 120 -28.07 6.80 60.97
C ASP F 120 -28.87 8.06 60.66
N LYS F 121 -29.35 8.17 59.41
CA LYS F 121 -30.23 9.27 59.04
C LYS F 121 -31.56 9.21 59.78
N VAL F 122 -32.14 8.02 59.79
CA VAL F 122 -33.36 7.77 60.53
C VAL F 122 -33.12 8.02 62.00
N ARG F 123 -32.06 7.40 62.53
CA ARG F 123 -31.72 7.49 63.94
C ARG F 123 -31.69 8.93 64.45
N LEU F 124 -31.00 9.80 63.73
CA LEU F 124 -30.79 11.19 64.16
C LEU F 124 -32.06 12.04 64.04
N GLN F 125 -32.85 11.76 63.00
CA GLN F 125 -34.08 12.47 62.72
C GLN F 125 -35.04 12.44 63.89
N LEU F 126 -34.93 11.37 64.69
CA LEU F 126 -35.82 11.14 65.81
C LEU F 126 -35.07 10.62 67.04
N ARG F 127 -34.38 11.53 67.73
CA ARG F 127 -33.49 11.18 68.84
C ARG F 127 -34.11 10.24 69.88
N ASP F 128 -34.74 10.79 70.92
CA ASP F 128 -35.32 9.95 71.98
C ASP F 128 -36.85 9.85 71.89
N ASN F 129 -37.39 10.12 70.71
CA ASN F 129 -38.81 9.86 70.41
C ASN F 129 -38.99 8.42 69.92
N ALA F 130 -37.89 7.65 69.95
CA ALA F 130 -37.85 6.25 69.51
C ALA F 130 -36.80 5.42 70.24
N LYS F 131 -37.04 4.10 70.29
CA LYS F 131 -36.18 3.13 70.96
C LYS F 131 -35.27 2.41 69.98
N GLU F 132 -34.00 2.25 70.33
CA GLU F 132 -33.05 1.56 69.46
C GLU F 132 -32.93 0.08 69.77
N LEU F 133 -33.66 -0.75 69.03
CA LEU F 133 -33.78 -2.18 69.29
C LEU F 133 -32.47 -2.96 69.15
N GLY F 134 -31.68 -2.65 68.13
CA GLY F 134 -30.43 -3.36 67.87
C GLY F 134 -30.49 -4.37 66.74
N ASN F 135 -31.69 -4.61 66.23
CA ASN F 135 -31.90 -5.50 65.08
C ASN F 135 -31.77 -4.70 63.79
N GLY F 136 -31.35 -3.45 63.92
CA GLY F 136 -31.38 -2.49 62.83
C GLY F 136 -32.76 -1.89 62.78
N CYS F 137 -33.49 -2.03 63.89
CA CYS F 137 -34.89 -1.62 63.99
C CYS F 137 -35.11 -0.56 65.04
N PHE F 138 -36.08 0.30 64.79
CA PHE F 138 -36.47 1.33 65.74
C PHE F 138 -37.91 1.12 66.21
N GLU F 139 -38.15 1.23 67.53
CA GLU F 139 -39.52 1.28 68.08
C GLU F 139 -39.90 2.69 68.56
N PHE F 140 -41.06 3.16 68.12
CA PHE F 140 -41.58 4.49 68.46
C PHE F 140 -42.09 4.54 69.91
N TYR F 141 -41.69 5.60 70.61
CA TYR F 141 -42.22 5.91 71.93
C TYR F 141 -43.69 6.30 71.85
N HIS F 142 -44.10 6.79 70.69
CA HIS F 142 -45.48 7.16 70.43
C HIS F 142 -46.12 6.22 69.41
N LYS F 143 -47.39 6.44 69.13
CA LYS F 143 -48.10 5.70 68.09
C LYS F 143 -47.81 6.35 66.72
N CYS F 144 -47.97 5.58 65.66
CA CYS F 144 -47.66 6.06 64.30
C CYS F 144 -48.48 5.32 63.23
N ASP F 145 -48.71 6.01 62.11
CA ASP F 145 -49.51 5.51 61.00
C ASP F 145 -48.75 5.56 59.67
N ASN F 146 -49.47 5.35 58.57
CA ASN F 146 -48.87 5.34 57.24
C ASN F 146 -48.40 6.72 56.76
N GLU F 147 -49.28 7.71 56.82
CA GLU F 147 -48.94 9.10 56.49
C GLU F 147 -47.84 9.62 57.40
N CYS F 148 -47.77 9.06 58.60
CA CYS F 148 -46.78 9.38 59.61
C CYS F 148 -45.37 9.04 59.12
N MET F 149 -45.23 7.94 58.41
CA MET F 149 -43.93 7.44 58.00
C MET F 149 -43.43 8.03 56.69
N GLU F 150 -44.28 8.80 56.02
CA GLU F 150 -43.90 9.53 54.81
C GLU F 150 -42.83 10.58 55.10
N SER F 151 -43.07 11.38 56.15
CA SER F 151 -42.11 12.40 56.60
C SER F 151 -40.81 11.75 57.08
N VAL F 152 -40.93 10.53 57.61
CA VAL F 152 -39.78 9.74 58.04
C VAL F 152 -38.85 9.43 56.87
N ARG F 153 -39.42 8.96 55.75
CA ARG F 153 -38.67 8.81 54.51
C ARG F 153 -38.27 10.18 53.96
N ASN F 154 -39.23 11.09 53.86
CA ASN F 154 -38.99 12.47 53.40
C ASN F 154 -37.75 13.12 54.02
N GLY F 155 -37.60 12.93 55.34
CA GLY F 155 -36.65 13.69 56.12
C GLY F 155 -37.33 14.88 56.77
N THR F 156 -38.65 14.80 56.89
CA THR F 156 -39.46 15.88 57.50
C THR F 156 -40.16 15.41 58.78
N TYR F 157 -39.52 14.54 59.55
CA TYR F 157 -40.03 14.14 60.86
C TYR F 157 -39.85 15.27 61.87
N ASP F 158 -40.93 15.62 62.58
CA ASP F 158 -40.89 16.72 63.54
C ASP F 158 -40.76 16.22 64.97
N TYR F 159 -39.58 16.47 65.55
CA TYR F 159 -39.22 16.03 66.89
C TYR F 159 -40.07 16.67 68.01
N PRO F 160 -40.16 18.03 68.03
CA PRO F 160 -40.88 18.71 69.13
C PRO F 160 -42.39 18.44 69.18
N GLN F 161 -42.90 17.70 68.18
CA GLN F 161 -44.32 17.36 68.15
C GLN F 161 -44.66 16.23 69.12
N TYR F 162 -43.95 15.11 69.00
CA TYR F 162 -44.30 13.90 69.73
C TYR F 162 -43.33 13.65 70.88
N SER F 163 -42.60 14.71 71.23
CA SER F 163 -41.59 14.68 72.29
C SER F 163 -42.19 14.40 73.67
N GLU F 164 -43.18 15.20 74.09
CA GLU F 164 -43.78 15.05 75.42
C GLU F 164 -44.71 13.82 75.53
N GLU F 165 -45.13 13.30 74.39
CA GLU F 165 -45.87 12.04 74.32
C GLU F 165 -44.93 10.87 74.56
N ALA F 166 -43.70 11.02 74.06
CA ALA F 166 -42.60 10.08 74.29
C ALA F 166 -42.06 10.22 75.72
N ARG F 167 -41.76 11.46 76.13
CA ARG F 167 -41.18 11.82 77.45
C ARG F 167 -41.94 11.25 78.64
N LEU F 168 -43.27 11.40 78.64
CA LEU F 168 -44.12 10.80 79.65
C LEU F 168 -44.20 9.26 79.47
N LYS F 169 -44.36 8.81 78.22
CA LYS F 169 -44.36 7.38 77.89
C LYS F 169 -43.03 6.67 78.22
N ARG F 170 -41.96 7.46 78.36
CA ARG F 170 -40.63 6.97 78.71
C ARG F 170 -40.48 6.67 80.20
N GLU F 171 -41.03 7.57 81.02
CA GLU F 171 -41.01 7.44 82.49
C GLU F 171 -41.94 6.33 82.98
N GLU F 172 -42.98 6.05 82.20
CA GLU F 172 -43.95 4.99 82.50
C GLU F 172 -43.30 3.62 82.45
N ILE F 173 -42.38 3.45 81.52
CA ILE F 173 -41.62 2.21 81.36
C ILE F 173 -40.52 2.14 82.42
N SER F 174 -40.04 3.29 82.86
CA SER F 174 -38.96 3.38 83.85
C SER F 174 -39.43 2.93 85.24
N SER F 175 -38.88 1.82 85.72
CA SER F 175 -39.24 1.25 87.02
C SER F 175 -40.70 0.84 87.07
N GLY G 4 21.14 -12.47 -124.20
CA GLY G 4 21.16 -13.32 -122.98
C GLY G 4 19.77 -13.52 -122.39
N ASP G 5 19.72 -14.15 -121.21
CA ASP G 5 18.45 -14.52 -120.56
C ASP G 5 18.32 -13.87 -119.17
N GLN G 6 17.10 -13.60 -118.73
CA GLN G 6 16.89 -12.86 -117.49
C GLN G 6 16.07 -13.58 -116.43
N ILE G 7 16.32 -13.20 -115.18
CA ILE G 7 15.41 -13.40 -114.06
C ILE G 7 15.41 -12.08 -113.30
N CYS G 8 14.22 -11.64 -112.91
CA CYS G 8 14.05 -10.44 -112.09
C CYS G 8 13.27 -10.72 -110.81
N ILE G 9 13.79 -10.22 -109.68
CA ILE G 9 13.09 -10.33 -108.40
C ILE G 9 12.22 -9.10 -108.22
N GLY G 10 10.94 -9.34 -107.92
CA GLY G 10 9.99 -8.27 -107.62
C GLY G 10 9.06 -8.64 -106.48
N TYR G 11 8.20 -7.71 -106.13
CA TYR G 11 7.26 -7.91 -105.03
C TYR G 11 5.83 -7.68 -105.49
N HIS G 12 4.87 -8.11 -104.67
CA HIS G 12 3.44 -8.01 -105.01
C HIS G 12 2.96 -6.56 -105.07
N ALA G 13 1.86 -6.36 -105.79
CA ALA G 13 1.17 -5.10 -105.84
C ALA G 13 -0.23 -5.38 -106.32
N ASN G 14 -1.23 -4.83 -105.64
CA ASN G 14 -2.62 -5.03 -106.01
C ASN G 14 -3.38 -3.71 -106.13
N ASN G 15 -4.69 -3.77 -106.29
CA ASN G 15 -5.50 -2.57 -106.43
C ASN G 15 -5.97 -1.98 -105.08
N SER G 16 -5.17 -2.15 -104.04
CA SER G 16 -5.47 -1.60 -102.70
C SER G 16 -5.11 -0.13 -102.58
N THR G 17 -5.95 0.61 -101.87
CA THR G 17 -5.72 2.03 -101.64
C THR G 17 -5.79 2.37 -100.15
N GLU G 18 -5.73 1.34 -99.31
CA GLU G 18 -5.72 1.55 -97.88
C GLU G 18 -4.38 2.07 -97.39
N GLN G 19 -4.42 3.25 -96.78
CA GLN G 19 -3.23 3.90 -96.26
C GLN G 19 -2.92 3.49 -94.83
N VAL G 20 -1.67 3.68 -94.45
CA VAL G 20 -1.13 3.33 -93.14
C VAL G 20 -0.10 4.37 -92.77
N ASP G 21 0.08 4.58 -91.45
CA ASP G 21 1.10 5.49 -90.94
C ASP G 21 2.29 4.82 -90.27
N THR G 22 3.42 5.51 -90.32
CA THR G 22 4.70 5.02 -89.83
C THR G 22 5.31 6.09 -88.95
N ILE G 23 6.14 5.70 -88.00
CA ILE G 23 6.93 6.61 -87.19
C ILE G 23 7.57 7.76 -88.00
N MET G 24 7.92 7.48 -89.26
CA MET G 24 8.65 8.40 -90.13
C MET G 24 7.88 8.83 -91.37
N GLU G 25 6.77 8.15 -91.65
CA GLU G 25 6.00 8.42 -92.85
C GLU G 25 4.51 8.42 -92.63
N LYS G 26 3.85 9.33 -93.32
CA LYS G 26 2.40 9.42 -93.28
C LYS G 26 1.78 8.99 -94.62
N ASN G 27 0.51 8.59 -94.57
CA ASN G 27 -0.30 8.24 -95.75
C ASN G 27 0.38 7.26 -96.69
N VAL G 28 0.86 6.14 -96.17
CA VAL G 28 1.55 5.15 -96.98
C VAL G 28 0.57 4.08 -97.50
N THR G 29 0.52 3.92 -98.82
CA THR G 29 -0.38 2.95 -99.46
C THR G 29 0.15 1.54 -99.29
N VAL G 30 -0.76 0.63 -98.96
CA VAL G 30 -0.37 -0.68 -98.48
C VAL G 30 -1.19 -1.77 -99.15
N THR G 31 -0.60 -2.95 -99.26
CA THR G 31 -1.23 -4.09 -99.90
C THR G 31 -2.38 -4.62 -99.09
N HIS G 32 -2.14 -4.90 -97.81
CA HIS G 32 -3.15 -5.42 -96.90
C HIS G 32 -2.97 -4.76 -95.57
N ALA G 33 -4.08 -4.56 -94.86
CA ALA G 33 -4.02 -3.93 -93.55
C ALA G 33 -5.08 -4.47 -92.57
N GLN G 34 -4.84 -4.26 -91.29
CA GLN G 34 -5.69 -4.82 -90.27
C GLN G 34 -6.03 -3.74 -89.23
N ASP G 35 -7.33 -3.46 -89.04
CA ASP G 35 -7.72 -2.52 -88.00
C ASP G 35 -7.70 -3.20 -86.63
N ILE G 36 -7.08 -2.52 -85.69
CA ILE G 36 -6.86 -3.00 -84.34
C ILE G 36 -7.91 -2.45 -83.38
N LEU G 37 -8.64 -1.44 -83.85
CA LEU G 37 -9.51 -0.65 -83.00
C LEU G 37 -10.96 -0.97 -83.24
N GLU G 38 -11.67 -1.40 -82.19
CA GLU G 38 -13.07 -1.71 -82.34
C GLU G 38 -13.91 -0.46 -82.36
N LYS G 39 -14.84 -0.40 -83.30
CA LYS G 39 -15.72 0.75 -83.44
C LYS G 39 -17.19 0.33 -83.53
N LYS G 40 -17.46 -0.97 -83.61
CA LYS G 40 -18.85 -1.46 -83.80
C LYS G 40 -19.50 -1.91 -82.50
N HIS G 41 -20.66 -1.36 -82.21
CA HIS G 41 -21.48 -1.85 -81.13
C HIS G 41 -22.83 -2.21 -81.74
N ASN G 42 -23.71 -2.81 -80.95
CA ASN G 42 -24.98 -3.26 -81.49
C ASN G 42 -26.20 -2.54 -80.95
N GLY G 43 -25.97 -1.45 -80.23
CA GLY G 43 -27.04 -0.55 -79.83
C GLY G 43 -28.14 -1.12 -78.95
N LYS G 44 -27.90 -2.28 -78.37
CA LYS G 44 -28.80 -2.77 -77.35
C LYS G 44 -28.10 -3.19 -76.06
N LEU G 45 -28.90 -3.41 -75.01
CA LEU G 45 -28.41 -3.90 -73.71
C LEU G 45 -28.53 -5.40 -73.63
N CYS G 46 -27.50 -6.06 -73.13
CA CYS G 46 -27.46 -7.52 -73.15
C CYS G 46 -27.06 -8.11 -71.85
N ASP G 47 -27.33 -9.41 -71.72
CA ASP G 47 -26.85 -10.20 -70.60
C ASP G 47 -25.34 -10.13 -70.52
N LEU G 48 -24.82 -10.12 -69.30
CA LEU G 48 -23.40 -10.32 -69.12
C LEU G 48 -23.20 -11.76 -68.79
N ASP G 49 -22.44 -12.41 -69.64
CA ASP G 49 -22.22 -13.83 -69.53
C ASP G 49 -23.50 -14.58 -69.21
N GLY G 50 -24.51 -14.39 -70.06
CA GLY G 50 -25.80 -15.06 -69.91
C GLY G 50 -26.55 -14.74 -68.61
N VAL G 51 -26.31 -13.57 -68.03
CA VAL G 51 -27.11 -13.14 -66.90
C VAL G 51 -27.69 -11.78 -67.22
N LYS G 52 -29.02 -11.69 -67.23
CA LYS G 52 -29.73 -10.45 -67.62
C LYS G 52 -29.40 -9.29 -66.70
N PRO G 53 -29.49 -8.08 -67.24
CA PRO G 53 -29.44 -6.94 -66.36
C PRO G 53 -30.83 -6.69 -65.74
N LEU G 54 -30.84 -5.91 -64.65
CA LEU G 54 -32.05 -5.33 -64.08
C LEU G 54 -32.25 -3.96 -64.69
N ILE G 55 -33.27 -3.79 -65.52
CA ILE G 55 -33.55 -2.54 -66.18
C ILE G 55 -34.74 -1.86 -65.54
N LEU G 56 -34.47 -0.89 -64.65
CA LEU G 56 -35.54 -0.13 -64.02
C LEU G 56 -35.94 0.83 -65.08
N ARG G 57 -37.22 1.02 -65.37
CA ARG G 57 -37.51 1.81 -66.59
C ARG G 57 -37.50 3.28 -66.23
N ASP G 58 -38.52 3.68 -65.50
CA ASP G 58 -38.64 5.04 -65.09
C ASP G 58 -38.39 5.20 -63.62
N CYS G 59 -37.82 4.19 -62.99
CA CYS G 59 -37.59 4.23 -61.55
C CYS G 59 -36.16 4.29 -61.15
N SER G 60 -35.93 5.07 -60.12
CA SER G 60 -34.71 4.99 -59.34
C SER G 60 -34.75 3.72 -58.53
N VAL G 61 -33.58 3.33 -58.07
CA VAL G 61 -33.51 2.19 -57.21
C VAL G 61 -34.35 2.38 -55.95
N ALA G 62 -34.20 3.55 -55.35
CA ALA G 62 -35.02 3.89 -54.21
C ALA G 62 -36.48 3.63 -54.58
N GLY G 63 -36.91 4.23 -55.68
CA GLY G 63 -38.30 4.14 -56.11
C GLY G 63 -38.73 2.69 -56.17
N TRP G 64 -37.86 1.84 -56.67
CA TRP G 64 -38.16 0.46 -56.86
C TRP G 64 -38.21 -0.27 -55.53
N LEU G 65 -37.29 0.09 -54.64
CA LEU G 65 -37.11 -0.75 -53.46
C LEU G 65 -38.22 -0.52 -52.50
N LEU G 66 -38.43 0.75 -52.19
CA LEU G 66 -39.65 1.17 -51.55
C LEU G 66 -40.73 0.96 -52.59
N GLY G 67 -41.95 0.75 -52.19
CA GLY G 67 -42.86 0.50 -53.27
C GLY G 67 -43.42 1.76 -53.88
N ASN G 68 -42.68 2.44 -54.74
CA ASN G 68 -43.28 3.65 -55.34
C ASN G 68 -44.46 3.20 -56.19
N PRO G 69 -45.66 3.76 -55.95
CA PRO G 69 -46.86 3.25 -56.59
C PRO G 69 -46.76 3.19 -58.09
N MET G 70 -45.98 4.08 -58.69
CA MET G 70 -45.88 4.17 -60.14
C MET G 70 -44.82 3.25 -60.77
N CYS G 71 -43.78 2.97 -60.01
CA CYS G 71 -43.00 1.80 -60.25
C CYS G 71 -43.86 0.55 -60.01
N ASP G 72 -43.30 -0.63 -60.23
CA ASP G 72 -43.96 -1.83 -59.69
C ASP G 72 -42.96 -2.73 -58.95
N GLU G 73 -43.47 -3.85 -58.45
CA GLU G 73 -42.68 -4.88 -57.76
C GLU G 73 -42.40 -5.96 -58.79
N PHE G 74 -43.10 -5.85 -59.94
CA PHE G 74 -42.67 -6.57 -61.12
C PHE G 74 -41.23 -6.17 -61.36
N ILE G 75 -40.35 -6.98 -60.78
CA ILE G 75 -38.92 -6.94 -61.02
C ILE G 75 -38.62 -8.27 -60.31
N ASN G 76 -39.60 -9.17 -60.51
CA ASN G 76 -39.56 -10.53 -60.04
C ASN G 76 -38.55 -11.30 -60.86
N VAL G 77 -37.42 -10.65 -61.08
CA VAL G 77 -36.27 -11.29 -61.65
C VAL G 77 -35.30 -11.59 -60.52
N PRO G 78 -34.98 -12.88 -60.31
CA PRO G 78 -34.30 -13.38 -59.13
C PRO G 78 -32.81 -13.06 -59.08
N GLU G 79 -32.24 -12.66 -60.21
CA GLU G 79 -30.81 -12.57 -60.34
C GLU G 79 -30.42 -11.46 -61.32
N TRP G 80 -29.30 -10.78 -61.15
CA TRP G 80 -28.87 -9.88 -62.22
C TRP G 80 -27.42 -9.57 -62.18
N SER G 81 -26.90 -8.99 -63.25
CA SER G 81 -25.47 -8.86 -63.40
C SER G 81 -25.07 -7.43 -63.28
N TYR G 82 -25.98 -6.52 -63.63
CA TYR G 82 -25.76 -5.07 -63.49
C TYR G 82 -27.12 -4.38 -63.50
N ILE G 83 -27.19 -3.16 -63.03
CA ILE G 83 -28.47 -2.41 -63.05
C ILE G 83 -28.46 -1.30 -64.11
N VAL G 84 -29.62 -1.04 -64.74
CA VAL G 84 -29.70 0.08 -65.66
C VAL G 84 -30.75 1.11 -65.26
N GLU G 85 -30.30 2.26 -64.76
CA GLU G 85 -31.17 3.40 -64.50
C GLU G 85 -31.09 4.32 -65.71
N LYS G 86 -32.16 5.07 -65.92
CA LYS G 86 -32.08 6.19 -66.86
C LYS G 86 -31.28 7.36 -66.26
N ALA G 87 -31.00 8.36 -67.09
CA ALA G 87 -30.32 9.57 -66.63
C ALA G 87 -31.09 10.20 -65.49
N ASN G 88 -32.38 10.46 -65.72
CA ASN G 88 -33.20 11.09 -64.72
C ASN G 88 -34.51 10.35 -64.55
N PRO G 89 -34.46 9.22 -63.85
CA PRO G 89 -35.67 8.46 -63.68
C PRO G 89 -36.80 9.36 -63.16
N VAL G 90 -38.01 9.16 -63.64
CA VAL G 90 -39.13 10.00 -63.27
C VAL G 90 -39.68 9.62 -61.88
N ASN G 91 -39.52 8.36 -61.49
CA ASN G 91 -40.13 7.89 -60.28
C ASN G 91 -39.09 7.58 -59.23
N ASP G 92 -39.00 8.47 -58.27
CA ASP G 92 -38.04 8.29 -57.20
C ASP G 92 -38.80 8.26 -55.87
N LEU G 93 -38.59 9.28 -55.06
CA LEU G 93 -39.32 9.43 -53.81
C LEU G 93 -40.52 10.31 -54.05
N CYS G 94 -41.66 9.68 -54.33
CA CYS G 94 -42.92 10.40 -54.52
C CYS G 94 -43.17 11.35 -53.35
N TYR G 95 -43.12 10.81 -52.13
CA TYR G 95 -43.10 11.63 -50.94
C TYR G 95 -41.68 12.13 -50.76
N PRO G 96 -41.52 13.43 -50.61
CA PRO G 96 -40.17 13.98 -50.62
C PRO G 96 -39.43 13.55 -49.37
N GLY G 97 -38.12 13.48 -49.47
CA GLY G 97 -37.35 12.92 -48.35
C GLY G 97 -35.92 12.60 -48.67
N ASP G 98 -35.35 11.64 -47.94
CA ASP G 98 -33.96 11.29 -48.12
C ASP G 98 -33.73 9.83 -47.88
N PHE G 99 -32.64 9.34 -48.44
CA PHE G 99 -32.30 7.93 -48.33
C PHE G 99 -30.87 7.86 -47.88
N ASN G 100 -30.64 7.12 -46.83
CA ASN G 100 -29.36 7.16 -46.16
C ASN G 100 -28.40 6.17 -46.77
N ASP G 101 -27.15 6.56 -47.03
CA ASP G 101 -26.20 5.64 -47.72
C ASP G 101 -26.77 5.04 -49.00
N TYR G 102 -27.47 5.87 -49.78
CA TYR G 102 -28.18 5.41 -50.95
C TYR G 102 -27.22 4.84 -51.93
N GLU G 103 -26.17 5.60 -52.27
CA GLU G 103 -25.20 5.15 -53.24
C GLU G 103 -24.61 3.82 -52.84
N GLU G 104 -24.15 3.70 -51.61
CA GLU G 104 -23.57 2.44 -51.15
C GLU G 104 -24.54 1.34 -51.37
N LEU G 105 -25.79 1.54 -51.00
CA LEU G 105 -26.79 0.50 -51.26
C LEU G 105 -26.94 0.19 -52.77
N LYS G 106 -27.07 1.23 -53.62
CA LYS G 106 -27.02 1.03 -55.07
C LYS G 106 -25.87 0.11 -55.39
N HIS G 107 -24.67 0.46 -54.93
CA HIS G 107 -23.52 -0.31 -55.32
C HIS G 107 -23.65 -1.76 -54.87
N LEU G 108 -24.11 -1.96 -53.64
CA LEU G 108 -24.32 -3.32 -53.15
C LEU G 108 -25.27 -4.10 -54.05
N LEU G 109 -26.21 -3.42 -54.67
CA LEU G 109 -27.27 -4.10 -55.34
C LEU G 109 -26.99 -4.26 -56.81
N SER G 110 -25.90 -3.64 -57.25
CA SER G 110 -25.61 -3.65 -58.68
C SER G 110 -25.55 -5.05 -59.31
N ARG G 111 -25.14 -6.06 -58.56
CA ARG G 111 -25.06 -7.43 -59.05
C ARG G 111 -25.43 -8.36 -57.93
N ILE G 112 -26.49 -9.13 -58.16
CA ILE G 112 -27.08 -10.05 -57.18
C ILE G 112 -27.29 -11.48 -57.70
N ASN G 113 -26.95 -12.43 -56.85
CA ASN G 113 -26.98 -13.82 -57.20
C ASN G 113 -28.39 -14.37 -57.00
N HIS G 114 -29.05 -13.90 -55.95
CA HIS G 114 -30.41 -14.28 -55.65
C HIS G 114 -31.02 -13.16 -54.85
N PHE G 115 -32.28 -12.90 -55.12
CA PHE G 115 -32.98 -11.77 -54.56
C PHE G 115 -34.43 -12.19 -54.47
N GLU G 116 -35.04 -12.03 -53.31
CA GLU G 116 -36.41 -12.50 -53.11
C GLU G 116 -37.10 -11.69 -52.03
N LYS G 117 -38.35 -11.33 -52.30
CA LYS G 117 -39.05 -10.36 -51.47
C LYS G 117 -39.86 -11.12 -50.46
N ILE G 118 -39.73 -10.74 -49.21
CA ILE G 118 -40.35 -11.50 -48.15
C ILE G 118 -41.17 -10.54 -47.28
N GLN G 119 -42.38 -10.97 -46.96
CA GLN G 119 -43.19 -10.20 -46.03
C GLN G 119 -42.70 -10.26 -44.59
N ILE G 120 -41.84 -9.35 -44.18
CA ILE G 120 -41.28 -9.39 -42.84
C ILE G 120 -42.26 -9.08 -41.75
N ILE G 121 -42.84 -7.88 -41.76
CA ILE G 121 -43.90 -7.52 -40.81
C ILE G 121 -45.17 -7.10 -41.55
N PRO G 122 -46.13 -8.03 -41.62
CA PRO G 122 -47.37 -7.95 -42.34
C PRO G 122 -48.21 -6.75 -41.95
N LYS G 123 -48.76 -6.10 -42.98
CA LYS G 123 -49.52 -4.87 -42.83
C LYS G 123 -50.73 -5.06 -41.94
N SER G 124 -51.21 -6.27 -41.79
CA SER G 124 -52.38 -6.32 -40.94
C SER G 124 -52.10 -6.70 -39.48
N SER G 125 -50.85 -6.84 -39.08
CA SER G 125 -50.55 -7.27 -37.71
C SER G 125 -50.44 -6.07 -36.76
N TRP G 126 -50.76 -4.86 -37.27
CA TRP G 126 -50.78 -3.67 -36.47
C TRP G 126 -52.18 -3.56 -35.93
N SER G 127 -52.46 -4.23 -34.84
CA SER G 127 -53.79 -4.26 -34.29
C SER G 127 -54.12 -2.96 -33.58
N SER G 128 -53.20 -2.50 -32.76
CA SER G 128 -53.43 -1.28 -31.99
C SER G 128 -52.79 0.01 -32.59
N HIS G 129 -52.57 0.03 -33.90
CA HIS G 129 -52.23 1.24 -34.66
C HIS G 129 -52.94 1.20 -35.99
N GLU G 130 -53.08 2.36 -36.62
CA GLU G 130 -53.72 2.46 -37.91
C GLU G 130 -52.73 2.23 -39.04
N ALA G 131 -52.95 1.17 -39.80
CA ALA G 131 -51.98 0.80 -40.86
C ALA G 131 -52.42 1.24 -42.24
N SER G 132 -53.71 1.35 -42.42
CA SER G 132 -54.17 1.54 -43.76
C SER G 132 -54.46 3.01 -44.05
N LEU G 133 -54.00 3.93 -43.21
CA LEU G 133 -54.35 5.35 -43.40
C LEU G 133 -53.21 6.20 -43.88
N GLY G 134 -51.97 5.79 -43.61
CA GLY G 134 -50.81 6.57 -44.02
C GLY G 134 -50.68 6.66 -45.53
N VAL G 135 -51.25 7.69 -46.10
CA VAL G 135 -51.42 7.80 -47.53
C VAL G 135 -51.34 9.26 -47.89
N SER G 136 -50.78 9.59 -49.05
CA SER G 136 -50.76 11.01 -49.41
C SER G 136 -50.97 11.30 -50.90
N SER G 137 -51.33 12.55 -51.22
CA SER G 137 -51.51 12.91 -52.62
C SER G 137 -50.18 13.02 -53.37
N ALA G 138 -49.08 13.06 -52.64
CA ALA G 138 -47.75 13.01 -53.26
C ALA G 138 -47.44 11.70 -53.99
N CYS G 139 -48.05 10.59 -53.56
CA CYS G 139 -47.91 9.28 -54.24
C CYS G 139 -49.20 8.82 -54.84
N PRO G 140 -49.67 9.52 -55.88
CA PRO G 140 -50.99 9.17 -56.38
C PRO G 140 -50.91 7.80 -57.03
N TYR G 141 -51.75 6.86 -56.61
CA TYR G 141 -51.78 5.65 -57.39
C TYR G 141 -52.73 5.70 -58.60
N GLN G 142 -54.02 5.43 -58.45
CA GLN G 142 -54.82 5.52 -59.66
C GLN G 142 -55.82 6.63 -59.58
N GLY G 143 -55.31 7.78 -59.18
CA GLY G 143 -56.20 8.91 -58.91
C GLY G 143 -56.36 8.95 -57.40
N LYS G 144 -56.58 7.76 -56.81
CA LYS G 144 -56.57 7.64 -55.35
C LYS G 144 -55.18 7.91 -54.94
N SER G 145 -55.04 8.65 -53.85
CA SER G 145 -53.73 8.92 -53.31
C SER G 145 -53.33 7.72 -52.50
N SER G 146 -52.05 7.62 -52.18
CA SER G 146 -51.47 6.36 -51.74
C SER G 146 -50.05 6.58 -51.25
N PHE G 147 -49.19 5.56 -51.33
CA PHE G 147 -47.88 5.57 -50.65
C PHE G 147 -47.06 4.33 -51.00
N PHE G 148 -45.77 4.37 -50.74
CA PHE G 148 -44.91 3.24 -50.98
C PHE G 148 -45.55 1.93 -50.53
N ARG G 149 -45.36 0.89 -51.33
CA ARG G 149 -45.98 -0.40 -51.09
C ARG G 149 -45.25 -1.22 -50.09
N ASN G 150 -43.93 -1.12 -50.10
CA ASN G 150 -43.11 -2.06 -49.31
C ASN G 150 -42.83 -1.60 -47.89
N VAL G 151 -43.58 -0.61 -47.46
CA VAL G 151 -43.29 0.06 -46.22
C VAL G 151 -44.59 0.67 -45.71
N VAL G 152 -44.79 0.76 -44.40
CA VAL G 152 -46.11 1.16 -43.90
C VAL G 152 -46.00 2.38 -43.06
N TRP G 153 -46.93 3.31 -43.26
CA TRP G 153 -46.90 4.59 -42.54
C TRP G 153 -47.95 4.58 -41.46
N LEU G 154 -47.55 4.20 -40.27
CA LEU G 154 -48.49 3.95 -39.21
C LEU G 154 -49.00 5.24 -38.62
N ILE G 155 -50.30 5.29 -38.36
CA ILE G 155 -50.97 6.43 -37.76
C ILE G 155 -51.68 6.02 -36.46
N LYS G 156 -51.91 6.98 -35.56
CA LYS G 156 -52.66 6.72 -34.30
C LYS G 156 -54.06 6.11 -34.51
N LYS G 157 -54.44 5.20 -33.62
CA LYS G 157 -55.78 4.61 -33.61
C LYS G 157 -56.45 5.16 -32.38
N ASN G 158 -57.77 5.33 -32.42
CA ASN G 158 -58.46 6.22 -31.48
C ASN G 158 -57.67 7.50 -31.35
N SER G 159 -57.35 7.91 -30.12
CA SER G 159 -56.41 9.01 -29.99
C SER G 159 -55.18 8.58 -29.19
N THR G 160 -54.54 7.49 -29.66
CA THR G 160 -53.48 6.81 -28.92
C THR G 160 -52.45 6.26 -29.86
N TYR G 161 -51.20 6.26 -29.42
CA TYR G 161 -50.16 5.59 -30.16
C TYR G 161 -49.28 4.83 -29.18
N PRO G 162 -49.68 3.57 -28.87
CA PRO G 162 -48.89 2.82 -27.90
C PRO G 162 -47.45 2.65 -28.38
N THR G 163 -46.54 2.43 -27.45
CA THR G 163 -45.16 2.22 -27.83
C THR G 163 -45.04 0.90 -28.54
N ILE G 164 -44.55 0.93 -29.77
CA ILE G 164 -44.36 -0.31 -30.51
C ILE G 164 -43.09 -1.02 -30.06
N LYS G 165 -43.21 -2.31 -29.76
CA LYS G 165 -42.04 -3.13 -29.46
C LYS G 165 -42.14 -4.33 -30.34
N ARG G 166 -41.16 -4.56 -31.20
CA ARG G 166 -41.37 -5.52 -32.26
C ARG G 166 -40.09 -5.95 -32.93
N SER G 167 -39.94 -7.23 -33.14
CA SER G 167 -38.71 -7.72 -33.70
C SER G 167 -38.90 -8.84 -34.68
N TYR G 168 -37.91 -9.05 -35.54
CA TYR G 168 -37.94 -10.14 -36.47
C TYR G 168 -36.61 -10.92 -36.48
N ASN G 169 -36.66 -12.24 -36.30
CA ASN G 169 -35.49 -13.12 -36.45
C ASN G 169 -35.35 -13.55 -37.88
N ASN G 170 -34.19 -13.27 -38.45
CA ASN G 170 -33.87 -13.84 -39.75
C ASN G 170 -33.54 -15.32 -39.58
N THR G 171 -34.53 -16.18 -39.79
CA THR G 171 -34.33 -17.63 -39.70
C THR G 171 -34.01 -18.22 -41.04
N ASN G 172 -33.78 -17.38 -42.05
CA ASN G 172 -33.39 -17.85 -43.36
C ASN G 172 -31.90 -17.97 -43.40
N GLN G 173 -31.39 -18.61 -44.43
CA GLN G 173 -29.97 -18.71 -44.56
C GLN G 173 -29.43 -17.47 -45.24
N GLU G 174 -30.26 -16.78 -46.01
CA GLU G 174 -29.76 -15.68 -46.78
C GLU G 174 -29.71 -14.48 -45.87
N ASP G 175 -28.69 -13.66 -46.05
CA ASP G 175 -28.63 -12.28 -45.57
C ASP G 175 -29.97 -11.61 -45.93
N LEU G 176 -30.46 -10.69 -45.12
CA LEU G 176 -31.60 -9.97 -45.66
C LEU G 176 -31.61 -8.50 -45.47
N LEU G 177 -31.98 -7.79 -46.53
CA LEU G 177 -31.89 -6.36 -46.58
C LEU G 177 -33.16 -5.80 -46.03
N VAL G 178 -33.06 -4.96 -45.00
CA VAL G 178 -34.24 -4.40 -44.38
C VAL G 178 -34.28 -2.88 -44.40
N LEU G 179 -35.47 -2.33 -44.62
CA LEU G 179 -35.64 -0.90 -44.76
C LEU G 179 -36.72 -0.33 -43.84
N TRP G 180 -36.44 0.87 -43.31
CA TRP G 180 -37.44 1.62 -42.50
C TRP G 180 -37.30 3.13 -42.64
N GLY G 181 -38.27 3.90 -42.16
CA GLY G 181 -38.14 5.37 -42.19
C GLY G 181 -38.62 6.12 -40.95
N ILE G 182 -38.42 7.44 -40.93
CA ILE G 182 -39.00 8.33 -39.95
C ILE G 182 -39.78 9.27 -40.80
N HIS G 183 -40.87 9.77 -40.24
CA HIS G 183 -41.50 10.95 -40.80
C HIS G 183 -41.09 12.18 -40.01
N HIS G 184 -40.58 13.18 -40.70
CA HIS G 184 -40.33 14.48 -40.09
C HIS G 184 -41.45 15.43 -40.44
N PRO G 185 -42.46 15.56 -39.57
CA PRO G 185 -43.57 16.44 -39.88
C PRO G 185 -43.19 17.90 -40.02
N ASN G 186 -44.14 18.69 -40.51
CA ASN G 186 -43.90 20.11 -40.66
C ASN G 186 -44.02 20.92 -39.37
N ASP G 187 -44.91 20.52 -38.45
CA ASP G 187 -45.12 21.29 -37.20
C ASP G 187 -45.73 20.46 -36.05
N ALA G 188 -45.74 21.05 -34.86
CA ALA G 188 -46.27 20.38 -33.67
C ALA G 188 -47.69 19.83 -33.81
N ALA G 189 -48.58 20.63 -34.41
CA ALA G 189 -49.97 20.20 -34.60
C ALA G 189 -49.97 18.92 -35.44
N GLU G 190 -49.34 18.98 -36.61
CA GLU G 190 -49.22 17.85 -37.51
C GLU G 190 -48.73 16.59 -36.78
N GLN G 191 -47.82 16.78 -35.83
CA GLN G 191 -47.33 15.71 -34.98
C GLN G 191 -48.47 15.05 -34.26
N THR G 192 -49.24 15.85 -33.51
CA THR G 192 -50.27 15.36 -32.60
C THR G 192 -51.36 14.72 -33.39
N LYS G 193 -51.64 15.30 -34.55
CA LYS G 193 -52.66 14.81 -35.42
C LYS G 193 -52.37 13.39 -35.86
N LEU G 194 -51.14 13.13 -36.27
CA LEU G 194 -50.83 11.82 -36.76
C LEU G 194 -50.50 10.79 -35.67
N TYR G 195 -49.79 11.23 -34.64
CA TYR G 195 -49.31 10.39 -33.57
C TYR G 195 -49.69 11.21 -32.37
N GLN G 196 -50.08 10.62 -31.27
CA GLN G 196 -50.58 11.51 -30.21
C GLN G 196 -49.43 12.25 -29.60
N ASN G 197 -48.33 11.52 -29.43
CA ASN G 197 -47.25 11.95 -28.54
C ASN G 197 -46.33 13.05 -29.11
N PRO G 198 -46.04 14.06 -28.31
CA PRO G 198 -45.26 15.16 -28.83
C PRO G 198 -43.80 14.77 -29.01
N THR G 199 -43.25 14.08 -28.04
CA THR G 199 -41.83 13.73 -28.11
C THR G 199 -41.78 12.29 -28.53
N THR G 200 -40.90 11.97 -29.46
CA THR G 200 -41.00 10.69 -30.15
C THR G 200 -39.67 10.16 -30.62
N TYR G 201 -39.56 8.84 -30.76
CA TYR G 201 -38.33 8.23 -31.25
C TYR G 201 -38.63 6.94 -32.00
N ILE G 202 -37.74 6.59 -32.90
CA ILE G 202 -37.58 5.19 -33.29
C ILE G 202 -36.18 4.72 -32.90
N SER G 203 -36.09 3.52 -32.30
CA SER G 203 -34.80 2.92 -32.07
C SER G 203 -34.73 1.51 -32.63
N VAL G 204 -33.65 1.23 -33.35
CA VAL G 204 -33.48 -0.03 -34.08
C VAL G 204 -32.18 -0.65 -33.71
N GLY G 205 -32.19 -1.93 -33.37
CA GLY G 205 -30.97 -2.59 -32.93
C GLY G 205 -30.77 -3.90 -33.63
N THR G 206 -29.50 -4.23 -33.83
CA THR G 206 -29.12 -5.47 -34.45
C THR G 206 -28.00 -6.09 -33.58
N SER G 207 -27.27 -7.05 -34.12
CA SER G 207 -26.02 -7.36 -33.48
C SER G 207 -24.95 -6.30 -33.92
N THR G 208 -25.37 -5.34 -34.72
CA THR G 208 -24.47 -4.40 -35.40
C THR G 208 -25.02 -3.01 -35.24
N LEU G 209 -26.30 -2.90 -35.58
CA LEU G 209 -26.97 -1.63 -35.67
C LEU G 209 -27.39 -1.20 -34.27
N ASN G 210 -27.13 0.04 -33.93
CA ASN G 210 -27.60 0.56 -32.69
C ASN G 210 -28.08 1.98 -32.86
N GLN G 211 -29.24 2.15 -33.50
CA GLN G 211 -29.68 3.50 -33.81
C GLN G 211 -30.93 4.03 -33.06
N ARG G 212 -31.00 5.34 -32.84
CA ARG G 212 -32.18 6.03 -32.32
C ARG G 212 -32.44 7.24 -33.20
N LEU G 213 -33.55 7.26 -33.92
CA LEU G 213 -33.91 8.44 -34.67
C LEU G 213 -34.90 9.28 -33.90
N VAL G 214 -34.93 10.58 -34.21
CA VAL G 214 -35.84 11.47 -33.55
C VAL G 214 -36.37 12.40 -34.64
N PRO G 215 -37.67 12.56 -34.76
CA PRO G 215 -38.17 13.43 -35.84
C PRO G 215 -37.78 14.85 -35.65
N ARG G 216 -37.42 15.49 -36.74
CA ARG G 216 -36.97 16.84 -36.72
C ARG G 216 -38.07 17.73 -37.28
N ILE G 217 -38.72 18.55 -36.44
CA ILE G 217 -39.86 19.36 -36.88
C ILE G 217 -39.37 20.71 -37.36
N ALA G 218 -39.84 21.13 -38.54
CA ALA G 218 -39.44 22.40 -39.18
C ALA G 218 -40.24 22.78 -40.42
N THR G 219 -40.56 24.07 -40.50
CA THR G 219 -41.05 24.66 -41.73
C THR G 219 -40.05 24.46 -42.87
N ARG G 220 -40.54 23.84 -43.94
CA ARG G 220 -39.76 23.55 -45.14
C ARG G 220 -40.62 23.98 -46.28
N SER G 221 -40.06 23.90 -47.48
CA SER G 221 -40.80 24.24 -48.66
C SER G 221 -41.52 23.01 -49.16
N LYS G 222 -42.72 23.21 -49.72
CA LYS G 222 -43.50 22.10 -50.24
C LYS G 222 -42.76 21.47 -51.42
N VAL G 223 -42.81 20.15 -51.53
CA VAL G 223 -42.25 19.42 -52.64
C VAL G 223 -43.24 18.30 -52.92
N ASN G 224 -43.77 18.27 -54.15
CA ASN G 224 -44.98 17.52 -54.50
C ASN G 224 -46.05 17.87 -53.46
N GLY G 225 -46.14 19.15 -53.14
CA GLY G 225 -47.13 19.64 -52.19
C GLY G 225 -46.88 19.31 -50.73
N GLN G 226 -45.74 18.71 -50.43
CA GLN G 226 -45.50 18.27 -49.06
C GLN G 226 -44.34 18.97 -48.45
N SER G 227 -44.55 19.55 -47.28
CA SER G 227 -43.44 20.13 -46.54
C SER G 227 -42.95 19.18 -45.43
N GLY G 228 -43.63 18.05 -45.26
CA GLY G 228 -43.10 16.96 -44.46
C GLY G 228 -41.97 16.26 -45.21
N ARG G 229 -41.22 15.43 -44.51
CA ARG G 229 -40.16 14.66 -45.16
C ARG G 229 -40.12 13.24 -44.66
N MET G 230 -39.64 12.34 -45.50
CA MET G 230 -39.47 10.94 -45.16
C MET G 230 -38.00 10.60 -45.21
N GLU G 231 -37.44 10.01 -44.16
CA GLU G 231 -36.04 9.67 -44.22
C GLU G 231 -35.91 8.20 -44.08
N PHE G 232 -35.14 7.56 -44.94
CA PHE G 232 -35.05 6.08 -44.93
C PHE G 232 -33.68 5.55 -44.60
N PHE G 233 -33.64 4.31 -44.15
CA PHE G 233 -32.47 3.69 -43.57
C PHE G 233 -32.53 2.21 -43.89
N TRP G 234 -31.41 1.50 -43.84
CA TRP G 234 -31.39 0.09 -44.22
C TRP G 234 -30.27 -0.70 -43.51
N THR G 235 -30.30 -2.03 -43.55
CA THR G 235 -29.13 -2.82 -43.16
C THR G 235 -29.30 -4.17 -43.71
N ILE G 236 -28.20 -4.90 -43.65
CA ILE G 236 -28.26 -6.31 -43.94
C ILE G 236 -28.38 -6.99 -42.60
N LEU G 237 -29.47 -7.71 -42.43
CA LEU G 237 -29.63 -8.55 -41.26
C LEU G 237 -29.04 -9.93 -41.48
N LYS G 238 -28.05 -10.28 -40.69
CA LYS G 238 -27.29 -11.50 -40.92
C LYS G 238 -28.13 -12.73 -40.58
N PRO G 239 -27.81 -13.89 -41.24
CA PRO G 239 -28.59 -15.11 -41.07
C PRO G 239 -29.10 -15.32 -39.69
N ASN G 240 -28.28 -15.55 -38.68
CA ASN G 240 -28.98 -15.85 -37.42
C ASN G 240 -29.49 -14.68 -36.57
N ASP G 241 -29.27 -13.46 -37.03
CA ASP G 241 -29.53 -12.31 -36.22
C ASP G 241 -30.99 -11.93 -36.14
N ALA G 242 -31.24 -10.79 -35.51
CA ALA G 242 -32.58 -10.27 -35.29
C ALA G 242 -32.59 -8.78 -35.18
N ILE G 243 -33.52 -8.13 -35.86
CA ILE G 243 -33.72 -6.71 -35.76
C ILE G 243 -34.86 -6.36 -34.81
N ASN G 244 -34.60 -5.46 -33.86
CA ASN G 244 -35.66 -5.00 -32.96
C ASN G 244 -36.02 -3.57 -33.22
N PHE G 245 -37.29 -3.30 -33.45
CA PHE G 245 -37.77 -1.94 -33.55
C PHE G 245 -38.55 -1.63 -32.33
N GLU G 246 -38.43 -0.37 -31.93
CA GLU G 246 -39.21 0.18 -30.86
C GLU G 246 -39.52 1.61 -31.23
N SER G 247 -40.79 1.95 -31.31
CA SER G 247 -41.15 3.33 -31.53
C SER G 247 -42.35 3.82 -30.78
N ASN G 248 -42.33 5.12 -30.62
CA ASN G 248 -43.25 5.90 -29.84
C ASN G 248 -44.04 6.70 -30.84
N GLY G 249 -43.40 6.97 -31.97
CA GLY G 249 -44.10 7.04 -33.24
C GLY G 249 -43.77 8.08 -34.28
N ASN G 250 -42.77 7.88 -35.12
CA ASN G 250 -42.89 8.58 -36.40
C ASN G 250 -42.44 7.60 -37.45
N PHE G 251 -42.78 6.37 -37.13
CA PHE G 251 -42.22 5.18 -37.68
C PHE G 251 -42.88 4.75 -38.97
N ILE G 252 -42.05 4.64 -40.00
CA ILE G 252 -42.45 4.01 -41.22
C ILE G 252 -41.90 2.59 -41.21
N ALA G 253 -42.80 1.65 -40.95
CA ALA G 253 -42.46 0.26 -40.66
C ALA G 253 -42.21 -0.51 -41.94
N PRO G 254 -41.19 -1.40 -41.92
CA PRO G 254 -41.03 -2.30 -43.06
C PRO G 254 -42.27 -3.15 -43.20
N GLU G 255 -42.58 -3.62 -44.41
CA GLU G 255 -43.57 -4.68 -44.54
C GLU G 255 -42.89 -5.81 -45.28
N TYR G 256 -42.11 -5.44 -46.27
CA TYR G 256 -41.35 -6.41 -47.02
C TYR G 256 -39.87 -6.13 -46.85
N ALA G 257 -39.08 -7.19 -46.92
CA ALA G 257 -37.63 -7.05 -47.01
C ALA G 257 -37.12 -8.06 -48.03
N TYR G 258 -35.82 -8.06 -48.28
CA TYR G 258 -35.29 -8.87 -49.34
C TYR G 258 -34.26 -9.84 -48.87
N LYS G 259 -34.48 -11.13 -49.11
CA LYS G 259 -33.41 -12.10 -49.07
C LYS G 259 -32.44 -11.83 -50.19
N ILE G 260 -31.16 -11.97 -49.93
CA ILE G 260 -30.17 -11.50 -50.83
C ILE G 260 -29.00 -12.42 -50.73
N VAL G 261 -28.45 -12.78 -51.86
CA VAL G 261 -27.20 -13.50 -51.87
C VAL G 261 -26.30 -12.75 -52.82
N LYS G 262 -25.20 -12.27 -52.29
CA LYS G 262 -24.30 -11.42 -53.05
C LYS G 262 -23.03 -12.22 -53.31
N LYS G 263 -22.63 -12.39 -54.57
CA LYS G 263 -21.40 -13.13 -54.86
C LYS G 263 -20.46 -12.35 -55.74
N GLY G 264 -20.60 -11.02 -55.78
CA GLY G 264 -19.83 -10.19 -56.70
C GLY G 264 -20.42 -8.81 -56.96
N ASP G 265 -19.53 -7.88 -57.34
CA ASP G 265 -19.93 -6.51 -57.57
C ASP G 265 -20.04 -6.17 -59.04
N SER G 266 -20.77 -5.10 -59.34
CA SER G 266 -20.61 -4.40 -60.62
C SER G 266 -20.94 -2.91 -60.43
N THR G 267 -21.86 -2.32 -61.18
CA THR G 267 -22.09 -0.90 -61.05
C THR G 267 -23.44 -0.56 -61.61
N ILE G 268 -23.91 0.67 -61.45
CA ILE G 268 -25.14 1.07 -62.14
C ILE G 268 -24.76 1.75 -63.43
N MET G 269 -25.37 1.31 -64.53
CA MET G 269 -25.18 1.94 -65.81
C MET G 269 -26.33 2.88 -66.12
N LYS G 270 -26.00 4.01 -66.73
CA LYS G 270 -26.99 4.97 -67.13
C LYS G 270 -27.20 4.87 -68.61
N SER G 271 -28.39 4.48 -69.02
CA SER G 271 -28.67 4.38 -70.44
C SER G 271 -30.15 4.51 -70.70
N GLU G 272 -30.50 4.96 -71.90
CA GLU G 272 -31.89 5.14 -72.26
C GLU G 272 -32.27 3.99 -73.15
N LEU G 273 -31.33 3.08 -73.38
CA LEU G 273 -31.55 1.92 -74.25
C LEU G 273 -32.47 0.86 -73.67
N GLU G 274 -33.08 0.06 -74.52
CA GLU G 274 -33.80 -1.09 -73.99
C GLU G 274 -33.11 -2.42 -74.23
N TYR G 275 -33.55 -3.41 -73.45
CA TYR G 275 -33.10 -4.78 -73.57
C TYR G 275 -33.24 -5.25 -75.00
N GLY G 276 -32.27 -6.02 -75.44
CA GLY G 276 -32.34 -6.75 -76.71
C GLY G 276 -31.88 -8.13 -76.34
N ASN G 277 -32.73 -9.14 -76.51
CA ASN G 277 -32.41 -10.49 -76.07
C ASN G 277 -31.16 -10.91 -76.78
N CYS G 278 -30.16 -11.33 -76.01
CA CYS G 278 -28.82 -11.04 -76.44
C CYS G 278 -27.78 -11.22 -75.34
N ASN G 279 -26.55 -11.58 -75.73
CA ASN G 279 -25.48 -11.75 -74.75
C ASN G 279 -24.12 -11.14 -75.11
N THR G 280 -23.38 -10.59 -74.15
CA THR G 280 -21.97 -10.21 -74.38
C THR G 280 -21.10 -10.48 -73.21
N LYS G 281 -19.80 -10.27 -73.40
CA LYS G 281 -18.88 -10.22 -72.29
C LYS G 281 -18.49 -8.79 -71.96
N CYS G 282 -19.08 -7.83 -72.67
CA CYS G 282 -18.75 -6.43 -72.47
C CYS G 282 -19.87 -5.52 -72.97
N GLN G 283 -20.33 -4.60 -72.11
CA GLN G 283 -21.52 -3.79 -72.35
C GLN G 283 -21.25 -2.31 -72.22
N THR G 284 -22.06 -1.49 -72.87
CA THR G 284 -21.80 -0.08 -73.03
C THR G 284 -23.13 0.64 -73.02
N PRO G 285 -23.22 1.81 -72.37
CA PRO G 285 -24.48 2.52 -72.41
C PRO G 285 -25.00 2.79 -73.81
N MET G 286 -24.16 2.63 -74.82
CA MET G 286 -24.60 2.80 -76.20
C MET G 286 -24.85 1.49 -76.91
N GLY G 287 -24.36 0.42 -76.29
CA GLY G 287 -24.65 -0.93 -76.75
C GLY G 287 -23.51 -1.87 -76.47
N ALA G 288 -23.75 -3.15 -76.74
CA ALA G 288 -22.80 -4.21 -76.43
C ALA G 288 -21.67 -4.25 -77.44
N ILE G 289 -20.53 -4.77 -77.00
CA ILE G 289 -19.41 -5.02 -77.89
C ILE G 289 -19.02 -6.50 -77.93
N ASN G 290 -19.08 -7.10 -79.12
CA ASN G 290 -18.49 -8.43 -79.39
C ASN G 290 -17.01 -8.26 -79.72
N SER G 291 -16.24 -8.00 -78.65
CA SER G 291 -14.83 -7.65 -78.68
C SER G 291 -13.82 -8.74 -79.11
N SER G 292 -12.74 -8.34 -79.74
CA SER G 292 -11.58 -9.22 -79.96
C SER G 292 -10.39 -8.33 -80.01
N MET G 293 -10.63 -7.09 -80.46
CA MET G 293 -9.61 -6.07 -80.60
C MET G 293 -9.17 -5.65 -79.21
N PRO G 294 -7.93 -5.18 -79.08
CA PRO G 294 -7.53 -4.79 -77.75
C PRO G 294 -7.89 -3.37 -77.43
N PHE G 295 -8.58 -2.70 -78.34
CA PHE G 295 -8.93 -1.29 -78.15
C PHE G 295 -10.29 -0.98 -78.72
N HIS G 296 -11.02 -0.09 -78.04
CA HIS G 296 -12.22 0.46 -78.60
C HIS G 296 -12.32 1.94 -78.31
N ASN G 297 -13.17 2.62 -79.07
CA ASN G 297 -13.38 4.03 -78.86
C ASN G 297 -14.85 4.37 -78.72
N ILE G 298 -15.66 3.41 -78.31
CA ILE G 298 -17.10 3.57 -78.23
C ILE G 298 -17.51 4.47 -77.10
N HIS G 299 -17.19 4.05 -75.89
CA HIS G 299 -17.64 4.77 -74.70
C HIS G 299 -16.81 4.39 -73.48
N PRO G 300 -16.46 5.39 -72.65
CA PRO G 300 -15.66 5.07 -71.45
C PRO G 300 -16.35 4.21 -70.39
N LEU G 301 -17.66 4.32 -70.21
CA LEU G 301 -18.31 3.72 -69.04
C LEU G 301 -18.81 2.32 -69.25
N THR G 302 -17.88 1.38 -69.34
CA THR G 302 -18.26 0.01 -69.72
C THR G 302 -18.39 -0.89 -68.50
N ILE G 303 -18.94 -2.07 -68.72
CA ILE G 303 -19.02 -3.07 -67.69
C ILE G 303 -18.70 -4.36 -68.41
N GLY G 304 -17.72 -5.08 -67.88
CA GLY G 304 -17.37 -6.40 -68.43
C GLY G 304 -15.89 -6.65 -68.63
N GLU G 305 -15.56 -7.46 -69.63
CA GLU G 305 -14.18 -7.68 -70.02
C GLU G 305 -14.05 -7.01 -71.35
N CYS G 306 -13.49 -5.80 -71.34
CA CYS G 306 -13.48 -4.93 -72.50
C CYS G 306 -12.09 -4.60 -73.02
N PRO G 307 -11.98 -4.34 -74.34
CA PRO G 307 -10.85 -3.69 -74.92
C PRO G 307 -10.61 -2.36 -74.25
N LYS G 308 -9.36 -1.95 -74.11
CA LYS G 308 -9.03 -0.69 -73.51
C LYS G 308 -9.62 0.44 -74.33
N TYR G 309 -10.31 1.35 -73.67
CA TYR G 309 -10.93 2.47 -74.35
C TYR G 309 -9.92 3.52 -74.68
N VAL G 310 -10.01 4.05 -75.88
CA VAL G 310 -8.92 4.84 -76.43
C VAL G 310 -9.46 6.05 -77.19
N LYS G 311 -8.66 7.11 -77.31
CA LYS G 311 -9.12 8.26 -78.06
C LYS G 311 -8.51 8.35 -79.46
N SER G 312 -9.06 7.61 -80.41
CA SER G 312 -8.62 7.70 -81.81
C SER G 312 -9.58 7.00 -82.76
N ASN G 313 -9.42 7.25 -84.05
CA ASN G 313 -10.27 6.62 -85.07
C ASN G 313 -9.56 5.51 -85.82
N ARG G 314 -8.24 5.60 -85.87
CA ARG G 314 -7.47 4.70 -86.69
C ARG G 314 -6.43 4.04 -85.84
N LEU G 315 -6.53 2.74 -85.67
CA LEU G 315 -5.37 1.98 -85.28
C LEU G 315 -5.22 0.92 -86.33
N VAL G 316 -4.57 1.30 -87.44
CA VAL G 316 -4.51 0.44 -88.59
C VAL G 316 -3.10 -0.10 -88.77
N LEU G 317 -3.00 -1.43 -88.75
CA LEU G 317 -1.72 -2.11 -88.77
C LEU G 317 -1.42 -2.63 -90.16
N ALA G 318 -0.18 -2.48 -90.62
CA ALA G 318 0.21 -2.92 -91.93
C ALA G 318 0.41 -4.44 -91.99
N THR G 319 -0.37 -5.10 -92.83
CA THR G 319 -0.18 -6.52 -93.13
C THR G 319 0.77 -6.67 -94.32
N GLY G 320 0.35 -6.21 -95.50
CA GLY G 320 1.16 -6.31 -96.73
C GLY G 320 2.33 -5.33 -96.85
N LEU G 321 2.56 -4.82 -98.06
CA LEU G 321 3.70 -3.94 -98.34
C LEU G 321 3.36 -2.68 -99.13
N ARG G 322 4.40 -1.98 -99.57
CA ARG G 322 4.22 -0.69 -100.18
C ARG G 322 3.62 -0.84 -101.56
N ASN G 323 2.30 -0.77 -101.60
CA ASN G 323 1.55 -0.91 -102.83
C ASN G 323 1.24 0.47 -103.40
N SER G 324 2.22 1.04 -104.10
CA SER G 324 2.09 2.36 -104.70
C SER G 324 2.09 2.32 -106.25
N PRO G 325 1.05 2.93 -106.89
CA PRO G 325 0.85 2.95 -108.37
C PRO G 325 2.02 3.50 -109.19
N GLY H 1 11.63 2.77 -98.83
CA GLY H 1 12.19 1.44 -98.38
C GLY H 1 13.70 1.41 -98.13
N LEU H 2 14.07 1.04 -96.90
CA LEU H 2 15.46 1.11 -96.39
C LEU H 2 16.52 0.21 -97.02
N PHE H 3 16.11 -0.95 -97.53
CA PHE H 3 17.10 -1.96 -97.95
C PHE H 3 17.41 -1.91 -99.46
N GLY H 4 17.15 -0.74 -100.06
CA GLY H 4 17.45 -0.49 -101.48
C GLY H 4 16.49 -1.21 -102.39
N ALA H 5 15.41 -1.71 -101.81
CA ALA H 5 14.49 -2.60 -102.50
C ALA H 5 13.35 -1.84 -103.19
N ILE H 6 12.43 -1.31 -102.37
CA ILE H 6 11.19 -0.68 -102.85
C ILE H 6 11.45 0.75 -103.39
N ALA H 7 11.99 1.62 -102.55
CA ALA H 7 12.45 2.94 -102.97
C ALA H 7 13.79 2.91 -103.75
N GLY H 8 14.37 1.72 -103.89
CA GLY H 8 15.69 1.55 -104.52
C GLY H 8 15.66 0.93 -105.91
N PHE H 9 16.55 -0.04 -106.15
CA PHE H 9 16.78 -0.62 -107.49
C PHE H 9 15.54 -1.21 -108.19
N ILE H 10 14.67 -1.86 -107.43
CA ILE H 10 13.39 -2.32 -107.96
C ILE H 10 12.35 -1.21 -107.82
N GLU H 11 12.25 -0.39 -108.86
CA GLU H 11 11.25 0.66 -108.92
C GLU H 11 9.92 0.02 -109.34
N GLY H 12 8.95 0.09 -108.45
CA GLY H 12 7.65 -0.50 -108.69
C GLY H 12 7.64 -2.01 -108.54
N GLY H 13 6.54 -2.51 -108.00
CA GLY H 13 6.33 -3.95 -107.86
C GLY H 13 5.33 -4.46 -108.87
N TRP H 14 5.59 -5.65 -109.39
CA TRP H 14 4.74 -6.23 -110.43
C TRP H 14 3.32 -6.53 -109.93
N GLN H 15 2.34 -5.83 -110.49
CA GLN H 15 0.93 -6.13 -110.26
C GLN H 15 0.52 -7.43 -110.95
N GLY H 16 1.20 -7.73 -112.07
CA GLY H 16 0.99 -8.96 -112.84
C GLY H 16 1.08 -10.23 -112.01
N MET H 17 1.67 -10.13 -110.82
CA MET H 17 1.85 -11.29 -109.96
C MET H 17 0.77 -11.36 -108.90
N VAL H 18 0.01 -12.45 -108.91
CA VAL H 18 -1.04 -12.72 -107.90
C VAL H 18 -0.61 -13.86 -106.96
N ASP H 19 0.28 -14.72 -107.46
CA ASP H 19 0.77 -15.90 -106.72
C ASP H 19 1.09 -15.68 -105.24
N GLY H 20 1.85 -14.63 -104.94
CA GLY H 20 2.24 -14.37 -103.56
C GLY H 20 2.59 -12.93 -103.31
N TRP H 21 3.63 -12.73 -102.51
CA TRP H 21 4.09 -11.39 -102.16
C TRP H 21 5.41 -11.07 -102.83
N TYR H 22 6.25 -12.08 -102.98
CA TYR H 22 7.56 -11.92 -103.60
C TYR H 22 7.70 -12.93 -104.73
N GLY H 23 8.50 -12.61 -105.74
CA GLY H 23 8.68 -13.58 -106.81
C GLY H 23 9.62 -13.18 -107.93
N TYR H 24 9.54 -13.95 -109.02
CA TYR H 24 10.44 -13.78 -110.13
C TYR H 24 9.66 -13.43 -111.38
N HIS H 25 10.37 -12.92 -112.39
CA HIS H 25 9.80 -12.68 -113.70
C HIS H 25 10.87 -12.97 -114.74
N HIS H 26 10.71 -14.09 -115.42
CA HIS H 26 11.64 -14.53 -116.45
C HIS H 26 11.29 -13.97 -117.83
N SER H 27 12.30 -13.89 -118.69
CA SER H 27 12.08 -13.63 -120.12
C SER H 27 13.05 -14.47 -120.96
N ASN H 28 12.83 -15.78 -120.95
CA ASN H 28 13.66 -16.74 -121.69
C ASN H 28 13.19 -16.90 -123.15
N GLU H 29 13.78 -17.86 -123.85
CA GLU H 29 13.50 -18.04 -125.28
C GLU H 29 12.17 -18.77 -125.58
N GLN H 30 11.51 -19.28 -124.55
CA GLN H 30 10.16 -19.85 -124.69
C GLN H 30 9.11 -18.76 -124.68
N GLY H 31 9.14 -17.96 -123.62
CA GLY H 31 8.25 -16.83 -123.46
C GLY H 31 8.67 -16.06 -122.23
N SER H 32 7.69 -15.62 -121.44
CA SER H 32 7.93 -14.92 -120.18
C SER H 32 6.79 -15.13 -119.19
N GLY H 33 7.08 -14.93 -117.90
CA GLY H 33 6.08 -15.16 -116.85
C GLY H 33 6.60 -14.96 -115.44
N TYR H 34 5.67 -14.97 -114.48
CA TYR H 34 6.01 -14.78 -113.08
C TYR H 34 5.32 -15.81 -112.17
N ALA H 35 6.14 -16.63 -111.54
CA ALA H 35 5.69 -17.54 -110.48
C ALA H 35 6.34 -17.11 -109.15
N ALA H 36 5.50 -16.83 -108.15
CA ALA H 36 5.99 -16.32 -106.87
C ALA H 36 6.81 -17.35 -106.10
N ASP H 37 7.68 -16.87 -105.21
CA ASP H 37 8.43 -17.74 -104.31
C ASP H 37 7.60 -18.10 -103.09
N LYS H 38 7.79 -19.31 -102.58
CA LYS H 38 6.85 -19.85 -101.60
C LYS H 38 7.33 -19.88 -100.16
N GLU H 39 8.53 -20.41 -99.93
CA GLU H 39 9.09 -20.46 -98.57
C GLU H 39 9.25 -19.06 -98.01
N SER H 40 9.70 -18.14 -98.86
CA SER H 40 9.81 -16.74 -98.51
C SER H 40 8.44 -16.15 -98.20
N THR H 41 7.54 -16.15 -99.19
CA THR H 41 6.19 -15.60 -99.00
C THR H 41 5.52 -16.22 -97.77
N GLN H 42 5.66 -17.54 -97.63
CA GLN H 42 5.09 -18.26 -96.49
C GLN H 42 5.65 -17.84 -95.15
N LYS H 43 6.96 -17.68 -95.05
CA LYS H 43 7.57 -17.27 -93.79
C LYS H 43 7.16 -15.85 -93.41
N ALA H 44 6.91 -15.02 -94.43
CA ALA H 44 6.40 -13.67 -94.21
C ALA H 44 4.97 -13.66 -93.65
N ILE H 45 4.05 -14.28 -94.37
CA ILE H 45 2.67 -14.38 -93.90
C ILE H 45 2.69 -14.80 -92.44
N ASP H 46 3.39 -15.89 -92.15
CA ASP H 46 3.52 -16.37 -90.77
C ASP H 46 3.90 -15.21 -89.84
N GLY H 47 4.99 -14.54 -90.20
CA GLY H 47 5.54 -13.45 -89.43
C GLY H 47 4.55 -12.35 -89.17
N VAL H 48 3.93 -11.84 -90.24
CA VAL H 48 3.00 -10.74 -90.10
C VAL H 48 1.79 -11.14 -89.26
N THR H 49 1.16 -12.26 -89.60
CA THR H 49 0.06 -12.79 -88.80
C THR H 49 0.45 -12.86 -87.32
N ASN H 50 1.59 -13.48 -87.06
CA ASN H 50 2.14 -13.56 -85.72
C ASN H 50 2.23 -12.23 -84.97
N LYS H 51 2.74 -11.21 -85.65
CA LYS H 51 2.84 -9.86 -85.14
C LYS H 51 1.46 -9.32 -84.80
N VAL H 52 0.54 -9.45 -85.74
CA VAL H 52 -0.82 -9.01 -85.49
C VAL H 52 -1.38 -9.73 -84.28
N ASN H 53 -1.22 -11.05 -84.24
CA ASN H 53 -1.75 -11.82 -83.13
C ASN H 53 -1.18 -11.43 -81.77
N SER H 54 0.13 -11.44 -81.65
CA SER H 54 0.73 -11.17 -80.37
C SER H 54 0.27 -9.78 -79.87
N ILE H 55 0.16 -8.82 -80.78
CA ILE H 55 -0.38 -7.50 -80.41
C ILE H 55 -1.79 -7.59 -79.82
N ILE H 56 -2.54 -8.58 -80.27
CA ILE H 56 -3.86 -8.81 -79.73
C ILE H 56 -3.77 -9.67 -78.49
N ASP H 57 -3.05 -10.78 -78.58
CA ASP H 57 -3.06 -11.82 -77.54
C ASP H 57 -2.34 -11.46 -76.24
N LYS H 58 -1.41 -10.53 -76.31
CA LYS H 58 -0.65 -10.17 -75.12
C LYS H 58 -1.42 -9.23 -74.20
N MET H 59 -2.53 -8.69 -74.69
CA MET H 59 -3.33 -7.98 -73.73
C MET H 59 -4.28 -8.86 -72.96
N ASN H 60 -4.55 -10.04 -73.49
CA ASN H 60 -5.33 -11.11 -72.79
C ASN H 60 -5.43 -11.05 -71.24
N THR H 61 -4.74 -10.06 -70.65
CA THR H 61 -5.20 -9.47 -69.41
C THR H 61 -6.01 -8.28 -69.78
N GLN H 62 -7.30 -8.52 -69.72
CA GLN H 62 -8.21 -7.55 -69.13
C GLN H 62 -9.26 -8.40 -68.45
N PHE H 63 -10.01 -7.78 -67.57
CA PHE H 63 -10.95 -8.50 -66.76
C PHE H 63 -12.06 -7.58 -66.34
N GLU H 64 -12.90 -8.06 -65.43
CA GLU H 64 -14.11 -7.36 -65.12
C GLU H 64 -13.86 -5.96 -64.56
N ALA H 65 -14.65 -4.96 -65.00
CA ALA H 65 -14.60 -3.57 -64.47
C ALA H 65 -15.94 -2.77 -64.65
N VAL H 66 -15.98 -1.41 -64.53
CA VAL H 66 -17.26 -0.57 -64.46
C VAL H 66 -17.36 1.00 -64.81
N GLY H 67 -18.59 1.57 -64.60
CA GLY H 67 -19.01 3.02 -64.71
C GLY H 67 -18.99 3.86 -63.40
N ARG H 68 -19.91 4.82 -63.12
CA ARG H 68 -19.66 5.96 -62.11
C ARG H 68 -20.70 6.57 -61.02
N GLU H 69 -20.24 6.78 -59.77
CA GLU H 69 -21.01 6.39 -58.54
C GLU H 69 -20.95 7.22 -57.25
N PHE H 70 -20.57 8.48 -57.31
CA PHE H 70 -20.52 9.33 -56.12
C PHE H 70 -21.55 10.46 -56.15
N ASN H 71 -22.08 10.78 -54.98
CA ASN H 71 -23.04 11.87 -54.83
C ASN H 71 -22.34 13.22 -54.81
N ASN H 72 -23.12 14.29 -54.85
CA ASN H 72 -22.47 15.52 -55.05
C ASN H 72 -21.92 16.15 -53.77
N LEU H 73 -21.84 15.37 -52.69
CA LEU H 73 -20.98 15.77 -51.58
C LEU H 73 -19.69 14.95 -51.53
N GLU H 74 -19.42 14.24 -52.61
CA GLU H 74 -18.23 13.39 -52.71
C GLU H 74 -17.56 13.80 -54.00
N ARG H 75 -17.43 15.10 -54.21
CA ARG H 75 -16.94 15.54 -55.49
C ARG H 75 -15.45 15.45 -55.61
N ARG H 76 -14.75 15.64 -54.52
CA ARG H 76 -13.33 15.35 -54.49
C ARG H 76 -12.94 13.92 -54.97
N ILE H 77 -13.79 12.96 -54.76
CA ILE H 77 -13.44 11.58 -54.98
C ILE H 77 -13.80 11.29 -56.42
N GLU H 78 -14.90 11.89 -56.84
CA GLU H 78 -15.35 11.87 -58.23
C GLU H 78 -14.21 12.39 -59.05
N ASN H 79 -13.57 13.43 -58.55
CA ASN H 79 -12.49 14.00 -59.26
C ASN H 79 -11.34 13.03 -59.22
N LEU H 80 -11.14 12.36 -58.09
CA LEU H 80 -10.08 11.38 -58.02
C LEU H 80 -10.27 10.33 -59.10
N ASN H 81 -11.45 9.75 -59.17
CA ASN H 81 -11.69 8.76 -60.19
C ASN H 81 -11.53 9.31 -61.63
N LYS H 82 -12.06 10.49 -61.90
CA LYS H 82 -11.85 11.15 -63.19
C LYS H 82 -10.41 11.11 -63.58
N LYS H 83 -9.56 11.73 -62.77
CA LYS H 83 -8.12 11.72 -63.04
C LYS H 83 -7.60 10.32 -63.42
N MET H 84 -7.95 9.31 -62.65
CA MET H 84 -7.47 8.00 -62.90
C MET H 84 -7.92 7.50 -64.26
N GLU H 85 -9.21 7.54 -64.52
CA GLU H 85 -9.73 7.21 -65.85
C GLU H 85 -9.06 7.99 -66.96
N ASP H 86 -9.05 9.30 -66.82
CA ASP H 86 -8.35 10.19 -67.71
C ASP H 86 -6.90 9.75 -67.92
N GLY H 87 -6.16 9.55 -66.83
CA GLY H 87 -4.78 9.09 -66.95
C GLY H 87 -4.61 7.76 -67.69
N PHE H 88 -5.51 6.82 -67.47
CA PHE H 88 -5.39 5.60 -68.19
C PHE H 88 -5.69 5.82 -69.67
N LEU H 89 -6.61 6.75 -69.95
CA LEU H 89 -6.96 7.00 -71.33
C LEU H 89 -5.73 7.58 -72.05
N ASP H 90 -5.02 8.44 -71.35
CA ASP H 90 -3.87 9.09 -71.92
C ASP H 90 -2.77 8.05 -72.17
N VAL H 91 -2.67 7.04 -71.29
CA VAL H 91 -1.61 6.07 -71.45
C VAL H 91 -1.91 5.20 -72.63
N TRP H 92 -3.09 4.58 -72.62
CA TRP H 92 -3.44 3.65 -73.67
C TRP H 92 -3.46 4.33 -75.03
N THR H 93 -4.06 5.52 -75.08
CA THR H 93 -4.15 6.24 -76.34
C THR H 93 -2.76 6.48 -76.94
N TYR H 94 -1.83 6.97 -76.13
CA TYR H 94 -0.48 7.23 -76.58
C TYR H 94 0.26 5.97 -77.00
N ASN H 95 0.23 4.95 -76.15
CA ASN H 95 0.87 3.68 -76.48
C ASN H 95 0.37 3.07 -77.72
N ALA H 96 -0.94 2.92 -77.83
CA ALA H 96 -1.48 2.25 -79.00
C ALA H 96 -1.05 2.96 -80.29
N GLU H 97 -1.21 4.27 -80.33
CA GLU H 97 -0.83 5.08 -81.48
C GLU H 97 0.63 4.89 -81.87
N LEU H 98 1.54 4.97 -80.90
CA LEU H 98 2.94 4.83 -81.18
C LEU H 98 3.33 3.41 -81.46
N LEU H 99 2.63 2.48 -80.81
CA LEU H 99 2.86 1.10 -81.12
C LEU H 99 2.63 0.87 -82.63
N VAL H 100 1.45 1.26 -83.08
CA VAL H 100 1.11 1.09 -84.48
C VAL H 100 2.17 1.77 -85.34
N LEU H 101 2.50 3.02 -85.04
CA LEU H 101 3.44 3.77 -85.86
C LEU H 101 4.76 3.03 -86.00
N MET H 102 5.29 2.58 -84.88
CA MET H 102 6.57 1.90 -84.84
C MET H 102 6.57 0.57 -85.56
N GLU H 103 5.55 -0.23 -85.31
CA GLU H 103 5.44 -1.55 -85.90
C GLU H 103 5.10 -1.50 -87.38
N ASN H 104 4.33 -0.50 -87.78
CA ASN H 104 4.12 -0.27 -89.20
C ASN H 104 5.46 -0.06 -89.89
N GLU H 105 6.30 0.81 -89.33
CA GLU H 105 7.60 1.05 -89.93
C GLU H 105 8.42 -0.24 -90.08
N ARG H 106 8.52 -1.01 -88.99
CA ARG H 106 9.29 -2.24 -88.99
C ARG H 106 8.75 -3.27 -89.97
N THR H 107 7.46 -3.22 -90.22
CA THR H 107 6.84 -4.12 -91.18
C THR H 107 7.32 -3.83 -92.60
N LEU H 108 7.29 -2.56 -92.99
CA LEU H 108 7.65 -2.17 -94.35
C LEU H 108 9.13 -2.35 -94.65
N ASP H 109 9.93 -2.33 -93.60
CA ASP H 109 11.33 -2.62 -93.70
C ASP H 109 11.55 -4.11 -93.76
N PHE H 110 10.75 -4.85 -93.02
CA PHE H 110 10.79 -6.31 -93.03
C PHE H 110 10.63 -6.87 -94.46
N HIS H 111 9.69 -6.28 -95.21
CA HIS H 111 9.46 -6.65 -96.60
C HIS H 111 10.68 -6.31 -97.48
N ASP H 112 11.15 -5.08 -97.37
CA ASP H 112 12.35 -4.66 -98.08
C ASP H 112 13.50 -5.62 -97.83
N SER H 113 13.68 -5.98 -96.58
CA SER H 113 14.72 -6.90 -96.16
C SER H 113 14.63 -8.22 -96.91
N ASN H 114 13.45 -8.81 -96.94
CA ASN H 114 13.23 -10.10 -97.59
C ASN H 114 13.48 -10.04 -99.09
N VAL H 115 13.03 -8.96 -99.72
CA VAL H 115 13.28 -8.73 -101.13
C VAL H 115 14.78 -8.79 -101.40
N LYS H 116 15.55 -7.99 -100.64
CA LYS H 116 16.99 -7.97 -100.78
C LYS H 116 17.62 -9.33 -100.50
N ASN H 117 17.07 -10.07 -99.53
CA ASN H 117 17.47 -11.45 -99.28
C ASN H 117 17.33 -12.31 -100.52
N LEU H 118 16.16 -12.22 -101.15
CA LEU H 118 15.84 -13.01 -102.31
C LEU H 118 16.74 -12.62 -103.46
N TYR H 119 16.92 -11.32 -103.64
CA TYR H 119 17.82 -10.80 -104.64
C TYR H 119 19.22 -11.37 -104.47
N ASP H 120 19.71 -11.34 -103.23
CA ASP H 120 21.07 -11.77 -102.94
C ASP H 120 21.25 -13.29 -102.99
N LYS H 121 20.18 -14.05 -102.74
CA LYS H 121 20.23 -15.51 -102.86
C LYS H 121 20.45 -15.91 -104.30
N VAL H 122 19.68 -15.28 -105.19
CA VAL H 122 19.83 -15.49 -106.63
C VAL H 122 21.25 -15.09 -107.06
N ARG H 123 21.61 -13.87 -106.70
CA ARG H 123 22.90 -13.29 -107.07
C ARG H 123 24.07 -14.22 -106.76
N LEU H 124 24.11 -14.76 -105.55
CA LEU H 124 25.22 -15.60 -105.11
C LEU H 124 25.25 -16.99 -105.77
N GLN H 125 24.04 -17.52 -106.01
CA GLN H 125 23.86 -18.84 -106.61
C GLN H 125 24.56 -18.95 -107.97
N LEU H 126 24.70 -17.80 -108.62
CA LEU H 126 25.25 -17.72 -109.97
C LEU H 126 26.17 -16.50 -110.14
N ARG H 127 27.39 -16.61 -109.59
CA ARG H 127 28.36 -15.50 -109.54
C ARG H 127 28.56 -14.74 -110.87
N ASP H 128 29.52 -15.17 -111.68
CA ASP H 128 29.81 -14.51 -112.95
C ASP H 128 29.28 -15.29 -114.18
N ASN H 129 28.31 -16.16 -113.95
CA ASN H 129 27.54 -16.82 -115.01
C ASN H 129 26.32 -15.97 -115.42
N ALA H 130 26.24 -14.78 -114.82
CA ALA H 130 25.17 -13.80 -115.09
C ALA H 130 25.62 -12.34 -114.88
N LYS H 131 24.92 -11.44 -115.56
CA LYS H 131 25.19 -10.00 -115.53
C LYS H 131 24.24 -9.28 -114.57
N GLU H 132 24.77 -8.36 -113.78
CA GLU H 132 23.95 -7.58 -112.84
C GLU H 132 23.49 -6.25 -113.42
N LEU H 133 22.27 -6.25 -113.95
CA LEU H 133 21.71 -5.10 -114.67
C LEU H 133 21.54 -3.83 -113.83
N GLY H 134 21.07 -3.99 -112.60
CA GLY H 134 20.82 -2.85 -111.72
C GLY H 134 19.35 -2.49 -111.56
N ASN H 135 18.50 -3.11 -112.37
CA ASN H 135 17.05 -2.91 -112.29
C ASN H 135 16.43 -3.88 -111.29
N GLY H 136 17.31 -4.58 -110.58
CA GLY H 136 16.92 -5.70 -109.74
C GLY H 136 16.84 -6.93 -110.62
N CYS H 137 17.47 -6.84 -111.78
CA CYS H 137 17.38 -7.87 -112.79
C CYS H 137 18.74 -8.49 -113.09
N PHE H 138 18.72 -9.76 -113.48
CA PHE H 138 19.93 -10.46 -113.90
C PHE H 138 19.82 -10.91 -115.36
N GLU H 139 20.87 -10.69 -116.14
CA GLU H 139 21.00 -11.27 -117.50
C GLU H 139 22.02 -12.42 -117.53
N PHE H 140 21.60 -13.55 -118.10
CA PHE H 140 22.43 -14.76 -118.22
C PHE H 140 23.50 -14.61 -119.30
N TYR H 141 24.73 -14.96 -118.94
CA TYR H 141 25.85 -15.06 -119.89
C TYR H 141 25.61 -16.19 -120.89
N HIS H 142 24.80 -17.16 -120.48
CA HIS H 142 24.42 -18.27 -121.35
C HIS H 142 22.93 -18.19 -121.70
N LYS H 143 22.49 -19.14 -122.52
CA LYS H 143 21.08 -19.28 -122.86
C LYS H 143 20.38 -20.06 -121.74
N CYS H 144 19.08 -19.86 -121.59
CA CYS H 144 18.30 -20.53 -120.54
C CYS H 144 16.82 -20.75 -120.93
N ASP H 145 16.24 -21.81 -120.37
CA ASP H 145 14.87 -22.22 -120.65
C ASP H 145 14.00 -22.28 -119.38
N ASN H 146 12.80 -22.86 -119.50
CA ASN H 146 11.87 -22.97 -118.38
C ASN H 146 12.33 -23.95 -117.29
N GLU H 147 12.65 -25.18 -117.69
CA GLU H 147 13.19 -26.19 -116.77
C GLU H 147 14.50 -25.72 -116.14
N CYS H 148 15.20 -24.84 -116.86
CA CYS H 148 16.44 -24.22 -116.42
C CYS H 148 16.26 -23.36 -115.17
N MET H 149 15.13 -22.66 -115.10
CA MET H 149 14.88 -21.70 -114.02
C MET H 149 14.25 -22.34 -112.78
N GLU H 150 13.91 -23.62 -112.86
CA GLU H 150 13.38 -24.38 -111.73
C GLU H 150 14.43 -24.53 -110.65
N SER H 151 15.64 -24.93 -111.06
CA SER H 151 16.78 -25.08 -110.15
C SER H 151 17.18 -23.73 -109.58
N VAL H 152 16.94 -22.67 -110.36
CA VAL H 152 17.18 -21.29 -109.92
C VAL H 152 16.31 -20.93 -108.70
N ARG H 153 15.01 -21.25 -108.79
CA ARG H 153 14.11 -21.12 -107.64
C ARG H 153 14.47 -22.16 -106.58
N ASN H 154 14.63 -23.42 -107.01
CA ASN H 154 15.02 -24.52 -106.11
C ASN H 154 16.19 -24.17 -105.19
N GLY H 155 17.19 -23.50 -105.75
CA GLY H 155 18.47 -23.33 -105.09
C GLY H 155 19.44 -24.41 -105.52
N THR H 156 19.18 -25.00 -106.69
CA THR H 156 20.01 -26.06 -107.25
C THR H 156 20.63 -25.67 -108.58
N TYR H 157 20.96 -24.39 -108.74
CA TYR H 157 21.68 -23.93 -109.93
C TYR H 157 23.14 -24.39 -109.85
N ASP H 158 23.62 -25.02 -110.93
CA ASP H 158 24.99 -25.52 -110.99
C ASP H 158 25.95 -24.60 -111.75
N TYR H 159 26.85 -23.98 -111.00
CA TYR H 159 27.81 -23.00 -111.51
C TYR H 159 28.82 -23.59 -112.50
N PRO H 160 29.52 -24.69 -112.12
CA PRO H 160 30.58 -25.23 -112.98
C PRO H 160 30.09 -25.83 -114.31
N GLN H 161 28.78 -25.84 -114.51
CA GLN H 161 28.19 -26.35 -115.76
C GLN H 161 28.30 -25.34 -116.89
N TYR H 162 27.79 -24.13 -116.65
CA TYR H 162 27.67 -23.12 -117.71
C TYR H 162 28.73 -22.05 -117.57
N SER H 163 29.75 -22.36 -116.77
CA SER H 163 30.86 -21.45 -116.49
C SER H 163 31.68 -21.11 -117.73
N GLU H 164 32.18 -22.12 -118.44
CA GLU H 164 33.03 -21.90 -119.63
C GLU H 164 32.24 -21.40 -120.85
N GLU H 165 30.92 -21.57 -120.81
CA GLU H 165 30.01 -21.01 -121.83
C GLU H 165 29.85 -19.52 -121.60
N ALA H 166 29.87 -19.15 -120.32
CA ALA H 166 29.86 -17.75 -119.88
C ALA H 166 31.23 -17.12 -120.09
N ARG H 167 32.27 -17.79 -119.59
CA ARG H 167 33.68 -17.32 -119.64
C ARG H 167 34.16 -16.89 -121.02
N LEU H 168 33.88 -17.71 -122.03
CA LEU H 168 34.18 -17.35 -123.41
C LEU H 168 33.21 -16.27 -123.92
N LYS H 169 31.92 -16.42 -123.61
CA LYS H 169 30.90 -15.41 -123.96
C LYS H 169 31.15 -14.04 -123.29
N ARG H 170 31.95 -14.04 -122.24
CA ARG H 170 32.34 -12.83 -121.50
C ARG H 170 33.44 -12.03 -122.20
N GLU H 171 34.44 -12.75 -122.71
CA GLU H 171 35.56 -12.16 -123.44
C GLU H 171 35.14 -11.63 -124.81
N GLU H 172 34.08 -12.23 -125.37
CA GLU H 172 33.51 -11.82 -126.66
C GLU H 172 32.92 -10.42 -126.62
N ILE H 173 32.33 -10.10 -125.47
CA ILE H 173 31.76 -8.78 -125.22
C ILE H 173 32.87 -7.78 -124.85
N SER H 174 33.96 -8.28 -124.28
CA SER H 174 35.10 -7.45 -123.87
C SER H 174 35.87 -6.91 -125.08
N SER H 175 35.82 -5.58 -125.25
CA SER H 175 36.49 -4.91 -126.37
C SER H 175 35.93 -5.34 -127.71
N GLY I 4 42.01 -24.91 -104.33
CA GLY I 4 42.14 -23.60 -103.65
C GLY I 4 42.00 -23.71 -102.13
N ASP I 5 41.99 -22.55 -101.47
CA ASP I 5 41.92 -22.48 -100.00
C ASP I 5 40.70 -21.69 -99.54
N GLN I 6 40.16 -22.02 -98.37
CA GLN I 6 38.92 -21.41 -97.91
C GLN I 6 39.03 -20.67 -96.58
N ILE I 7 38.11 -19.73 -96.39
CA ILE I 7 37.70 -19.24 -95.07
C ILE I 7 36.18 -19.17 -95.09
N CYS I 8 35.56 -19.59 -94.00
CA CYS I 8 34.11 -19.52 -93.86
C CYS I 8 33.68 -18.76 -92.61
N ILE I 9 32.74 -17.84 -92.77
CA ILE I 9 32.18 -17.13 -91.62
C ILE I 9 30.94 -17.88 -91.11
N GLY I 10 30.90 -18.11 -89.80
CA GLY I 10 29.77 -18.73 -89.13
C GLY I 10 29.52 -18.15 -87.75
N TYR I 11 28.50 -18.67 -87.09
CA TYR I 11 28.10 -18.16 -85.79
C TYR I 11 28.06 -19.28 -84.76
N HIS I 12 27.98 -18.93 -83.48
CA HIS I 12 28.05 -19.92 -82.43
C HIS I 12 26.80 -20.82 -82.44
N ALA I 13 26.92 -21.99 -81.81
CA ALA I 13 25.78 -22.85 -81.54
C ALA I 13 26.15 -23.77 -80.38
N ASN I 14 25.27 -23.91 -79.40
CA ASN I 14 25.54 -24.78 -78.25
C ASN I 14 24.39 -25.74 -77.98
N ASN I 15 24.48 -26.48 -76.87
CA ASN I 15 23.43 -27.45 -76.55
C ASN I 15 22.26 -26.84 -75.78
N SER I 16 21.93 -25.58 -76.04
CA SER I 16 20.81 -24.90 -75.39
C SER I 16 19.47 -25.22 -76.06
N THR I 17 18.44 -25.38 -75.24
CA THR I 17 17.11 -25.64 -75.76
C THR I 17 16.12 -24.62 -75.22
N GLU I 18 16.64 -23.53 -74.69
CA GLU I 18 15.77 -22.50 -74.14
C GLU I 18 15.15 -21.66 -75.26
N GLN I 19 13.81 -21.67 -75.28
CA GLN I 19 13.04 -20.94 -76.29
C GLN I 19 12.75 -19.49 -75.89
N VAL I 20 12.46 -18.69 -76.91
CA VAL I 20 12.18 -17.28 -76.79
C VAL I 20 11.14 -16.89 -77.84
N ASP I 21 10.33 -15.89 -77.53
CA ASP I 21 9.34 -15.40 -78.49
C ASP I 21 9.71 -14.04 -79.09
N THR I 22 9.16 -13.81 -80.27
CA THR I 22 9.43 -12.64 -81.09
C THR I 22 8.12 -12.07 -81.60
N ILE I 23 8.07 -10.76 -81.84
CA ILE I 23 6.91 -10.12 -82.43
C ILE I 23 6.33 -10.93 -83.61
N MET I 24 7.20 -11.64 -84.31
CA MET I 24 6.86 -12.36 -85.53
C MET I 24 7.05 -13.85 -85.46
N GLU I 25 7.70 -14.32 -84.41
CA GLU I 25 7.97 -15.73 -84.29
C GLU I 25 7.83 -16.27 -82.90
N LYS I 26 7.30 -17.49 -82.82
CA LYS I 26 7.10 -18.16 -81.55
C LYS I 26 8.08 -19.31 -81.43
N ASN I 27 8.33 -19.74 -80.19
CA ASN I 27 9.14 -20.91 -79.84
C ASN I 27 10.49 -20.96 -80.56
N VAL I 28 11.26 -19.89 -80.44
CA VAL I 28 12.54 -19.79 -81.13
C VAL I 28 13.68 -20.23 -80.22
N THR I 29 14.42 -21.24 -80.64
CA THR I 29 15.54 -21.78 -79.86
C THR I 29 16.73 -20.82 -79.89
N VAL I 30 17.32 -20.60 -78.71
CA VAL I 30 18.28 -19.51 -78.52
C VAL I 30 19.51 -20.00 -77.75
N THR I 31 20.64 -19.35 -77.98
CA THR I 31 21.92 -19.69 -77.35
C THR I 31 21.94 -19.40 -75.85
N HIS I 32 21.60 -18.17 -75.48
CA HIS I 32 21.53 -17.72 -74.08
C HIS I 32 20.36 -16.81 -73.90
N ALA I 33 19.78 -16.86 -72.72
CA ALA I 33 18.60 -16.06 -72.45
C ALA I 33 18.57 -15.62 -70.99
N GLN I 34 17.77 -14.58 -70.73
CA GLN I 34 17.70 -13.95 -69.42
C GLN I 34 16.25 -13.76 -69.00
N ASP I 35 15.84 -14.31 -67.86
CA ASP I 35 14.49 -14.08 -67.35
C ASP I 35 14.43 -12.73 -66.65
N ILE I 36 13.43 -11.94 -67.03
CA ILE I 36 13.23 -10.59 -66.54
C ILE I 36 12.24 -10.58 -65.41
N LEU I 37 11.55 -11.69 -65.23
CA LEU I 37 10.40 -11.77 -64.36
C LEU I 37 10.72 -12.54 -63.12
N GLU I 38 10.63 -11.87 -61.97
CA GLU I 38 10.84 -12.51 -60.68
C GLU I 38 9.68 -13.41 -60.29
N LYS I 39 10.03 -14.62 -59.85
CA LYS I 39 9.04 -15.60 -59.46
C LYS I 39 9.35 -16.18 -58.10
N LYS I 40 10.51 -15.82 -57.53
CA LYS I 40 10.92 -16.45 -56.28
C LYS I 40 10.67 -15.59 -55.06
N HIS I 41 9.99 -16.14 -54.06
CA HIS I 41 9.86 -15.49 -52.76
C HIS I 41 10.39 -16.45 -51.72
N ASN I 42 10.51 -16.00 -50.48
CA ASN I 42 11.09 -16.84 -49.45
C ASN I 42 10.11 -17.29 -48.37
N GLY I 43 8.83 -17.05 -48.59
CA GLY I 43 7.78 -17.56 -47.72
C GLY I 43 7.86 -17.18 -46.26
N LYS I 44 8.55 -16.09 -45.95
CA LYS I 44 8.47 -15.55 -44.61
C LYS I 44 8.23 -14.04 -44.59
N LEU I 45 7.93 -13.52 -43.39
CA LEU I 45 7.76 -12.10 -43.17
C LEU I 45 9.04 -11.48 -42.63
N CYS I 46 9.45 -10.35 -43.21
CA CYS I 46 10.74 -9.74 -42.87
C CYS I 46 10.68 -8.27 -42.53
N ASP I 47 11.73 -7.76 -41.90
CA ASP I 47 11.88 -6.35 -41.68
C ASP I 47 11.83 -5.61 -42.99
N LEU I 48 11.27 -4.41 -42.97
CA LEU I 48 11.45 -3.48 -44.07
C LEU I 48 12.59 -2.55 -43.73
N ASP I 49 13.60 -2.57 -44.59
CA ASP I 49 14.83 -1.84 -44.35
C ASP I 49 15.30 -1.93 -42.91
N GLY I 50 15.45 -3.14 -42.41
CA GLY I 50 15.89 -3.35 -41.03
C GLY I 50 14.93 -2.83 -39.97
N VAL I 51 13.64 -2.77 -40.27
CA VAL I 51 12.68 -2.42 -39.25
C VAL I 51 11.63 -3.52 -39.23
N LYS I 52 11.49 -4.18 -38.07
CA LYS I 52 10.54 -5.28 -37.91
C LYS I 52 9.12 -4.87 -38.18
N PRO I 53 8.29 -5.82 -38.60
CA PRO I 53 6.87 -5.59 -38.58
C PRO I 53 6.27 -5.86 -37.20
N LEU I 54 5.10 -5.28 -36.95
CA LEU I 54 4.25 -5.62 -35.85
C LEU I 54 3.33 -6.74 -36.29
N ILE I 55 3.56 -7.93 -35.78
CA ILE I 55 2.70 -9.09 -36.07
C ILE I 55 1.73 -9.40 -34.92
N LEU I 56 0.49 -8.97 -35.06
CA LEU I 56 -0.56 -9.29 -34.07
C LEU I 56 -0.92 -10.71 -34.39
N ARG I 57 -0.98 -11.60 -33.42
CA ARG I 57 -1.10 -12.97 -33.87
C ARG I 57 -2.56 -13.31 -34.14
N ASP I 58 -3.34 -13.35 -33.07
CA ASP I 58 -4.73 -13.66 -33.17
C ASP I 58 -5.56 -12.47 -32.83
N CYS I 59 -4.96 -11.29 -32.89
CA CYS I 59 -5.66 -10.08 -32.50
C CYS I 59 -5.82 -9.12 -33.57
N SER I 60 -6.99 -8.49 -33.58
CA SER I 60 -7.25 -7.30 -34.34
C SER I 60 -6.51 -6.15 -33.69
N VAL I 61 -6.42 -5.05 -34.42
CA VAL I 61 -5.77 -3.89 -33.90
C VAL I 61 -6.57 -3.33 -32.72
N ALA I 62 -7.89 -3.28 -32.91
CA ALA I 62 -8.78 -2.94 -31.80
C ALA I 62 -8.47 -3.80 -30.58
N GLY I 63 -8.50 -5.11 -30.80
CA GLY I 63 -8.21 -6.07 -29.74
C GLY I 63 -7.00 -5.68 -28.97
N TRP I 64 -5.98 -5.32 -29.72
CA TRP I 64 -4.69 -5.04 -29.15
C TRP I 64 -4.71 -3.74 -28.39
N LEU I 65 -5.35 -2.73 -28.95
CA LEU I 65 -5.17 -1.39 -28.40
C LEU I 65 -5.88 -1.25 -27.08
N LEU I 66 -7.17 -1.61 -27.10
CA LEU I 66 -7.90 -1.89 -25.91
C LEU I 66 -7.26 -3.15 -25.33
N GLY I 67 -7.28 -3.32 -24.03
CA GLY I 67 -6.64 -4.54 -23.62
C GLY I 67 -7.54 -5.74 -23.71
N ASN I 68 -7.76 -6.31 -24.89
CA ASN I 68 -8.51 -7.59 -24.87
C ASN I 68 -7.73 -8.64 -24.05
N PRO I 69 -8.37 -9.22 -23.03
CA PRO I 69 -7.67 -10.15 -22.10
C PRO I 69 -6.87 -11.27 -22.76
N MET I 70 -7.32 -11.71 -23.91
CA MET I 70 -6.69 -12.81 -24.63
C MET I 70 -5.59 -12.38 -25.57
N CYS I 71 -5.65 -11.15 -26.03
CA CYS I 71 -4.46 -10.52 -26.54
C CYS I 71 -3.52 -10.20 -25.39
N ASP I 72 -2.37 -9.62 -25.68
CA ASP I 72 -1.59 -9.11 -24.60
C ASP I 72 -1.07 -7.75 -24.89
N GLU I 73 -0.41 -7.14 -23.92
CA GLU I 73 0.16 -5.79 -24.11
C GLU I 73 1.58 -5.99 -24.61
N PHE I 74 2.04 -7.23 -24.45
CA PHE I 74 3.27 -7.68 -25.09
C PHE I 74 3.05 -7.37 -26.54
N ILE I 75 3.45 -6.17 -26.87
CA ILE I 75 3.72 -5.78 -28.19
C ILE I 75 4.60 -4.61 -27.84
N ASN I 76 5.44 -4.85 -26.82
CA ASN I 76 6.43 -3.92 -26.28
C ASN I 76 7.61 -3.78 -27.25
N VAL I 77 7.26 -3.73 -28.53
CA VAL I 77 8.15 -3.34 -29.61
C VAL I 77 7.90 -1.86 -29.95
N PRO I 78 8.97 -1.04 -29.87
CA PRO I 78 8.84 0.41 -29.80
C PRO I 78 8.58 1.07 -31.14
N GLU I 79 8.75 0.30 -32.21
CA GLU I 79 8.80 0.83 -33.56
C GLU I 79 8.38 -0.24 -34.57
N TRP I 80 7.83 0.15 -35.69
CA TRP I 80 7.50 -0.83 -36.75
C TRP I 80 7.26 -0.21 -38.11
N SER I 81 7.34 -1.04 -39.14
CA SER I 81 7.36 -0.55 -40.50
C SER I 81 6.08 -0.89 -41.20
N TYR I 82 5.44 -1.97 -40.76
CA TYR I 82 4.10 -2.32 -41.18
C TYR I 82 3.48 -3.28 -40.18
N ILE I 83 2.16 -3.43 -40.22
CA ILE I 83 1.43 -4.33 -39.31
C ILE I 83 0.94 -5.57 -40.04
N VAL I 84 0.96 -6.72 -39.37
CA VAL I 84 0.38 -7.91 -39.97
C VAL I 84 -0.79 -8.51 -39.16
N GLU I 85 -2.01 -8.35 -39.67
CA GLU I 85 -3.20 -9.02 -39.09
C GLU I 85 -3.45 -10.30 -39.84
N LYS I 86 -4.04 -11.27 -39.17
CA LYS I 86 -4.61 -12.40 -39.90
C LYS I 86 -5.86 -12.06 -40.72
N ALA I 87 -6.34 -13.01 -41.51
CA ALA I 87 -7.54 -12.80 -42.33
C ALA I 87 -8.71 -12.50 -41.40
N ASN I 88 -8.85 -13.35 -40.39
CA ASN I 88 -9.93 -13.24 -39.45
C ASN I 88 -9.44 -13.45 -38.06
N PRO I 89 -8.82 -12.39 -37.52
CA PRO I 89 -8.29 -12.50 -36.16
C PRO I 89 -9.40 -12.94 -35.21
N VAL I 90 -9.06 -13.86 -34.32
CA VAL I 90 -10.03 -14.41 -33.37
C VAL I 90 -10.40 -13.43 -32.23
N ASN I 91 -9.49 -12.54 -31.88
CA ASN I 91 -9.68 -11.69 -30.70
C ASN I 91 -9.83 -10.24 -31.07
N ASP I 92 -11.06 -9.79 -31.03
CA ASP I 92 -11.39 -8.44 -31.46
C ASP I 92 -12.05 -7.74 -30.27
N LEU I 93 -13.31 -7.36 -30.41
CA LEU I 93 -14.04 -6.75 -29.29
C LEU I 93 -14.80 -7.84 -28.57
N CYS I 94 -14.18 -8.42 -27.54
CA CYS I 94 -14.79 -9.48 -26.72
C CYS I 94 -16.18 -9.01 -26.30
N TYR I 95 -16.26 -7.87 -25.65
CA TYR I 95 -17.54 -7.23 -25.45
C TYR I 95 -18.00 -6.58 -26.76
N PRO I 96 -19.20 -6.92 -27.21
CA PRO I 96 -19.62 -6.49 -28.55
C PRO I 96 -19.79 -5.01 -28.57
N GLY I 97 -19.62 -4.41 -29.74
CA GLY I 97 -19.62 -2.96 -29.84
C GLY I 97 -19.13 -2.43 -31.17
N ASP I 98 -18.57 -1.22 -31.13
CA ASP I 98 -18.12 -0.54 -32.32
C ASP I 98 -16.98 0.38 -32.02
N PHE I 99 -16.20 0.64 -33.04
CA PHE I 99 -14.96 1.41 -32.94
C PHE I 99 -15.02 2.43 -34.04
N ASN I 100 -14.78 3.66 -33.68
CA ASN I 100 -15.14 4.74 -34.52
C ASN I 100 -13.93 5.14 -35.35
N ASP I 101 -14.08 5.31 -36.65
CA ASP I 101 -12.92 5.60 -37.48
C ASP I 101 -11.81 4.55 -37.26
N TYR I 102 -12.23 3.31 -37.18
CA TYR I 102 -11.31 2.22 -36.94
C TYR I 102 -10.28 2.13 -38.04
N GLU I 103 -10.72 2.12 -39.30
CA GLU I 103 -9.81 1.98 -40.41
C GLU I 103 -8.80 3.09 -40.46
N GLU I 104 -9.29 4.32 -40.36
CA GLU I 104 -8.39 5.44 -40.33
C GLU I 104 -7.35 5.26 -39.25
N LEU I 105 -7.77 4.79 -38.08
CA LEU I 105 -6.81 4.57 -37.00
C LEU I 105 -5.81 3.48 -37.38
N LYS I 106 -6.31 2.37 -37.91
CA LYS I 106 -5.43 1.33 -38.41
C LYS I 106 -4.43 1.89 -39.36
N HIS I 107 -4.85 2.74 -40.27
CA HIS I 107 -3.92 3.30 -41.25
C HIS I 107 -2.89 4.18 -40.61
N LEU I 108 -3.32 4.99 -39.65
CA LEU I 108 -2.40 5.81 -38.91
C LEU I 108 -1.36 4.95 -38.24
N LEU I 109 -1.73 3.75 -37.83
CA LEU I 109 -0.88 2.93 -36.97
C LEU I 109 0.06 2.01 -37.74
N SER I 110 -0.20 1.92 -39.02
CA SER I 110 0.50 0.98 -39.86
C SER I 110 2.03 1.09 -39.85
N ARG I 111 2.57 2.29 -39.62
CA ARG I 111 4.02 2.51 -39.50
C ARG I 111 4.32 3.59 -38.48
N ILE I 112 5.14 3.26 -37.50
CA ILE I 112 5.35 4.10 -36.32
C ILE I 112 6.82 4.13 -35.95
N ASN I 113 7.28 5.33 -35.66
CA ASN I 113 8.66 5.59 -35.35
C ASN I 113 8.97 5.32 -33.88
N HIS I 114 8.00 5.62 -33.03
CA HIS I 114 8.10 5.36 -31.61
C HIS I 114 6.69 5.20 -31.10
N PHE I 115 6.53 4.32 -30.13
CA PHE I 115 5.23 3.97 -29.61
C PHE I 115 5.48 3.53 -28.19
N GLU I 116 4.73 4.05 -27.22
CA GLU I 116 5.03 3.77 -25.80
C GLU I 116 3.74 3.94 -25.02
N LYS I 117 3.47 3.01 -24.11
CA LYS I 117 2.20 2.98 -23.44
C LYS I 117 2.37 3.68 -22.11
N ILE I 118 1.49 4.61 -21.80
CA ILE I 118 1.63 5.46 -20.65
C ILE I 118 0.36 5.38 -19.83
N GLN I 119 0.49 5.30 -18.51
CA GLN I 119 -0.70 5.34 -17.65
C GLN I 119 -1.20 6.76 -17.55
N ILE I 120 -2.27 7.08 -18.28
CA ILE I 120 -2.84 8.42 -18.28
C ILE I 120 -3.72 8.72 -17.07
N ILE I 121 -4.70 7.87 -16.79
CA ILE I 121 -5.57 8.01 -15.62
C ILE I 121 -5.65 6.65 -14.90
N PRO I 122 -4.90 6.56 -13.83
CA PRO I 122 -4.70 5.36 -13.04
C PRO I 122 -5.98 4.76 -12.53
N LYS I 123 -6.10 3.44 -12.69
CA LYS I 123 -7.26 2.68 -12.27
C LYS I 123 -7.58 2.86 -10.80
N SER I 124 -6.62 3.27 -10.00
CA SER I 124 -6.97 3.43 -8.61
C SER I 124 -7.32 4.84 -8.14
N SER I 125 -7.37 5.81 -9.04
CA SER I 125 -7.63 7.19 -8.61
C SER I 125 -9.10 7.49 -8.65
N TRP I 126 -9.92 6.48 -8.89
CA TRP I 126 -11.36 6.65 -8.91
C TRP I 126 -11.80 6.32 -7.54
N SER I 127 -11.71 7.29 -6.65
CA SER I 127 -12.09 7.11 -5.26
C SER I 127 -13.60 7.01 -5.09
N SER I 128 -14.35 7.88 -5.76
CA SER I 128 -15.78 7.92 -5.52
C SER I 128 -16.59 7.24 -6.59
N HIS I 129 -15.94 6.33 -7.33
CA HIS I 129 -16.63 5.41 -8.24
C HIS I 129 -16.00 4.03 -8.13
N GLU I 130 -16.70 3.00 -8.57
CA GLU I 130 -16.19 1.64 -8.52
C GLU I 130 -15.40 1.35 -9.75
N ALA I 131 -14.12 1.05 -9.56
CA ALA I 131 -13.24 0.83 -10.70
C ALA I 131 -13.02 -0.64 -11.02
N SER I 132 -13.08 -1.46 -10.00
CA SER I 132 -12.68 -2.81 -10.19
C SER I 132 -13.86 -3.76 -10.40
N LEU I 133 -15.05 -3.25 -10.73
CA LEU I 133 -16.20 -4.16 -10.89
C LEU I 133 -16.65 -4.33 -12.32
N GLY I 134 -16.36 -3.36 -13.18
CA GLY I 134 -16.78 -3.42 -14.57
C GLY I 134 -16.16 -4.57 -15.34
N VAL I 135 -16.84 -5.70 -15.36
CA VAL I 135 -16.28 -6.96 -15.78
C VAL I 135 -17.38 -7.81 -16.37
N SER I 136 -17.10 -8.56 -17.42
CA SER I 136 -18.16 -9.42 -17.97
C SER I 136 -17.71 -10.80 -18.46
N SER I 137 -18.66 -11.69 -18.63
CA SER I 137 -18.33 -13.02 -19.09
C SER I 137 -18.04 -13.03 -20.57
N ALA I 138 -18.36 -11.95 -21.24
CA ALA I 138 -17.93 -11.81 -22.62
C ALA I 138 -16.40 -11.73 -22.78
N CYS I 139 -15.68 -11.22 -21.78
CA CYS I 139 -14.23 -11.18 -21.86
C CYS I 139 -13.60 -12.09 -20.86
N PRO I 140 -13.72 -13.38 -21.10
CA PRO I 140 -13.23 -14.22 -20.04
C PRO I 140 -11.70 -14.19 -20.02
N TYR I 141 -11.11 -13.94 -18.86
CA TYR I 141 -9.67 -14.07 -18.81
C TYR I 141 -9.25 -15.49 -18.47
N GLN I 142 -9.16 -15.87 -17.20
CA GLN I 142 -8.66 -17.24 -17.01
C GLN I 142 -9.73 -18.11 -16.41
N GLY I 143 -10.92 -18.05 -17.04
CA GLY I 143 -12.09 -18.63 -16.42
C GLY I 143 -12.84 -17.56 -15.65
N LYS I 144 -12.11 -16.74 -14.87
CA LYS I 144 -12.72 -15.58 -14.28
C LYS I 144 -13.13 -14.71 -15.46
N SER I 145 -14.24 -14.02 -15.31
CA SER I 145 -14.66 -13.06 -16.31
C SER I 145 -13.92 -11.74 -16.07
N SER I 146 -13.95 -10.87 -17.06
CA SER I 146 -13.04 -9.72 -17.06
C SER I 146 -13.38 -8.75 -18.18
N PHE I 147 -12.39 -8.03 -18.70
CA PHE I 147 -12.64 -6.86 -19.56
C PHE I 147 -11.34 -6.27 -20.05
N PHE I 148 -11.42 -5.45 -21.09
CA PHE I 148 -10.26 -4.74 -21.65
C PHE I 148 -9.33 -4.14 -20.58
N ARG I 149 -8.03 -4.31 -20.76
CA ARG I 149 -7.05 -3.92 -19.79
C ARG I 149 -6.73 -2.41 -19.83
N ASN I 150 -6.79 -1.84 -21.02
CA ASN I 150 -6.29 -0.51 -21.22
C ASN I 150 -7.34 0.60 -20.99
N VAL I 151 -8.48 0.21 -20.43
CA VAL I 151 -9.60 1.11 -20.33
C VAL I 151 -10.41 0.65 -19.12
N VAL I 152 -11.14 1.52 -18.46
CA VAL I 152 -11.84 1.13 -17.23
C VAL I 152 -13.34 1.32 -17.25
N TRP I 153 -14.08 0.31 -16.85
CA TRP I 153 -15.55 0.37 -16.92
C TRP I 153 -16.06 0.70 -15.56
N LEU I 154 -16.31 1.98 -15.35
CA LEU I 154 -16.66 2.48 -14.04
C LEU I 154 -18.12 2.21 -13.71
N ILE I 155 -18.35 1.85 -12.47
CA ILE I 155 -19.66 1.51 -11.95
C ILE I 155 -19.96 2.42 -10.72
N LYS I 156 -21.25 2.60 -10.41
CA LYS I 156 -21.65 3.37 -9.23
C LYS I 156 -21.08 2.77 -7.97
N LYS I 157 -20.73 3.65 -7.02
CA LYS I 157 -20.31 3.26 -5.67
C LYS I 157 -21.42 3.70 -4.73
N ASN I 158 -21.60 2.97 -3.63
CA ASN I 158 -22.87 3.02 -2.88
C ASN I 158 -23.99 2.99 -3.90
N SER I 159 -24.93 3.93 -3.79
CA SER I 159 -25.93 4.01 -4.84
C SER I 159 -25.83 5.37 -5.47
N THR I 160 -24.63 5.72 -5.92
CA THR I 160 -24.34 7.07 -6.36
C THR I 160 -23.31 7.06 -7.46
N TYR I 161 -23.44 7.99 -8.41
CA TYR I 161 -22.44 8.18 -9.46
C TYR I 161 -22.23 9.66 -9.65
N PRO I 162 -21.29 10.23 -8.87
CA PRO I 162 -21.06 11.66 -8.95
C PRO I 162 -20.61 12.01 -10.34
N THR I 163 -20.81 13.26 -10.73
CA THR I 163 -20.36 13.71 -12.03
C THR I 163 -18.86 13.73 -12.05
N ILE I 164 -18.28 12.98 -12.96
CA ILE I 164 -16.84 12.99 -13.16
C ILE I 164 -16.34 14.23 -13.93
N LYS I 165 -15.42 14.96 -13.33
CA LYS I 165 -14.77 16.05 -14.03
C LYS I 165 -13.28 15.78 -13.94
N ARG I 166 -12.64 15.59 -15.09
CA ARG I 166 -11.28 15.10 -15.06
C ARG I 166 -10.55 15.38 -16.34
N SER I 167 -9.29 15.77 -16.21
CA SER I 167 -8.52 16.09 -17.39
C SER I 167 -7.05 15.70 -17.24
N TYR I 168 -6.37 15.61 -18.37
CA TYR I 168 -5.00 15.24 -18.39
C TYR I 168 -4.26 16.14 -19.38
N ASN I 169 -3.17 16.76 -18.91
CA ASN I 169 -2.30 17.56 -19.76
C ASN I 169 -1.28 16.65 -20.37
N ASN I 170 -1.19 16.64 -21.69
CA ASN I 170 -0.07 16.02 -22.36
C ASN I 170 1.21 16.85 -22.16
N THR I 171 2.02 16.45 -21.19
CA THR I 171 3.25 17.20 -20.91
C THR I 171 4.44 16.52 -21.54
N ASN I 172 4.19 15.48 -22.30
CA ASN I 172 5.26 14.90 -23.10
C ASN I 172 5.50 15.69 -24.37
N GLN I 173 6.57 15.34 -25.08
CA GLN I 173 6.82 15.98 -26.36
C GLN I 173 6.07 15.27 -27.46
N GLU I 174 5.73 14.02 -27.25
CA GLU I 174 5.19 13.24 -28.33
C GLU I 174 3.71 13.49 -28.34
N ASP I 175 3.11 13.46 -29.53
CA ASP I 175 1.67 13.29 -29.73
C ASP I 175 1.20 12.10 -28.88
N LEU I 176 0.01 12.14 -28.30
CA LEU I 176 -0.46 10.90 -27.70
C LEU I 176 -1.87 10.49 -28.04
N LEU I 177 -2.02 9.21 -28.36
CA LEU I 177 -3.26 8.69 -28.84
C LEU I 177 -4.01 8.23 -27.61
N VAL I 178 -5.25 8.72 -27.50
CA VAL I 178 -6.14 8.46 -26.38
C VAL I 178 -7.48 7.86 -26.81
N LEU I 179 -7.94 6.90 -25.99
CA LEU I 179 -9.13 6.11 -26.27
C LEU I 179 -10.10 6.10 -25.12
N TRP I 180 -11.40 6.17 -25.42
CA TRP I 180 -12.45 6.06 -24.39
C TRP I 180 -13.73 5.46 -24.99
N GLY I 181 -14.70 5.11 -24.16
CA GLY I 181 -15.94 4.58 -24.71
C GLY I 181 -17.21 4.92 -23.95
N ILE I 182 -18.36 4.58 -24.54
CA ILE I 182 -19.68 4.61 -23.89
C ILE I 182 -20.17 3.21 -23.75
N HIS I 183 -20.98 2.99 -22.74
CA HIS I 183 -21.72 1.77 -22.68
C HIS I 183 -23.18 2.09 -23.05
N HIS I 184 -23.69 1.43 -24.07
CA HIS I 184 -25.10 1.52 -24.39
C HIS I 184 -25.82 0.31 -23.79
N PRO I 185 -26.37 0.45 -22.57
CA PRO I 185 -27.10 -0.66 -21.97
C PRO I 185 -28.31 -1.18 -22.76
N ASN I 186 -28.78 -2.35 -22.36
CA ASN I 186 -29.92 -2.92 -23.02
C ASN I 186 -31.25 -2.28 -22.60
N ASP I 187 -31.37 -1.83 -21.33
CA ASP I 187 -32.64 -1.25 -20.85
C ASP I 187 -32.50 -0.34 -19.64
N ALA I 188 -33.58 0.33 -19.28
CA ALA I 188 -33.57 1.32 -18.23
C ALA I 188 -33.10 0.77 -16.88
N ALA I 189 -33.56 -0.43 -16.56
CA ALA I 189 -33.19 -1.07 -15.31
C ALA I 189 -31.68 -1.25 -15.23
N GLU I 190 -31.12 -1.87 -16.26
CA GLU I 190 -29.67 -2.06 -16.39
C GLU I 190 -28.92 -0.72 -16.21
N GLN I 191 -29.53 0.37 -16.66
CA GLN I 191 -28.94 1.71 -16.50
C GLN I 191 -28.75 1.99 -15.05
N THR I 192 -29.87 1.99 -14.33
CA THR I 192 -29.92 2.33 -12.90
C THR I 192 -29.03 1.41 -12.10
N LYS I 193 -29.06 0.15 -12.45
CA LYS I 193 -28.22 -0.80 -11.78
C LYS I 193 -26.75 -0.42 -11.82
N LEU I 194 -26.23 -0.02 -12.98
CA LEU I 194 -24.78 0.21 -13.10
C LEU I 194 -24.37 1.63 -12.69
N TYR I 195 -25.23 2.57 -12.99
CA TYR I 195 -25.01 3.99 -12.79
C TYR I 195 -26.32 4.38 -12.17
N GLN I 196 -26.37 5.30 -11.23
CA GLN I 196 -27.70 5.57 -10.68
C GLN I 196 -28.56 6.33 -11.65
N ASN I 197 -27.95 7.24 -12.40
CA ASN I 197 -28.69 8.27 -13.07
C ASN I 197 -29.31 7.81 -14.39
N PRO I 198 -30.60 8.15 -14.64
CA PRO I 198 -31.27 7.64 -15.82
C PRO I 198 -30.74 8.34 -17.05
N THR I 199 -30.62 9.67 -16.99
CA THR I 199 -30.18 10.46 -18.15
C THR I 199 -28.68 10.69 -18.00
N THR I 200 -27.94 10.50 -19.05
CA THR I 200 -26.51 10.48 -18.89
C THR I 200 -25.73 11.03 -20.10
N TYR I 201 -24.48 11.45 -19.87
CA TYR I 201 -23.66 11.89 -20.99
C TYR I 201 -22.20 11.67 -20.69
N ILE I 202 -21.42 11.52 -21.75
CA ILE I 202 -20.01 11.83 -21.66
C ILE I 202 -19.70 13.00 -22.58
N SER I 203 -18.89 13.94 -22.10
CA SER I 203 -18.38 15.01 -22.98
C SER I 203 -16.90 15.21 -22.86
N VAL I 204 -16.24 15.22 -24.02
CA VAL I 204 -14.78 15.24 -24.12
C VAL I 204 -14.36 16.45 -24.95
N GLY I 205 -13.40 17.20 -24.46
CA GLY I 205 -12.99 18.36 -25.18
C GLY I 205 -11.50 18.44 -25.28
N THR I 206 -11.03 18.95 -26.41
CA THR I 206 -9.62 19.12 -26.69
C THR I 206 -9.46 20.56 -27.15
N SER I 207 -8.34 20.88 -27.80
CA SER I 207 -8.29 22.11 -28.58
C SER I 207 -8.90 21.86 -29.96
N THR I 208 -9.45 20.68 -30.17
CA THR I 208 -9.86 20.19 -31.46
C THR I 208 -11.16 19.45 -31.24
N LEU I 209 -11.14 18.53 -30.30
CA LEU I 209 -12.27 17.67 -30.08
C LEU I 209 -13.35 18.40 -29.34
N ASN I 210 -14.60 18.21 -29.70
CA ASN I 210 -15.70 18.81 -29.00
C ASN I 210 -16.91 17.87 -29.07
N GLN I 211 -16.87 16.83 -28.26
CA GLN I 211 -17.90 15.80 -28.37
C GLN I 211 -18.75 15.65 -27.12
N ARG I 212 -20.00 15.19 -27.31
CA ARG I 212 -20.92 14.80 -26.23
C ARG I 212 -21.69 13.54 -26.62
N LEU I 213 -21.37 12.43 -26.00
CA LEU I 213 -22.05 11.17 -26.27
C LEU I 213 -23.22 11.00 -25.32
N VAL I 214 -24.17 10.20 -25.73
CA VAL I 214 -25.35 9.96 -24.93
C VAL I 214 -25.70 8.51 -25.18
N PRO I 215 -25.84 7.70 -24.11
CA PRO I 215 -26.07 6.28 -24.33
C PRO I 215 -27.42 6.05 -25.02
N ARG I 216 -27.44 5.07 -25.91
CA ARG I 216 -28.60 4.75 -26.69
C ARG I 216 -29.15 3.41 -26.18
N ILE I 217 -30.28 3.45 -25.46
CA ILE I 217 -30.89 2.26 -24.86
C ILE I 217 -31.83 1.58 -25.83
N ALA I 218 -31.66 0.26 -26.01
CA ALA I 218 -32.45 -0.56 -26.95
C ALA I 218 -32.22 -2.08 -26.81
N THR I 219 -33.30 -2.84 -26.90
CA THR I 219 -33.24 -4.26 -27.15
C THR I 219 -32.45 -4.59 -28.41
N ARG I 220 -31.44 -5.43 -28.22
CA ARG I 220 -30.57 -5.88 -29.29
C ARG I 220 -30.41 -7.35 -29.10
N SER I 221 -29.75 -8.00 -30.02
CA SER I 221 -29.56 -9.41 -29.93
C SER I 221 -28.28 -9.63 -29.14
N LYS I 222 -28.23 -10.74 -28.42
CA LYS I 222 -27.07 -11.07 -27.64
C LYS I 222 -25.90 -11.35 -28.58
N VAL I 223 -24.71 -10.96 -28.18
CA VAL I 223 -23.49 -11.25 -28.91
C VAL I 223 -22.44 -11.54 -27.88
N ASN I 224 -21.85 -12.73 -27.92
CA ASN I 224 -21.10 -13.25 -26.79
C ASN I 224 -21.96 -13.03 -25.57
N GLY I 225 -23.24 -13.30 -25.72
CA GLY I 225 -24.19 -13.30 -24.62
C GLY I 225 -24.55 -11.93 -24.11
N GLN I 226 -24.15 -10.89 -24.82
CA GLN I 226 -24.42 -9.54 -24.34
C GLN I 226 -25.32 -8.82 -25.30
N SER I 227 -26.34 -8.16 -24.77
CA SER I 227 -27.09 -7.33 -25.66
C SER I 227 -26.78 -5.87 -25.44
N GLY I 228 -25.89 -5.57 -24.51
CA GLY I 228 -25.37 -4.21 -24.40
C GLY I 228 -24.31 -4.00 -25.44
N ARG I 229 -23.84 -2.77 -25.59
CA ARG I 229 -22.82 -2.50 -26.60
C ARG I 229 -21.81 -1.51 -26.08
N MET I 230 -20.58 -1.63 -26.59
CA MET I 230 -19.52 -0.75 -26.23
C MET I 230 -19.14 0.10 -27.45
N GLU I 231 -19.11 1.42 -27.34
CA GLU I 231 -18.66 2.19 -28.51
C GLU I 231 -17.39 2.97 -28.18
N PHE I 232 -16.34 2.83 -28.97
CA PHE I 232 -15.09 3.51 -28.66
C PHE I 232 -14.74 4.61 -29.63
N PHE I 233 -13.86 5.48 -29.14
CA PHE I 233 -13.51 6.74 -29.80
C PHE I 233 -12.07 7.06 -29.47
N TRP I 234 -11.41 7.88 -30.28
CA TRP I 234 -9.97 8.18 -30.08
C TRP I 234 -9.55 9.56 -30.55
N THR I 235 -8.40 10.07 -30.11
CA THR I 235 -7.79 11.25 -30.77
C THR I 235 -6.35 11.25 -30.50
N ILE I 236 -5.65 12.07 -31.28
CA ILE I 236 -4.29 12.37 -30.98
C ILE I 236 -4.33 13.66 -30.18
N LEU I 237 -3.84 13.58 -28.96
CA LEU I 237 -3.71 14.76 -28.14
C LEU I 237 -2.37 15.40 -28.38
N LYS I 238 -2.40 16.65 -28.84
CA LYS I 238 -1.19 17.33 -29.24
C LYS I 238 -0.24 17.59 -28.02
N PRO I 239 1.09 17.66 -28.27
CA PRO I 239 2.02 17.90 -27.19
C PRO I 239 1.51 18.86 -26.12
N ASN I 240 1.36 20.15 -26.34
CA ASN I 240 0.96 20.94 -25.16
C ASN I 240 -0.50 20.95 -24.70
N ASP I 241 -1.37 20.24 -25.43
CA ASP I 241 -2.80 20.31 -25.21
C ASP I 241 -3.25 19.48 -23.99
N ALA I 242 -4.55 19.39 -23.82
CA ALA I 242 -5.15 18.73 -22.69
C ALA I 242 -6.53 18.21 -23.06
N ILE I 243 -6.87 17.05 -22.53
CA ILE I 243 -8.16 16.47 -22.79
C ILE I 243 -8.97 16.47 -21.50
N ASN I 244 -10.21 16.94 -21.60
CA ASN I 244 -11.09 17.04 -20.44
C ASN I 244 -12.28 16.18 -20.61
N PHE I 245 -12.44 15.24 -19.69
CA PHE I 245 -13.59 14.37 -19.69
C PHE I 245 -14.53 14.81 -18.61
N GLU I 246 -15.82 14.69 -18.93
CA GLU I 246 -16.87 14.95 -17.97
C GLU I 246 -17.94 13.95 -18.18
N SER I 247 -18.28 13.19 -17.16
CA SER I 247 -19.41 12.30 -17.32
C SER I 247 -20.26 12.12 -16.08
N ASN I 248 -21.48 11.73 -16.39
CA ASN I 248 -22.58 11.56 -15.50
C ASN I 248 -22.81 10.08 -15.41
N GLY I 249 -22.44 9.38 -16.48
CA GLY I 249 -22.00 8.01 -16.38
C GLY I 249 -22.41 6.98 -17.40
N ASN I 250 -21.75 6.86 -18.52
CA ASN I 250 -21.77 5.51 -19.09
C ASN I 250 -20.37 5.25 -19.61
N PHE I 251 -19.47 5.85 -18.86
CA PHE I 251 -18.16 6.20 -19.30
C PHE I 251 -17.23 5.03 -19.13
N ILE I 252 -16.55 4.72 -20.22
CA ILE I 252 -15.41 3.80 -20.17
C ILE I 252 -14.15 4.61 -20.32
N ALA I 253 -13.48 4.78 -19.19
CA ALA I 253 -12.45 5.77 -19.01
C ALA I 253 -11.16 5.21 -19.49
N PRO I 254 -10.32 6.03 -20.12
CA PRO I 254 -8.97 5.55 -20.42
C PRO I 254 -8.23 5.15 -19.12
N GLU I 255 -7.28 4.22 -19.22
CA GLU I 255 -6.30 4.09 -18.15
C GLU I 255 -4.96 4.35 -18.77
N TYR I 256 -4.75 3.75 -19.94
CA TYR I 256 -3.51 3.89 -20.62
C TYR I 256 -3.74 4.68 -21.89
N ALA I 257 -2.72 5.39 -22.35
CA ALA I 257 -2.70 5.95 -23.70
C ALA I 257 -1.32 5.75 -24.35
N TYR I 258 -1.15 6.16 -25.60
CA TYR I 258 0.09 5.84 -26.28
C TYR I 258 0.82 7.05 -26.76
N LYS I 259 2.06 7.20 -26.32
CA LYS I 259 2.95 8.15 -26.94
C LYS I 259 3.22 7.65 -28.33
N ILE I 260 3.25 8.55 -29.29
CA ILE I 260 3.35 8.17 -30.68
C ILE I 260 4.13 9.17 -31.47
N VAL I 261 5.07 8.68 -32.28
CA VAL I 261 5.81 9.53 -33.17
C VAL I 261 5.66 8.89 -34.53
N LYS I 262 5.03 9.62 -35.42
CA LYS I 262 4.71 9.11 -36.74
C LYS I 262 5.54 9.87 -37.76
N LYS I 263 6.38 9.15 -38.48
CA LYS I 263 7.21 9.79 -39.51
C LYS I 263 6.97 9.17 -40.90
N GLY I 264 5.83 8.55 -41.11
CA GLY I 264 5.58 7.90 -42.38
C GLY I 264 4.44 6.89 -42.39
N ASP I 265 3.94 6.60 -43.58
CA ASP I 265 2.83 5.68 -43.69
C ASP I 265 3.20 4.31 -44.27
N SER I 266 2.34 3.32 -44.02
CA SER I 266 2.34 2.10 -44.83
C SER I 266 0.95 1.50 -44.88
N THR I 267 0.76 0.26 -44.48
CA THR I 267 -0.56 -0.36 -44.60
C THR I 267 -0.64 -1.59 -43.72
N ILE I 268 -1.82 -2.18 -43.54
CA ILE I 268 -1.93 -3.42 -42.80
C ILE I 268 -1.94 -4.56 -43.80
N MET I 269 -1.07 -5.52 -43.63
CA MET I 269 -1.01 -6.67 -44.49
C MET I 269 -1.67 -7.89 -43.87
N LYS I 270 -2.38 -8.63 -44.70
CA LYS I 270 -3.10 -9.81 -44.24
C LYS I 270 -2.34 -11.02 -44.63
N SER I 271 -1.88 -11.77 -43.65
CA SER I 271 -1.08 -12.94 -43.90
C SER I 271 -1.19 -13.87 -42.73
N GLU I 272 -1.04 -15.16 -42.97
CA GLU I 272 -1.09 -16.15 -41.93
C GLU I 272 0.32 -16.62 -41.66
N LEU I 273 1.29 -16.01 -42.33
CA LEU I 273 2.70 -16.37 -42.17
C LEU I 273 3.26 -15.90 -40.84
N GLU I 274 4.39 -16.47 -40.44
CA GLU I 274 5.11 -15.91 -39.30
C GLU I 274 6.45 -15.27 -39.61
N TYR I 275 6.91 -14.45 -38.67
CA TYR I 275 8.19 -13.80 -38.74
C TYR I 275 9.26 -14.82 -39.06
N GLY I 276 10.21 -14.42 -39.88
CA GLY I 276 11.44 -15.17 -40.08
C GLY I 276 12.53 -14.11 -40.02
N ASN I 277 13.46 -14.24 -39.08
CA ASN I 277 14.45 -13.18 -38.83
C ASN I 277 15.19 -12.94 -40.12
N CYS I 278 15.21 -11.71 -40.59
CA CYS I 278 15.28 -11.52 -42.01
C CYS I 278 14.96 -10.09 -42.44
N ASN I 279 15.47 -9.69 -43.59
CA ASN I 279 15.28 -8.35 -44.11
C ASN I 279 14.96 -8.29 -45.63
N THR I 280 14.04 -7.42 -46.03
CA THR I 280 13.89 -7.04 -47.45
C THR I 280 13.58 -5.58 -47.68
N LYS I 281 13.60 -5.19 -48.95
CA LYS I 281 13.11 -3.90 -49.33
C LYS I 281 11.71 -4.04 -49.90
N CYS I 282 11.17 -5.25 -49.86
CA CYS I 282 9.89 -5.53 -50.50
C CYS I 282 9.26 -6.83 -49.99
N GLN I 283 8.04 -6.73 -49.48
CA GLN I 283 7.40 -7.82 -48.76
C GLN I 283 6.03 -8.17 -49.33
N THR I 284 5.55 -9.37 -49.04
CA THR I 284 4.43 -9.97 -49.73
C THR I 284 3.74 -10.90 -48.77
N PRO I 285 2.41 -10.93 -48.75
CA PRO I 285 1.70 -11.83 -47.84
C PRO I 285 2.12 -13.29 -47.98
N MET I 286 2.77 -13.61 -49.08
CA MET I 286 3.28 -14.95 -49.27
C MET I 286 4.76 -15.07 -48.98
N GLY I 287 5.43 -13.92 -48.90
CA GLY I 287 6.83 -13.89 -48.52
C GLY I 287 7.58 -12.73 -49.13
N ALA I 288 8.81 -12.55 -48.68
CA ALA I 288 9.65 -11.44 -49.10
C ALA I 288 10.23 -11.70 -50.48
N ILE I 289 10.53 -10.62 -51.20
CA ILE I 289 11.21 -10.70 -52.48
C ILE I 289 12.55 -9.95 -52.45
N ASN I 290 13.63 -10.68 -52.71
CA ASN I 290 14.93 -10.05 -52.94
C ASN I 290 15.04 -9.61 -54.42
N SER I 291 14.37 -8.50 -54.73
CA SER I 291 14.14 -7.98 -56.10
C SER I 291 15.34 -7.41 -56.84
N SER I 292 15.35 -7.58 -58.15
CA SER I 292 16.32 -6.93 -59.04
C SER I 292 15.64 -6.76 -60.37
N MET I 293 14.75 -7.71 -60.65
CA MET I 293 13.96 -7.71 -61.86
C MET I 293 12.98 -6.58 -61.81
N PRO I 294 12.55 -6.12 -62.98
CA PRO I 294 11.61 -5.01 -62.89
C PRO I 294 10.20 -5.50 -62.82
N PHE I 295 10.01 -6.80 -62.83
CA PHE I 295 8.65 -7.38 -62.81
C PHE I 295 8.56 -8.60 -61.92
N HIS I 296 7.43 -8.77 -61.25
CA HIS I 296 7.19 -10.00 -60.54
C HIS I 296 5.74 -10.42 -60.75
N ASN I 297 5.46 -11.67 -60.44
CA ASN I 297 4.10 -12.20 -60.55
C ASN I 297 3.63 -12.94 -59.30
N ILE I 298 4.27 -12.63 -58.17
CA ILE I 298 3.99 -13.30 -56.91
C ILE I 298 2.62 -12.95 -56.32
N HIS I 299 2.36 -11.65 -56.10
CA HIS I 299 1.18 -11.19 -55.40
C HIS I 299 0.98 -9.71 -55.52
N PRO I 300 -0.25 -9.26 -55.76
CA PRO I 300 -0.48 -7.83 -55.93
C PRO I 300 -0.30 -7.00 -54.68
N LEU I 301 -0.60 -7.55 -53.50
CA LEU I 301 -0.59 -6.76 -52.28
C LEU I 301 0.75 -6.64 -51.60
N THR I 302 1.67 -5.90 -52.21
CA THR I 302 2.99 -5.74 -51.65
C THR I 302 3.16 -4.49 -50.80
N ILE I 303 4.25 -4.47 -50.03
CA ILE I 303 4.67 -3.31 -49.30
C ILE I 303 6.17 -3.17 -49.52
N GLY I 304 6.61 -2.01 -49.99
CA GLY I 304 8.02 -1.74 -50.18
C GLY I 304 8.36 -1.17 -51.54
N GLU I 305 9.59 -1.39 -51.96
CA GLU I 305 10.06 -0.95 -53.24
C GLU I 305 10.11 -2.22 -54.07
N CYS I 306 9.10 -2.40 -54.91
CA CYS I 306 8.94 -3.66 -55.59
C CYS I 306 8.98 -3.52 -57.10
N PRO I 307 9.37 -4.62 -57.77
CA PRO I 307 9.11 -4.80 -59.19
C PRO I 307 7.64 -4.70 -59.47
N LYS I 308 7.31 -4.14 -60.61
CA LYS I 308 5.93 -4.02 -61.01
C LYS I 308 5.29 -5.40 -61.13
N TYR I 309 4.11 -5.56 -60.55
CA TYR I 309 3.44 -6.84 -60.54
C TYR I 309 2.76 -7.01 -61.85
N VAL I 310 2.89 -8.20 -62.42
CA VAL I 310 2.51 -8.43 -63.79
C VAL I 310 1.78 -9.77 -63.93
N LYS I 311 0.95 -9.92 -64.96
CA LYS I 311 0.25 -11.17 -65.13
C LYS I 311 0.83 -12.04 -66.24
N SER I 312 1.89 -12.77 -65.93
CA SER I 312 2.49 -13.68 -66.90
C SER I 312 3.50 -14.62 -66.25
N ASN I 313 3.91 -15.65 -67.00
CA ASN I 313 4.90 -16.60 -66.49
C ASN I 313 6.26 -16.37 -67.08
N ARG I 314 6.28 -15.88 -68.30
CA ARG I 314 7.53 -15.79 -69.03
C ARG I 314 7.77 -14.38 -69.44
N LEU I 315 8.84 -13.79 -68.96
CA LEU I 315 9.36 -12.60 -69.60
C LEU I 315 10.82 -12.87 -69.84
N VAL I 316 11.07 -13.57 -70.94
CA VAL I 316 12.38 -14.13 -71.20
C VAL I 316 13.03 -13.44 -72.40
N LEU I 317 14.17 -12.85 -72.13
CA LEU I 317 14.81 -11.94 -73.05
C LEU I 317 15.97 -12.63 -73.71
N ALA I 318 16.10 -12.46 -75.03
CA ALA I 318 17.16 -13.13 -75.80
C ALA I 318 18.56 -12.52 -75.59
N THR I 319 19.48 -13.31 -75.08
CA THR I 319 20.87 -12.91 -75.00
C THR I 319 21.62 -13.34 -76.27
N GLY I 320 21.77 -14.66 -76.46
CA GLY I 320 22.48 -15.21 -77.62
C GLY I 320 21.77 -15.11 -78.96
N LEU I 321 21.89 -16.15 -79.79
CA LEU I 321 21.27 -16.17 -81.11
C LEU I 321 20.56 -17.46 -81.47
N ARG I 322 20.22 -17.60 -82.75
CA ARG I 322 19.38 -18.69 -83.19
C ARG I 322 20.15 -20.01 -83.17
N ASN I 323 20.06 -20.69 -82.04
CA ASN I 323 20.71 -21.96 -81.82
C ASN I 323 19.73 -23.10 -82.15
N SER I 324 19.62 -23.41 -83.44
CA SER I 324 18.71 -24.47 -83.90
C SER I 324 19.49 -25.67 -84.48
N PRO I 325 19.18 -26.91 -83.99
CA PRO I 325 19.83 -28.17 -84.38
C PRO I 325 19.81 -28.47 -85.89
N GLY J 1 16.41 -14.89 -90.10
CA GLY J 1 17.34 -13.71 -90.03
C GLY J 1 17.29 -12.78 -91.25
N LEU J 2 17.03 -11.49 -90.98
CA LEU J 2 16.80 -10.46 -92.02
C LEU J 2 17.95 -10.03 -92.96
N PHE J 3 19.20 -10.14 -92.53
CA PHE J 3 20.33 -9.58 -93.28
C PHE J 3 21.04 -10.61 -94.18
N GLY J 4 20.33 -11.69 -94.52
CA GLY J 4 20.83 -12.76 -95.40
C GLY J 4 21.86 -13.63 -94.72
N ALA J 5 21.98 -13.47 -93.40
CA ALA J 5 23.04 -14.09 -92.62
C ALA J 5 22.67 -15.49 -92.10
N ILE J 6 21.81 -15.52 -91.09
CA ILE J 6 21.42 -16.75 -90.38
C ILE J 6 20.47 -17.63 -91.23
N ALA J 7 19.30 -17.08 -91.59
CA ALA J 7 18.37 -17.75 -92.52
C ALA J 7 18.83 -17.71 -93.99
N GLY J 8 19.95 -17.01 -94.25
CA GLY J 8 20.46 -16.79 -95.61
C GLY J 8 21.68 -17.62 -95.96
N PHE J 9 22.68 -16.98 -96.59
CA PHE J 9 23.88 -17.67 -97.14
C PHE J 9 24.68 -18.55 -96.18
N ILE J 10 24.85 -18.11 -94.95
CA ILE J 10 25.46 -18.94 -93.90
C ILE J 10 24.37 -19.80 -93.24
N GLU J 11 24.20 -21.00 -93.81
CA GLU J 11 23.28 -21.98 -93.26
C GLU J 11 23.96 -22.65 -92.08
N GLY J 12 23.40 -22.42 -90.89
CA GLY J 12 23.93 -22.97 -89.65
C GLY J 12 25.17 -22.25 -89.16
N GLY J 13 25.32 -22.19 -87.84
CA GLY J 13 26.48 -21.58 -87.25
C GLY J 13 27.36 -22.63 -86.62
N TRP J 14 28.67 -22.43 -86.73
CA TRP J 14 29.65 -23.42 -86.26
C TRP J 14 29.60 -23.59 -84.74
N GLN J 15 29.25 -24.80 -84.31
CA GLN J 15 29.33 -25.16 -82.90
C GLN J 15 30.77 -25.36 -82.49
N GLY J 16 31.62 -25.74 -83.45
CA GLY J 16 33.06 -25.93 -83.22
C GLY J 16 33.78 -24.74 -82.64
N MET J 17 33.13 -23.57 -82.69
CA MET J 17 33.69 -22.33 -82.18
C MET J 17 33.17 -21.97 -80.78
N VAL J 18 34.08 -21.91 -79.82
CA VAL J 18 33.78 -21.52 -78.43
C VAL J 18 34.30 -20.11 -78.12
N ASP J 19 35.36 -19.72 -78.83
CA ASP J 19 36.02 -18.43 -78.66
C ASP J 19 35.09 -17.24 -78.41
N GLY J 20 34.08 -17.08 -79.24
CA GLY J 20 33.19 -15.93 -79.14
C GLY J 20 31.83 -16.16 -79.75
N TRP J 21 31.30 -15.13 -80.40
CA TRP J 21 29.98 -15.19 -81.00
C TRP J 21 30.08 -15.20 -82.50
N TYR J 22 31.05 -14.47 -83.01
CA TYR J 22 31.30 -14.40 -84.45
C TYR J 22 32.75 -14.77 -84.72
N GLY J 23 33.03 -15.30 -85.90
CA GLY J 23 34.41 -15.66 -86.25
C GLY J 23 34.67 -16.21 -87.63
N TYR J 24 35.85 -16.79 -87.78
CA TYR J 24 36.30 -17.30 -89.07
C TYR J 24 36.60 -18.78 -88.97
N HIS J 25 36.70 -19.41 -90.14
CA HIS J 25 37.10 -20.80 -90.23
C HIS J 25 37.91 -20.95 -91.50
N HIS J 26 39.22 -21.09 -91.31
CA HIS J 26 40.14 -21.26 -92.43
C HIS J 26 40.33 -22.73 -92.82
N SER J 27 40.76 -22.94 -94.06
CA SER J 27 41.21 -24.25 -94.54
C SER J 27 42.38 -24.08 -95.51
N ASN J 28 43.50 -23.63 -94.95
CA ASN J 28 44.74 -23.41 -95.71
C ASN J 28 45.57 -24.69 -95.85
N GLU J 29 46.78 -24.56 -96.38
CA GLU J 29 47.64 -25.71 -96.65
C GLU J 29 48.36 -26.28 -95.40
N GLN J 30 48.27 -25.59 -94.27
CA GLN J 30 48.77 -26.11 -92.99
C GLN J 30 47.76 -27.07 -92.37
N GLY J 31 46.54 -26.58 -92.19
CA GLY J 31 45.44 -27.35 -91.64
C GLY J 31 44.18 -26.51 -91.73
N SER J 32 43.38 -26.56 -90.68
CA SER J 32 42.16 -25.75 -90.57
C SER J 32 41.80 -25.45 -89.11
N GLY J 33 41.00 -24.41 -88.90
CA GLY J 33 40.64 -23.99 -87.55
C GLY J 33 39.80 -22.73 -87.50
N TYR J 34 39.30 -22.43 -86.31
CA TYR J 34 38.45 -21.26 -86.10
C TYR J 34 38.85 -20.48 -84.87
N ALA J 35 39.30 -19.24 -85.10
CA ALA J 35 39.53 -18.28 -84.03
C ALA J 35 38.53 -17.12 -84.18
N ALA J 36 37.78 -16.85 -83.12
CA ALA J 36 36.72 -15.83 -83.17
C ALA J 36 37.25 -14.41 -83.30
N ASP J 37 36.42 -13.52 -83.84
CA ASP J 37 36.75 -12.10 -83.91
C ASP J 37 36.42 -11.42 -82.59
N LYS J 38 37.21 -10.43 -82.22
CA LYS J 38 37.18 -9.91 -80.86
C LYS J 38 36.53 -8.54 -80.71
N GLU J 39 36.90 -7.56 -81.53
CA GLU J 39 36.30 -6.22 -81.45
C GLU J 39 34.82 -6.31 -81.74
N SER J 40 34.47 -7.12 -82.73
CA SER J 40 33.08 -7.38 -83.07
C SER J 40 32.35 -8.04 -81.90
N THR J 41 32.80 -9.23 -81.49
CA THR J 41 32.17 -9.97 -80.41
C THR J 41 32.08 -9.09 -79.15
N GLN J 42 33.17 -8.38 -78.86
CA GLN J 42 33.20 -7.47 -77.73
C GLN J 42 32.17 -6.36 -77.80
N LYS J 43 32.07 -5.71 -78.95
CA LYS J 43 31.11 -4.62 -79.10
C LYS J 43 29.67 -5.13 -78.97
N ALA J 44 29.44 -6.37 -79.37
CA ALA J 44 28.12 -7.00 -79.24
C ALA J 44 27.79 -7.26 -77.79
N ILE J 45 28.67 -7.96 -77.08
CA ILE J 45 28.45 -8.24 -75.66
C ILE J 45 28.09 -6.94 -74.95
N ASP J 46 28.93 -5.92 -75.14
CA ASP J 46 28.67 -4.61 -74.58
C ASP J 46 27.23 -4.18 -74.86
N GLY J 47 26.86 -4.20 -76.14
CA GLY J 47 25.55 -3.77 -76.61
C GLY J 47 24.38 -4.53 -76.00
N VAL J 48 24.47 -5.84 -75.99
CA VAL J 48 23.41 -6.67 -75.42
C VAL J 48 23.31 -6.41 -73.92
N THR J 49 24.41 -6.56 -73.19
CA THR J 49 24.44 -6.23 -71.77
C THR J 49 23.75 -4.89 -71.50
N ASN J 50 24.18 -3.87 -72.24
CA ASN J 50 23.65 -2.53 -72.14
C ASN J 50 22.13 -2.45 -72.28
N LYS J 51 21.59 -3.16 -73.26
CA LYS J 51 20.15 -3.25 -73.50
C LYS J 51 19.47 -3.90 -72.31
N VAL J 52 19.98 -5.03 -71.86
CA VAL J 52 19.44 -5.66 -70.67
C VAL J 52 19.44 -4.67 -69.50
N ASN J 53 20.57 -4.03 -69.26
CA ASN J 53 20.68 -3.10 -68.14
C ASN J 53 19.72 -1.95 -68.20
N SER J 54 19.75 -1.19 -69.28
CA SER J 54 18.86 -0.05 -69.40
C SER J 54 17.38 -0.47 -69.19
N ILE J 55 16.99 -1.62 -69.73
CA ILE J 55 15.66 -2.19 -69.46
C ILE J 55 15.39 -2.38 -67.97
N ILE J 56 16.43 -2.71 -67.21
CA ILE J 56 16.31 -2.79 -65.77
C ILE J 56 16.44 -1.42 -65.10
N ASP J 57 17.50 -0.70 -65.46
CA ASP J 57 17.87 0.55 -64.78
C ASP J 57 16.92 1.73 -65.02
N LYS J 58 16.20 1.74 -66.13
CA LYS J 58 15.33 2.88 -66.39
C LYS J 58 14.04 2.83 -65.58
N MET J 59 13.77 1.70 -64.93
CA MET J 59 12.65 1.76 -64.06
C MET J 59 12.97 2.28 -62.71
N ASN J 60 14.26 2.28 -62.37
CA ASN J 60 14.77 2.81 -61.07
C ASN J 60 13.95 3.90 -60.37
N THR J 61 12.84 4.27 -61.01
CA THR J 61 11.71 4.81 -60.29
C THR J 61 10.84 3.64 -60.06
N GLN J 62 10.97 3.16 -58.84
CA GLN J 62 9.81 2.77 -58.09
C GLN J 62 10.17 3.12 -56.65
N PHE J 63 9.14 3.20 -55.83
CA PHE J 63 9.32 3.67 -54.48
C PHE J 63 8.26 3.06 -53.60
N GLU J 64 8.23 3.50 -52.36
CA GLU J 64 7.37 2.88 -51.38
C GLU J 64 5.91 2.85 -51.82
N ALA J 65 5.22 1.73 -51.58
CA ALA J 65 3.74 1.63 -51.76
C ALA J 65 3.10 0.46 -50.93
N VAL J 66 1.83 0.02 -51.20
CA VAL J 66 0.98 -0.87 -50.27
C VAL J 66 -0.21 -1.86 -50.71
N GLY J 67 -0.87 -2.50 -49.71
CA GLY J 67 -2.11 -3.35 -49.80
C GLY J 67 -3.47 -2.66 -49.47
N ARG J 68 -4.49 -3.31 -48.81
CA ARG J 68 -5.96 -2.89 -48.92
C ARG J 68 -7.05 -2.80 -47.73
N GLU J 69 -7.86 -1.75 -47.68
CA GLU J 69 -8.13 -1.01 -46.43
C GLU J 69 -9.52 -0.33 -46.20
N PHE J 70 -10.56 -0.72 -46.92
CA PHE J 70 -11.87 -0.09 -46.71
C PHE J 70 -12.90 -1.05 -46.12
N ASN J 71 -13.82 -0.50 -45.32
CA ASN J 71 -14.82 -1.33 -44.70
C ASN J 71 -15.98 -1.55 -45.64
N ASN J 72 -16.93 -2.39 -45.27
CA ASN J 72 -17.92 -2.73 -46.26
C ASN J 72 -19.07 -1.71 -46.38
N LEU J 73 -18.90 -0.54 -45.79
CA LEU J 73 -19.70 0.62 -46.23
C LEU J 73 -18.93 1.59 -47.06
N GLU J 74 -17.78 1.16 -47.57
CA GLU J 74 -16.97 1.99 -48.46
C GLU J 74 -16.66 1.19 -49.68
N ARG J 75 -17.67 0.56 -50.26
CA ARG J 75 -17.42 -0.43 -51.26
C ARG J 75 -17.20 0.20 -52.57
N ARG J 76 -17.79 1.38 -52.77
CA ARG J 76 -17.55 2.14 -53.99
C ARG J 76 -16.12 2.54 -54.12
N ILE J 77 -15.43 2.70 -53.02
CA ILE J 77 -14.11 3.24 -53.03
C ILE J 77 -13.15 2.11 -53.23
N GLU J 78 -13.52 0.98 -52.64
CA GLU J 78 -12.76 -0.24 -52.74
C GLU J 78 -12.77 -0.57 -54.21
N ASN J 79 -13.87 -0.24 -54.87
CA ASN J 79 -13.99 -0.55 -56.26
C ASN J 79 -13.10 0.37 -57.00
N LEU J 80 -13.05 1.61 -56.54
CA LEU J 80 -12.21 2.59 -57.19
C LEU J 80 -10.77 2.11 -57.18
N ASN J 81 -10.29 1.75 -56.01
CA ASN J 81 -8.97 1.24 -55.90
C ASN J 81 -8.73 -0.01 -56.77
N LYS J 82 -9.65 -0.98 -56.76
CA LYS J 82 -9.54 -2.16 -57.62
C LYS J 82 -9.27 -1.74 -59.05
N LYS J 83 -10.15 -0.90 -59.57
CA LYS J 83 -9.99 -0.46 -60.93
C LYS J 83 -8.59 0.01 -61.11
N MET J 84 -8.11 0.87 -60.23
CA MET J 84 -6.83 1.46 -60.41
C MET J 84 -5.72 0.41 -60.42
N GLU J 85 -5.72 -0.46 -59.45
CA GLU J 85 -4.75 -1.52 -59.42
C GLU J 85 -4.84 -2.37 -60.66
N ASP J 86 -6.04 -2.82 -60.96
CA ASP J 86 -6.32 -3.57 -62.16
C ASP J 86 -5.73 -2.86 -63.38
N GLY J 87 -5.97 -1.57 -63.48
CA GLY J 87 -5.57 -0.80 -64.66
C GLY J 87 -4.08 -0.76 -64.82
N PHE J 88 -3.37 -0.61 -63.71
CA PHE J 88 -1.93 -0.61 -63.75
C PHE J 88 -1.40 -1.96 -64.13
N LEU J 89 -2.07 -3.00 -63.67
CA LEU J 89 -1.65 -4.34 -64.03
C LEU J 89 -1.75 -4.54 -65.54
N ASP J 90 -2.83 -4.05 -66.14
CA ASP J 90 -3.08 -4.24 -67.55
C ASP J 90 -2.01 -3.47 -68.31
N VAL J 91 -1.60 -2.32 -67.78
CA VAL J 91 -0.61 -1.52 -68.47
C VAL J 91 0.73 -2.22 -68.45
N TRP J 92 1.24 -2.47 -67.26
CA TRP J 92 2.54 -3.06 -67.16
C TRP J 92 2.62 -4.42 -67.86
N THR J 93 1.64 -5.29 -67.62
CA THR J 93 1.63 -6.58 -68.28
C THR J 93 1.77 -6.44 -69.79
N TYR J 94 0.92 -5.63 -70.42
CA TYR J 94 0.97 -5.41 -71.86
C TYR J 94 2.32 -4.88 -72.33
N ASN J 95 2.79 -3.78 -71.72
CA ASN J 95 4.07 -3.19 -72.06
C ASN J 95 5.21 -4.17 -71.95
N ALA J 96 5.34 -4.81 -70.78
CA ALA J 96 6.45 -5.70 -70.56
C ALA J 96 6.49 -6.76 -71.66
N GLU J 97 5.35 -7.39 -71.91
CA GLU J 97 5.26 -8.44 -72.90
C GLU J 97 5.69 -7.98 -74.29
N LEU J 98 5.13 -6.86 -74.75
CA LEU J 98 5.51 -6.34 -76.05
C LEU J 98 6.90 -5.77 -76.11
N LEU J 99 7.35 -5.21 -74.99
CA LEU J 99 8.71 -4.73 -74.96
C LEU J 99 9.65 -5.87 -75.30
N VAL J 100 9.50 -6.97 -74.57
CA VAL J 100 10.30 -8.15 -74.77
C VAL J 100 10.20 -8.61 -76.21
N LEU J 101 8.98 -8.78 -76.70
CA LEU J 101 8.81 -9.24 -78.08
C LEU J 101 9.56 -8.41 -79.10
N MET J 102 9.40 -7.10 -79.00
CA MET J 102 10.01 -6.14 -79.91
C MET J 102 11.52 -6.14 -79.80
N GLU J 103 12.01 -6.07 -78.57
CA GLU J 103 13.44 -6.06 -78.36
C GLU J 103 14.13 -7.39 -78.67
N ASN J 104 13.43 -8.51 -78.45
CA ASN J 104 13.93 -9.79 -78.89
C ASN J 104 14.16 -9.79 -80.40
N GLU J 105 13.16 -9.34 -81.15
CA GLU J 105 13.34 -9.26 -82.60
C GLU J 105 14.55 -8.43 -83.02
N ARG J 106 14.66 -7.21 -82.49
CA ARG J 106 15.78 -6.32 -82.80
C ARG J 106 17.12 -6.92 -82.45
N THR J 107 17.13 -7.79 -81.45
CA THR J 107 18.36 -8.45 -81.01
C THR J 107 18.86 -9.44 -82.07
N LEU J 108 17.96 -10.30 -82.52
CA LEU J 108 18.32 -11.33 -83.49
C LEU J 108 18.68 -10.75 -84.84
N ASP J 109 18.14 -9.57 -85.13
CA ASP J 109 18.52 -8.84 -86.32
C ASP J 109 19.86 -8.12 -86.14
N PHE J 110 20.12 -7.67 -84.93
CA PHE J 110 21.37 -7.02 -84.60
C PHE J 110 22.55 -7.96 -84.85
N HIS J 111 22.35 -9.24 -84.50
CA HIS J 111 23.35 -10.26 -84.76
C HIS J 111 23.57 -10.51 -86.23
N ASP J 112 22.47 -10.71 -86.97
CA ASP J 112 22.53 -10.86 -88.41
C ASP J 112 23.29 -9.71 -89.07
N SER J 113 22.98 -8.50 -88.63
CA SER J 113 23.62 -7.28 -89.12
C SER J 113 25.14 -7.37 -88.99
N ASN J 114 25.60 -7.71 -87.80
CA ASN J 114 27.02 -7.78 -87.51
C ASN J 114 27.71 -8.86 -88.34
N VAL J 115 27.06 -10.01 -88.47
CA VAL J 115 27.56 -11.06 -89.31
C VAL J 115 27.82 -10.51 -90.72
N LYS J 116 26.79 -9.89 -91.30
CA LYS J 116 26.91 -9.32 -92.64
C LYS J 116 27.98 -8.23 -92.71
N ASN J 117 28.12 -7.44 -91.65
CA ASN J 117 29.21 -6.49 -91.53
C ASN J 117 30.57 -7.14 -91.67
N LEU J 118 30.74 -8.22 -90.91
CA LEU J 118 31.99 -8.95 -90.87
C LEU J 118 32.27 -9.58 -92.23
N TYR J 119 31.22 -10.15 -92.82
CA TYR J 119 31.31 -10.71 -94.16
C TYR J 119 31.78 -9.66 -95.17
N ASP J 120 31.19 -8.46 -95.08
CA ASP J 120 31.47 -7.40 -96.05
C ASP J 120 32.81 -6.72 -95.83
N LYS J 121 33.29 -6.72 -94.59
CA LYS J 121 34.64 -6.23 -94.27
C LYS J 121 35.71 -7.07 -94.94
N VAL J 122 35.60 -8.38 -94.78
CA VAL J 122 36.48 -9.32 -95.43
C VAL J 122 36.39 -9.14 -96.94
N ARG J 123 35.18 -9.17 -97.47
CA ARG J 123 34.92 -9.09 -98.90
C ARG J 123 35.62 -7.91 -99.57
N LEU J 124 35.49 -6.73 -98.96
CA LEU J 124 36.05 -5.51 -99.52
C LEU J 124 37.56 -5.43 -99.39
N GLN J 125 38.10 -5.99 -98.31
CA GLN J 125 39.53 -6.00 -98.04
C GLN J 125 40.34 -6.67 -99.16
N LEU J 126 39.68 -7.59 -99.87
CA LEU J 126 40.32 -8.38 -100.92
C LEU J 126 39.40 -8.59 -102.13
N ARG J 127 39.26 -7.53 -102.94
CA ARG J 127 38.30 -7.48 -104.05
C ARG J 127 38.31 -8.71 -104.97
N ASP J 128 39.13 -8.70 -106.02
CA ASP J 128 39.19 -9.83 -106.95
C ASP J 128 40.44 -10.70 -106.76
N ASN J 129 41.03 -10.63 -105.57
CA ASN J 129 42.10 -11.55 -105.15
C ASN J 129 41.50 -12.80 -104.50
N ALA J 130 40.17 -12.88 -104.52
CA ALA J 130 39.43 -14.00 -103.95
C ALA J 130 38.08 -14.24 -104.64
N LYS J 131 37.59 -15.47 -104.54
CA LYS J 131 36.36 -15.91 -105.16
C LYS J 131 35.21 -15.94 -104.14
N GLU J 132 34.05 -15.45 -104.55
CA GLU J 132 32.89 -15.44 -103.67
C GLU J 132 32.00 -16.68 -103.85
N LEU J 133 32.19 -17.67 -102.98
CA LEU J 133 31.52 -18.97 -103.10
C LEU J 133 29.99 -18.94 -102.97
N GLY J 134 29.49 -18.16 -102.02
CA GLY J 134 28.05 -18.06 -101.77
C GLY J 134 27.59 -18.80 -100.52
N ASN J 135 28.49 -19.57 -99.92
CA ASN J 135 28.22 -20.29 -98.69
C ASN J 135 28.55 -19.41 -97.49
N GLY J 136 28.83 -18.15 -97.77
CA GLY J 136 29.39 -17.23 -96.78
C GLY J 136 30.88 -17.43 -96.72
N CYS J 137 31.42 -18.08 -97.75
CA CYS J 137 32.83 -18.45 -97.81
C CYS J 137 33.57 -17.79 -98.97
N PHE J 138 34.86 -17.56 -98.76
CA PHE J 138 35.74 -17.01 -99.79
C PHE J 138 36.84 -18.00 -100.14
N GLU J 139 37.10 -18.17 -101.44
CA GLU J 139 38.27 -18.91 -101.91
C GLU J 139 39.33 -17.97 -102.49
N PHE J 140 40.57 -18.16 -102.05
CA PHE J 140 41.70 -17.36 -102.52
C PHE J 140 42.16 -17.74 -103.93
N TYR J 141 42.35 -16.71 -104.77
CA TYR J 141 42.93 -16.87 -106.11
C TYR J 141 44.39 -17.30 -106.00
N HIS J 142 45.02 -16.95 -104.87
CA HIS J 142 46.38 -17.34 -104.58
C HIS J 142 46.43 -18.36 -103.42
N LYS J 143 47.64 -18.81 -103.11
CA LYS J 143 47.86 -19.69 -101.97
C LYS J 143 47.98 -18.85 -100.70
N CYS J 144 47.65 -19.45 -99.56
CA CYS J 144 47.68 -18.72 -98.28
C CYS J 144 48.02 -19.64 -97.08
N ASP J 145 48.62 -19.04 -96.06
CA ASP J 145 49.06 -19.76 -94.86
C ASP J 145 48.44 -19.17 -93.58
N ASN J 146 48.97 -19.58 -92.42
CA ASN J 146 48.46 -19.13 -91.11
C ASN J 146 48.78 -17.67 -90.81
N GLU J 147 50.05 -17.30 -90.92
CA GLU J 147 50.48 -15.92 -90.76
C GLU J 147 49.82 -14.99 -91.78
N CYS J 148 49.46 -15.58 -92.92
CA CYS J 148 48.75 -14.89 -94.00
C CYS J 148 47.36 -14.38 -93.57
N MET J 149 46.67 -15.16 -92.75
CA MET J 149 45.30 -14.85 -92.37
C MET J 149 45.21 -13.94 -91.16
N GLU J 150 46.35 -13.65 -90.54
CA GLU J 150 46.43 -12.71 -89.42
C GLU J 150 46.06 -11.30 -89.87
N SER J 151 46.68 -10.87 -90.97
CA SER J 151 46.39 -9.56 -91.57
C SER J 151 44.95 -9.49 -92.06
N VAL J 152 44.41 -10.65 -92.44
CA VAL J 152 43.00 -10.78 -92.85
C VAL J 152 42.05 -10.41 -91.71
N ARG J 153 42.30 -10.95 -90.52
CA ARG J 153 41.61 -10.54 -89.31
C ARG J 153 42.00 -9.11 -88.91
N ASN J 154 43.31 -8.83 -88.85
CA ASN J 154 43.82 -7.49 -88.54
C ASN J 154 43.12 -6.36 -89.29
N GLY J 155 42.87 -6.58 -90.58
CA GLY J 155 42.44 -5.52 -91.48
C GLY J 155 43.63 -4.94 -92.21
N THR J 156 44.71 -5.73 -92.28
CA THR J 156 45.95 -5.32 -92.95
C THR J 156 46.29 -6.23 -94.13
N TYR J 157 45.27 -6.70 -94.85
CA TYR J 157 45.49 -7.46 -96.09
C TYR J 157 45.93 -6.53 -97.22
N ASP J 158 47.03 -6.88 -97.90
CA ASP J 158 47.56 -6.05 -98.97
C ASP J 158 47.18 -6.57 -100.34
N TYR J 159 46.30 -5.83 -101.00
CA TYR J 159 45.76 -6.17 -102.32
C TYR J 159 46.80 -6.19 -103.44
N PRO J 160 47.60 -5.10 -103.60
CA PRO J 160 48.55 -5.03 -104.73
C PRO J 160 49.68 -6.05 -104.67
N GLN J 161 49.74 -6.81 -103.59
CA GLN J 161 50.76 -7.84 -103.44
C GLN J 161 50.45 -9.08 -104.26
N TYR J 162 49.26 -9.63 -104.07
CA TYR J 162 48.89 -10.93 -104.63
C TYR J 162 47.94 -10.76 -105.81
N SER J 163 47.87 -9.52 -106.29
CA SER J 163 47.01 -9.16 -107.39
C SER J 163 47.36 -9.86 -108.71
N GLU J 164 48.62 -9.75 -109.14
CA GLU J 164 49.05 -10.36 -110.42
C GLU J 164 49.18 -11.89 -110.37
N GLU J 165 49.25 -12.42 -109.15
CA GLU J 165 49.23 -13.87 -108.92
C GLU J 165 47.81 -14.39 -109.09
N ALA J 166 46.85 -13.55 -108.68
CA ALA J 166 45.43 -13.80 -108.89
C ALA J 166 45.05 -13.57 -110.35
N ARG J 167 45.43 -12.41 -110.89
CA ARG J 167 45.08 -11.97 -112.25
C ARG J 167 45.42 -13.00 -113.33
N LEU J 168 46.62 -13.55 -113.26
CA LEU J 168 47.04 -14.62 -114.18
C LEU J 168 46.30 -15.92 -113.83
N LYS J 169 46.21 -16.24 -112.54
CA LYS J 169 45.48 -17.41 -112.06
C LYS J 169 43.97 -17.36 -112.39
N ARG J 170 43.48 -16.15 -112.68
CA ARG J 170 42.08 -15.89 -113.03
C ARG J 170 41.78 -16.23 -114.49
N GLU J 171 42.69 -15.85 -115.38
CA GLU J 171 42.59 -16.12 -116.81
C GLU J 171 42.80 -17.61 -117.13
N GLU J 172 43.54 -18.31 -116.27
CA GLU J 172 43.81 -19.75 -116.41
C GLU J 172 42.55 -20.57 -116.25
N ILE J 173 41.67 -20.11 -115.37
CA ILE J 173 40.37 -20.75 -115.13
C ILE J 173 39.37 -20.34 -116.22
N SER J 174 39.57 -19.16 -116.81
CA SER J 174 38.70 -18.65 -117.88
C SER J 174 38.86 -19.43 -119.20
N SER J 175 37.81 -20.14 -119.59
CA SER J 175 37.80 -20.97 -120.80
C SER J 175 38.81 -22.10 -120.74
N GLY K 4 44.01 7.47 -112.04
CA GLY K 4 42.52 7.48 -112.21
C GLY K 4 41.83 8.61 -111.45
N ASP K 5 40.50 8.61 -111.49
CA ASP K 5 39.68 9.68 -110.89
C ASP K 5 38.72 9.12 -109.84
N GLN K 6 38.43 9.92 -108.81
CA GLN K 6 37.64 9.46 -107.68
C GLN K 6 36.34 10.22 -107.42
N ILE K 7 35.39 9.50 -106.81
CA ILE K 7 34.29 10.09 -106.07
C ILE K 7 34.18 9.31 -104.77
N CYS K 8 33.99 10.03 -103.67
CA CYS K 8 33.81 9.42 -102.36
C CYS K 8 32.51 9.86 -101.69
N ILE K 9 31.75 8.90 -101.17
CA ILE K 9 30.54 9.19 -100.41
C ILE K 9 30.90 9.34 -98.93
N GLY K 10 30.45 10.45 -98.33
CA GLY K 10 30.63 10.69 -96.90
C GLY K 10 29.41 11.35 -96.28
N TYR K 11 29.46 11.56 -94.98
CA TYR K 11 28.36 12.18 -94.25
C TYR K 11 28.80 13.45 -93.54
N HIS K 12 27.85 14.25 -93.05
CA HIS K 12 28.16 15.52 -92.39
C HIS K 12 28.88 15.32 -91.05
N ALA K 13 29.57 16.36 -90.60
CA ALA K 13 30.16 16.41 -89.28
C ALA K 13 30.40 17.86 -88.94
N ASN K 14 30.00 18.27 -87.75
CA ASN K 14 30.18 19.65 -87.30
C ASN K 14 30.83 19.73 -85.91
N ASN K 15 30.91 20.94 -85.34
CA ASN K 15 31.55 21.14 -84.04
C ASN K 15 30.61 20.92 -82.86
N SER K 16 29.64 20.02 -83.02
CA SER K 16 28.70 19.69 -81.95
C SER K 16 29.27 18.69 -80.96
N THR K 17 28.94 18.89 -79.70
CA THR K 17 29.39 17.99 -78.64
C THR K 17 28.23 17.48 -77.82
N GLU K 18 27.02 17.67 -78.34
CA GLU K 18 25.81 17.20 -77.64
C GLU K 18 25.64 15.71 -77.75
N GLN K 19 25.67 15.06 -76.60
CA GLN K 19 25.53 13.61 -76.51
C GLN K 19 24.07 13.16 -76.47
N VAL K 20 23.89 11.88 -76.76
CA VAL K 20 22.59 11.24 -76.84
C VAL K 20 22.77 9.78 -76.41
N ASP K 21 21.70 9.18 -75.88
CA ASP K 21 21.72 7.77 -75.52
C ASP K 21 20.86 6.90 -76.42
N THR K 22 21.27 5.63 -76.48
CA THR K 22 20.68 4.61 -77.35
C THR K 22 20.42 3.36 -76.52
N ILE K 23 19.42 2.58 -76.93
CA ILE K 23 19.13 1.29 -76.33
C ILE K 23 20.39 0.45 -76.05
N MET K 24 21.41 0.63 -76.90
CA MET K 24 22.63 -0.17 -76.88
C MET K 24 23.90 0.62 -76.62
N GLU K 25 23.80 1.94 -76.69
CA GLU K 25 24.95 2.81 -76.50
C GLU K 25 24.69 4.03 -75.67
N LYS K 26 25.68 4.38 -74.87
CA LYS K 26 25.63 5.56 -74.03
C LYS K 26 26.61 6.63 -74.54
N ASN K 27 26.33 7.87 -74.16
CA ASN K 27 27.19 9.02 -74.47
C ASN K 27 27.62 9.08 -75.93
N VAL K 28 26.65 9.09 -76.83
CA VAL K 28 26.95 9.14 -78.27
C VAL K 28 26.90 10.59 -78.78
N THR K 29 28.00 11.05 -79.37
CA THR K 29 28.08 12.41 -79.92
C THR K 29 27.28 12.52 -81.21
N VAL K 30 26.54 13.62 -81.34
CA VAL K 30 25.53 13.76 -82.38
C VAL K 30 25.59 15.13 -83.02
N THR K 31 25.16 15.20 -84.28
CA THR K 31 25.22 16.42 -85.06
C THR K 31 24.21 17.45 -84.59
N HIS K 32 22.96 17.02 -84.46
CA HIS K 32 21.89 17.89 -83.98
C HIS K 32 21.01 17.08 -83.07
N ALA K 33 20.44 17.76 -82.09
CA ALA K 33 19.57 17.08 -81.14
C ALA K 33 18.42 17.96 -80.64
N GLN K 34 17.37 17.32 -80.13
CA GLN K 34 16.15 18.00 -79.73
C GLN K 34 15.74 17.57 -78.33
N ASP K 35 15.65 18.51 -77.39
CA ASP K 35 15.15 18.13 -76.08
C ASP K 35 13.61 18.01 -76.09
N ILE K 36 13.12 16.93 -75.51
CA ILE K 36 11.70 16.61 -75.51
C ILE K 36 11.03 17.00 -74.19
N LEU K 37 11.87 17.29 -73.20
CA LEU K 37 11.45 17.47 -71.84
C LEU K 37 11.48 18.94 -71.43
N GLU K 38 10.32 19.45 -71.01
CA GLU K 38 10.22 20.83 -70.57
C GLU K 38 10.78 21.00 -69.18
N LYS K 39 11.63 22.01 -69.00
CA LYS K 39 12.22 22.30 -67.69
C LYS K 39 12.02 23.75 -67.28
N LYS K 40 11.53 24.57 -68.20
CA LYS K 40 11.42 26.01 -67.97
C LYS K 40 10.02 26.42 -67.49
N HIS K 41 9.97 27.07 -66.33
CA HIS K 41 8.76 27.74 -65.88
C HIS K 41 9.06 29.22 -65.72
N ASN K 42 8.05 30.03 -65.43
CA ASN K 42 8.28 31.46 -65.33
C ASN K 42 8.09 32.04 -63.95
N GLY K 43 7.93 31.19 -62.95
CA GLY K 43 7.95 31.61 -61.56
C GLY K 43 6.88 32.58 -61.14
N LYS K 44 5.83 32.71 -61.94
CA LYS K 44 4.65 33.43 -61.49
C LYS K 44 3.31 32.70 -61.64
N LEU K 45 2.28 33.24 -61.02
CA LEU K 45 0.97 32.65 -61.18
C LEU K 45 0.23 33.42 -62.25
N CYS K 46 -0.45 32.67 -63.12
CA CYS K 46 -1.13 33.28 -64.27
C CYS K 46 -2.56 32.86 -64.45
N ASP K 47 -3.26 33.62 -65.30
CA ASP K 47 -4.61 33.28 -65.72
C ASP K 47 -4.61 31.91 -66.40
N LEU K 48 -5.66 31.14 -66.17
CA LEU K 48 -5.89 29.97 -67.01
C LEU K 48 -6.83 30.35 -68.11
N ASP K 49 -6.32 30.20 -69.33
CA ASP K 49 -7.05 30.63 -70.51
C ASP K 49 -7.72 31.98 -70.31
N GLY K 50 -6.93 32.98 -69.98
CA GLY K 50 -7.46 34.33 -69.77
C GLY K 50 -8.48 34.44 -68.64
N VAL K 51 -8.40 33.59 -67.63
CA VAL K 51 -9.24 33.80 -66.46
C VAL K 51 -8.34 33.80 -65.24
N LYS K 52 -8.39 34.90 -64.48
CA LYS K 52 -7.54 35.07 -63.30
C LYS K 52 -7.77 34.05 -62.22
N PRO K 53 -6.73 33.73 -61.45
CA PRO K 53 -7.00 32.98 -60.25
C PRO K 53 -7.49 33.89 -59.13
N LEU K 54 -8.06 33.30 -58.10
CA LEU K 54 -8.40 33.94 -56.85
C LEU K 54 -7.26 33.62 -55.93
N ILE K 55 -6.49 34.63 -55.58
CA ILE K 55 -5.36 34.48 -54.70
C ILE K 55 -5.74 35.03 -53.34
N LEU K 56 -6.11 34.16 -52.42
CA LEU K 56 -6.32 34.55 -51.01
C LEU K 56 -4.92 34.75 -50.44
N ARG K 57 -4.64 35.85 -49.77
CA ARG K 57 -3.22 36.04 -49.47
C ARG K 57 -2.91 35.30 -48.19
N ASP K 58 -3.40 35.82 -47.09
CA ASP K 58 -3.16 35.22 -45.81
C ASP K 58 -4.39 34.59 -45.23
N CYS K 59 -5.34 34.28 -46.10
CA CYS K 59 -6.60 33.75 -45.63
C CYS K 59 -6.90 32.42 -46.20
N SER K 60 -7.45 31.57 -45.33
CA SER K 60 -8.12 30.37 -45.74
C SER K 60 -9.40 30.72 -46.45
N VAL K 61 -9.94 29.79 -47.18
CA VAL K 61 -11.24 29.97 -47.77
C VAL K 61 -12.25 30.22 -46.68
N ALA K 62 -12.28 29.37 -45.68
CA ALA K 62 -13.14 29.64 -44.53
C ALA K 62 -13.02 31.11 -44.06
N GLY K 63 -11.79 31.54 -43.77
CA GLY K 63 -11.54 32.92 -43.35
C GLY K 63 -12.16 33.95 -44.29
N TRP K 64 -12.00 33.73 -45.56
CA TRP K 64 -12.55 34.62 -46.56
C TRP K 64 -14.07 34.59 -46.60
N LEU K 65 -14.67 33.41 -46.53
CA LEU K 65 -16.11 33.29 -46.78
C LEU K 65 -16.89 33.89 -45.66
N LEU K 66 -16.60 33.42 -44.45
CA LEU K 66 -16.99 34.12 -43.24
C LEU K 66 -16.22 35.45 -43.24
N GLY K 67 -16.75 36.50 -42.67
CA GLY K 67 -15.91 37.64 -42.73
C GLY K 67 -14.82 37.68 -41.68
N ASN K 68 -13.73 36.92 -41.80
CA ASN K 68 -12.64 37.15 -40.86
C ASN K 68 -12.15 38.63 -40.93
N PRO K 69 -12.20 39.36 -39.80
CA PRO K 69 -11.88 40.79 -39.81
C PRO K 69 -10.56 41.13 -40.48
N MET K 70 -9.62 40.20 -40.49
CA MET K 70 -8.29 40.54 -40.93
C MET K 70 -8.14 40.22 -42.38
N CYS K 71 -8.92 39.26 -42.85
CA CYS K 71 -9.14 39.09 -44.28
C CYS K 71 -9.97 40.27 -44.71
N ASP K 72 -10.29 40.39 -45.98
CA ASP K 72 -11.32 41.34 -46.34
C ASP K 72 -12.35 40.74 -47.24
N GLU K 73 -13.33 41.56 -47.64
CA GLU K 73 -14.36 41.11 -48.58
C GLU K 73 -13.94 41.50 -49.97
N PHE K 74 -12.83 42.25 -49.98
CA PHE K 74 -12.11 42.54 -51.22
C PHE K 74 -11.62 41.22 -51.69
N ILE K 75 -12.47 40.66 -52.54
CA ILE K 75 -12.17 39.55 -53.35
C ILE K 75 -13.37 39.72 -54.23
N ASN K 76 -13.57 41.01 -54.60
CA ASN K 76 -14.62 41.47 -55.47
C ASN K 76 -14.23 41.22 -56.94
N VAL K 77 -13.56 40.09 -57.15
CA VAL K 77 -13.41 39.50 -58.48
C VAL K 77 -14.55 38.48 -58.75
N PRO K 78 -15.25 38.67 -59.87
CA PRO K 78 -16.55 38.03 -60.11
C PRO K 78 -16.46 36.60 -60.58
N GLU K 79 -15.25 36.16 -60.92
CA GLU K 79 -15.04 34.93 -61.67
C GLU K 79 -13.63 34.43 -61.43
N TRP K 80 -13.42 33.13 -61.36
CA TRP K 80 -12.05 32.64 -61.31
C TRP K 80 -11.90 31.27 -61.89
N SER K 81 -10.66 30.85 -62.08
CA SER K 81 -10.36 29.57 -62.74
C SER K 81 -9.78 28.57 -61.77
N TYR K 82 -9.04 29.06 -60.79
CA TYR K 82 -8.55 28.25 -59.68
C TYR K 82 -8.26 29.15 -58.47
N ILE K 83 -8.17 28.54 -57.30
CA ILE K 83 -7.88 29.32 -56.07
C ILE K 83 -6.45 29.06 -55.61
N VAL K 84 -5.82 30.08 -55.04
CA VAL K 84 -4.49 29.86 -54.48
C VAL K 84 -4.40 30.18 -52.99
N GLU K 85 -4.32 29.15 -52.15
CA GLU K 85 -4.12 29.34 -50.71
C GLU K 85 -2.63 29.23 -50.46
N LYS K 86 -2.14 29.83 -49.39
CA LYS K 86 -0.80 29.51 -48.91
C LYS K 86 -0.72 28.14 -48.17
N ALA K 87 0.50 27.70 -47.87
CA ALA K 87 0.68 26.45 -47.15
C ALA K 87 -0.11 26.54 -45.85
N ASN K 88 0.18 27.59 -45.10
CA ASN K 88 -0.42 27.77 -43.81
C ASN K 88 -0.96 29.19 -43.67
N PRO K 89 -2.12 29.45 -44.29
CA PRO K 89 -2.71 30.78 -44.22
C PRO K 89 -2.87 31.19 -42.75
N VAL K 90 -2.58 32.45 -42.47
CA VAL K 90 -2.56 32.94 -41.09
C VAL K 90 -3.96 33.24 -40.55
N ASN K 91 -4.91 33.51 -41.44
CA ASN K 91 -6.24 33.94 -41.02
C ASN K 91 -7.29 32.94 -41.41
N ASP K 92 -7.73 32.17 -40.42
CA ASP K 92 -8.67 31.11 -40.65
C ASP K 92 -9.81 31.45 -39.76
N LEU K 93 -10.12 30.56 -38.81
CA LEU K 93 -11.21 30.79 -37.88
C LEU K 93 -10.64 31.48 -36.68
N CYS K 94 -10.70 32.82 -36.67
CA CYS K 94 -10.24 33.60 -35.52
C CYS K 94 -10.90 33.06 -34.26
N TYR K 95 -12.24 33.01 -34.27
CA TYR K 95 -12.96 32.26 -33.22
C TYR K 95 -12.79 30.76 -33.48
N PRO K 96 -12.29 30.01 -32.49
CA PRO K 96 -12.01 28.62 -32.74
C PRO K 96 -13.29 27.84 -32.98
N GLY K 97 -13.20 26.78 -33.76
CA GLY K 97 -14.39 26.07 -34.16
C GLY K 97 -14.16 25.12 -35.29
N ASP K 98 -15.21 24.82 -36.05
CA ASP K 98 -15.18 23.80 -37.08
C ASP K 98 -16.07 24.18 -38.24
N PHE K 99 -15.76 23.61 -39.39
CA PHE K 99 -16.48 23.96 -40.61
C PHE K 99 -16.84 22.64 -41.25
N ASN K 100 -18.09 22.52 -41.61
CA ASN K 100 -18.64 21.24 -42.00
C ASN K 100 -18.48 21.08 -43.49
N ASP K 101 -18.02 19.89 -43.92
CA ASP K 101 -17.76 19.61 -45.33
C ASP K 101 -16.91 20.72 -45.97
N TYR K 102 -15.89 21.14 -45.23
CA TYR K 102 -15.09 22.27 -45.66
C TYR K 102 -14.39 21.95 -46.97
N GLU K 103 -13.62 20.87 -47.04
CA GLU K 103 -13.00 20.48 -48.28
C GLU K 103 -13.96 20.45 -49.46
N GLU K 104 -15.10 19.77 -49.31
CA GLU K 104 -16.01 19.72 -50.42
C GLU K 104 -16.38 21.13 -50.85
N LEU K 105 -16.63 21.99 -49.89
CA LEU K 105 -16.99 23.37 -50.30
C LEU K 105 -15.81 24.05 -51.00
N LYS K 106 -14.59 23.85 -50.49
CA LYS K 106 -13.40 24.33 -51.16
C LYS K 106 -13.41 23.82 -52.59
N HIS K 107 -13.59 22.52 -52.79
CA HIS K 107 -13.58 22.00 -54.15
C HIS K 107 -14.67 22.62 -55.02
N LEU K 108 -15.87 22.75 -54.50
CA LEU K 108 -16.92 23.41 -55.22
C LEU K 108 -16.48 24.79 -55.68
N LEU K 109 -15.75 25.50 -54.84
CA LEU K 109 -15.46 26.92 -55.07
C LEU K 109 -14.19 27.16 -55.88
N SER K 110 -13.46 26.08 -56.16
CA SER K 110 -12.19 26.17 -56.87
C SER K 110 -12.25 26.84 -58.22
N ARG K 111 -13.37 26.74 -58.92
CA ARG K 111 -13.57 27.43 -60.20
C ARG K 111 -15.00 27.91 -60.34
N ILE K 112 -15.16 29.21 -60.56
CA ILE K 112 -16.47 29.84 -60.52
C ILE K 112 -16.67 30.80 -61.69
N ASN K 113 -17.86 30.72 -62.29
CA ASN K 113 -18.20 31.47 -63.46
C ASN K 113 -18.68 32.87 -63.09
N HIS K 114 -19.32 32.94 -61.94
CA HIS K 114 -19.87 34.19 -61.45
C HIS K 114 -20.08 33.97 -59.96
N PHE K 115 -19.86 35.03 -59.20
CA PHE K 115 -19.87 34.96 -57.77
C PHE K 115 -20.14 36.37 -57.33
N GLU K 116 -21.09 36.55 -56.42
CA GLU K 116 -21.55 37.89 -56.04
C GLU K 116 -22.19 37.83 -54.67
N LYS K 117 -21.87 38.79 -53.83
CA LYS K 117 -22.23 38.71 -52.44
C LYS K 117 -23.46 39.52 -52.20
N ILE K 118 -24.45 38.90 -51.59
CA ILE K 118 -25.76 39.49 -51.45
C ILE K 118 -26.18 39.48 -50.01
N GLN K 119 -26.77 40.59 -49.58
CA GLN K 119 -27.24 40.66 -48.20
C GLN K 119 -28.52 39.90 -48.05
N ILE K 120 -28.47 38.72 -47.45
CA ILE K 120 -29.64 37.88 -47.31
C ILE K 120 -30.53 38.25 -46.13
N ILE K 121 -29.97 38.29 -44.94
CA ILE K 121 -30.72 38.76 -43.77
C ILE K 121 -29.94 39.88 -43.05
N PRO K 122 -30.38 41.11 -43.24
CA PRO K 122 -29.74 42.34 -42.82
C PRO K 122 -29.52 42.37 -41.33
N LYS K 123 -28.29 42.77 -40.95
CA LYS K 123 -27.89 42.85 -39.55
C LYS K 123 -28.81 43.80 -38.73
N SER K 124 -29.52 44.73 -39.37
CA SER K 124 -30.37 45.54 -38.57
C SER K 124 -31.82 45.09 -38.47
N SER K 125 -32.16 43.95 -39.03
CA SER K 125 -33.57 43.50 -39.01
C SER K 125 -33.91 42.66 -37.79
N TRP K 126 -32.92 42.45 -36.92
CA TRP K 126 -33.10 41.71 -35.69
C TRP K 126 -33.56 42.67 -34.65
N SER K 127 -34.85 42.95 -34.64
CA SER K 127 -35.40 44.01 -33.77
C SER K 127 -35.46 43.52 -32.32
N SER K 128 -35.88 42.26 -32.14
CA SER K 128 -36.05 41.77 -30.79
C SER K 128 -34.93 40.82 -30.33
N HIS K 129 -33.75 40.97 -30.91
CA HIS K 129 -32.52 40.33 -30.44
C HIS K 129 -31.38 41.30 -30.57
N GLU K 130 -30.27 41.06 -29.88
CA GLU K 130 -29.11 41.94 -29.94
C GLU K 130 -28.16 41.52 -31.05
N ALA K 131 -28.01 42.36 -32.07
CA ALA K 131 -27.19 41.98 -33.22
C ALA K 131 -25.79 42.51 -33.13
N SER K 132 -25.61 43.64 -32.47
CA SER K 132 -24.34 44.29 -32.57
C SER K 132 -23.46 44.02 -31.38
N LEU K 133 -23.77 42.98 -30.60
CA LEU K 133 -22.96 42.67 -29.41
C LEU K 133 -22.06 41.47 -29.50
N GLY K 134 -22.40 40.51 -30.36
CA GLY K 134 -21.65 39.25 -30.48
C GLY K 134 -20.28 39.45 -31.09
N VAL K 135 -19.31 39.65 -30.21
CA VAL K 135 -18.01 40.17 -30.54
C VAL K 135 -17.01 39.57 -29.54
N SER K 136 -15.77 39.30 -29.96
CA SER K 136 -14.84 38.71 -29.02
C SER K 136 -13.43 39.12 -29.28
N SER K 137 -12.58 38.94 -28.28
CA SER K 137 -11.19 39.31 -28.44
C SER K 137 -10.40 38.34 -29.29
N ALA K 138 -10.97 37.18 -29.56
CA ALA K 138 -10.40 36.25 -30.53
C ALA K 138 -10.35 36.79 -31.97
N CYS K 139 -11.22 37.74 -32.31
CA CYS K 139 -11.22 38.32 -33.65
C CYS K 139 -10.94 39.77 -33.58
N PRO K 140 -9.71 40.11 -33.22
CA PRO K 140 -9.49 41.54 -33.00
C PRO K 140 -9.48 42.23 -34.35
N TYR K 141 -10.28 43.29 -34.46
CA TYR K 141 -10.18 44.08 -35.67
C TYR K 141 -9.11 45.16 -35.56
N GLN K 142 -9.41 46.32 -35.03
CA GLN K 142 -8.29 47.27 -35.05
C GLN K 142 -7.88 47.58 -33.65
N GLY K 143 -7.67 46.51 -32.88
CA GLY K 143 -7.53 46.65 -31.45
C GLY K 143 -8.89 46.41 -30.80
N LYS K 144 -9.94 47.07 -31.30
CA LYS K 144 -11.28 46.72 -30.88
C LYS K 144 -11.49 45.28 -31.26
N SER K 145 -12.15 44.54 -30.39
CA SER K 145 -12.45 43.17 -30.63
C SER K 145 -13.71 43.15 -31.48
N SER K 146 -14.02 42.01 -32.07
CA SER K 146 -14.96 41.97 -33.18
C SER K 146 -15.21 40.53 -33.55
N PHE K 147 -15.54 40.26 -34.82
CA PHE K 147 -16.15 38.97 -35.25
C PHE K 147 -16.34 38.90 -36.76
N PHE K 148 -16.52 37.71 -37.30
CA PHE K 148 -16.78 37.53 -38.72
C PHE K 148 -17.80 38.52 -39.25
N ARG K 149 -17.57 39.02 -40.44
CA ARG K 149 -18.40 40.09 -41.01
C ARG K 149 -19.67 39.55 -41.68
N ASN K 150 -19.57 38.40 -42.30
CA ASN K 150 -20.63 37.93 -43.18
C ASN K 150 -21.70 37.12 -42.47
N VAL K 151 -21.74 37.25 -41.14
CA VAL K 151 -22.50 36.36 -40.30
C VAL K 151 -22.69 37.09 -38.98
N VAL K 152 -23.79 36.84 -38.29
CA VAL K 152 -24.11 37.63 -37.09
C VAL K 152 -24.35 36.79 -35.84
N TRP K 153 -23.73 37.17 -34.75
CA TRP K 153 -23.76 36.36 -33.54
C TRP K 153 -24.76 36.99 -32.60
N LEU K 154 -25.99 36.50 -32.64
CA LEU K 154 -27.07 37.17 -31.96
C LEU K 154 -27.01 36.86 -30.49
N ILE K 155 -27.35 37.85 -29.68
CA ILE K 155 -27.36 37.75 -28.21
C ILE K 155 -28.74 38.20 -27.72
N LYS K 156 -29.13 37.73 -26.53
CA LYS K 156 -30.39 38.13 -25.90
C LYS K 156 -30.53 39.65 -25.74
N LYS K 157 -31.76 40.14 -25.90
CA LYS K 157 -32.08 41.55 -25.68
C LYS K 157 -32.95 41.58 -24.43
N ASN K 158 -32.88 42.65 -23.64
CA ASN K 158 -33.34 42.62 -22.24
C ASN K 158 -32.86 41.32 -21.62
N SER K 159 -33.75 40.53 -21.03
CA SER K 159 -33.30 39.22 -20.59
C SER K 159 -34.14 38.14 -21.25
N THR K 160 -34.17 38.17 -22.58
CA THR K 160 -35.12 37.38 -23.33
C THR K 160 -34.48 37.05 -24.62
N TYR K 161 -34.81 35.87 -25.15
CA TYR K 161 -34.41 35.46 -26.50
C TYR K 161 -35.61 34.81 -27.18
N PRO K 162 -36.47 35.61 -27.85
CA PRO K 162 -37.64 35.00 -28.46
C PRO K 162 -37.22 33.96 -29.50
N THR K 163 -38.12 33.04 -29.80
CA THR K 163 -37.82 32.08 -30.82
C THR K 163 -37.79 32.76 -32.18
N ILE K 164 -36.66 32.65 -32.86
CA ILE K 164 -36.56 33.18 -34.20
C ILE K 164 -37.24 32.28 -35.24
N LYS K 165 -38.13 32.85 -36.02
CA LYS K 165 -38.67 32.15 -37.17
C LYS K 165 -38.46 33.06 -38.35
N ARG K 166 -37.78 32.57 -39.38
CA ARG K 166 -37.35 33.51 -40.39
C ARG K 166 -36.94 32.75 -41.62
N SER K 167 -37.29 33.28 -42.78
CA SER K 167 -36.93 32.59 -44.00
C SER K 167 -36.59 33.53 -45.13
N TYR K 168 -35.90 33.03 -46.14
CA TYR K 168 -35.52 33.79 -47.29
C TYR K 168 -35.78 32.99 -48.57
N ASN K 169 -36.49 33.62 -49.52
CA ASN K 169 -36.75 33.02 -50.83
C ASN K 169 -35.66 33.47 -51.74
N ASN K 170 -34.93 32.53 -52.31
CA ASN K 170 -34.03 32.81 -53.42
C ASN K 170 -34.84 33.19 -54.66
N THR K 171 -35.00 34.47 -54.88
CA THR K 171 -35.70 34.92 -56.07
C THR K 171 -34.77 35.31 -57.21
N ASN K 172 -33.48 35.07 -57.05
CA ASN K 172 -32.56 35.25 -58.15
C ASN K 172 -32.62 34.05 -59.07
N GLN K 173 -31.91 34.14 -60.19
CA GLN K 173 -31.77 32.95 -61.03
C GLN K 173 -30.60 32.08 -60.61
N GLU K 174 -29.67 32.66 -59.87
CA GLU K 174 -28.45 31.93 -59.58
C GLU K 174 -28.67 31.10 -58.37
N ASP K 175 -28.09 29.90 -58.34
CA ASP K 175 -27.95 29.12 -57.11
C ASP K 175 -27.39 30.09 -56.07
N LEU K 176 -27.68 29.88 -54.80
CA LEU K 176 -26.94 30.70 -53.85
C LEU K 176 -26.44 29.98 -52.65
N LEU K 177 -25.20 30.30 -52.26
CA LEU K 177 -24.50 29.56 -51.23
C LEU K 177 -24.76 30.28 -49.95
N VAL K 178 -25.30 29.56 -48.99
CA VAL K 178 -25.65 30.14 -47.69
C VAL K 178 -24.98 29.47 -46.50
N LEU K 179 -24.57 30.29 -45.53
CA LEU K 179 -23.79 29.81 -44.41
C LEU K 179 -24.38 30.21 -43.08
N TRP K 180 -24.26 29.33 -42.08
CA TRP K 180 -24.72 29.61 -40.69
C TRP K 180 -23.92 28.82 -39.61
N GLY K 181 -24.00 29.24 -38.35
CA GLY K 181 -23.28 28.49 -37.31
C GLY K 181 -24.05 28.30 -36.01
N ILE K 182 -23.51 27.42 -35.14
CA ILE K 182 -23.94 27.29 -33.76
C ILE K 182 -22.82 27.78 -32.90
N HIS K 183 -23.16 28.35 -31.76
CA HIS K 183 -22.18 28.56 -30.73
C HIS K 183 -22.30 27.42 -29.71
N HIS K 184 -21.21 26.69 -29.47
CA HIS K 184 -21.18 25.70 -28.39
C HIS K 184 -20.49 26.35 -27.21
N PRO K 185 -21.24 26.89 -26.25
CA PRO K 185 -20.61 27.56 -25.11
C PRO K 185 -19.78 26.66 -24.23
N ASN K 186 -19.00 27.26 -23.34
CA ASN K 186 -18.24 26.49 -22.39
C ASN K 186 -19.02 25.88 -21.22
N ASP K 187 -20.06 26.55 -20.72
CA ASP K 187 -20.81 26.03 -19.56
C ASP K 187 -22.22 26.61 -19.46
N ALA K 188 -23.01 26.06 -18.54
CA ALA K 188 -24.41 26.47 -18.40
C ALA K 188 -24.63 27.97 -18.14
N ALA K 189 -23.78 28.55 -17.27
CA ALA K 189 -23.85 29.97 -16.95
C ALA K 189 -23.69 30.80 -18.20
N GLU K 190 -22.61 30.53 -18.93
CA GLU K 190 -22.31 31.15 -20.22
C GLU K 190 -23.51 31.10 -21.16
N GLN K 191 -24.25 29.98 -21.13
CA GLN K 191 -25.49 29.82 -21.90
C GLN K 191 -26.49 30.89 -21.58
N THR K 192 -26.84 30.96 -20.30
CA THR K 192 -27.85 31.85 -19.79
C THR K 192 -27.45 33.28 -20.05
N LYS K 193 -26.15 33.53 -19.88
CA LYS K 193 -25.64 34.87 -20.03
C LYS K 193 -25.89 35.40 -21.43
N LEU K 194 -25.68 34.55 -22.43
CA LEU K 194 -25.76 34.98 -23.81
C LEU K 194 -27.15 34.87 -24.40
N TYR K 195 -27.84 33.80 -24.03
CA TYR K 195 -29.17 33.49 -24.49
C TYR K 195 -29.86 33.15 -23.19
N GLN K 196 -31.13 33.48 -23.02
CA GLN K 196 -31.70 33.18 -21.70
C GLN K 196 -31.84 31.66 -21.53
N ASN K 197 -32.27 31.00 -22.60
CA ASN K 197 -32.88 29.69 -22.50
C ASN K 197 -31.87 28.56 -22.40
N PRO K 198 -32.07 27.65 -21.43
CA PRO K 198 -31.07 26.64 -21.14
C PRO K 198 -31.02 25.60 -22.23
N THR K 199 -32.18 25.19 -22.73
CA THR K 199 -32.23 24.14 -23.73
C THR K 199 -32.53 24.80 -25.04
N THR K 200 -31.80 24.43 -26.09
CA THR K 200 -31.73 25.26 -27.26
C THR K 200 -31.50 24.52 -28.58
N TYR K 201 -31.95 25.08 -29.70
CA TYR K 201 -31.81 24.41 -30.98
C TYR K 201 -31.72 25.41 -32.11
N ILE K 202 -31.01 25.03 -33.16
CA ILE K 202 -31.28 25.64 -34.47
C ILE K 202 -31.81 24.58 -35.43
N SER K 203 -32.87 24.90 -36.18
CA SER K 203 -33.28 24.02 -37.23
C SER K 203 -33.41 24.78 -38.52
N VAL K 204 -32.86 24.19 -39.58
CA VAL K 204 -32.81 24.79 -40.92
C VAL K 204 -33.39 23.85 -41.95
N GLY K 205 -34.30 24.35 -42.78
CA GLY K 205 -34.95 23.48 -43.74
C GLY K 205 -34.93 24.06 -45.13
N THR K 206 -34.76 23.18 -46.11
CA THR K 206 -34.78 23.55 -47.51
C THR K 206 -35.78 22.62 -48.23
N SER K 207 -35.70 22.58 -49.55
CA SER K 207 -36.34 21.47 -50.23
C SER K 207 -35.45 20.22 -50.16
N THR K 208 -34.36 20.30 -49.41
CA THR K 208 -33.27 19.34 -49.44
C THR K 208 -32.73 19.15 -48.04
N LEU K 209 -32.44 20.28 -47.40
CA LEU K 209 -31.83 20.31 -46.10
C LEU K 209 -32.88 20.10 -45.04
N ASN K 210 -32.59 19.24 -44.10
CA ASN K 210 -33.49 19.03 -42.99
C ASN K 210 -32.69 18.83 -41.69
N GLN K 211 -32.15 19.93 -41.15
CA GLN K 211 -31.28 19.80 -40.00
C GLN K 211 -31.75 20.45 -38.70
N ARG K 212 -31.33 19.87 -37.56
CA ARG K 212 -31.56 20.45 -36.23
C ARG K 212 -30.25 20.33 -35.48
N LEU K 213 -29.64 21.46 -35.19
CA LEU K 213 -28.45 21.51 -34.35
C LEU K 213 -28.79 21.78 -32.89
N VAL K 214 -27.91 21.33 -32.02
CA VAL K 214 -28.15 21.46 -30.60
C VAL K 214 -26.77 21.75 -30.04
N PRO K 215 -26.61 22.87 -29.28
CA PRO K 215 -25.30 23.21 -28.75
C PRO K 215 -24.82 22.16 -27.81
N ARG K 216 -23.53 21.91 -27.84
CA ARG K 216 -22.89 20.89 -27.05
C ARG K 216 -22.03 21.57 -25.97
N ILE K 217 -22.45 21.54 -24.71
CA ILE K 217 -21.74 22.27 -23.67
C ILE K 217 -20.66 21.36 -23.11
N ALA K 218 -19.45 21.90 -22.97
CA ALA K 218 -18.28 21.14 -22.47
C ALA K 218 -17.05 22.01 -22.17
N THR K 219 -16.42 21.73 -21.03
CA THR K 219 -15.06 22.19 -20.74
C THR K 219 -14.09 21.80 -21.85
N ARG K 220 -13.53 22.80 -22.52
CA ARG K 220 -12.54 22.61 -23.55
C ARG K 220 -11.33 23.44 -23.20
N SER K 221 -10.27 23.30 -23.97
CA SER K 221 -9.10 24.11 -23.77
C SER K 221 -9.23 25.42 -24.55
N LYS K 222 -8.69 26.49 -24.00
CA LYS K 222 -8.72 27.81 -24.64
C LYS K 222 -7.93 27.79 -25.93
N VAL K 223 -8.44 28.48 -26.93
CA VAL K 223 -7.78 28.58 -28.21
C VAL K 223 -8.08 29.99 -28.65
N ASN K 224 -7.05 30.76 -28.94
CA ASN K 224 -7.19 32.20 -28.99
C ASN K 224 -8.01 32.69 -27.79
N GLY K 225 -7.76 32.09 -26.62
CA GLY K 225 -8.35 32.53 -25.37
C GLY K 225 -9.80 32.15 -25.22
N GLN K 226 -10.30 31.27 -26.10
CA GLN K 226 -11.70 30.91 -26.04
C GLN K 226 -11.87 29.44 -25.89
N SER K 227 -12.67 29.02 -24.93
CA SER K 227 -13.00 27.60 -24.82
C SER K 227 -14.40 27.34 -25.38
N GLY K 228 -15.03 28.40 -25.86
CA GLY K 228 -16.22 28.25 -26.67
C GLY K 228 -15.82 27.77 -28.06
N ARG K 229 -16.78 27.35 -28.86
CA ARG K 229 -16.51 26.90 -30.22
C ARG K 229 -17.61 27.34 -31.15
N MET K 230 -17.24 27.59 -32.41
CA MET K 230 -18.18 27.95 -33.46
C MET K 230 -18.24 26.84 -34.55
N GLU K 231 -19.41 26.34 -34.89
CA GLU K 231 -19.43 25.27 -35.87
C GLU K 231 -20.25 25.80 -37.02
N PHE K 232 -19.76 25.64 -38.25
CA PHE K 232 -20.46 26.28 -39.39
C PHE K 232 -20.88 25.25 -40.37
N PHE K 233 -21.81 25.65 -41.24
CA PHE K 233 -22.59 24.75 -42.08
C PHE K 233 -23.03 25.56 -43.29
N TRP K 234 -23.35 24.90 -44.41
CA TRP K 234 -23.65 25.60 -45.68
C TRP K 234 -24.61 24.80 -46.57
N THR K 235 -25.22 25.45 -47.56
CA THR K 235 -25.88 24.71 -48.64
C THR K 235 -25.95 25.54 -49.83
N ILE K 236 -26.36 24.92 -50.93
CA ILE K 236 -26.72 25.65 -52.11
C ILE K 236 -28.23 25.73 -52.12
N LEU K 237 -28.73 26.95 -52.12
CA LEU K 237 -30.16 27.17 -52.18
C LEU K 237 -30.57 27.38 -53.60
N LYS K 238 -31.40 26.47 -54.06
CA LYS K 238 -31.70 26.41 -55.47
C LYS K 238 -32.54 27.63 -55.88
N PRO K 239 -32.41 28.08 -57.16
CA PRO K 239 -33.14 29.23 -57.62
C PRO K 239 -34.54 29.35 -57.00
N ASN K 240 -35.51 28.51 -57.28
CA ASN K 240 -36.79 28.89 -56.69
C ASN K 240 -37.05 28.60 -55.22
N ASP K 241 -36.10 27.94 -54.54
CA ASP K 241 -36.31 27.43 -53.21
C ASP K 241 -36.29 28.49 -52.14
N ALA K 242 -36.34 28.04 -50.89
CA ALA K 242 -36.36 28.92 -49.76
C ALA K 242 -35.76 28.23 -48.54
N ILE K 243 -35.01 28.96 -47.74
CA ILE K 243 -34.42 28.42 -46.54
C ILE K 243 -35.12 29.01 -45.31
N ASN K 244 -35.52 28.16 -44.39
CA ASN K 244 -36.20 28.61 -43.19
C ASN K 244 -35.31 28.31 -42.01
N PHE K 245 -35.03 29.32 -41.22
CA PHE K 245 -34.32 29.15 -39.98
C PHE K 245 -35.26 29.35 -38.85
N GLU K 246 -35.03 28.58 -37.81
CA GLU K 246 -35.78 28.66 -36.58
C GLU K 246 -34.85 28.37 -35.43
N SER K 247 -34.73 29.36 -34.55
CA SER K 247 -33.90 29.11 -33.38
C SER K 247 -34.42 29.69 -32.11
N ASN K 248 -33.93 29.06 -31.07
CA ASN K 248 -34.29 29.27 -29.71
C ASN K 248 -33.05 29.83 -29.04
N GLY K 249 -31.90 29.48 -29.61
CA GLY K 249 -30.78 30.37 -29.62
C GLY K 249 -29.40 29.83 -29.32
N ASN K 250 -28.65 29.41 -30.32
CA ASN K 250 -27.18 29.59 -30.21
C ASN K 250 -26.73 29.94 -31.60
N PHE K 251 -27.59 30.68 -32.26
CA PHE K 251 -27.62 30.84 -33.69
C PHE K 251 -26.67 31.90 -34.16
N ILE K 252 -25.82 31.54 -35.10
CA ILE K 252 -25.02 32.49 -35.83
C ILE K 252 -25.62 32.68 -37.23
N ALA K 253 -26.33 33.81 -37.36
CA ALA K 253 -27.21 34.05 -38.47
C ALA K 253 -26.41 34.50 -39.67
N PRO K 254 -26.82 34.06 -40.89
CA PRO K 254 -26.23 34.62 -42.10
C PRO K 254 -26.50 36.09 -42.10
N GLU K 255 -25.64 36.92 -42.70
CA GLU K 255 -26.05 38.25 -43.12
C GLU K 255 -25.93 38.28 -44.63
N TYR K 256 -24.86 37.69 -45.13
CA TYR K 256 -24.58 37.71 -46.52
C TYR K 256 -24.57 36.31 -47.05
N ALA K 257 -24.93 36.17 -48.31
CA ALA K 257 -24.75 34.89 -48.98
C ALA K 257 -24.24 35.14 -50.39
N TYR K 258 -23.91 34.05 -51.10
CA TYR K 258 -23.29 34.21 -52.40
C TYR K 258 -24.10 33.66 -53.57
N LYS K 259 -24.41 34.54 -54.52
CA LYS K 259 -24.86 34.10 -55.82
C LYS K 259 -23.69 33.43 -56.48
N ILE K 260 -23.97 32.28 -57.13
CA ILE K 260 -22.92 31.44 -57.63
C ILE K 260 -23.40 30.81 -58.91
N VAL K 261 -22.54 30.84 -59.91
CA VAL K 261 -22.78 30.11 -61.13
C VAL K 261 -21.56 29.25 -61.34
N LYS K 262 -21.76 27.93 -61.31
CA LYS K 262 -20.69 26.99 -61.43
C LYS K 262 -20.78 26.30 -62.79
N LYS K 263 -19.74 26.43 -63.62
CA LYS K 263 -19.70 25.76 -64.92
C LYS K 263 -18.50 24.88 -65.09
N GLY K 264 -17.93 24.40 -64.00
CA GLY K 264 -16.74 23.59 -64.11
C GLY K 264 -15.89 23.47 -62.88
N ASP K 265 -15.07 22.44 -62.84
CA ASP K 265 -14.26 22.22 -61.67
C ASP K 265 -12.76 22.56 -61.83
N SER K 266 -12.08 22.76 -60.71
CA SER K 266 -10.64 22.71 -60.70
C SER K 266 -10.17 22.27 -59.31
N THR K 267 -9.27 23.01 -58.69
CA THR K 267 -8.72 22.59 -57.40
C THR K 267 -8.12 23.77 -56.69
N ILE K 268 -7.71 23.60 -55.44
CA ILE K 268 -6.98 24.66 -54.74
C ILE K 268 -5.52 24.37 -54.83
N MET K 269 -4.76 25.36 -55.26
CA MET K 269 -3.32 25.26 -55.35
C MET K 269 -2.63 25.90 -54.17
N LYS K 270 -1.57 25.26 -53.72
CA LYS K 270 -0.82 25.77 -52.60
C LYS K 270 0.45 26.36 -53.12
N SER K 271 0.60 27.66 -52.97
CA SER K 271 1.79 28.34 -53.43
C SER K 271 2.00 29.62 -52.65
N GLU K 272 3.25 30.04 -52.56
CA GLU K 272 3.59 31.24 -51.84
C GLU K 272 3.90 32.34 -52.85
N LEU K 273 3.69 32.02 -54.12
CA LEU K 273 3.98 32.96 -55.21
C LEU K 273 2.90 34.04 -55.32
N GLU K 274 3.24 35.12 -56.00
CA GLU K 274 2.18 36.06 -56.30
C GLU K 274 1.82 36.14 -57.76
N TYR K 275 0.68 36.78 -58.00
CA TYR K 275 0.21 37.04 -59.34
C TYR K 275 1.29 37.75 -60.16
N GLY K 276 1.40 37.36 -61.43
CA GLY K 276 2.17 38.10 -62.42
C GLY K 276 1.24 38.20 -63.61
N ASN K 277 0.86 39.42 -63.99
CA ASN K 277 -0.13 39.63 -65.06
C ASN K 277 0.35 38.91 -66.29
N CYS K 278 -0.48 38.01 -66.81
CA CYS K 278 0.10 36.86 -67.46
C CYS K 278 -0.92 35.75 -67.75
N ASN K 279 -0.66 34.95 -68.78
CA ASN K 279 -1.55 33.88 -69.16
C ASN K 279 -0.87 32.54 -69.50
N THR K 280 -1.48 31.42 -69.13
CA THR K 280 -1.08 30.08 -69.64
C THR K 280 -2.23 29.11 -69.79
N LYS K 281 -1.89 27.96 -70.36
CA LYS K 281 -2.80 26.85 -70.44
C LYS K 281 -2.44 25.81 -69.40
N CYS K 282 -1.42 26.10 -68.60
CA CYS K 282 -0.94 25.15 -67.63
C CYS K 282 -0.13 25.85 -66.55
N GLN K 283 -0.48 25.59 -65.29
CA GLN K 283 0.06 26.34 -64.15
C GLN K 283 0.64 25.41 -63.08
N THR K 284 1.54 25.93 -62.25
CA THR K 284 2.34 25.14 -61.34
C THR K 284 2.63 25.96 -60.13
N PRO K 285 2.57 25.36 -58.93
CA PRO K 285 2.87 26.12 -57.72
C PRO K 285 4.21 26.83 -57.76
N MET K 286 5.10 26.41 -58.65
CA MET K 286 6.36 27.11 -58.85
C MET K 286 6.38 28.07 -60.02
N GLY K 287 5.37 27.95 -60.88
CA GLY K 287 5.20 28.89 -61.97
C GLY K 287 4.51 28.29 -63.17
N ALA K 288 4.15 29.15 -64.12
CA ALA K 288 3.45 28.75 -65.32
C ALA K 288 4.37 28.05 -66.31
N ILE K 289 3.80 27.18 -67.14
CA ILE K 289 4.53 26.53 -68.23
C ILE K 289 3.91 26.85 -69.59
N ASN K 290 4.70 27.46 -70.48
CA ASN K 290 4.30 27.66 -71.89
C ASN K 290 4.71 26.40 -72.66
N SER K 291 3.89 25.36 -72.47
CA SER K 291 4.17 23.98 -72.90
C SER K 291 4.08 23.72 -74.38
N SER K 292 4.86 22.76 -74.86
CA SER K 292 4.73 22.27 -76.22
C SER K 292 5.20 20.85 -76.14
N MET K 293 6.16 20.63 -75.25
CA MET K 293 6.80 19.34 -75.06
C MET K 293 5.79 18.40 -74.44
N PRO K 294 5.94 17.09 -74.68
CA PRO K 294 4.92 16.21 -74.10
C PRO K 294 5.28 15.76 -72.70
N PHE K 295 6.37 16.26 -72.15
CA PHE K 295 6.80 15.89 -70.81
C PHE K 295 7.42 17.05 -70.08
N HIS K 296 7.20 17.12 -68.77
CA HIS K 296 7.91 18.08 -67.95
C HIS K 296 8.30 17.45 -66.64
N ASN K 297 9.21 18.08 -65.92
CA ASN K 297 9.69 17.57 -64.65
C ASN K 297 9.65 18.64 -63.57
N ILE K 298 8.84 19.66 -63.77
CA ILE K 298 8.84 20.84 -62.90
C ILE K 298 8.22 20.52 -61.57
N HIS K 299 6.98 20.03 -61.58
CA HIS K 299 6.18 19.84 -60.36
C HIS K 299 4.94 18.97 -60.63
N PRO K 300 4.65 18.01 -59.74
CA PRO K 300 3.48 17.14 -59.94
C PRO K 300 2.14 17.85 -59.86
N LEU K 301 2.02 18.85 -59.00
CA LEU K 301 0.71 19.44 -58.73
C LEU K 301 0.31 20.54 -59.68
N THR K 302 -0.03 20.16 -60.91
CA THR K 302 -0.40 21.15 -61.91
C THR K 302 -1.91 21.33 -62.06
N ILE K 303 -2.28 22.40 -62.77
CA ILE K 303 -3.65 22.68 -63.12
C ILE K 303 -3.59 23.20 -64.55
N GLY K 304 -4.30 22.51 -65.44
CA GLY K 304 -4.35 22.93 -66.84
C GLY K 304 -4.20 21.79 -67.80
N GLU K 305 -3.73 22.11 -69.00
CA GLU K 305 -3.49 21.14 -70.04
C GLU K 305 -1.99 21.05 -70.11
N CYS K 306 -1.45 20.06 -69.44
CA CYS K 306 0.00 19.99 -69.21
C CYS K 306 0.67 18.78 -69.83
N PRO K 307 1.97 18.94 -70.14
CA PRO K 307 2.82 17.83 -70.48
C PRO K 307 2.82 16.87 -69.32
N LYS K 308 2.90 15.59 -69.61
CA LYS K 308 2.97 14.58 -68.59
C LYS K 308 4.21 14.79 -67.74
N TYR K 309 4.01 14.73 -66.43
CA TYR K 309 5.10 14.97 -65.49
C TYR K 309 5.89 13.71 -65.31
N VAL K 310 7.19 13.84 -65.35
CA VAL K 310 8.05 12.69 -65.52
C VAL K 310 9.26 12.87 -64.60
N LYS K 311 9.91 11.77 -64.22
CA LYS K 311 11.09 11.87 -63.36
C LYS K 311 12.42 11.65 -64.06
N SER K 312 12.98 12.70 -64.68
CA SER K 312 14.27 12.64 -65.38
C SER K 312 14.74 14.02 -65.79
N ASN K 313 15.99 14.12 -66.19
CA ASN K 313 16.56 15.40 -66.60
C ASN K 313 16.72 15.49 -68.09
N ARG K 314 16.87 14.33 -68.71
CA ARG K 314 17.19 14.28 -70.11
C ARG K 314 16.18 13.45 -70.83
N LEU K 315 15.46 14.07 -71.76
CA LEU K 315 14.81 13.32 -72.83
C LEU K 315 15.26 13.95 -74.12
N VAL K 316 16.43 13.54 -74.57
CA VAL K 316 17.10 14.19 -75.69
C VAL K 316 17.09 13.27 -76.91
N LEU K 317 16.47 13.75 -77.95
CA LEU K 317 16.21 12.95 -79.11
C LEU K 317 17.18 13.31 -80.23
N ALA K 318 17.70 12.29 -80.90
CA ALA K 318 18.69 12.51 -81.96
C ALA K 318 18.08 13.06 -83.25
N THR K 319 18.51 14.24 -83.68
CA THR K 319 18.16 14.79 -84.99
C THR K 319 19.22 14.35 -86.04
N GLY K 320 20.44 14.85 -85.89
CA GLY K 320 21.53 14.53 -86.83
C GLY K 320 22.10 13.12 -86.71
N LEU K 321 23.41 13.01 -86.90
CA LEU K 321 24.07 11.70 -86.90
C LEU K 321 25.32 11.64 -86.04
N ARG K 322 26.09 10.56 -86.21
CA ARG K 322 27.25 10.32 -85.37
C ARG K 322 28.41 11.26 -85.71
N ASN K 323 28.42 12.38 -85.01
CA ASN K 323 29.41 13.41 -85.16
C ASN K 323 30.53 13.18 -84.13
N SER K 324 31.45 12.28 -84.45
CA SER K 324 32.59 11.98 -83.57
C SER K 324 33.94 12.41 -84.17
N PRO K 325 34.75 13.18 -83.38
CA PRO K 325 36.07 13.73 -83.80
C PRO K 325 37.10 12.71 -84.30
N GLY L 1 27.79 1.98 -86.02
CA GLY L 1 26.77 1.94 -87.11
C GLY L 1 26.60 0.58 -87.80
N LEU L 2 25.35 0.09 -87.79
CA LEU L 2 24.97 -1.27 -88.26
C LEU L 2 25.15 -1.62 -89.75
N PHE L 3 25.05 -0.63 -90.64
CA PHE L 3 25.00 -0.92 -92.06
C PHE L 3 26.37 -0.81 -92.76
N GLY L 4 27.44 -0.92 -91.97
CA GLY L 4 28.82 -0.91 -92.47
C GLY L 4 29.28 0.46 -92.90
N ALA L 5 28.48 1.46 -92.51
CA ALA L 5 28.63 2.83 -93.00
C ALA L 5 29.55 3.67 -92.11
N ILE L 6 29.04 4.03 -90.93
CA ILE L 6 29.72 4.94 -90.00
C ILE L 6 30.87 4.24 -89.24
N ALA L 7 30.55 3.17 -88.51
CA ALA L 7 31.56 2.32 -87.88
C ALA L 7 32.27 1.39 -88.88
N GLY L 8 31.85 1.43 -90.14
CA GLY L 8 32.36 0.53 -91.18
C GLY L 8 33.30 1.20 -92.17
N PHE L 9 33.09 0.92 -93.46
CA PHE L 9 34.03 1.33 -94.55
C PHE L 9 34.35 2.84 -94.63
N ILE L 10 33.34 3.67 -94.41
CA ILE L 10 33.52 5.12 -94.33
C ILE L 10 33.89 5.49 -92.89
N GLU L 11 35.20 5.51 -92.64
CA GLU L 11 35.72 5.92 -91.35
C GLU L 11 35.71 7.43 -91.30
N GLY L 12 34.90 7.98 -90.40
CA GLY L 12 34.75 9.42 -90.26
C GLY L 12 33.93 10.06 -91.36
N GLY L 13 33.18 11.09 -90.99
CA GLY L 13 32.40 11.85 -91.96
C GLY L 13 33.04 13.18 -92.22
N TRP L 14 32.97 13.63 -93.47
CA TRP L 14 33.57 14.90 -93.88
C TRP L 14 32.93 16.13 -93.21
N GLN L 15 33.73 16.82 -92.39
CA GLN L 15 33.32 18.11 -91.80
C GLN L 15 33.31 19.20 -92.86
N GLY L 16 34.17 19.03 -93.87
CA GLY L 16 34.25 19.96 -94.99
C GLY L 16 32.95 20.21 -95.72
N MET L 17 31.96 19.36 -95.48
CA MET L 17 30.65 19.47 -96.12
C MET L 17 29.62 20.12 -95.21
N VAL L 18 29.08 21.25 -95.67
CA VAL L 18 28.04 22.00 -94.95
C VAL L 18 26.70 21.88 -95.69
N ASP L 19 26.78 21.60 -96.98
CA ASP L 19 25.61 21.50 -97.88
C ASP L 19 24.42 20.73 -97.28
N GLY L 20 24.67 19.53 -96.77
CA GLY L 20 23.59 18.72 -96.24
C GLY L 20 24.05 17.73 -95.21
N TRP L 21 23.49 16.53 -95.29
CA TRP L 21 23.82 15.48 -94.34
C TRP L 21 24.60 14.39 -95.00
N TYR L 22 24.27 14.14 -96.26
CA TYR L 22 24.95 13.13 -97.06
C TYR L 22 25.47 13.76 -98.34
N GLY L 23 26.54 13.18 -98.90
CA GLY L 23 27.09 13.73 -100.14
C GLY L 23 28.29 13.03 -100.76
N TYR L 24 28.89 13.72 -101.71
CA TYR L 24 29.99 13.18 -102.48
C TYR L 24 31.23 14.04 -102.29
N HIS L 25 32.38 13.49 -102.65
CA HIS L 25 33.63 14.22 -102.69
C HIS L 25 34.45 13.70 -103.86
N HIS L 26 34.53 14.52 -104.90
CA HIS L 26 35.27 14.16 -106.09
C HIS L 26 36.73 14.60 -106.02
N SER L 27 37.58 13.94 -106.79
CA SER L 27 38.95 14.37 -107.02
C SER L 27 39.34 14.13 -108.49
N ASN L 28 38.72 14.90 -109.38
CA ASN L 28 38.97 14.82 -110.81
C ASN L 28 40.17 15.68 -111.27
N GLU L 29 40.39 15.76 -112.57
CA GLU L 29 41.54 16.45 -113.12
C GLU L 29 41.42 17.99 -113.12
N GLN L 30 40.23 18.50 -112.78
CA GLN L 30 40.03 19.94 -112.60
C GLN L 30 40.48 20.37 -111.22
N GLY L 31 39.94 19.71 -110.20
CA GLY L 31 40.27 19.97 -108.82
C GLY L 31 39.55 18.94 -107.98
N SER L 32 39.02 19.39 -106.85
CA SER L 32 38.23 18.52 -105.97
C SER L 32 37.20 19.34 -105.17
N GLY L 33 36.17 18.67 -104.67
CA GLY L 33 35.12 19.33 -103.92
C GLY L 33 33.98 18.43 -103.49
N TYR L 34 33.10 18.99 -102.66
CA TYR L 34 31.96 18.24 -102.14
C TYR L 34 30.64 19.02 -102.23
N ALA L 35 29.72 18.51 -103.02
CA ALA L 35 28.34 19.00 -103.09
C ALA L 35 27.41 17.91 -102.59
N ALA L 36 26.62 18.24 -101.57
CA ALA L 36 25.74 17.26 -100.93
C ALA L 36 24.60 16.78 -101.82
N ASP L 37 24.09 15.58 -101.55
CA ASP L 37 22.93 15.06 -102.25
C ASP L 37 21.66 15.63 -101.65
N LYS L 38 20.64 15.86 -102.48
CA LYS L 38 19.49 16.65 -102.05
C LYS L 38 18.23 15.85 -101.76
N GLU L 39 17.82 14.97 -102.69
CA GLU L 39 16.62 14.14 -102.49
C GLU L 39 16.79 13.27 -101.27
N SER L 40 17.98 12.70 -101.13
CA SER L 40 18.33 11.91 -99.97
C SER L 40 18.26 12.76 -98.68
N THR L 41 19.09 13.80 -98.62
CA THR L 41 19.13 14.66 -97.44
C THR L 41 17.74 15.19 -97.11
N GLN L 42 17.00 15.59 -98.15
CA GLN L 42 15.65 16.09 -97.97
C GLN L 42 14.70 15.07 -97.40
N LYS L 43 14.75 13.85 -97.94
CA LYS L 43 13.86 12.80 -97.45
C LYS L 43 14.14 12.44 -95.99
N ALA L 44 15.41 12.57 -95.60
CA ALA L 44 15.84 12.33 -94.22
C ALA L 44 15.32 13.42 -93.28
N ILE L 45 15.57 14.69 -93.61
CA ILE L 45 15.06 15.79 -92.79
C ILE L 45 13.57 15.60 -92.54
N ASP L 46 12.82 15.41 -93.63
CA ASP L 46 11.39 15.10 -93.53
C ASP L 46 11.12 14.00 -92.50
N GLY L 47 11.77 12.85 -92.68
CA GLY L 47 11.64 11.70 -91.79
C GLY L 47 11.91 12.00 -90.32
N VAL L 48 13.05 12.60 -90.04
CA VAL L 48 13.41 12.89 -88.66
C VAL L 48 12.43 13.89 -88.05
N THR L 49 12.22 15.01 -88.74
CA THR L 49 11.22 15.99 -88.29
C THR L 49 9.91 15.28 -87.94
N ASN L 50 9.45 14.45 -88.87
CA ASN L 50 8.21 13.68 -88.73
C ASN L 50 8.13 12.79 -87.47
N LYS L 51 9.23 12.10 -87.17
CA LYS L 51 9.37 11.29 -85.97
C LYS L 51 9.28 12.17 -84.72
N VAL L 52 10.05 13.25 -84.70
CA VAL L 52 9.97 14.20 -83.60
C VAL L 52 8.52 14.65 -83.42
N ASN L 53 7.87 15.08 -84.49
CA ASN L 53 6.52 15.59 -84.40
C ASN L 53 5.53 14.57 -83.89
N SER L 54 5.47 13.41 -84.51
CA SER L 54 4.49 12.42 -84.09
C SER L 54 4.69 12.05 -82.62
N ILE L 55 5.93 11.95 -82.17
CA ILE L 55 6.21 11.77 -80.74
C ILE L 55 5.61 12.90 -79.87
N ILE L 56 5.51 14.10 -80.42
CA ILE L 56 4.87 15.19 -79.70
C ILE L 56 3.36 15.16 -79.92
N ASP L 57 2.95 15.06 -81.17
CA ASP L 57 1.55 15.25 -81.58
C ASP L 57 0.61 14.12 -81.19
N LYS L 58 1.15 12.93 -80.96
CA LYS L 58 0.29 11.81 -80.63
C LYS L 58 -0.15 11.80 -79.17
N MET L 59 0.50 12.59 -78.35
CA MET L 59 -0.04 12.73 -77.03
C MET L 59 -1.18 13.71 -76.96
N ASN L 60 -1.27 14.63 -77.93
CA ASN L 60 -2.39 15.63 -78.06
C ASN L 60 -3.75 15.26 -77.42
N THR L 61 -3.79 14.08 -76.78
CA THR L 61 -4.59 13.87 -75.60
C THR L 61 -3.71 14.13 -74.39
N GLN L 62 -3.92 15.33 -73.89
CA GLN L 62 -4.05 15.53 -72.46
C GLN L 62 -5.10 16.65 -72.32
N PHE L 63 -5.65 16.77 -71.12
CA PHE L 63 -6.71 17.70 -70.90
C PHE L 63 -6.68 18.21 -69.48
N GLU L 64 -7.70 18.92 -69.08
CA GLU L 64 -7.72 19.51 -67.76
C GLU L 64 -7.53 18.51 -66.64
N ALA L 65 -6.66 18.85 -65.67
CA ALA L 65 -6.49 18.08 -64.40
C ALA L 65 -5.99 18.95 -63.19
N VAL L 66 -5.49 18.35 -62.05
CA VAL L 66 -5.26 19.07 -60.72
C VAL L 66 -4.23 18.55 -59.56
N GLY L 67 -4.20 19.32 -58.43
CA GLY L 67 -3.46 19.09 -57.13
C GLY L 67 -4.28 18.40 -55.99
N ARG L 68 -4.06 18.71 -54.67
CA ARG L 68 -4.42 17.72 -53.51
C ARG L 68 -5.17 18.07 -52.14
N GLU L 69 -6.13 17.22 -51.75
CA GLU L 69 -7.42 17.71 -51.19
C GLU L 69 -8.15 16.98 -50.04
N PHE L 70 -7.48 16.10 -49.29
CA PHE L 70 -8.15 15.37 -48.21
C PHE L 70 -7.66 15.80 -46.85
N ASN L 71 -8.57 15.75 -45.86
CA ASN L 71 -8.25 16.12 -44.46
C ASN L 71 -7.61 14.93 -43.73
N ASN L 72 -7.17 15.11 -42.51
CA ASN L 72 -6.41 14.02 -41.98
C ASN L 72 -7.25 12.95 -41.30
N LEU L 73 -8.54 12.96 -41.56
CA LEU L 73 -9.33 11.78 -41.30
C LEU L 73 -9.72 11.08 -42.59
N GLU L 74 -9.01 11.42 -43.65
CA GLU L 74 -9.23 10.77 -44.92
C GLU L 74 -7.90 10.34 -45.45
N ARG L 75 -7.13 9.67 -44.63
CA ARG L 75 -5.77 9.44 -45.01
C ARG L 75 -5.67 8.26 -45.91
N ARG L 76 -6.57 7.31 -45.74
CA ARG L 76 -6.56 6.15 -46.60
C ARG L 76 -6.76 6.56 -48.03
N ILE L 77 -7.46 7.66 -48.24
CA ILE L 77 -7.88 8.00 -49.57
C ILE L 77 -6.80 8.83 -50.18
N GLU L 78 -6.18 9.63 -49.34
CA GLU L 78 -5.00 10.39 -49.70
C GLU L 78 -3.97 9.38 -50.19
N ASN L 79 -3.94 8.22 -49.53
CA ASN L 79 -2.98 7.23 -49.90
C ASN L 79 -3.33 6.64 -51.21
N LEU L 80 -4.63 6.43 -51.42
CA LEU L 80 -5.11 5.93 -52.68
C LEU L 80 -4.66 6.86 -53.79
N ASN L 81 -4.89 8.15 -53.62
CA ASN L 81 -4.50 9.08 -54.62
C ASN L 81 -2.98 9.10 -54.83
N LYS L 82 -2.21 9.10 -53.76
CA LYS L 82 -0.77 8.99 -53.88
C LYS L 82 -0.39 7.85 -54.79
N LYS L 83 -0.87 6.66 -54.49
CA LYS L 83 -0.49 5.53 -55.28
C LYS L 83 -0.74 5.84 -56.74
N MET L 84 -1.92 6.38 -57.03
CA MET L 84 -2.31 6.55 -58.38
C MET L 84 -1.39 7.52 -59.08
N GLU L 85 -1.12 8.64 -58.48
CA GLU L 85 -0.16 9.57 -59.01
C GLU L 85 1.21 8.92 -59.18
N ASP L 86 1.67 8.31 -58.11
CA ASP L 86 2.90 7.59 -58.15
C ASP L 86 2.94 6.61 -59.34
N GLY L 87 1.91 5.77 -59.47
CA GLY L 87 1.85 4.77 -60.53
C GLY L 87 1.92 5.35 -61.93
N PHE L 88 1.23 6.46 -62.16
CA PHE L 88 1.34 7.15 -63.42
C PHE L 88 2.74 7.72 -63.64
N LEU L 89 3.40 8.13 -62.57
CA LEU L 89 4.72 8.68 -62.74
C LEU L 89 5.68 7.59 -63.17
N ASP L 90 5.45 6.39 -62.66
CA ASP L 90 6.34 5.28 -62.92
C ASP L 90 6.13 4.86 -64.36
N VAL L 91 4.90 4.93 -64.85
CA VAL L 91 4.62 4.53 -66.22
C VAL L 91 5.25 5.50 -67.21
N TRP L 92 4.84 6.76 -67.13
CA TRP L 92 5.34 7.75 -68.04
C TRP L 92 6.86 7.85 -68.01
N THR L 93 7.43 7.89 -66.82
CA THR L 93 8.88 7.99 -66.69
C THR L 93 9.58 6.84 -67.43
N TYR L 94 9.13 5.61 -67.19
CA TYR L 94 9.69 4.45 -67.86
C TYR L 94 9.49 4.49 -69.38
N ASN L 95 8.26 4.68 -69.82
CA ASN L 95 8.01 4.77 -71.25
C ASN L 95 8.82 5.84 -71.92
N ALA L 96 8.74 7.08 -71.45
CA ALA L 96 9.48 8.16 -72.11
C ALA L 96 10.95 7.75 -72.28
N GLU L 97 11.59 7.34 -71.18
CA GLU L 97 13.00 6.98 -71.20
C GLU L 97 13.32 5.93 -72.25
N LEU L 98 12.58 4.85 -72.27
CA LEU L 98 12.81 3.79 -73.23
C LEU L 98 12.40 4.18 -74.62
N LEU L 99 11.38 4.99 -74.73
CA LEU L 99 11.00 5.44 -76.05
C LEU L 99 12.18 6.13 -76.72
N VAL L 100 12.71 7.13 -76.03
CA VAL L 100 13.89 7.85 -76.46
C VAL L 100 15.05 6.89 -76.80
N LEU L 101 15.40 5.99 -75.88
CA LEU L 101 16.49 5.07 -76.13
C LEU L 101 16.31 4.29 -77.42
N MET L 102 15.14 3.69 -77.58
CA MET L 102 14.85 2.87 -78.74
C MET L 102 14.87 3.67 -80.03
N GLU L 103 14.20 4.82 -80.01
CA GLU L 103 14.10 5.64 -81.21
C GLU L 103 15.42 6.31 -81.58
N ASN L 104 16.20 6.68 -80.58
CA ASN L 104 17.54 7.17 -80.82
C ASN L 104 18.31 6.12 -81.59
N GLU L 105 18.25 4.86 -81.16
CA GLU L 105 18.94 3.81 -81.88
C GLU L 105 18.50 3.68 -83.33
N ARG L 106 17.19 3.64 -83.55
CA ARG L 106 16.63 3.52 -84.89
C ARG L 106 17.02 4.68 -85.80
N THR L 107 17.20 5.84 -85.20
CA THR L 107 17.60 7.02 -85.94
C THR L 107 19.00 6.84 -86.52
N LEU L 108 19.95 6.43 -85.67
CA LEU L 108 21.35 6.35 -86.06
C LEU L 108 21.58 5.25 -87.07
N ASP L 109 20.70 4.26 -87.03
CA ASP L 109 20.71 3.20 -88.01
C ASP L 109 20.07 3.66 -89.31
N PHE L 110 19.06 4.51 -89.18
CA PHE L 110 18.37 5.08 -90.33
C PHE L 110 19.37 5.84 -91.21
N HIS L 111 20.27 6.58 -90.57
CA HIS L 111 21.30 7.31 -91.27
C HIS L 111 22.28 6.38 -91.98
N ASP L 112 22.81 5.39 -91.25
CA ASP L 112 23.70 4.38 -91.81
C ASP L 112 23.08 3.73 -93.04
N SER L 113 21.79 3.39 -92.92
CA SER L 113 21.02 2.79 -94.00
C SER L 113 21.10 3.64 -95.26
N ASN L 114 20.79 4.93 -95.11
CA ASN L 114 20.75 5.85 -96.23
C ASN L 114 22.11 6.02 -96.90
N VAL L 115 23.15 6.08 -96.06
CA VAL L 115 24.51 6.15 -96.55
C VAL L 115 24.78 4.94 -97.45
N LYS L 116 24.49 3.75 -96.95
CA LYS L 116 24.70 2.53 -97.73
C LYS L 116 23.85 2.51 -99.00
N ASN L 117 22.64 3.07 -98.92
CA ASN L 117 21.77 3.24 -100.10
C ASN L 117 22.45 4.05 -101.16
N LEU L 118 23.01 5.18 -100.75
CA LEU L 118 23.66 6.13 -101.66
C LEU L 118 24.90 5.50 -102.23
N TYR L 119 25.66 4.81 -101.39
CA TYR L 119 26.83 4.07 -101.83
C TYR L 119 26.45 3.06 -102.91
N ASP L 120 25.39 2.32 -102.66
CA ASP L 120 24.99 1.25 -103.57
C ASP L 120 24.34 1.77 -104.85
N LYS L 121 23.73 2.94 -104.80
CA LYS L 121 23.16 3.57 -105.99
C LYS L 121 24.27 3.95 -106.98
N VAL L 122 25.31 4.57 -106.46
CA VAL L 122 26.48 4.91 -107.24
C VAL L 122 27.09 3.64 -107.80
N ARG L 123 27.35 2.69 -106.91
CA ARG L 123 27.99 1.43 -107.26
C ARG L 123 27.35 0.74 -108.46
N LEU L 124 26.02 0.62 -108.44
CA LEU L 124 25.29 -0.09 -109.48
C LEU L 124 25.21 0.68 -110.80
N GLN L 125 25.13 2.00 -110.70
CA GLN L 125 25.05 2.90 -111.85
C GLN L 125 26.23 2.70 -112.81
N LEU L 126 27.36 2.26 -112.25
CA LEU L 126 28.62 2.11 -113.00
C LEU L 126 29.39 0.84 -112.61
N ARG L 127 28.90 -0.30 -113.08
CA ARG L 127 29.39 -1.64 -112.69
C ARG L 127 30.92 -1.78 -112.72
N ASP L 128 31.48 -2.20 -113.86
CA ASP L 128 32.91 -2.38 -113.97
C ASP L 128 33.61 -1.28 -114.77
N ASN L 129 32.95 -0.12 -114.85
CA ASN L 129 33.58 1.10 -115.39
C ASN L 129 34.28 1.89 -114.28
N ALA L 130 34.32 1.28 -113.08
CA ALA L 130 34.95 1.84 -111.89
C ALA L 130 35.47 0.79 -110.89
N LYS L 131 36.46 1.19 -110.09
CA LYS L 131 37.12 0.32 -109.12
C LYS L 131 36.59 0.56 -107.71
N GLU L 132 36.34 -0.52 -106.97
CA GLU L 132 35.83 -0.40 -105.61
C GLU L 132 36.94 -0.41 -104.58
N LEU L 133 37.36 0.78 -104.16
CA LEU L 133 38.49 0.96 -103.26
C LEU L 133 38.33 0.33 -101.87
N GLY L 134 37.15 0.47 -101.28
CA GLY L 134 36.90 -0.05 -99.93
C GLY L 134 36.89 1.01 -98.83
N ASN L 135 37.27 2.23 -99.18
CA ASN L 135 37.24 3.36 -98.26
C ASN L 135 35.89 4.04 -98.32
N GLY L 136 34.97 3.42 -99.03
CA GLY L 136 33.69 4.03 -99.39
C GLY L 136 33.89 4.86 -100.63
N CYS L 137 34.99 4.57 -101.34
CA CYS L 137 35.39 5.36 -102.49
C CYS L 137 35.44 4.54 -103.76
N PHE L 138 35.18 5.21 -104.88
CA PHE L 138 35.27 4.59 -106.21
C PHE L 138 36.34 5.28 -107.06
N GLU L 139 37.17 4.48 -107.74
CA GLU L 139 38.08 5.01 -108.75
C GLU L 139 37.60 4.66 -110.16
N PHE L 140 37.58 5.66 -111.04
CA PHE L 140 37.18 5.49 -112.44
C PHE L 140 38.24 4.79 -113.29
N TYR L 141 37.80 3.80 -114.04
CA TYR L 141 38.64 3.12 -115.03
C TYR L 141 38.99 4.08 -116.17
N HIS L 142 38.15 5.09 -116.34
CA HIS L 142 38.38 6.12 -117.34
C HIS L 142 38.68 7.47 -116.67
N LYS L 143 38.92 8.48 -117.49
CA LYS L 143 39.09 9.84 -117.01
C LYS L 143 37.72 10.50 -116.86
N CYS L 144 37.62 11.49 -115.99
CA CYS L 144 36.34 12.15 -115.71
C CYS L 144 36.53 13.60 -115.29
N ASP L 145 35.50 14.42 -115.56
CA ASP L 145 35.53 15.86 -115.27
C ASP L 145 34.34 16.30 -114.41
N ASN L 146 34.13 17.61 -114.29
CA ASN L 146 33.05 18.17 -113.46
C ASN L 146 31.65 17.91 -114.02
N GLU L 147 31.44 18.28 -115.27
CA GLU L 147 30.18 17.99 -115.98
C GLU L 147 29.90 16.49 -116.04
N CYS L 148 30.99 15.70 -116.00
CA CYS L 148 30.94 14.24 -115.98
C CYS L 148 30.23 13.69 -114.75
N MET L 149 30.45 14.33 -113.60
CA MET L 149 29.92 13.85 -112.33
C MET L 149 28.51 14.33 -112.00
N GLU L 150 27.98 15.22 -112.85
CA GLU L 150 26.60 15.70 -112.76
C GLU L 150 25.61 14.56 -112.99
N SER L 151 25.83 13.80 -114.06
CA SER L 151 25.00 12.65 -114.40
C SER L 151 25.15 11.56 -113.33
N VAL L 152 26.32 11.52 -112.70
CA VAL L 152 26.59 10.60 -111.60
C VAL L 152 25.64 10.86 -110.41
N ARG L 153 25.52 12.13 -110.02
CA ARG L 153 24.52 12.55 -109.03
C ARG L 153 23.11 12.40 -109.61
N ASN L 154 22.90 12.93 -110.81
CA ASN L 154 21.61 12.82 -111.53
C ASN L 154 21.00 11.42 -111.49
N GLY L 155 21.86 10.42 -111.71
CA GLY L 155 21.40 9.06 -111.98
C GLY L 155 21.32 8.82 -113.48
N THR L 156 22.06 9.63 -114.24
CA THR L 156 22.10 9.53 -115.70
C THR L 156 23.50 9.18 -116.22
N TYR L 157 24.24 8.36 -115.47
CA TYR L 157 25.54 7.85 -115.94
C TYR L 157 25.32 6.77 -117.00
N ASP L 158 26.01 6.94 -118.14
CA ASP L 158 25.87 6.00 -119.26
C ASP L 158 27.03 4.99 -119.33
N TYR L 159 26.69 3.75 -119.01
CA TYR L 159 27.63 2.63 -118.94
C TYR L 159 28.26 2.27 -120.29
N PRO L 160 27.43 2.03 -121.34
CA PRO L 160 27.99 1.59 -122.64
C PRO L 160 28.88 2.62 -123.34
N GLN L 161 28.99 3.82 -122.76
CA GLN L 161 29.82 4.88 -123.33
C GLN L 161 31.30 4.66 -123.04
N TYR L 162 31.64 4.49 -121.77
CA TYR L 162 33.04 4.46 -121.34
C TYR L 162 33.44 3.04 -120.98
N SER L 163 32.64 2.08 -121.45
CA SER L 163 32.86 0.66 -121.21
C SER L 163 34.16 0.14 -121.83
N GLU L 164 34.33 0.32 -123.15
CA GLU L 164 35.52 -0.18 -123.87
C GLU L 164 36.80 0.62 -123.56
N GLU L 165 36.64 1.82 -123.00
CA GLU L 165 37.75 2.62 -122.49
C GLU L 165 38.23 2.03 -121.16
N ALA L 166 37.27 1.54 -120.38
CA ALA L 166 37.52 0.82 -119.14
C ALA L 166 38.06 -0.58 -119.43
N ARG L 167 37.36 -1.31 -120.29
CA ARG L 167 37.68 -2.72 -120.66
C ARG L 167 39.12 -2.94 -121.11
N LEU L 168 39.62 -2.07 -121.98
CA LEU L 168 41.01 -2.13 -122.41
C LEU L 168 41.92 -1.63 -121.28
N LYS L 169 41.53 -0.54 -120.61
CA LYS L 169 42.28 0.00 -119.46
C LYS L 169 42.34 -0.99 -118.27
N ARG L 170 41.43 -1.97 -118.26
CA ARG L 170 41.37 -3.02 -117.23
C ARG L 170 42.41 -4.11 -117.45
N GLU L 171 42.56 -4.53 -118.71
CA GLU L 171 43.53 -5.55 -119.11
C GLU L 171 44.97 -5.05 -119.02
N GLU L 172 45.14 -3.74 -119.13
CA GLU L 172 46.44 -3.07 -119.04
C GLU L 172 47.04 -3.18 -117.64
N ILE L 173 46.16 -3.13 -116.65
CA ILE L 173 46.53 -3.28 -115.26
C ILE L 173 46.70 -4.77 -114.91
N SER L 174 46.00 -5.64 -115.64
CA SER L 174 46.06 -7.08 -115.40
C SER L 174 47.42 -7.67 -115.84
N SER L 175 48.19 -8.14 -114.87
CA SER L 175 49.53 -8.71 -115.12
C SER L 175 50.51 -7.69 -115.67
N GLY M 4 -94.97 -15.30 76.76
CA GLY M 4 -93.51 -15.58 76.89
C GLY M 4 -92.73 -15.53 75.59
N ASP M 5 -91.63 -14.78 75.58
CA ASP M 5 -90.85 -14.51 74.36
C ASP M 5 -90.22 -15.76 73.74
N GLN M 6 -89.45 -15.56 72.68
CA GLN M 6 -88.85 -16.68 71.93
C GLN M 6 -87.49 -16.40 71.30
N ILE M 7 -86.82 -17.48 70.93
CA ILE M 7 -85.63 -17.46 70.07
C ILE M 7 -85.54 -18.73 69.23
N CYS M 8 -85.08 -18.57 68.01
CA CYS M 8 -85.03 -19.67 67.07
C CYS M 8 -83.68 -19.81 66.38
N ILE M 9 -82.98 -20.89 66.74
CA ILE M 9 -81.69 -21.17 66.17
C ILE M 9 -81.92 -21.69 64.77
N GLY M 10 -81.37 -20.97 63.81
CA GLY M 10 -81.57 -21.35 62.42
C GLY M 10 -80.37 -21.08 61.54
N TYR M 11 -80.51 -21.49 60.29
CA TYR M 11 -79.46 -21.28 59.32
C TYR M 11 -80.02 -20.49 58.14
N HIS M 12 -79.14 -20.21 57.19
CA HIS M 12 -79.43 -19.34 56.05
C HIS M 12 -79.82 -20.15 54.82
N ALA M 13 -80.75 -19.60 54.05
CA ALA M 13 -81.12 -20.21 52.79
C ALA M 13 -81.53 -19.12 51.81
N ASN M 14 -80.59 -18.82 50.92
CA ASN M 14 -80.80 -17.83 49.86
C ASN M 14 -81.48 -18.46 48.65
N ASN M 15 -81.56 -17.69 47.58
CA ASN M 15 -82.31 -18.07 46.38
C ASN M 15 -81.60 -19.02 45.41
N SER M 16 -80.29 -19.20 45.60
CA SER M 16 -79.45 -19.95 44.66
C SER M 16 -80.09 -21.26 44.20
N THR M 17 -79.80 -21.63 42.96
CA THR M 17 -80.33 -22.85 42.38
C THR M 17 -79.20 -23.85 42.11
N GLU M 18 -78.02 -23.56 42.64
CA GLU M 18 -76.87 -24.44 42.43
C GLU M 18 -77.04 -25.86 42.97
N GLN M 19 -76.42 -26.82 42.30
CA GLN M 19 -76.59 -28.25 42.59
C GLN M 19 -75.26 -28.96 42.72
N VAL M 20 -75.09 -29.69 43.82
CA VAL M 20 -73.88 -30.45 44.09
C VAL M 20 -74.26 -31.92 44.25
N ASP M 21 -73.31 -32.81 44.02
CA ASP M 21 -73.52 -34.23 44.34
C ASP M 21 -72.72 -34.64 45.58
N THR M 22 -73.12 -35.74 46.19
CA THR M 22 -72.45 -36.31 47.36
C THR M 22 -72.36 -37.81 47.14
N ILE M 23 -71.32 -38.42 47.70
CA ILE M 23 -71.13 -39.86 47.72
C ILE M 23 -72.42 -40.59 48.11
N MET M 24 -73.31 -39.84 48.74
CA MET M 24 -74.51 -40.41 49.33
C MET M 24 -75.82 -39.70 48.98
N GLU M 25 -75.72 -38.64 48.19
CA GLU M 25 -76.89 -37.91 47.73
C GLU M 25 -76.62 -37.13 46.45
N LYS M 26 -77.57 -37.21 45.52
CA LYS M 26 -77.44 -36.50 44.25
C LYS M 26 -78.36 -35.28 44.09
N ASN M 27 -78.04 -34.41 43.14
CA ASN M 27 -78.82 -33.22 42.81
C ASN M 27 -79.24 -32.38 44.04
N VAL M 28 -78.35 -32.30 45.02
CA VAL M 28 -78.61 -31.59 46.26
C VAL M 28 -78.43 -30.11 46.04
N THR M 29 -79.46 -29.31 46.29
CA THR M 29 -79.40 -27.86 46.04
C THR M 29 -78.77 -27.10 47.20
N VAL M 30 -77.74 -26.31 46.88
CA VAL M 30 -76.83 -25.73 47.89
C VAL M 30 -76.78 -24.20 47.82
N THR M 31 -76.36 -23.59 48.93
CA THR M 31 -76.31 -22.14 49.13
C THR M 31 -75.28 -21.45 48.25
N HIS M 32 -74.07 -22.01 48.24
CA HIS M 32 -73.02 -21.64 47.29
C HIS M 32 -72.23 -22.87 46.89
N ALA M 33 -71.33 -22.70 45.92
CA ALA M 33 -70.52 -23.77 45.37
C ALA M 33 -69.31 -23.24 44.59
N GLN M 34 -68.34 -24.13 44.30
CA GLN M 34 -67.25 -23.78 43.38
C GLN M 34 -66.95 -24.88 42.37
N ASP M 35 -66.83 -24.47 41.12
CA ASP M 35 -66.52 -25.36 40.01
C ASP M 35 -65.00 -25.40 39.92
N ILE M 36 -64.45 -26.60 40.01
CA ILE M 36 -63.03 -26.76 40.29
C ILE M 36 -62.31 -27.10 39.00
N LEU M 37 -63.10 -27.22 37.95
CA LEU M 37 -62.65 -27.75 36.69
C LEU M 37 -62.70 -26.70 35.59
N GLU M 38 -61.52 -26.27 35.14
CA GLU M 38 -61.42 -25.27 34.10
C GLU M 38 -62.04 -25.79 32.82
N LYS M 39 -62.74 -24.91 32.13
CA LYS M 39 -63.48 -25.31 30.95
C LYS M 39 -63.12 -24.35 29.87
N LYS M 40 -62.39 -23.31 30.24
CA LYS M 40 -62.27 -22.12 29.42
C LYS M 40 -60.89 -21.97 28.78
N HIS M 41 -60.77 -21.17 27.73
CA HIS M 41 -59.48 -20.89 27.08
C HIS M 41 -59.64 -19.71 26.15
N ASN M 42 -58.54 -19.08 25.74
CA ASN M 42 -58.66 -17.86 24.95
C ASN M 42 -58.43 -17.99 23.43
N GLY M 43 -58.41 -19.24 22.96
CA GLY M 43 -58.51 -19.53 21.53
C GLY M 43 -57.35 -19.05 20.70
N LYS M 44 -56.27 -18.64 21.35
CA LYS M 44 -55.07 -18.19 20.64
C LYS M 44 -53.79 -18.84 21.15
N LEU M 45 -52.85 -19.03 20.23
CA LEU M 45 -51.52 -19.53 20.58
C LEU M 45 -50.72 -18.36 21.17
N CYS M 46 -50.04 -18.65 22.27
CA CYS M 46 -49.40 -17.62 23.07
C CYS M 46 -47.96 -17.94 23.37
N ASP M 47 -47.28 -17.04 24.05
CA ASP M 47 -45.95 -17.32 24.53
C ASP M 47 -46.04 -18.21 25.75
N LEU M 48 -45.08 -19.10 25.89
CA LEU M 48 -44.91 -19.80 27.14
C LEU M 48 -43.78 -19.12 27.85
N ASP M 49 -43.98 -18.93 29.15
CA ASP M 49 -43.15 -18.03 29.96
C ASP M 49 -42.44 -16.94 29.16
N GLY M 50 -43.26 -16.03 28.61
CA GLY M 50 -42.81 -14.91 27.77
C GLY M 50 -41.76 -15.28 26.73
N VAL M 51 -41.95 -16.39 26.02
CA VAL M 51 -41.05 -16.77 24.91
C VAL M 51 -41.86 -17.31 23.75
N LYS M 52 -41.66 -16.70 22.59
CA LYS M 52 -42.48 -16.97 21.41
C LYS M 52 -42.33 -18.42 21.04
N PRO M 53 -43.34 -18.99 20.39
CA PRO M 53 -43.18 -20.27 19.76
C PRO M 53 -42.66 -20.05 18.34
N LEU M 54 -42.08 -21.06 17.73
CA LEU M 54 -41.73 -20.95 16.32
C LEU M 54 -42.88 -21.36 15.44
N ILE M 55 -43.64 -20.40 14.93
CA ILE M 55 -44.82 -20.78 14.19
C ILE M 55 -44.58 -20.94 12.69
N LEU M 56 -44.40 -22.19 12.27
CA LEU M 56 -44.40 -22.53 10.85
C LEU M 56 -45.82 -22.42 10.37
N ARG M 57 -46.04 -22.41 9.06
CA ARG M 57 -47.39 -22.23 8.59
C ARG M 57 -47.79 -23.31 7.60
N ASP M 58 -47.63 -23.03 6.32
CA ASP M 58 -47.87 -24.02 5.28
C ASP M 58 -46.59 -24.82 5.07
N CYS M 59 -45.66 -24.65 6.00
CA CYS M 59 -44.39 -25.33 5.93
C CYS M 59 -44.24 -26.34 7.05
N SER M 60 -43.72 -27.50 6.69
CA SER M 60 -43.23 -28.45 7.65
C SER M 60 -41.93 -27.93 8.22
N VAL M 61 -41.47 -28.57 9.29
CA VAL M 61 -40.15 -28.28 9.83
C VAL M 61 -39.16 -28.48 8.72
N ALA M 62 -39.43 -29.53 7.94
CA ALA M 62 -38.51 -30.04 6.94
C ALA M 62 -38.30 -29.03 5.82
N GLY M 63 -39.41 -28.58 5.24
CA GLY M 63 -39.41 -27.49 4.27
C GLY M 63 -38.73 -26.25 4.80
N TRP M 64 -39.16 -25.81 5.97
CA TRP M 64 -38.54 -24.67 6.62
C TRP M 64 -37.06 -24.90 6.90
N LEU M 65 -36.71 -26.08 7.38
CA LEU M 65 -35.31 -26.36 7.70
C LEU M 65 -34.44 -26.35 6.47
N LEU M 66 -34.96 -26.88 5.37
CA LEU M 66 -34.33 -26.73 4.04
C LEU M 66 -34.84 -25.44 3.40
N GLY M 67 -34.80 -25.38 2.09
CA GLY M 67 -35.21 -24.15 1.45
C GLY M 67 -36.40 -24.27 0.55
N ASN M 68 -37.48 -24.88 1.02
CA ASN M 68 -38.65 -24.99 0.17
C ASN M 68 -38.97 -23.59 -0.35
N PRO M 69 -39.00 -23.42 -1.68
CA PRO M 69 -39.13 -22.09 -2.26
C PRO M 69 -40.56 -21.60 -2.28
N MET M 70 -41.50 -22.47 -1.93
CA MET M 70 -42.91 -22.11 -1.90
C MET M 70 -43.27 -21.66 -0.50
N CYS M 71 -42.22 -21.41 0.29
CA CYS M 71 -42.33 -21.16 1.72
C CYS M 71 -41.61 -19.88 2.06
N ASP M 72 -40.91 -19.90 3.20
CA ASP M 72 -40.00 -18.82 3.61
C ASP M 72 -39.17 -19.11 4.89
N GLU M 73 -37.94 -18.60 4.90
CA GLU M 73 -37.17 -18.38 6.13
C GLU M 73 -37.19 -16.87 6.41
N PHE M 74 -38.27 -16.23 5.96
CA PHE M 74 -38.74 -14.92 6.46
C PHE M 74 -38.96 -15.00 8.00
N ILE M 75 -39.06 -16.24 8.48
CA ILE M 75 -38.97 -16.57 9.90
C ILE M 75 -37.53 -16.22 10.43
N ASN M 76 -37.42 -15.10 11.16
CA ASN M 76 -36.15 -14.56 11.66
C ASN M 76 -36.03 -14.56 13.19
N VAL M 77 -35.98 -15.74 13.82
CA VAL M 77 -36.15 -15.86 15.28
C VAL M 77 -35.01 -16.59 16.01
N PRO M 78 -34.34 -15.88 16.94
CA PRO M 78 -33.17 -16.42 17.66
C PRO M 78 -33.50 -17.37 18.81
N GLU M 79 -34.76 -17.82 18.90
CA GLU M 79 -35.27 -18.46 20.10
C GLU M 79 -36.69 -18.94 19.92
N TRP M 80 -37.07 -20.00 20.63
CA TRP M 80 -38.47 -20.40 20.77
C TRP M 80 -38.66 -21.52 21.79
N SER M 81 -39.90 -21.71 22.24
CA SER M 81 -40.21 -22.63 23.35
C SER M 81 -41.15 -23.79 22.95
N TYR M 82 -41.75 -23.63 21.78
CA TYR M 82 -42.40 -24.74 21.08
C TYR M 82 -42.58 -24.35 19.59
N ILE M 83 -43.28 -25.19 18.83
CA ILE M 83 -43.44 -25.07 17.37
C ILE M 83 -44.89 -25.34 16.95
N VAL M 84 -45.35 -24.66 15.89
CA VAL M 84 -46.70 -24.96 15.41
C VAL M 84 -46.73 -25.37 13.94
N GLU M 85 -46.91 -26.66 13.71
CA GLU M 85 -47.18 -27.18 12.39
C GLU M 85 -48.69 -27.23 12.30
N LYS M 86 -49.22 -27.40 11.09
CA LYS M 86 -50.62 -27.81 10.95
C LYS M 86 -50.71 -29.36 10.97
N ALA M 87 -51.90 -29.88 10.68
CA ALA M 87 -52.08 -31.29 10.37
C ALA M 87 -51.34 -31.64 9.07
N ASN M 88 -51.76 -31.03 7.97
CA ASN M 88 -51.18 -31.32 6.66
C ASN M 88 -50.56 -30.05 6.07
N PRO M 89 -49.36 -29.66 6.54
CA PRO M 89 -48.77 -28.43 6.00
C PRO M 89 -48.64 -28.48 4.45
N VAL M 90 -49.05 -27.42 3.76
CA VAL M 90 -49.18 -27.45 2.30
C VAL M 90 -47.85 -27.81 1.67
N ASN M 91 -46.77 -27.25 2.20
CA ASN M 91 -45.47 -27.37 1.57
C ASN M 91 -44.51 -28.16 2.44
N ASP M 92 -44.44 -29.45 2.19
CA ASP M 92 -43.50 -30.31 2.88
C ASP M 92 -42.28 -30.41 1.99
N LEU M 93 -42.30 -31.37 1.08
CA LEU M 93 -41.25 -31.44 0.10
C LEU M 93 -41.85 -31.22 -1.27
N CYS M 94 -41.44 -30.12 -1.90
CA CYS M 94 -41.68 -29.98 -3.31
C CYS M 94 -41.05 -31.21 -3.93
N TYR M 95 -39.75 -31.39 -3.70
CA TYR M 95 -39.05 -32.55 -4.23
C TYR M 95 -39.32 -33.75 -3.37
N PRO M 96 -39.97 -34.76 -3.96
CA PRO M 96 -40.21 -36.03 -3.27
C PRO M 96 -38.96 -36.54 -2.58
N GLY M 97 -39.09 -36.81 -1.28
CA GLY M 97 -37.98 -37.39 -0.52
C GLY M 97 -38.33 -37.91 0.86
N ASP M 98 -37.35 -38.55 1.49
CA ASP M 98 -37.40 -38.98 2.87
C ASP M 98 -36.48 -38.06 3.71
N PHE M 99 -36.80 -37.88 4.98
CA PHE M 99 -35.90 -37.27 5.94
C PHE M 99 -35.60 -38.29 7.02
N ASN M 100 -34.41 -38.87 6.97
CA ASN M 100 -33.96 -39.84 7.96
C ASN M 100 -33.97 -39.22 9.35
N ASP M 101 -34.51 -39.98 10.30
CA ASP M 101 -34.72 -39.56 11.71
C ASP M 101 -35.46 -38.25 11.82
N TYR M 102 -36.44 -38.06 10.92
CA TYR M 102 -37.17 -36.79 10.85
C TYR M 102 -37.60 -36.37 12.24
N GLU M 103 -38.32 -37.28 12.91
CA GLU M 103 -38.82 -37.15 14.30
C GLU M 103 -37.82 -36.74 15.38
N GLU M 104 -36.73 -37.51 15.57
CA GLU M 104 -35.77 -37.22 16.64
C GLU M 104 -35.21 -35.83 16.56
N LEU M 105 -35.35 -35.24 15.38
CA LEU M 105 -34.79 -33.95 15.09
C LEU M 105 -35.81 -32.85 15.37
N LYS M 106 -37.08 -33.15 15.05
CA LYS M 106 -38.21 -32.29 15.37
C LYS M 106 -38.28 -32.08 16.88
N HIS M 107 -38.00 -33.15 17.64
CA HIS M 107 -37.84 -33.01 19.07
C HIS M 107 -36.66 -32.14 19.47
N LEU M 108 -35.59 -32.23 18.69
CA LEU M 108 -34.41 -31.43 18.95
C LEU M 108 -34.57 -29.97 18.56
N LEU M 109 -35.80 -29.59 18.23
CA LEU M 109 -36.04 -28.22 17.82
C LEU M 109 -37.21 -27.65 18.56
N SER M 110 -38.10 -28.53 18.99
CA SER M 110 -39.13 -28.23 19.96
C SER M 110 -38.84 -27.01 20.83
N ARG M 111 -37.63 -26.91 21.38
CA ARG M 111 -37.30 -25.84 22.35
C ARG M 111 -35.86 -25.36 22.20
N ILE M 112 -35.71 -24.18 21.60
CA ILE M 112 -34.38 -23.68 21.25
C ILE M 112 -34.06 -22.34 21.90
N ASN M 113 -32.88 -22.26 22.51
CA ASN M 113 -32.46 -21.12 23.28
C ASN M 113 -31.64 -20.09 22.48
N HIS M 114 -30.88 -20.57 21.50
CA HIS M 114 -30.25 -19.70 20.53
C HIS M 114 -30.21 -20.47 19.22
N PHE M 115 -30.53 -19.80 18.12
CA PHE M 115 -30.58 -20.44 16.82
C PHE M 115 -30.18 -19.49 15.69
N GLU M 116 -28.89 -19.50 15.35
CA GLU M 116 -28.37 -18.72 14.24
C GLU M 116 -28.16 -19.57 12.98
N LYS M 117 -28.67 -19.08 11.85
CA LYS M 117 -28.42 -19.69 10.56
C LYS M 117 -27.06 -19.22 10.08
N ILE M 118 -26.20 -20.16 9.67
CA ILE M 118 -24.89 -19.81 9.10
C ILE M 118 -24.70 -20.27 7.62
N GLN M 119 -24.03 -19.44 6.83
CA GLN M 119 -23.78 -19.69 5.39
C GLN M 119 -22.59 -20.64 5.26
N ILE M 120 -22.87 -21.92 5.43
CA ILE M 120 -21.84 -22.89 5.75
C ILE M 120 -20.55 -22.82 4.90
N ILE M 121 -20.66 -23.20 3.63
CA ILE M 121 -19.56 -23.05 2.70
C ILE M 121 -20.15 -22.53 1.42
N PRO M 122 -19.76 -21.31 1.01
CA PRO M 122 -20.42 -20.71 -0.14
C PRO M 122 -20.75 -21.73 -1.24
N LYS M 123 -21.95 -21.46 -1.85
CA LYS M 123 -22.30 -22.08 -3.13
C LYS M 123 -21.29 -21.59 -4.16
N SER M 124 -21.07 -20.27 -4.17
CA SER M 124 -20.13 -19.69 -5.10
C SER M 124 -18.94 -20.64 -5.18
N SER M 125 -18.19 -20.78 -4.07
CA SER M 125 -16.86 -21.42 -4.15
C SER M 125 -16.82 -22.96 -4.14
N TRP M 126 -17.13 -23.58 -5.29
CA TRP M 126 -16.85 -25.02 -5.51
C TRP M 126 -16.27 -25.29 -6.92
N SER M 127 -14.94 -25.33 -6.98
CA SER M 127 -14.18 -25.07 -8.22
C SER M 127 -14.55 -25.90 -9.48
N SER M 128 -14.57 -27.24 -9.31
CA SER M 128 -14.75 -28.13 -10.47
C SER M 128 -16.03 -28.99 -10.48
N HIS M 129 -17.13 -28.40 -9.99
CA HIS M 129 -18.48 -28.98 -10.16
C HIS M 129 -19.54 -27.89 -10.46
N GLU M 130 -20.82 -28.27 -10.39
CA GLU M 130 -21.91 -27.35 -10.79
C GLU M 130 -23.02 -27.12 -9.73
N ALA M 131 -23.06 -25.88 -9.26
CA ALA M 131 -23.94 -25.43 -8.19
C ALA M 131 -25.28 -24.91 -8.71
N SER M 132 -25.24 -24.02 -9.70
CA SER M 132 -26.46 -23.53 -10.36
C SER M 132 -26.75 -24.31 -11.65
N LEU M 133 -27.48 -25.42 -11.49
CA LEU M 133 -27.96 -26.32 -12.54
C LEU M 133 -28.50 -27.55 -11.82
N GLY M 134 -28.30 -27.56 -10.51
CA GLY M 134 -28.96 -28.51 -9.61
C GLY M 134 -30.26 -27.91 -9.09
N VAL M 135 -31.19 -27.73 -10.03
CA VAL M 135 -32.41 -26.96 -9.85
C VAL M 135 -33.56 -27.73 -10.52
N SER M 136 -34.72 -27.79 -9.87
CA SER M 136 -35.88 -28.36 -10.55
C SER M 136 -37.11 -27.47 -10.55
N SER M 137 -38.07 -27.86 -11.39
CA SER M 137 -39.36 -27.20 -11.54
C SER M 137 -40.42 -27.85 -10.65
N ALA M 138 -40.04 -28.90 -9.94
CA ALA M 138 -40.87 -29.39 -8.87
C ALA M 138 -40.85 -28.37 -7.73
N CYS M 139 -39.80 -27.55 -7.72
CA CYS M 139 -39.60 -26.52 -6.70
C CYS M 139 -39.53 -25.14 -7.36
N PRO M 140 -40.69 -24.57 -7.72
CA PRO M 140 -40.70 -23.36 -8.53
C PRO M 140 -40.66 -22.06 -7.71
N TYR M 141 -39.45 -21.54 -7.49
CA TYR M 141 -39.30 -20.28 -6.78
C TYR M 141 -39.82 -19.13 -7.63
N GLN M 142 -41.03 -18.70 -7.27
CA GLN M 142 -41.83 -17.70 -8.01
C GLN M 142 -41.61 -17.75 -9.54
N GLY M 143 -40.53 -17.14 -10.01
CA GLY M 143 -40.12 -17.26 -11.40
C GLY M 143 -39.53 -18.62 -11.68
N LYS M 144 -40.29 -19.69 -11.42
CA LYS M 144 -40.07 -21.04 -11.95
C LYS M 144 -38.72 -21.71 -11.62
N SER M 145 -38.75 -23.04 -11.63
CA SER M 145 -37.61 -23.92 -11.32
C SER M 145 -36.46 -23.33 -10.51
N SER M 146 -36.44 -23.66 -9.20
CA SER M 146 -35.37 -23.28 -8.27
C SER M 146 -35.47 -24.19 -7.07
N PHE M 147 -34.39 -24.92 -6.82
CA PHE M 147 -34.36 -25.98 -5.81
C PHE M 147 -34.66 -25.53 -4.36
N PHE M 148 -34.41 -26.40 -3.37
CA PHE M 148 -34.36 -25.99 -1.96
C PHE M 148 -33.13 -25.10 -1.78
N ARG M 149 -33.33 -23.89 -1.26
CA ARG M 149 -32.26 -22.89 -1.12
C ARG M 149 -31.07 -23.35 -0.29
N ASN M 150 -31.27 -23.49 1.02
CA ASN M 150 -30.27 -23.95 2.00
C ASN M 150 -29.27 -25.03 1.62
N VAL M 151 -29.55 -25.76 0.56
CA VAL M 151 -28.77 -26.96 0.23
C VAL M 151 -28.42 -26.99 -1.28
N VAL M 152 -27.18 -27.42 -1.65
CA VAL M 152 -26.83 -27.42 -3.12
C VAL M 152 -26.84 -28.83 -3.84
N TRP M 153 -27.66 -28.77 -4.96
CA TRP M 153 -27.76 -29.94 -5.80
C TRP M 153 -26.54 -29.87 -6.74
N LEU M 154 -25.68 -30.87 -6.64
CA LEU M 154 -24.46 -30.91 -7.44
C LEU M 154 -24.64 -31.61 -8.80
N ILE M 155 -24.06 -31.01 -9.84
CA ILE M 155 -23.91 -31.66 -11.16
C ILE M 155 -22.42 -31.57 -11.58
N LYS M 156 -22.01 -32.48 -12.48
CA LYS M 156 -20.61 -32.58 -12.99
C LYS M 156 -20.10 -31.38 -13.82
N LYS M 157 -18.87 -30.93 -13.57
CA LYS M 157 -18.29 -29.85 -14.38
C LYS M 157 -17.63 -30.36 -15.67
N ASN M 158 -18.05 -29.77 -16.78
CA ASN M 158 -17.87 -30.34 -18.12
C ASN M 158 -18.39 -31.78 -18.08
N SER M 159 -17.69 -32.68 -18.76
CA SER M 159 -17.96 -34.10 -18.59
C SER M 159 -17.07 -34.70 -17.47
N THR M 160 -16.98 -33.97 -16.34
CA THR M 160 -16.26 -34.47 -15.16
C THR M 160 -16.98 -34.23 -13.84
N TYR M 161 -17.30 -35.35 -13.18
CA TYR M 161 -17.64 -35.37 -11.77
C TYR M 161 -16.46 -35.98 -11.02
N PRO M 162 -15.42 -35.16 -10.73
CA PRO M 162 -14.29 -35.70 -9.98
C PRO M 162 -14.57 -35.92 -8.49
N THR M 163 -13.50 -36.33 -7.77
CA THR M 163 -13.57 -36.69 -6.35
C THR M 163 -13.66 -35.43 -5.50
N ILE M 164 -14.47 -35.49 -4.44
CA ILE M 164 -14.55 -34.39 -3.49
C ILE M 164 -14.02 -34.87 -2.13
N LYS M 165 -13.27 -33.96 -1.46
CA LYS M 165 -12.64 -34.32 -0.17
C LYS M 165 -12.55 -33.15 0.84
N ARG M 166 -13.25 -32.04 0.49
CA ARG M 166 -13.43 -30.86 1.39
C ARG M 166 -14.10 -31.23 2.75
N SER M 167 -13.72 -30.22 3.75
CA SER M 167 -14.40 -30.37 5.08
C SER M 167 -14.60 -29.07 5.91
N TYR M 168 -15.12 -29.26 7.15
CA TYR M 168 -15.56 -28.16 8.03
C TYR M 168 -15.40 -28.45 9.55
N ASN M 169 -14.59 -27.63 10.23
CA ASN M 169 -14.63 -27.55 11.68
C ASN M 169 -15.77 -26.64 12.11
N ASN M 170 -16.59 -27.11 13.06
CA ASN M 170 -17.27 -26.17 13.93
C ASN M 170 -16.15 -25.48 14.67
N THR M 171 -16.31 -24.19 14.82
CA THR M 171 -15.21 -23.38 15.22
C THR M 171 -15.72 -22.35 16.18
N ASN M 172 -17.02 -22.47 16.45
CA ASN M 172 -17.76 -21.56 17.30
C ASN M 172 -17.70 -21.99 18.74
N GLN M 173 -18.06 -21.02 19.60
CA GLN M 173 -18.02 -21.23 21.02
C GLN M 173 -19.04 -22.32 21.46
N GLU M 174 -20.07 -22.53 20.63
CA GLU M 174 -21.22 -23.42 20.88
C GLU M 174 -21.39 -24.46 19.76
N ASP M 175 -22.34 -25.37 19.92
CA ASP M 175 -22.64 -26.47 18.96
C ASP M 175 -23.15 -25.99 17.60
N LEU M 176 -23.26 -26.92 16.64
CA LEU M 176 -23.69 -26.57 15.30
C LEU M 176 -24.38 -27.74 14.64
N LEU M 177 -25.50 -27.45 13.97
CA LEU M 177 -26.24 -28.47 13.24
C LEU M 177 -25.85 -28.45 11.78
N VAL M 178 -25.78 -29.63 11.16
CA VAL M 178 -25.40 -29.76 9.76
C VAL M 178 -26.36 -30.61 8.93
N LEU M 179 -26.70 -30.12 7.74
CA LEU M 179 -27.61 -30.81 6.80
C LEU M 179 -26.96 -31.18 5.45
N TRP M 180 -27.25 -32.40 4.94
CA TRP M 180 -26.84 -32.83 3.58
C TRP M 180 -27.83 -33.82 2.93
N GLY M 181 -27.65 -34.09 1.65
CA GLY M 181 -28.59 -34.94 0.90
C GLY M 181 -27.99 -36.00 -0.03
N ILE M 182 -28.85 -36.93 -0.45
CA ILE M 182 -28.51 -38.02 -1.36
C ILE M 182 -29.58 -38.22 -2.43
N HIS M 183 -29.18 -38.09 -3.68
CA HIS M 183 -30.11 -38.19 -4.79
C HIS M 183 -30.25 -39.62 -5.31
N HIS M 184 -31.47 -39.94 -5.72
CA HIS M 184 -31.76 -41.23 -6.34
C HIS M 184 -32.60 -40.97 -7.59
N PRO M 185 -31.97 -41.09 -8.78
CA PRO M 185 -32.65 -40.73 -10.01
C PRO M 185 -33.50 -41.87 -10.55
N ASN M 186 -34.26 -41.56 -11.60
CA ASN M 186 -35.18 -42.49 -12.23
C ASN M 186 -34.49 -43.73 -12.84
N ASP M 187 -33.29 -43.53 -13.40
CA ASP M 187 -32.51 -44.58 -14.06
C ASP M 187 -31.00 -44.25 -14.14
N ALA M 188 -30.18 -45.24 -14.50
CA ALA M 188 -28.73 -45.05 -14.64
C ALA M 188 -28.36 -44.10 -15.79
N ALA M 189 -29.15 -44.15 -16.87
CA ALA M 189 -29.02 -43.20 -17.99
C ALA M 189 -29.43 -41.77 -17.60
N GLU M 190 -30.46 -41.64 -16.77
CA GLU M 190 -30.82 -40.33 -16.22
C GLU M 190 -29.87 -39.96 -15.08
N GLN M 191 -29.22 -40.96 -14.47
CA GLN M 191 -28.15 -40.71 -13.51
C GLN M 191 -26.98 -40.09 -14.24
N THR M 192 -26.71 -40.56 -15.46
CA THR M 192 -25.65 -39.97 -16.27
C THR M 192 -26.11 -38.67 -16.97
N LYS M 193 -27.42 -38.48 -17.13
CA LYS M 193 -27.98 -37.21 -17.63
C LYS M 193 -27.66 -36.05 -16.68
N LEU M 194 -27.54 -36.35 -15.39
CA LEU M 194 -27.17 -35.34 -14.41
C LEU M 194 -25.72 -35.51 -13.89
N TYR M 195 -25.26 -36.77 -13.77
CA TYR M 195 -23.91 -37.05 -13.26
C TYR M 195 -23.13 -37.85 -14.28
N GLN M 196 -22.27 -38.76 -13.85
CA GLN M 196 -21.47 -39.54 -14.82
C GLN M 196 -21.19 -40.96 -14.40
N ASN M 197 -20.29 -41.08 -13.43
CA ASN M 197 -19.65 -42.33 -13.04
C ASN M 197 -20.62 -43.46 -12.72
N PRO M 198 -20.15 -44.72 -12.84
CA PRO M 198 -20.95 -45.84 -12.38
C PRO M 198 -21.04 -45.88 -10.84
N THR M 199 -19.89 -45.94 -10.17
CA THR M 199 -19.81 -45.97 -8.70
C THR M 199 -20.33 -44.65 -8.13
N THR M 200 -21.00 -44.74 -6.99
CA THR M 200 -21.34 -43.56 -6.22
C THR M 200 -21.42 -43.91 -4.73
N TYR M 201 -20.79 -43.07 -3.90
CA TYR M 201 -20.85 -43.18 -2.43
C TYR M 201 -20.44 -41.89 -1.73
N ILE M 202 -20.94 -41.70 -0.51
CA ILE M 202 -20.49 -40.60 0.33
C ILE M 202 -20.00 -41.18 1.63
N SER M 203 -19.02 -40.50 2.23
CA SER M 203 -18.57 -40.84 3.57
C SER M 203 -18.42 -39.55 4.31
N VAL M 204 -19.43 -39.25 5.12
CA VAL M 204 -19.39 -38.16 6.09
C VAL M 204 -18.87 -38.71 7.41
N GLY M 205 -18.12 -37.88 8.14
CA GLY M 205 -17.33 -38.40 9.24
C GLY M 205 -16.99 -37.36 10.28
N THR M 206 -17.29 -37.71 11.53
CA THR M 206 -17.15 -36.82 12.69
C THR M 206 -16.35 -37.54 13.74
N SER M 207 -16.94 -37.67 14.91
CA SER M 207 -16.51 -38.64 15.90
C SER M 207 -17.73 -39.51 16.21
N THR M 208 -18.92 -38.95 15.99
CA THR M 208 -20.18 -39.71 15.96
C THR M 208 -20.22 -40.58 14.71
N LEU M 209 -20.19 -39.95 13.54
CA LEU M 209 -20.68 -40.58 12.31
C LEU M 209 -19.64 -41.11 11.32
N ASN M 210 -20.04 -42.17 10.63
CA ASN M 210 -19.24 -42.93 9.73
C ASN M 210 -20.19 -43.77 8.87
N GLN M 211 -20.42 -43.37 7.62
CA GLN M 211 -21.30 -44.18 6.74
C GLN M 211 -21.10 -44.07 5.22
N ARG M 212 -21.11 -45.22 4.56
CA ARG M 212 -21.09 -45.31 3.09
C ARG M 212 -22.51 -45.17 2.53
N LEU M 213 -22.62 -44.53 1.37
CA LEU M 213 -23.90 -44.03 0.90
C LEU M 213 -24.41 -44.48 -0.48
N VAL M 214 -23.76 -45.50 -1.06
CA VAL M 214 -24.20 -46.16 -2.32
C VAL M 214 -25.68 -45.88 -2.74
N PRO M 215 -25.96 -44.72 -3.38
CA PRO M 215 -27.36 -44.37 -3.60
C PRO M 215 -28.00 -45.25 -4.64
N ARG M 216 -29.11 -45.88 -4.28
CA ARG M 216 -29.74 -46.89 -5.13
C ARG M 216 -30.53 -46.29 -6.32
N ILE M 217 -30.55 -47.00 -7.46
CA ILE M 217 -31.19 -46.52 -8.72
C ILE M 217 -32.39 -47.38 -9.17
N ALA M 218 -33.59 -46.77 -9.20
CA ALA M 218 -34.84 -47.48 -9.54
C ALA M 218 -35.94 -46.52 -10.04
N THR M 219 -36.99 -47.06 -10.66
CA THR M 219 -38.17 -46.27 -11.03
C THR M 219 -38.99 -46.02 -9.77
N ARG M 220 -39.81 -44.97 -9.78
CA ARG M 220 -40.82 -44.71 -8.73
C ARG M 220 -42.11 -44.11 -9.33
N SER M 221 -43.02 -43.65 -8.48
CA SER M 221 -44.28 -43.06 -8.94
C SER M 221 -44.11 -41.57 -9.26
N LYS M 222 -45.02 -41.03 -10.06
CA LYS M 222 -44.88 -39.69 -10.63
C LYS M 222 -45.60 -38.61 -9.80
N VAL M 223 -45.69 -38.82 -8.49
CA VAL M 223 -46.35 -37.85 -7.60
C VAL M 223 -45.45 -36.63 -7.34
N ASN M 224 -46.02 -35.44 -7.58
CA ASN M 224 -45.31 -34.13 -7.60
C ASN M 224 -44.47 -33.91 -8.89
N GLY M 225 -44.85 -34.61 -9.96
CA GLY M 225 -44.15 -34.52 -11.26
C GLY M 225 -42.94 -35.43 -11.39
N GLN M 226 -42.08 -35.40 -10.38
CA GLN M 226 -40.85 -36.19 -10.32
C GLN M 226 -41.09 -37.69 -10.40
N SER M 227 -40.01 -38.45 -10.54
CA SER M 227 -40.07 -39.90 -10.45
C SER M 227 -38.83 -40.42 -9.74
N GLY M 228 -37.91 -39.50 -9.43
CA GLY M 228 -36.72 -39.81 -8.64
C GLY M 228 -36.98 -39.39 -7.22
N ARG M 229 -36.17 -39.86 -6.28
CA ARG M 229 -36.40 -39.55 -4.87
C ARG M 229 -35.19 -38.90 -4.18
N MET M 230 -35.47 -38.16 -3.10
CA MET M 230 -34.44 -37.50 -2.29
C MET M 230 -34.31 -38.07 -0.86
N GLU M 231 -33.16 -37.88 -0.23
CA GLU M 231 -32.97 -38.30 1.19
C GLU M 231 -31.92 -37.46 1.93
N PHE M 232 -32.29 -36.93 3.10
CA PHE M 232 -31.43 -35.97 3.82
C PHE M 232 -31.04 -36.47 5.19
N PHE M 233 -29.95 -35.92 5.70
CA PHE M 233 -29.35 -36.45 6.90
C PHE M 233 -28.72 -35.30 7.60
N TRP M 234 -28.42 -35.52 8.87
CA TRP M 234 -28.11 -34.45 9.78
C TRP M 234 -27.25 -34.93 10.93
N THR M 235 -26.52 -34.03 11.56
CA THR M 235 -25.94 -34.25 12.89
C THR M 235 -25.60 -32.89 13.48
N ILE M 236 -25.48 -32.85 14.81
CA ILE M 236 -24.98 -31.68 15.49
C ILE M 236 -23.44 -31.80 15.43
N LEU M 237 -22.70 -30.79 15.86
CA LEU M 237 -21.25 -30.83 15.73
C LEU M 237 -20.51 -30.24 16.93
N LYS M 238 -19.86 -31.14 17.69
CA LYS M 238 -19.11 -30.80 18.92
C LYS M 238 -18.25 -29.54 18.74
N PRO M 239 -18.38 -28.57 19.67
CA PRO M 239 -17.85 -27.23 19.46
C PRO M 239 -16.52 -27.19 18.70
N ASN M 240 -15.56 -28.05 19.07
CA ASN M 240 -14.20 -27.99 18.49
C ASN M 240 -13.84 -29.21 17.65
N ASP M 241 -14.76 -29.62 16.78
CA ASP M 241 -14.69 -30.89 16.03
C ASP M 241 -14.69 -30.65 14.51
N ALA M 242 -14.67 -31.74 13.75
CA ALA M 242 -14.49 -31.74 12.29
C ALA M 242 -15.47 -32.66 11.58
N ILE M 243 -15.83 -32.34 10.34
CA ILE M 243 -16.76 -33.17 9.55
C ILE M 243 -16.36 -33.35 8.09
N ASN M 244 -16.30 -34.62 7.65
CA ASN M 244 -15.58 -34.98 6.42
C ASN M 244 -16.41 -35.65 5.35
N PHE M 245 -16.25 -35.16 4.12
CA PHE M 245 -17.13 -35.55 3.03
C PHE M 245 -16.39 -36.11 1.83
N GLU M 246 -16.68 -37.39 1.57
CA GLU M 246 -16.18 -38.08 0.41
C GLU M 246 -17.37 -38.57 -0.44
N SER M 247 -17.79 -37.73 -1.40
CA SER M 247 -18.85 -38.07 -2.35
C SER M 247 -18.34 -38.55 -3.70
N ASN M 248 -19.21 -39.31 -4.37
CA ASN M 248 -18.84 -39.94 -5.60
C ASN M 248 -19.53 -39.28 -6.77
N GLY M 249 -20.84 -39.05 -6.62
CA GLY M 249 -21.59 -38.44 -7.68
C GLY M 249 -23.09 -38.46 -7.56
N ASN M 250 -23.60 -38.32 -6.35
CA ASN M 250 -25.04 -38.11 -6.19
C ASN M 250 -25.35 -37.16 -5.05
N PHE M 251 -24.29 -36.51 -4.59
CA PHE M 251 -24.29 -35.60 -3.44
C PHE M 251 -25.19 -34.38 -3.57
N ILE M 252 -26.05 -34.20 -2.58
CA ILE M 252 -26.76 -32.94 -2.41
C ILE M 252 -26.09 -32.24 -1.23
N ALA M 253 -25.49 -31.09 -1.54
CA ALA M 253 -24.46 -30.47 -0.71
C ALA M 253 -24.99 -29.43 0.27
N PRO M 254 -24.42 -29.42 1.48
CA PRO M 254 -24.78 -28.42 2.49
C PRO M 254 -24.39 -27.03 2.06
N GLU M 255 -25.34 -26.09 2.02
CA GLU M 255 -24.99 -24.68 1.69
C GLU M 255 -25.09 -23.77 2.91
N TYR M 256 -26.03 -24.08 3.79
CA TYR M 256 -26.25 -23.34 5.04
C TYR M 256 -26.27 -24.30 6.22
N ALA M 257 -25.84 -23.84 7.38
CA ALA M 257 -26.05 -24.62 8.60
C ALA M 257 -26.69 -23.76 9.70
N TYR M 258 -26.91 -24.38 10.86
CA TYR M 258 -27.50 -23.68 12.00
C TYR M 258 -26.71 -23.80 13.27
N LYS M 259 -26.24 -22.67 13.79
CA LYS M 259 -25.66 -22.64 15.12
C LYS M 259 -26.82 -22.81 16.08
N ILE M 260 -26.59 -23.52 17.18
CA ILE M 260 -27.69 -23.94 18.07
C ILE M 260 -27.35 -24.12 19.55
N VAL M 261 -28.13 -23.48 20.41
CA VAL M 261 -28.08 -23.71 21.87
C VAL M 261 -29.37 -24.30 22.41
N LYS M 262 -29.45 -25.63 22.38
CA LYS M 262 -30.54 -26.38 22.97
C LYS M 262 -30.48 -26.13 24.48
N LYS M 263 -31.64 -26.24 25.14
CA LYS M 263 -31.76 -26.02 26.59
C LYS M 263 -33.10 -26.53 27.10
N GLY M 264 -33.15 -27.80 27.51
CA GLY M 264 -34.39 -28.49 27.83
C GLY M 264 -35.22 -28.77 26.58
N ASP M 265 -36.00 -29.86 26.61
CA ASP M 265 -36.89 -30.22 25.49
C ASP M 265 -38.29 -29.57 25.58
N SER M 266 -39.09 -29.72 24.52
CA SER M 266 -40.49 -29.35 24.55
C SER M 266 -41.19 -30.32 23.62
N THR M 267 -42.08 -29.84 22.75
CA THR M 267 -42.68 -30.70 21.73
C THR M 267 -43.22 -29.89 20.56
N ILE M 268 -43.82 -30.59 19.60
CA ILE M 268 -44.26 -29.96 18.35
C ILE M 268 -45.77 -29.93 18.34
N MET M 269 -46.36 -28.76 18.26
CA MET M 269 -47.79 -28.68 18.47
C MET M 269 -48.57 -28.49 17.18
N LYS M 270 -49.48 -29.43 16.94
CA LYS M 270 -50.38 -29.41 15.79
C LYS M 270 -51.63 -28.57 16.10
N SER M 271 -51.65 -27.32 15.63
CA SER M 271 -52.86 -26.53 15.74
C SER M 271 -53.08 -25.67 14.53
N GLU M 272 -54.34 -25.32 14.32
CA GLU M 272 -54.71 -24.49 13.19
C GLU M 272 -54.78 -23.00 13.56
N LEU M 273 -54.83 -22.71 14.86
CA LEU M 273 -55.03 -21.34 15.36
C LEU M 273 -53.84 -20.46 14.99
N GLU M 274 -53.96 -19.18 15.32
CA GLU M 274 -52.91 -18.24 15.01
C GLU M 274 -52.41 -17.54 16.27
N TYR M 275 -51.20 -17.02 16.19
CA TYR M 275 -50.64 -16.22 17.26
C TYR M 275 -51.60 -15.12 17.71
N GLY M 276 -51.46 -14.68 18.96
CA GLY M 276 -52.17 -13.52 19.46
C GLY M 276 -51.35 -12.86 20.55
N ASN M 277 -50.68 -11.76 20.21
CA ASN M 277 -49.82 -11.03 21.13
C ASN M 277 -50.32 -11.22 22.56
N CYS M 278 -49.65 -12.09 23.31
CA CYS M 278 -50.17 -12.64 24.55
C CYS M 278 -49.27 -13.72 25.15
N ASN M 279 -49.32 -13.90 26.47
CA ASN M 279 -48.47 -14.86 27.18
C ASN M 279 -49.12 -15.73 28.31
N THR M 280 -48.97 -17.07 28.25
CA THR M 280 -49.38 -17.90 29.40
C THR M 280 -48.32 -18.88 29.84
N LYS M 281 -48.77 -19.80 30.70
CA LYS M 281 -47.92 -20.81 31.31
C LYS M 281 -48.40 -22.19 30.93
N CYS M 282 -49.51 -22.24 30.21
CA CYS M 282 -50.08 -23.48 29.75
C CYS M 282 -50.79 -23.21 28.45
N GLN M 283 -50.78 -24.18 27.54
CA GLN M 283 -51.14 -23.96 26.13
C GLN M 283 -51.75 -25.20 25.46
N THR M 284 -52.73 -24.99 24.58
CA THR M 284 -53.43 -26.11 23.93
C THR M 284 -53.44 -25.93 22.42
N PRO M 285 -53.77 -26.99 21.65
CA PRO M 285 -54.17 -26.70 20.29
C PRO M 285 -55.51 -25.95 20.25
N MET M 286 -56.14 -25.81 21.42
CA MET M 286 -57.41 -25.12 21.58
C MET M 286 -57.21 -23.65 21.79
N GLY M 287 -56.31 -23.33 22.70
CA GLY M 287 -56.05 -21.95 23.09
C GLY M 287 -55.28 -21.96 24.39
N ALA M 288 -54.95 -20.79 24.91
CA ALA M 288 -54.21 -20.73 26.15
C ALA M 288 -55.12 -20.93 27.37
N ILE M 289 -54.57 -21.53 28.43
CA ILE M 289 -55.21 -21.53 29.74
C ILE M 289 -54.48 -20.67 30.75
N ASN M 290 -55.24 -19.74 31.33
CA ASN M 290 -54.83 -19.08 32.55
C ASN M 290 -55.42 -19.84 33.74
N SER M 291 -54.60 -20.77 34.22
CA SER M 291 -54.91 -21.76 35.24
C SER M 291 -54.78 -21.28 36.69
N SER M 292 -55.66 -21.81 37.54
CA SER M 292 -55.49 -21.80 38.99
C SER M 292 -56.21 -23.03 39.45
N MET M 293 -57.07 -23.51 38.56
CA MET M 293 -57.79 -24.75 38.79
C MET M 293 -56.82 -25.90 38.66
N PRO M 294 -57.00 -26.92 39.48
CA PRO M 294 -56.16 -28.09 39.45
C PRO M 294 -56.56 -29.09 38.38
N PHE M 295 -57.66 -28.85 37.69
CA PHE M 295 -58.07 -29.73 36.61
C PHE M 295 -58.72 -28.94 35.52
N HIS M 296 -58.45 -29.35 34.30
CA HIS M 296 -59.14 -28.81 33.15
C HIS M 296 -59.58 -30.00 32.37
N ASN M 297 -60.33 -29.73 31.31
CA ASN M 297 -60.77 -30.77 30.41
C ASN M 297 -60.74 -30.30 28.94
N ILE M 298 -59.96 -29.25 28.67
CA ILE M 298 -59.98 -28.63 27.34
C ILE M 298 -59.37 -29.52 26.26
N HIS M 299 -58.37 -30.33 26.60
CA HIS M 299 -57.60 -31.04 25.61
C HIS M 299 -56.38 -31.69 26.24
N PRO M 300 -56.08 -32.93 25.79
CA PRO M 300 -54.93 -33.66 26.34
C PRO M 300 -53.55 -33.12 25.95
N LEU M 301 -53.37 -32.66 24.71
CA LEU M 301 -52.02 -32.38 24.16
C LEU M 301 -51.57 -30.99 24.46
N THR M 302 -51.03 -30.79 25.66
CA THR M 302 -50.77 -29.46 26.17
C THR M 302 -49.28 -29.22 26.40
N ILE M 303 -48.87 -27.96 26.33
CA ILE M 303 -47.50 -27.69 26.67
C ILE M 303 -47.49 -26.75 27.84
N GLY M 304 -46.62 -27.03 28.79
CA GLY M 304 -46.46 -26.13 29.89
C GLY M 304 -46.87 -26.77 31.19
N GLU M 305 -47.22 -25.92 32.15
CA GLU M 305 -47.55 -26.36 33.48
C GLU M 305 -49.06 -26.27 33.59
N CYS M 306 -49.70 -27.44 33.55
CA CYS M 306 -51.14 -27.47 33.34
C CYS M 306 -51.88 -28.25 34.40
N PRO M 307 -53.11 -27.81 34.73
CA PRO M 307 -54.08 -28.50 35.53
C PRO M 307 -54.22 -29.93 35.07
N LYS M 308 -54.21 -30.89 35.99
CA LYS M 308 -54.46 -32.23 35.57
C LYS M 308 -55.62 -32.30 34.59
N TYR M 309 -55.44 -33.08 33.53
CA TYR M 309 -56.47 -33.19 32.51
C TYR M 309 -57.44 -34.34 32.80
N VAL M 310 -58.72 -34.09 32.60
CA VAL M 310 -59.75 -34.92 33.18
C VAL M 310 -60.92 -35.21 32.24
N LYS M 311 -61.65 -36.29 32.52
CA LYS M 311 -62.86 -36.61 31.77
C LYS M 311 -64.12 -36.20 32.53
N SER M 312 -64.58 -34.98 32.36
CA SER M 312 -65.88 -34.57 32.94
C SER M 312 -66.24 -33.14 32.57
N ASN M 313 -67.32 -32.63 33.14
CA ASN M 313 -67.82 -31.35 32.71
C ASN M 313 -68.26 -30.59 33.90
N ARG M 314 -67.99 -31.16 35.07
CA ARG M 314 -68.49 -30.65 36.34
C ARG M 314 -67.55 -31.18 37.40
N LEU M 315 -66.87 -30.30 38.14
CA LEU M 315 -66.35 -30.72 39.45
C LEU M 315 -66.70 -29.65 40.47
N VAL M 316 -67.86 -29.81 41.10
CA VAL M 316 -68.54 -28.74 41.84
C VAL M 316 -68.62 -29.00 43.35
N LEU M 317 -67.86 -28.20 44.10
CA LEU M 317 -67.64 -28.34 45.54
C LEU M 317 -68.60 -27.42 46.27
N ALA M 318 -68.93 -27.74 47.51
CA ALA M 318 -69.88 -26.91 48.26
C ALA M 318 -69.24 -25.82 49.12
N THR M 319 -69.46 -24.55 48.79
CA THR M 319 -69.08 -23.47 49.69
C THR M 319 -70.15 -23.41 50.77
N GLY M 320 -71.32 -22.87 50.41
CA GLY M 320 -72.43 -22.67 51.32
C GLY M 320 -73.10 -23.95 51.75
N LEU M 321 -74.35 -23.84 52.21
CA LEU M 321 -74.97 -24.95 52.91
C LEU M 321 -76.23 -25.49 52.24
N ARG M 322 -76.86 -26.47 52.89
CA ARG M 322 -78.06 -27.15 52.40
C ARG M 322 -79.22 -26.15 52.21
N ASN M 323 -79.65 -26.03 50.97
CA ASN M 323 -80.61 -25.01 50.58
C ASN M 323 -81.89 -25.65 50.03
N SER M 324 -82.78 -26.03 50.93
CA SER M 324 -84.10 -26.50 50.54
C SER M 324 -85.10 -25.33 50.64
N PRO M 325 -85.32 -24.60 49.52
CA PRO M 325 -85.96 -23.27 49.53
C PRO M 325 -87.37 -23.21 50.13
N GLY N 1 -78.95 -35.37 57.25
CA GLY N 1 -77.82 -34.73 57.99
C GLY N 1 -77.30 -35.50 59.20
N LEU N 2 -76.00 -35.85 59.16
CA LEU N 2 -75.29 -36.60 60.22
C LEU N 2 -75.59 -36.23 61.67
N PHE N 3 -75.88 -34.95 61.93
CA PHE N 3 -76.04 -34.49 63.33
C PHE N 3 -77.49 -34.21 63.74
N GLY N 4 -78.41 -34.32 62.79
CA GLY N 4 -79.86 -34.26 63.05
C GLY N 4 -80.48 -32.88 63.29
N ALA N 5 -79.76 -31.84 62.91
CA ALA N 5 -80.21 -30.47 63.07
C ALA N 5 -80.77 -29.88 61.77
N ILE N 6 -79.90 -29.66 60.77
CA ILE N 6 -80.29 -29.05 59.48
C ILE N 6 -81.43 -29.81 58.80
N ALA N 7 -81.14 -31.05 58.38
CA ALA N 7 -82.15 -31.94 57.80
C ALA N 7 -83.24 -32.32 58.83
N GLY N 8 -82.83 -32.50 60.10
CA GLY N 8 -83.68 -33.06 61.15
C GLY N 8 -84.71 -32.16 61.84
N PHE N 9 -84.38 -31.70 63.05
CA PHE N 9 -85.39 -31.04 63.89
C PHE N 9 -85.61 -29.55 63.56
N ILE N 10 -84.64 -28.93 62.90
CA ILE N 10 -84.80 -27.55 62.41
C ILE N 10 -85.09 -27.58 60.91
N GLU N 11 -86.30 -28.04 60.58
CA GLU N 11 -86.70 -28.14 59.19
C GLU N 11 -86.86 -26.74 58.60
N GLY N 12 -85.98 -26.42 57.66
CA GLY N 12 -85.94 -25.10 57.05
C GLY N 12 -84.91 -24.23 57.74
N GLY N 13 -84.09 -23.58 56.92
CA GLY N 13 -83.20 -22.50 57.36
C GLY N 13 -83.74 -21.19 56.83
N TRP N 14 -83.99 -20.24 57.72
CA TRP N 14 -84.77 -19.05 57.39
C TRP N 14 -84.29 -18.34 56.12
N GLN N 15 -85.24 -18.14 55.20
CA GLN N 15 -85.06 -17.31 54.02
C GLN N 15 -84.60 -15.95 54.49
N GLY N 16 -85.23 -15.51 55.58
CA GLY N 16 -84.96 -14.24 56.22
C GLY N 16 -83.49 -14.03 56.52
N MET N 17 -83.00 -14.63 57.61
CA MET N 17 -81.65 -14.38 58.10
C MET N 17 -80.61 -14.38 56.98
N VAL N 18 -79.83 -13.31 56.93
CA VAL N 18 -79.16 -12.86 55.71
C VAL N 18 -77.68 -12.52 55.87
N ASP N 19 -77.26 -12.16 57.08
CA ASP N 19 -75.91 -11.65 57.32
C ASP N 19 -74.86 -12.74 57.46
N GLY N 20 -75.31 -13.94 57.82
CA GLY N 20 -74.42 -15.07 58.01
C GLY N 20 -74.96 -16.35 57.45
N TRP N 21 -74.43 -17.46 57.94
CA TRP N 21 -74.91 -18.75 57.53
C TRP N 21 -75.69 -19.38 58.68
N TYR N 22 -75.52 -18.87 59.89
CA TYR N 22 -76.31 -19.32 61.04
C TYR N 22 -76.62 -18.19 62.01
N GLY N 23 -77.62 -18.40 62.86
CA GLY N 23 -78.01 -17.39 63.83
C GLY N 23 -79.35 -17.64 64.46
N TYR N 24 -80.03 -16.57 64.85
CA TYR N 24 -81.27 -16.68 65.60
C TYR N 24 -82.32 -15.66 65.20
N HIS N 25 -83.57 -16.14 65.20
CA HIS N 25 -84.75 -15.30 65.01
C HIS N 25 -85.56 -15.24 66.29
N HIS N 26 -85.38 -14.16 67.05
CA HIS N 26 -86.23 -13.93 68.23
C HIS N 26 -87.62 -13.45 67.86
N SER N 27 -88.42 -13.24 68.90
CA SER N 27 -89.71 -12.56 68.80
C SER N 27 -89.97 -11.98 70.18
N ASN N 28 -89.46 -10.78 70.38
CA ASN N 28 -89.42 -10.15 71.69
C ASN N 28 -90.61 -9.23 71.94
N GLU N 29 -90.37 -8.15 72.67
CA GLU N 29 -91.43 -7.23 72.99
C GLU N 29 -91.24 -5.85 72.36
N GLN N 30 -90.19 -5.72 71.55
CA GLN N 30 -90.08 -4.64 70.57
C GLN N 30 -90.60 -5.08 69.20
N GLY N 31 -90.27 -6.32 68.83
CA GLY N 31 -90.67 -6.90 67.53
C GLY N 31 -90.16 -8.31 67.36
N SER N 32 -89.36 -8.53 66.31
CA SER N 32 -88.68 -9.80 66.06
C SER N 32 -87.70 -9.67 64.89
N GLY N 33 -86.43 -9.95 65.16
CA GLY N 33 -85.38 -9.79 64.15
C GLY N 33 -84.38 -10.94 64.13
N TYR N 34 -83.93 -11.26 62.93
CA TYR N 34 -82.89 -12.27 62.74
C TYR N 34 -81.56 -11.71 63.24
N ALA N 35 -80.78 -12.55 63.92
CA ALA N 35 -79.47 -12.12 64.42
C ALA N 35 -78.37 -13.07 63.98
N ALA N 36 -77.65 -12.70 62.92
CA ALA N 36 -76.55 -13.53 62.43
C ALA N 36 -75.44 -13.58 63.46
N ASP N 37 -75.01 -14.79 63.81
CA ASP N 37 -73.86 -14.99 64.70
C ASP N 37 -72.58 -14.87 63.89
N LYS N 38 -72.16 -13.63 63.64
CA LYS N 38 -71.07 -13.34 62.69
C LYS N 38 -69.78 -14.12 63.01
N GLU N 39 -69.90 -15.11 63.89
CA GLU N 39 -68.76 -15.66 64.64
C GLU N 39 -68.44 -17.11 64.31
N SER N 40 -69.45 -17.98 64.36
CA SER N 40 -69.32 -19.29 63.77
C SER N 40 -69.31 -19.08 62.26
N THR N 41 -70.28 -18.31 61.78
CA THR N 41 -70.30 -17.81 60.40
C THR N 41 -68.89 -17.65 59.82
N GLN N 42 -68.02 -16.91 60.52
CA GLN N 42 -66.62 -16.70 60.08
C GLN N 42 -65.74 -17.92 60.26
N LYS N 43 -65.87 -18.61 61.39
CA LYS N 43 -65.08 -19.83 61.58
C LYS N 43 -65.48 -20.88 60.56
N ALA N 44 -66.67 -20.70 59.97
CA ALA N 44 -67.08 -21.49 58.82
C ALA N 44 -66.50 -20.98 57.51
N ILE N 45 -66.90 -19.78 57.07
CA ILE N 45 -66.33 -19.16 55.85
C ILE N 45 -64.86 -19.53 55.72
N ASP N 46 -64.11 -19.30 56.80
CA ASP N 46 -62.69 -19.56 56.80
C ASP N 46 -62.40 -21.04 56.60
N GLY N 47 -63.14 -21.90 57.31
CA GLY N 47 -62.93 -23.36 57.31
C GLY N 47 -63.17 -23.99 55.97
N VAL N 48 -64.16 -23.49 55.25
CA VAL N 48 -64.47 -23.96 53.91
C VAL N 48 -63.47 -23.40 52.88
N THR N 49 -63.24 -22.10 52.88
CA THR N 49 -62.20 -21.55 52.01
C THR N 49 -60.95 -22.39 52.21
N ASN N 50 -60.75 -22.86 53.43
CA ASN N 50 -59.54 -23.55 53.79
C ASN N 50 -59.47 -24.97 53.28
N LYS N 51 -60.62 -25.64 53.25
CA LYS N 51 -60.80 -26.88 52.56
C LYS N 51 -60.44 -26.62 51.13
N VAL N 52 -61.17 -25.72 50.51
CA VAL N 52 -60.96 -25.47 49.10
C VAL N 52 -59.51 -25.14 48.74
N ASN N 53 -58.92 -24.08 49.30
CA ASN N 53 -57.52 -23.78 49.00
C ASN N 53 -56.64 -25.02 49.06
N SER N 54 -56.79 -25.81 50.12
CA SER N 54 -55.96 -26.96 50.27
C SER N 54 -56.12 -27.93 49.08
N ILE N 55 -57.36 -28.23 48.69
CA ILE N 55 -57.62 -29.04 47.48
C ILE N 55 -56.82 -28.55 46.26
N ILE N 56 -56.67 -27.24 46.14
CA ILE N 56 -56.00 -26.58 45.03
C ILE N 56 -54.50 -26.36 45.23
N ASP N 57 -54.09 -26.04 46.45
CA ASP N 57 -52.69 -25.76 46.72
C ASP N 57 -51.85 -27.02 46.70
N LYS N 58 -52.40 -28.16 47.07
CA LYS N 58 -51.59 -29.37 47.26
C LYS N 58 -51.24 -30.05 45.94
N MET N 59 -51.92 -29.65 44.88
CA MET N 59 -51.52 -29.98 43.52
C MET N 59 -50.21 -29.27 43.19
N ASN N 60 -49.99 -28.09 43.78
CA ASN N 60 -48.91 -27.12 43.42
C ASN N 60 -47.55 -27.69 42.98
N THR N 61 -47.39 -29.01 43.11
CA THR N 61 -46.51 -29.74 42.19
C THR N 61 -47.34 -30.25 41.03
N GLN N 62 -47.30 -29.42 40.00
CA GLN N 62 -47.30 -29.88 38.63
C GLN N 62 -46.33 -28.97 37.81
N PHE N 63 -45.79 -29.51 36.71
CA PHE N 63 -44.74 -28.85 35.96
C PHE N 63 -44.74 -29.16 34.46
N GLU N 64 -43.76 -28.63 33.75
CA GLU N 64 -43.81 -28.55 32.31
C GLU N 64 -44.02 -29.91 31.64
N ALA N 65 -44.83 -29.99 30.56
CA ALA N 65 -45.00 -31.26 29.80
C ALA N 65 -45.37 -31.15 28.26
N VAL N 66 -46.04 -32.14 27.65
CA VAL N 66 -46.16 -32.26 26.16
C VAL N 66 -47.35 -32.97 25.39
N GLY N 67 -47.28 -32.83 24.05
CA GLY N 67 -48.11 -33.53 23.04
C GLY N 67 -47.49 -34.83 22.51
N ARG N 68 -47.35 -35.03 21.17
CA ARG N 68 -47.17 -36.42 20.59
C ARG N 68 -46.36 -36.71 19.28
N GLU N 69 -45.31 -37.54 19.41
CA GLU N 69 -44.10 -37.47 18.56
C GLU N 69 -43.72 -38.65 17.64
N PHE N 70 -44.41 -39.77 17.72
CA PHE N 70 -43.89 -41.02 17.14
C PHE N 70 -44.40 -41.37 15.76
N ASN N 71 -43.48 -41.66 14.84
CA ASN N 71 -43.85 -42.14 13.51
C ASN N 71 -44.24 -43.60 13.58
N ASN N 72 -44.68 -44.12 12.44
CA ASN N 72 -45.21 -45.45 12.45
C ASN N 72 -44.20 -46.49 11.99
N LEU N 73 -43.16 -46.63 12.78
CA LEU N 73 -42.37 -47.86 12.81
C LEU N 73 -42.28 -48.09 14.28
N GLU N 74 -43.07 -47.30 14.99
CA GLU N 74 -42.94 -47.11 16.41
C GLU N 74 -44.34 -47.05 16.94
N ARG N 75 -45.22 -47.84 16.35
CA ARG N 75 -46.57 -47.79 16.79
C ARG N 75 -46.72 -48.56 18.10
N ARG N 76 -45.78 -49.45 18.40
CA ARG N 76 -45.72 -50.07 19.70
C ARG N 76 -45.36 -49.02 20.77
N ILE N 77 -44.25 -48.33 20.62
CA ILE N 77 -43.88 -47.28 21.54
C ILE N 77 -45.07 -46.35 21.65
N GLU N 78 -45.63 -45.98 20.52
CA GLU N 78 -46.80 -45.12 20.55
C GLU N 78 -47.88 -45.73 21.45
N ASN N 79 -48.13 -47.01 21.29
CA ASN N 79 -49.11 -47.66 22.11
C ASN N 79 -48.73 -47.52 23.57
N LEU N 80 -47.43 -47.67 23.85
CA LEU N 80 -46.95 -47.49 25.22
C LEU N 80 -47.40 -46.11 25.78
N ASN N 81 -47.24 -45.08 24.93
CA ASN N 81 -47.53 -43.71 25.28
C ASN N 81 -49.00 -43.53 25.60
N LYS N 82 -49.86 -43.98 24.70
CA LYS N 82 -51.30 -44.08 24.94
C LYS N 82 -51.67 -44.72 26.27
N LYS N 83 -51.37 -46.02 26.45
CA LYS N 83 -51.66 -46.70 27.69
C LYS N 83 -51.22 -45.84 28.85
N MET N 84 -50.29 -44.94 28.65
CA MET N 84 -49.91 -44.16 29.77
C MET N 84 -50.87 -43.03 29.95
N GLU N 85 -50.88 -42.10 29.02
CA GLU N 85 -51.82 -40.98 29.08
C GLU N 85 -53.19 -41.42 29.54
N ASP N 86 -53.73 -42.44 28.88
CA ASP N 86 -54.98 -43.06 29.27
C ASP N 86 -54.97 -43.33 30.76
N GLY N 87 -53.90 -43.96 31.22
CA GLY N 87 -53.76 -44.34 32.62
C GLY N 87 -53.93 -43.20 33.59
N PHE N 88 -53.18 -42.13 33.37
CA PHE N 88 -53.20 -41.02 34.29
C PHE N 88 -54.55 -40.41 34.23
N LEU N 89 -55.13 -40.41 33.02
CA LEU N 89 -56.44 -39.83 32.86
C LEU N 89 -57.46 -40.59 33.71
N ASP N 90 -57.36 -41.89 33.72
CA ASP N 90 -58.26 -42.68 34.49
C ASP N 90 -57.98 -42.43 35.97
N VAL N 91 -56.74 -42.14 36.31
CA VAL N 91 -56.46 -41.91 37.71
C VAL N 91 -57.02 -40.57 38.16
N TRP N 92 -56.51 -39.49 37.57
CA TRP N 92 -57.04 -38.17 37.87
C TRP N 92 -58.57 -38.08 37.81
N THR N 93 -59.17 -38.71 36.80
CA THR N 93 -60.59 -38.61 36.67
C THR N 93 -61.23 -39.22 37.87
N TYR N 94 -60.85 -40.44 38.21
CA TYR N 94 -61.44 -41.08 39.38
C TYR N 94 -61.26 -40.23 40.63
N ASN N 95 -60.01 -40.02 41.05
CA ASN N 95 -59.74 -39.25 42.24
C ASN N 95 -60.47 -37.95 42.32
N ALA N 96 -60.54 -37.21 41.22
CA ALA N 96 -61.22 -35.90 41.22
C ALA N 96 -62.68 -36.03 41.62
N GLU N 97 -63.38 -36.93 40.95
CA GLU N 97 -64.79 -37.10 41.15
C GLU N 97 -65.10 -37.48 42.60
N LEU N 98 -64.53 -38.59 43.05
CA LEU N 98 -64.76 -39.08 44.40
C LEU N 98 -64.35 -38.07 45.47
N LEU N 99 -63.26 -37.37 45.22
CA LEU N 99 -62.80 -36.35 46.11
C LEU N 99 -63.92 -35.36 46.35
N VAL N 100 -64.52 -34.92 45.25
CA VAL N 100 -65.57 -33.93 45.33
C VAL N 100 -66.70 -34.53 46.13
N LEU N 101 -67.19 -35.68 45.69
CA LEU N 101 -68.24 -36.38 46.42
C LEU N 101 -67.93 -36.54 47.91
N MET N 102 -66.71 -36.95 48.25
CA MET N 102 -66.45 -37.17 49.66
C MET N 102 -66.55 -35.86 50.41
N GLU N 103 -65.89 -34.84 49.92
CA GLU N 103 -65.75 -33.63 50.70
C GLU N 103 -67.09 -32.94 50.85
N ASN N 104 -67.85 -32.85 49.77
CA ASN N 104 -69.18 -32.28 49.85
C ASN N 104 -70.02 -32.97 50.95
N GLU N 105 -69.96 -34.30 51.02
CA GLU N 105 -70.58 -35.01 52.11
C GLU N 105 -70.04 -34.53 53.47
N ARG N 106 -68.73 -34.35 53.57
CA ARG N 106 -68.09 -33.87 54.80
C ARG N 106 -68.33 -32.38 55.05
N THR N 107 -68.67 -31.64 53.99
CA THR N 107 -69.03 -30.23 54.18
C THR N 107 -70.43 -30.14 54.76
N LEU N 108 -71.39 -30.71 54.07
CA LEU N 108 -72.76 -30.54 54.46
C LEU N 108 -72.92 -30.89 55.91
N ASP N 109 -72.15 -31.87 56.38
CA ASP N 109 -72.29 -32.26 57.77
C ASP N 109 -71.56 -31.33 58.72
N PHE N 110 -70.51 -30.68 58.22
CA PHE N 110 -69.88 -29.61 58.98
C PHE N 110 -70.95 -28.61 59.37
N HIS N 111 -71.69 -28.11 58.37
CA HIS N 111 -72.76 -27.13 58.62
C HIS N 111 -73.78 -27.71 59.58
N ASP N 112 -74.35 -28.85 59.21
CA ASP N 112 -75.23 -29.66 60.07
C ASP N 112 -74.82 -29.65 61.53
N SER N 113 -73.50 -29.61 61.74
CA SER N 113 -72.90 -29.77 63.06
C SER N 113 -72.80 -28.44 63.79
N ASN N 114 -72.49 -27.39 63.04
CA ASN N 114 -72.37 -26.06 63.61
C ASN N 114 -73.73 -25.60 64.08
N VAL N 115 -74.76 -26.04 63.37
CA VAL N 115 -76.12 -25.74 63.74
C VAL N 115 -76.60 -26.62 64.90
N LYS N 116 -76.02 -27.80 65.07
CA LYS N 116 -76.33 -28.59 66.27
C LYS N 116 -75.48 -28.10 67.42
N ASN N 117 -74.32 -27.53 67.09
CA ASN N 117 -73.47 -26.97 68.13
C ASN N 117 -73.91 -25.60 68.64
N LEU N 118 -74.65 -24.88 67.80
CA LEU N 118 -75.22 -23.60 68.18
C LEU N 118 -76.51 -23.84 68.96
N TYR N 119 -77.17 -24.96 68.71
CA TYR N 119 -78.36 -25.28 69.47
C TYR N 119 -77.93 -25.70 70.86
N ASP N 120 -76.82 -26.43 70.93
CA ASP N 120 -76.30 -26.88 72.19
C ASP N 120 -75.85 -25.70 73.01
N LYS N 121 -75.26 -24.70 72.35
CA LYS N 121 -74.81 -23.47 73.04
C LYS N 121 -75.95 -22.83 73.84
N VAL N 122 -77.01 -22.39 73.13
CA VAL N 122 -78.18 -21.74 73.75
C VAL N 122 -78.76 -22.63 74.85
N ARG N 123 -78.72 -23.94 74.62
CA ARG N 123 -79.21 -24.92 75.57
C ARG N 123 -78.36 -24.92 76.85
N LEU N 124 -77.05 -24.81 76.69
CA LEU N 124 -76.09 -24.87 77.81
C LEU N 124 -76.39 -23.99 79.03
N GLN N 125 -76.89 -22.77 78.80
CA GLN N 125 -76.97 -21.75 79.87
C GLN N 125 -78.37 -21.55 80.48
N LEU N 126 -79.40 -21.59 79.63
CA LEU N 126 -80.77 -21.43 80.09
C LEU N 126 -81.46 -22.80 80.26
N ARG N 127 -81.20 -23.44 81.40
CA ARG N 127 -81.70 -24.78 81.66
C ARG N 127 -83.21 -24.83 81.92
N ASP N 128 -83.62 -24.35 83.09
CA ASP N 128 -85.02 -24.37 83.53
C ASP N 128 -85.79 -23.10 83.08
N ASN N 129 -85.14 -22.28 82.24
CA ASN N 129 -85.63 -20.93 81.95
C ASN N 129 -86.47 -20.76 80.67
N ALA N 130 -86.46 -21.73 79.77
CA ALA N 130 -87.28 -21.62 78.56
C ALA N 130 -88.12 -22.88 78.23
N LYS N 131 -88.09 -23.32 76.97
CA LYS N 131 -88.71 -24.59 76.63
C LYS N 131 -87.96 -25.29 75.50
N GLU N 132 -87.65 -26.57 75.72
CA GLU N 132 -86.98 -27.41 74.73
C GLU N 132 -87.91 -27.74 73.55
N LEU N 133 -88.77 -26.77 73.20
CA LEU N 133 -89.84 -26.91 72.19
C LEU N 133 -89.73 -28.02 71.12
N GLY N 134 -88.52 -28.57 70.94
CA GLY N 134 -88.26 -29.59 69.90
C GLY N 134 -88.08 -28.97 68.53
N ASN N 135 -88.92 -27.98 68.27
CA ASN N 135 -88.85 -27.05 67.13
C ASN N 135 -87.44 -26.80 66.61
N GLY N 136 -86.54 -26.44 67.51
CA GLY N 136 -85.31 -25.73 67.17
C GLY N 136 -85.45 -24.36 67.80
N CYS N 137 -86.51 -24.20 68.58
CA CYS N 137 -86.78 -22.94 69.25
C CYS N 137 -86.98 -23.13 70.72
N PHE N 138 -86.43 -22.20 71.49
CA PHE N 138 -86.54 -22.16 72.95
C PHE N 138 -87.60 -21.13 73.33
N GLU N 139 -88.68 -21.58 73.98
CA GLU N 139 -89.72 -20.63 74.41
C GLU N 139 -89.43 -20.00 75.79
N PHE N 140 -88.88 -18.78 75.75
CA PHE N 140 -88.61 -18.01 76.93
C PHE N 140 -89.90 -17.76 77.72
N TYR N 141 -89.79 -17.78 79.05
CA TYR N 141 -90.84 -17.22 79.91
C TYR N 141 -90.49 -15.74 80.06
N HIS N 142 -89.44 -15.47 80.84
CA HIS N 142 -89.06 -14.10 81.24
C HIS N 142 -88.72 -13.19 80.09
N LYS N 143 -89.54 -12.16 79.96
CA LYS N 143 -89.41 -11.10 78.98
C LYS N 143 -87.96 -10.76 78.62
N CYS N 144 -87.63 -10.83 77.33
CA CYS N 144 -86.32 -10.43 76.84
C CYS N 144 -86.47 -9.52 75.64
N ASP N 145 -86.18 -8.23 75.85
CA ASP N 145 -86.27 -7.20 74.81
C ASP N 145 -84.91 -6.97 74.13
N ASN N 146 -84.88 -6.06 73.15
CA ASN N 146 -83.70 -5.85 72.31
C ASN N 146 -82.37 -5.56 73.03
N GLU N 147 -82.39 -4.72 74.06
CA GLU N 147 -81.22 -4.47 74.90
C GLU N 147 -81.15 -5.53 76.03
N CYS N 148 -81.26 -6.79 75.63
CA CYS N 148 -81.34 -7.92 76.56
C CYS N 148 -80.54 -9.12 76.09
N MET N 149 -80.81 -9.53 74.84
CA MET N 149 -80.23 -10.75 74.27
C MET N 149 -78.76 -10.59 73.89
N GLU N 150 -78.24 -9.39 74.11
CA GLU N 150 -76.80 -9.15 74.12
C GLU N 150 -76.13 -10.30 74.88
N SER N 151 -76.65 -10.58 76.08
CA SER N 151 -76.18 -11.68 76.91
C SER N 151 -76.31 -13.04 76.23
N VAL N 152 -77.27 -13.18 75.33
CA VAL N 152 -77.58 -14.48 74.75
C VAL N 152 -76.71 -14.79 73.54
N ARG N 153 -76.86 -13.96 72.51
CA ARG N 153 -76.07 -14.04 71.28
C ARG N 153 -74.60 -13.89 71.62
N ASN N 154 -74.31 -13.01 72.58
CA ASN N 154 -72.97 -12.91 73.18
C ASN N 154 -72.62 -14.18 73.97
N GLY N 155 -73.58 -14.72 74.71
CA GLY N 155 -73.33 -15.87 75.59
C GLY N 155 -73.10 -15.46 77.03
N THR N 156 -73.01 -14.15 77.26
CA THR N 156 -72.83 -13.56 78.60
C THR N 156 -74.17 -13.55 79.33
N TYR N 157 -74.79 -14.72 79.45
CA TYR N 157 -76.14 -14.79 79.97
C TYR N 157 -76.13 -15.21 81.43
N ASP N 158 -76.68 -14.36 82.30
CA ASP N 158 -76.77 -14.67 83.72
C ASP N 158 -78.07 -15.43 84.02
N TYR N 159 -77.93 -16.75 84.22
CA TYR N 159 -79.03 -17.66 84.56
C TYR N 159 -79.72 -17.17 85.83
N PRO N 160 -78.94 -16.97 86.92
CA PRO N 160 -79.46 -16.44 88.19
C PRO N 160 -80.50 -15.30 88.08
N GLN N 161 -80.12 -14.20 87.44
CA GLN N 161 -80.87 -12.93 87.51
C GLN N 161 -82.33 -12.99 87.04
N TYR N 162 -82.68 -13.99 86.22
CA TYR N 162 -84.05 -14.17 85.72
C TYR N 162 -84.59 -15.57 86.00
N SER N 163 -83.79 -16.36 86.71
CA SER N 163 -84.09 -17.77 86.99
C SER N 163 -85.29 -17.98 87.89
N GLU N 164 -85.29 -17.39 89.08
CA GLU N 164 -86.36 -17.62 90.06
C GLU N 164 -87.70 -17.05 89.57
N GLU N 165 -87.63 -16.07 88.66
CA GLU N 165 -88.81 -15.49 88.02
C GLU N 165 -89.58 -16.55 87.25
N ALA N 166 -88.84 -17.45 86.63
CA ALA N 166 -89.39 -18.61 85.95
C ALA N 166 -89.68 -19.73 86.96
N ARG N 167 -88.73 -19.97 87.88
CA ARG N 167 -88.85 -20.98 88.94
C ARG N 167 -90.02 -20.67 89.86
N LEU N 168 -90.83 -19.71 89.41
CA LEU N 168 -92.18 -19.49 89.87
C LEU N 168 -93.12 -19.62 88.65
N LYS N 169 -92.80 -18.93 87.56
CA LYS N 169 -93.63 -18.93 86.34
C LYS N 169 -94.03 -20.33 85.86
N ARG N 170 -93.09 -21.25 85.96
CA ARG N 170 -93.30 -22.64 85.60
C ARG N 170 -94.46 -23.28 86.37
N GLU N 171 -94.64 -22.87 87.63
CA GLU N 171 -95.62 -23.47 88.55
C GLU N 171 -97.10 -23.35 88.14
N GLU N 172 -97.38 -22.50 87.17
CA GLU N 172 -98.75 -22.24 86.75
C GLU N 172 -99.28 -23.33 85.81
N ILE N 173 -98.35 -23.91 85.06
CA ILE N 173 -98.65 -25.03 84.16
C ILE N 173 -99.08 -26.26 84.96
N SER N 174 -98.12 -26.86 85.66
CA SER N 174 -98.38 -28.00 86.55
C SER N 174 -99.25 -27.55 87.75
N SER N 175 -100.57 -27.62 87.58
CA SER N 175 -101.50 -26.97 88.49
C SER N 175 -101.81 -25.61 87.90
N GLY O 4 62.44 -14.40 41.09
CA GLY O 4 62.61 -14.86 42.56
C GLY O 4 61.35 -14.65 43.41
N ASP O 5 60.49 -15.68 43.43
CA ASP O 5 59.15 -15.61 44.06
C ASP O 5 59.18 -15.47 45.59
N GLN O 6 58.07 -15.01 46.16
CA GLN O 6 58.05 -14.61 47.59
C GLN O 6 56.85 -15.08 48.45
N ILE O 7 57.12 -15.28 49.74
CA ILE O 7 56.09 -15.52 50.74
C ILE O 7 56.37 -14.72 51.98
N CYS O 8 55.32 -14.12 52.55
CA CYS O 8 55.47 -13.32 53.76
C CYS O 8 54.51 -13.70 54.90
N ILE O 9 55.09 -14.19 56.00
CA ILE O 9 54.33 -14.45 57.22
C ILE O 9 54.03 -13.14 57.94
N GLY O 10 52.75 -12.94 58.24
CA GLY O 10 52.29 -11.72 58.87
C GLY O 10 50.93 -11.86 59.52
N TYR O 11 50.41 -10.75 60.00
CA TYR O 11 49.25 -10.80 60.88
C TYR O 11 48.18 -9.73 60.61
N HIS O 12 47.02 -9.94 61.23
CA HIS O 12 45.82 -9.10 61.09
C HIS O 12 46.01 -7.66 61.56
N ALA O 13 45.28 -6.74 60.96
CA ALA O 13 45.41 -5.33 61.31
C ALA O 13 44.21 -4.54 60.86
N ASN O 14 43.15 -4.59 61.65
CA ASN O 14 41.98 -3.76 61.37
C ASN O 14 42.23 -2.31 61.74
N ASN O 15 41.14 -1.56 61.81
CA ASN O 15 41.19 -0.12 62.03
C ASN O 15 41.02 0.27 63.48
N SER O 16 40.58 -0.70 64.29
CA SER O 16 40.15 -0.50 65.68
C SER O 16 41.04 0.40 66.53
N THR O 17 40.42 1.29 67.29
CA THR O 17 41.14 2.23 68.17
C THR O 17 41.09 1.84 69.66
N GLU O 18 41.00 0.54 69.93
CA GLU O 18 40.89 0.05 71.30
C GLU O 18 42.19 -0.01 72.08
N GLN O 19 42.15 0.58 73.27
CA GLN O 19 43.31 0.66 74.15
C GLN O 19 43.17 -0.23 75.36
N VAL O 20 44.14 -1.10 75.54
CA VAL O 20 44.18 -2.07 76.61
C VAL O 20 45.46 -1.79 77.39
N ASP O 21 45.57 -2.37 78.58
CA ASP O 21 46.73 -2.19 79.44
C ASP O 21 47.48 -3.50 79.73
N THR O 22 48.74 -3.38 80.13
CA THR O 22 49.60 -4.50 80.48
C THR O 22 50.35 -4.17 81.79
N ILE O 23 51.02 -5.13 82.40
CA ILE O 23 51.83 -4.82 83.55
C ILE O 23 52.94 -3.91 83.10
N MET O 24 53.42 -4.16 81.89
CA MET O 24 54.60 -3.45 81.39
C MET O 24 54.29 -2.33 80.42
N GLU O 25 53.05 -2.31 79.94
CA GLU O 25 52.69 -1.52 78.79
C GLU O 25 51.37 -0.80 79.01
N LYS O 26 51.36 0.53 78.95
CA LYS O 26 50.12 1.30 79.09
C LYS O 26 49.56 1.78 77.77
N ASN O 27 48.26 2.06 77.75
CA ASN O 27 47.57 2.68 76.61
C ASN O 27 47.69 1.93 75.28
N VAL O 28 47.78 0.60 75.33
CA VAL O 28 48.15 -0.24 74.17
C VAL O 28 47.02 -0.61 73.19
N THR O 29 47.14 -0.19 71.94
CA THR O 29 46.07 -0.36 70.92
C THR O 29 46.03 -1.76 70.34
N VAL O 30 44.81 -2.28 70.21
CA VAL O 30 44.59 -3.68 69.89
C VAL O 30 43.50 -3.89 68.84
N THR O 31 43.62 -4.98 68.07
CA THR O 31 42.63 -5.33 67.05
C THR O 31 41.29 -5.62 67.67
N HIS O 32 41.29 -6.28 68.83
CA HIS O 32 40.05 -6.59 69.53
C HIS O 32 40.25 -6.65 71.04
N ALA O 33 39.13 -6.71 71.76
CA ALA O 33 39.09 -6.58 73.22
C ALA O 33 37.72 -6.99 73.76
N GLN O 34 37.56 -6.87 75.09
CA GLN O 34 36.28 -7.09 75.75
C GLN O 34 36.25 -6.47 77.15
N ASP O 35 35.10 -5.92 77.54
CA ASP O 35 34.96 -5.39 78.89
C ASP O 35 34.61 -6.55 79.77
N ILE O 36 34.92 -6.41 81.04
CA ILE O 36 34.75 -7.49 81.98
C ILE O 36 33.97 -6.92 83.12
N LEU O 37 33.63 -5.66 82.96
CA LEU O 37 33.03 -4.93 84.02
C LEU O 37 31.64 -4.45 83.68
N GLU O 38 30.64 -5.10 84.26
CA GLU O 38 29.28 -4.62 84.11
C GLU O 38 29.10 -3.17 84.57
N LYS O 39 28.50 -2.35 83.74
CA LYS O 39 28.31 -0.95 84.07
C LYS O 39 26.88 -0.53 83.87
N LYS O 40 26.10 -1.35 83.19
CA LYS O 40 24.75 -0.96 82.77
C LYS O 40 23.65 -1.59 83.65
N HIS O 41 22.58 -0.83 83.86
CA HIS O 41 21.46 -1.31 84.66
C HIS O 41 20.18 -0.78 84.07
N ASN O 42 19.08 -1.47 84.35
CA ASN O 42 17.79 -1.13 83.74
C ASN O 42 16.97 0.04 84.38
N GLY O 43 17.40 0.54 85.53
CA GLY O 43 16.82 1.75 86.12
C GLY O 43 15.48 1.61 86.83
N LYS O 44 14.90 0.40 86.83
CA LYS O 44 13.66 0.07 87.56
C LYS O 44 13.94 -0.90 88.74
N LEU O 45 12.89 -1.21 89.53
CA LEU O 45 12.93 -2.30 90.55
C LEU O 45 12.13 -3.50 90.06
N CYS O 46 12.59 -4.69 90.44
CA CYS O 46 12.12 -5.94 89.81
C CYS O 46 11.85 -7.04 90.79
N ASP O 47 11.44 -8.19 90.25
CA ASP O 47 11.43 -9.42 91.00
C ASP O 47 12.83 -10.01 91.09
N LEU O 48 13.12 -10.60 92.25
CA LEU O 48 14.20 -11.56 92.39
C LEU O 48 13.59 -12.93 92.24
N ASP O 49 13.99 -13.60 91.16
CA ASP O 49 13.46 -14.91 90.75
C ASP O 49 11.94 -15.00 90.75
N GLY O 50 11.30 -14.00 90.15
CA GLY O 50 9.86 -13.99 89.99
C GLY O 50 9.12 -13.67 91.27
N VAL O 51 9.83 -13.27 92.30
CA VAL O 51 9.17 -12.94 93.55
C VAL O 51 9.25 -11.44 93.81
N LYS O 52 8.09 -10.80 93.84
CA LYS O 52 8.02 -9.35 93.82
C LYS O 52 8.58 -8.73 95.09
N PRO O 53 9.05 -7.49 94.98
CA PRO O 53 9.42 -6.81 96.19
C PRO O 53 8.20 -6.16 96.82
N LEU O 54 8.27 -5.91 98.12
CA LEU O 54 7.24 -5.16 98.79
C LEU O 54 7.59 -3.68 98.77
N ILE O 55 7.05 -2.93 97.82
CA ILE O 55 7.38 -1.51 97.83
C ILE O 55 6.45 -0.67 98.72
N LEU O 56 7.02 -0.17 99.81
CA LEU O 56 6.30 0.64 100.79
C LEU O 56 6.55 2.08 100.44
N ARG O 57 5.68 2.58 99.57
CA ARG O 57 5.89 3.83 98.88
C ARG O 57 6.36 4.93 99.81
N ASP O 58 5.43 5.47 100.60
CA ASP O 58 5.69 6.62 101.45
C ASP O 58 5.67 6.22 102.91
N CYS O 59 5.23 4.99 103.18
CA CYS O 59 5.13 4.54 104.55
C CYS O 59 6.25 3.58 104.92
N SER O 60 6.89 3.90 106.04
CA SER O 60 7.92 3.06 106.63
C SER O 60 7.36 1.71 107.06
N VAL O 61 8.25 0.75 107.24
CA VAL O 61 7.90 -0.60 107.62
C VAL O 61 7.00 -0.58 108.84
N ALA O 62 7.42 0.18 109.86
CA ALA O 62 6.64 0.35 111.08
C ALA O 62 5.22 0.82 110.78
N GLY O 63 5.11 2.04 110.24
CA GLY O 63 3.86 2.64 109.83
C GLY O 63 2.97 1.65 109.10
N TRP O 64 3.55 0.86 108.22
CA TRP O 64 2.78 -0.11 107.47
C TRP O 64 2.29 -1.25 108.33
N LEU O 65 3.04 -1.61 109.36
CA LEU O 65 2.60 -2.72 110.14
C LEU O 65 1.32 -2.35 110.81
N LEU O 66 1.39 -1.31 111.65
CA LEU O 66 0.19 -0.73 112.29
C LEU O 66 -0.57 0.10 111.25
N GLY O 67 -1.84 0.34 111.46
CA GLY O 67 -2.59 0.92 110.36
C GLY O 67 -2.46 2.42 110.24
N ASN O 68 -1.27 2.94 109.95
CA ASN O 68 -1.11 4.39 109.84
C ASN O 68 -2.07 4.97 108.82
N PRO O 69 -2.89 5.95 109.26
CA PRO O 69 -3.96 6.53 108.47
C PRO O 69 -3.52 6.89 107.06
N MET O 70 -2.52 7.76 106.93
CA MET O 70 -2.30 8.45 105.65
C MET O 70 -1.31 7.79 104.66
N CYS O 71 -1.73 6.62 104.16
CA CYS O 71 -1.10 5.82 103.11
C CYS O 71 -1.92 4.52 103.10
N ASP O 72 -1.67 3.62 102.16
CA ASP O 72 -2.58 2.46 101.98
C ASP O 72 -1.97 1.07 102.23
N GLU O 73 -2.84 0.10 102.49
CA GLU O 73 -2.48 -1.33 102.43
C GLU O 73 -2.91 -1.93 101.09
N PHE O 74 -3.17 -1.04 100.12
CA PHE O 74 -3.28 -1.31 98.66
C PHE O 74 -2.18 -2.29 98.19
N ILE O 75 -0.99 -2.16 98.79
CA ILE O 75 0.14 -3.07 98.57
C ILE O 75 0.10 -4.27 99.54
N ASN O 76 -0.92 -5.13 99.39
CA ASN O 76 -1.06 -6.36 100.20
C ASN O 76 -0.62 -7.67 99.50
N VAL O 77 0.65 -7.72 99.05
CA VAL O 77 1.22 -8.93 98.48
C VAL O 77 1.27 -10.01 99.54
N PRO O 78 0.84 -11.24 99.20
CA PRO O 78 0.90 -12.31 100.18
C PRO O 78 2.35 -12.71 100.53
N GLU O 79 3.33 -12.22 99.76
CA GLU O 79 4.68 -12.81 99.74
C GLU O 79 5.73 -11.94 99.00
N TRP O 80 6.97 -11.88 99.50
CA TRP O 80 8.02 -11.07 98.84
C TRP O 80 9.48 -11.52 99.01
N SER O 81 10.36 -10.88 98.25
CA SER O 81 11.78 -11.23 98.18
C SER O 81 12.68 -10.24 98.91
N TYR O 82 12.15 -9.03 99.08
CA TYR O 82 12.83 -7.93 99.75
C TYR O 82 11.84 -6.75 99.78
N ILE O 83 12.22 -5.67 100.48
CA ILE O 83 11.31 -4.54 100.74
C ILE O 83 11.92 -3.19 100.41
N VAL O 84 11.10 -2.27 99.89
CA VAL O 84 11.64 -0.93 99.58
C VAL O 84 11.01 0.20 100.39
N GLU O 85 11.85 0.78 101.25
CA GLU O 85 11.52 2.02 101.96
C GLU O 85 12.16 3.16 101.17
N LYS O 86 11.70 4.39 101.39
CA LYS O 86 12.45 5.54 100.90
C LYS O 86 13.55 5.97 101.90
N ALA O 87 14.31 7.00 101.53
CA ALA O 87 15.27 7.63 102.41
C ALA O 87 14.59 8.50 103.48
N ASN O 88 13.48 9.14 103.12
CA ASN O 88 12.75 9.97 104.08
C ASN O 88 11.28 9.65 104.06
N PRO O 89 10.93 8.41 104.44
CA PRO O 89 9.58 7.88 104.28
C PRO O 89 8.52 8.74 105.01
N VAL O 90 7.83 9.60 104.25
CA VAL O 90 7.04 10.72 104.80
C VAL O 90 6.09 10.41 105.97
N ASN O 91 5.63 9.16 106.08
CA ASN O 91 4.79 8.76 107.22
C ASN O 91 5.30 7.54 108.01
N ASP O 92 6.04 7.82 109.08
CA ASP O 92 6.52 6.80 110.03
C ASP O 92 5.30 6.55 110.91
N LEU O 93 5.41 6.90 112.17
CA LEU O 93 4.27 6.90 113.06
C LEU O 93 3.67 8.28 112.93
N CYS O 94 2.38 8.33 112.66
CA CYS O 94 1.69 9.58 112.82
C CYS O 94 2.03 10.08 114.23
N TYR O 95 1.70 9.25 115.22
CA TYR O 95 1.69 9.65 116.62
C TYR O 95 2.99 9.35 117.37
N PRO O 96 3.78 10.40 117.68
CA PRO O 96 5.12 10.29 118.22
C PRO O 96 5.36 9.02 119.03
N GLY O 97 6.35 8.25 118.58
CA GLY O 97 6.74 6.99 119.22
C GLY O 97 8.08 6.38 118.82
N ASP O 98 8.29 5.14 119.27
CA ASP O 98 9.54 4.40 119.12
C ASP O 98 9.19 2.89 119.06
N PHE O 99 10.03 2.12 118.37
CA PHE O 99 9.78 0.70 118.22
C PHE O 99 10.91 -0.10 118.84
N ASN O 100 10.54 -0.99 119.75
CA ASN O 100 11.45 -1.90 120.39
C ASN O 100 11.95 -2.89 119.37
N ASP O 101 13.23 -2.72 118.98
CA ASP O 101 13.94 -3.53 117.98
C ASP O 101 13.34 -3.43 116.62
N TYR O 102 12.99 -2.22 116.24
CA TYR O 102 12.46 -1.94 114.92
C TYR O 102 13.35 -2.67 113.91
N GLU O 103 14.65 -2.67 114.17
CA GLU O 103 15.66 -3.35 113.35
C GLU O 103 15.47 -4.85 113.16
N GLU O 104 15.81 -5.65 114.17
CA GLU O 104 15.70 -7.10 114.03
C GLU O 104 14.36 -7.52 113.46
N LEU O 105 13.35 -6.66 113.61
CA LEU O 105 12.03 -6.94 113.08
C LEU O 105 11.97 -6.80 111.56
N LYS O 106 12.55 -5.71 111.04
CA LYS O 106 12.56 -5.47 109.58
C LYS O 106 13.40 -6.54 108.90
N HIS O 107 14.52 -6.92 109.54
CA HIS O 107 15.32 -8.02 109.05
C HIS O 107 14.55 -9.34 109.08
N LEU O 108 13.66 -9.50 110.04
CA LEU O 108 12.80 -10.66 109.98
C LEU O 108 11.55 -10.42 109.14
N LEU O 109 11.52 -9.26 108.47
CA LEU O 109 10.47 -8.98 107.51
C LEU O 109 11.02 -8.90 106.10
N SER O 110 12.34 -8.81 106.00
CA SER O 110 13.07 -8.69 104.73
C SER O 110 12.56 -9.59 103.61
N ARG O 111 12.34 -10.87 103.90
CA ARG O 111 11.82 -11.80 102.91
C ARG O 111 10.94 -12.86 103.56
N ILE O 112 9.73 -12.97 103.03
CA ILE O 112 8.69 -13.78 103.64
C ILE O 112 8.05 -14.73 102.66
N ASN O 113 7.99 -15.99 103.05
CA ASN O 113 7.35 -17.04 102.27
C ASN O 113 5.84 -16.82 102.18
N HIS O 114 5.14 -16.86 103.32
CA HIS O 114 3.73 -16.47 103.34
C HIS O 114 3.40 -15.54 104.50
N PHE O 115 2.34 -14.75 104.32
CA PHE O 115 2.00 -13.63 105.21
C PHE O 115 0.50 -13.26 105.15
N GLU O 116 -0.08 -12.83 106.28
CA GLU O 116 -1.54 -12.47 106.34
C GLU O 116 -2.09 -11.78 107.58
N LYS O 117 -2.72 -10.62 107.39
CA LYS O 117 -3.30 -9.87 108.50
C LYS O 117 -4.52 -10.61 109.03
N ILE O 118 -4.56 -10.84 110.33
CA ILE O 118 -5.74 -11.48 110.91
C ILE O 118 -6.18 -10.70 112.17
N GLN O 119 -7.48 -10.45 112.26
CA GLN O 119 -8.03 -9.72 113.40
C GLN O 119 -7.94 -10.55 114.67
N ILE O 120 -7.16 -10.05 115.61
CA ILE O 120 -6.78 -10.82 116.75
C ILE O 120 -7.86 -10.75 117.83
N ILE O 121 -8.28 -9.53 118.13
CA ILE O 121 -9.44 -9.34 118.97
C ILE O 121 -10.26 -8.16 118.49
N PRO O 122 -11.55 -8.38 118.26
CA PRO O 122 -12.50 -7.33 117.89
C PRO O 122 -12.51 -6.16 118.88
N LYS O 123 -12.80 -4.96 118.35
CA LYS O 123 -12.98 -3.75 119.18
C LYS O 123 -14.28 -3.87 119.96
N SER O 124 -15.07 -4.84 119.53
CA SER O 124 -16.35 -5.12 120.12
C SER O 124 -16.16 -5.66 121.54
N SER O 125 -15.28 -6.66 121.68
CA SER O 125 -15.15 -7.36 122.97
C SER O 125 -14.33 -6.58 124.00
N TRP O 126 -14.70 -5.32 124.19
CA TRP O 126 -14.21 -4.50 125.29
C TRP O 126 -15.40 -3.83 125.91
N SER O 127 -15.88 -4.41 127.02
CA SER O 127 -17.19 -4.06 127.57
C SER O 127 -17.13 -2.97 128.66
N SER O 128 -15.82 -2.94 129.27
CA SER O 128 -15.57 -2.03 130.43
C SER O 128 -14.48 -1.00 130.11
N HIS O 129 -13.87 -1.16 128.94
CA HIS O 129 -12.95 -0.16 128.45
C HIS O 129 -13.48 0.14 127.02
N GLU O 130 -13.23 1.41 126.61
CA GLU O 130 -13.73 1.85 125.28
C GLU O 130 -12.69 1.73 124.15
N ALA O 131 -13.06 0.95 123.13
CA ALA O 131 -12.12 0.48 122.12
C ALA O 131 -11.93 1.47 121.01
N SER O 132 -12.99 1.71 120.22
CA SER O 132 -12.91 2.65 119.10
C SER O 132 -12.53 4.02 119.65
N LEU O 133 -13.35 4.52 120.59
CA LEU O 133 -13.05 5.70 121.41
C LEU O 133 -11.57 5.68 121.94
N GLY O 134 -10.72 6.44 121.24
CA GLY O 134 -9.27 6.45 121.43
C GLY O 134 -8.55 6.99 120.20
N VAL O 135 -9.03 8.12 119.70
CA VAL O 135 -8.60 8.72 118.45
C VAL O 135 -7.74 9.94 118.73
N SER O 136 -6.85 10.28 117.80
CA SER O 136 -6.09 11.53 117.92
C SER O 136 -6.34 12.48 116.76
N SER O 137 -6.00 13.74 116.97
CA SER O 137 -5.95 14.76 115.93
C SER O 137 -4.66 14.57 115.12
N ALA O 138 -3.73 13.82 115.69
CA ALA O 138 -2.48 13.48 115.03
C ALA O 138 -2.65 12.45 113.90
N CYS O 139 -3.66 11.59 114.00
CA CYS O 139 -3.83 10.48 113.04
C CYS O 139 -5.16 10.50 112.28
N PRO O 140 -5.24 11.34 111.23
CA PRO O 140 -6.48 11.68 110.54
C PRO O 140 -6.93 10.67 109.49
N TYR O 141 -7.43 9.52 109.95
CA TYR O 141 -7.91 8.46 109.05
C TYR O 141 -8.28 8.99 107.66
N GLN O 142 -9.27 9.86 107.64
CA GLN O 142 -9.66 10.57 106.45
C GLN O 142 -10.38 11.76 107.02
N GLY O 143 -9.66 12.86 107.14
CA GLY O 143 -10.16 14.01 107.88
C GLY O 143 -10.59 13.49 109.23
N LYS O 144 -11.92 13.42 109.43
CA LYS O 144 -12.51 12.85 110.64
C LYS O 144 -11.53 11.87 111.30
N SER O 145 -10.85 12.37 112.31
CA SER O 145 -9.63 11.74 112.79
C SER O 145 -9.84 10.38 113.45
N SER O 146 -8.77 9.60 113.44
CA SER O 146 -8.75 8.24 113.92
C SER O 146 -7.39 7.95 114.60
N PHE O 147 -6.72 6.88 114.16
CA PHE O 147 -5.58 6.28 114.84
C PHE O 147 -5.17 5.03 114.09
N PHE O 148 -3.92 4.60 114.25
CA PHE O 148 -3.46 3.34 113.64
C PHE O 148 -4.60 2.31 113.68
N ARG O 149 -5.01 1.82 112.51
CA ARG O 149 -6.17 0.92 112.43
C ARG O 149 -5.90 -0.42 113.11
N ASN O 150 -4.69 -0.97 112.92
CA ASN O 150 -4.40 -2.36 113.27
C ASN O 150 -4.19 -2.64 114.77
N VAL O 151 -4.21 -1.58 115.57
CA VAL O 151 -4.00 -1.70 117.01
C VAL O 151 -4.87 -0.66 117.74
N VAL O 152 -5.60 -1.09 118.79
CA VAL O 152 -6.62 -0.21 119.40
C VAL O 152 -6.17 0.46 120.71
N TRP O 153 -6.46 1.81 120.72
CA TRP O 153 -6.09 2.59 121.89
C TRP O 153 -7.25 2.47 122.89
N LEU O 154 -6.94 1.91 124.07
CA LEU O 154 -7.99 1.66 125.08
C LEU O 154 -8.13 2.74 126.16
N ILE O 155 -9.22 3.49 126.07
CA ILE O 155 -9.54 4.53 127.06
C ILE O 155 -10.52 4.00 128.12
N LYS O 156 -10.57 4.71 129.27
CA LYS O 156 -11.49 4.39 130.39
C LYS O 156 -12.99 4.53 130.08
N LYS O 157 -13.84 3.98 130.96
CA LYS O 157 -15.31 4.01 130.82
C LYS O 157 -15.95 4.38 132.14
N ASN O 158 -16.83 5.39 132.11
CA ASN O 158 -17.47 5.95 133.34
C ASN O 158 -16.45 6.28 134.43
N SER O 159 -15.91 5.25 135.08
CA SER O 159 -14.67 5.32 135.87
C SER O 159 -14.00 3.92 136.02
N THR O 160 -14.41 3.00 135.11
CA THR O 160 -13.92 1.62 135.20
C THR O 160 -12.78 1.30 134.21
N TYR O 161 -11.71 0.75 134.76
CA TYR O 161 -10.73 0.04 133.96
C TYR O 161 -10.12 -1.04 134.81
N PRO O 162 -10.82 -2.18 134.94
CA PRO O 162 -10.31 -3.23 135.80
C PRO O 162 -9.11 -3.87 135.14
N THR O 163 -8.18 -4.36 135.95
CA THR O 163 -6.98 -5.02 135.45
C THR O 163 -7.42 -6.08 134.44
N ILE O 164 -6.98 -5.91 133.19
CA ILE O 164 -7.39 -6.77 132.10
C ILE O 164 -6.76 -8.14 132.27
N LYS O 165 -7.59 -9.17 132.17
CA LYS O 165 -7.07 -10.53 132.15
C LYS O 165 -7.56 -11.23 130.87
N ARG O 166 -7.08 -10.69 129.75
CA ARG O 166 -7.26 -11.28 128.42
C ARG O 166 -6.07 -12.20 128.14
N SER O 167 -6.26 -13.11 127.20
CA SER O 167 -5.23 -14.10 126.84
C SER O 167 -5.48 -14.61 125.43
N TYR O 168 -4.42 -15.07 124.75
CA TYR O 168 -4.53 -15.55 123.35
C TYR O 168 -3.55 -16.69 122.97
N ASN O 169 -4.07 -17.92 122.88
CA ASN O 169 -3.39 -19.01 122.19
C ASN O 169 -3.34 -18.48 120.76
N ASN O 170 -2.17 -18.46 120.16
CA ASN O 170 -2.19 -18.47 118.72
C ASN O 170 -2.61 -19.89 118.37
N THR O 171 -3.41 -20.05 117.33
CA THR O 171 -3.97 -21.35 117.11
C THR O 171 -3.90 -21.91 115.69
N ASN O 172 -2.95 -21.40 114.90
CA ASN O 172 -2.66 -21.94 113.58
C ASN O 172 -1.27 -22.47 113.58
N GLN O 173 -0.91 -23.14 112.52
CA GLN O 173 0.39 -23.78 112.42
C GLN O 173 1.52 -22.79 112.02
N GLU O 174 1.14 -21.65 111.45
CA GLU O 174 2.05 -20.55 111.16
C GLU O 174 2.52 -19.90 112.47
N ASP O 175 3.76 -19.46 112.49
CA ASP O 175 4.20 -18.57 113.53
C ASP O 175 3.37 -17.29 113.40
N LEU O 176 3.29 -16.48 114.46
CA LEU O 176 2.42 -15.32 114.39
C LEU O 176 3.05 -14.08 114.96
N LEU O 177 3.14 -13.06 114.11
CA LEU O 177 3.67 -11.78 114.54
C LEU O 177 2.58 -11.01 115.29
N VAL O 178 2.95 -10.45 116.45
CA VAL O 178 2.01 -9.76 117.34
C VAL O 178 2.56 -8.43 117.81
N LEU O 179 1.72 -7.41 117.78
CA LEU O 179 2.16 -6.05 118.10
C LEU O 179 1.23 -5.38 119.10
N TRP O 180 1.82 -4.62 120.02
CA TRP O 180 1.07 -3.81 121.01
C TRP O 180 1.85 -2.57 121.41
N GLY O 181 1.25 -1.75 122.28
CA GLY O 181 1.79 -0.46 122.65
C GLY O 181 1.53 0.04 124.07
N ILE O 182 2.03 1.24 124.35
CA ILE O 182 2.12 1.82 125.68
C ILE O 182 2.09 3.34 125.50
N HIS O 183 1.33 4.04 126.34
CA HIS O 183 1.23 5.52 126.26
C HIS O 183 1.99 6.19 127.41
N HIS O 184 2.65 7.31 127.11
CA HIS O 184 3.28 8.13 128.14
C HIS O 184 2.64 9.54 128.13
N PRO O 185 1.54 9.72 128.90
CA PRO O 185 0.75 10.94 128.98
C PRO O 185 1.51 12.17 129.48
N ASN O 186 1.40 13.25 128.73
CA ASN O 186 2.11 14.50 129.03
C ASN O 186 1.90 15.12 130.45
N ASP O 187 0.73 14.93 131.05
CA ASP O 187 0.44 15.52 132.39
C ASP O 187 -0.03 14.54 133.49
N ALA O 188 -0.15 15.05 134.72
CA ALA O 188 -0.57 14.27 135.90
C ALA O 188 -1.97 13.65 135.77
N ALA O 189 -3.00 14.48 135.73
CA ALA O 189 -4.38 13.98 135.66
C ALA O 189 -4.68 13.33 134.31
N GLU O 190 -3.76 13.45 133.37
CA GLU O 190 -3.87 12.81 132.07
C GLU O 190 -3.90 11.29 132.18
N GLN O 191 -3.06 10.74 133.05
CA GLN O 191 -3.18 9.34 133.40
C GLN O 191 -4.37 9.12 134.35
N THR O 192 -5.38 9.99 134.22
CA THR O 192 -6.73 9.79 134.78
C THR O 192 -7.83 10.42 133.92
N LYS O 193 -7.49 11.47 133.18
CA LYS O 193 -8.39 12.06 132.17
C LYS O 193 -8.61 11.03 131.08
N LEU O 194 -7.54 10.68 130.35
CA LEU O 194 -7.57 9.58 129.40
C LEU O 194 -7.63 8.24 130.14
N TYR O 195 -6.97 8.15 131.29
CA TYR O 195 -6.83 6.86 131.96
C TYR O 195 -7.50 6.71 133.32
N GLN O 196 -7.04 5.76 134.13
CA GLN O 196 -7.75 5.45 135.36
C GLN O 196 -6.94 5.57 136.63
N ASN O 197 -6.40 4.44 137.09
CA ASN O 197 -5.63 4.34 138.32
C ASN O 197 -4.40 5.27 138.32
N PRO O 198 -3.76 5.46 139.51
CA PRO O 198 -2.43 6.10 139.51
C PRO O 198 -1.29 5.17 139.05
N THR O 199 -1.37 3.88 139.43
CA THR O 199 -0.46 2.86 138.93
C THR O 199 -0.80 2.63 137.48
N THR O 200 0.19 2.16 136.73
CA THR O 200 -0.06 1.58 135.44
C THR O 200 1.12 0.69 135.10
N TYR O 201 1.08 -0.55 135.55
CA TYR O 201 2.04 -1.53 135.08
C TYR O 201 1.30 -2.34 134.02
N ILE O 202 2.07 -2.88 133.08
CA ILE O 202 1.55 -3.75 132.02
C ILE O 202 2.44 -5.00 131.89
N SER O 203 1.82 -6.16 132.00
CA SER O 203 2.53 -7.43 131.96
C SER O 203 2.04 -8.33 130.86
N VAL O 204 2.97 -9.13 130.34
CA VAL O 204 2.71 -10.14 129.32
C VAL O 204 3.61 -11.33 129.58
N GLY O 205 3.24 -12.47 129.01
CA GLY O 205 4.05 -13.66 129.12
C GLY O 205 3.97 -14.46 127.86
N THR O 206 4.83 -15.48 127.79
CA THR O 206 4.79 -16.51 126.76
C THR O 206 5.56 -17.66 127.37
N SER O 207 6.23 -18.43 126.53
CA SER O 207 7.41 -19.15 126.96
C SER O 207 8.58 -18.17 126.86
N THR O 208 8.48 -17.22 125.90
CA THR O 208 9.52 -16.22 125.68
C THR O 208 9.44 -15.09 126.70
N LEU O 209 8.57 -14.10 126.47
CA LEU O 209 8.77 -12.77 127.11
C LEU O 209 8.25 -12.59 128.59
N ASN O 210 9.10 -12.95 129.55
CA ASN O 210 8.94 -12.55 130.94
C ASN O 210 9.18 -11.02 131.04
N GLN O 211 8.03 -10.27 131.21
CA GLN O 211 8.14 -8.79 131.20
C GLN O 211 7.07 -7.94 131.94
N ARG O 212 7.46 -7.38 133.08
CA ARG O 212 6.67 -6.34 133.71
C ARG O 212 7.07 -4.99 133.07
N LEU O 213 6.10 -4.35 132.41
CA LEU O 213 6.33 -3.12 131.66
C LEU O 213 5.52 -1.95 132.20
N VAL O 214 6.21 -0.89 132.63
CA VAL O 214 5.63 0.09 133.55
C VAL O 214 5.69 1.54 133.03
N PRO O 215 4.82 1.89 132.06
CA PRO O 215 4.82 3.18 131.37
C PRO O 215 4.94 4.40 132.27
N ARG O 216 6.04 5.13 132.15
CA ARG O 216 6.28 6.32 132.95
C ARG O 216 5.63 7.54 132.31
N ILE O 217 5.40 8.57 133.14
CA ILE O 217 4.65 9.78 132.78
C ILE O 217 5.52 11.04 132.91
N ALA O 218 5.89 11.67 131.78
CA ALA O 218 6.69 12.91 131.81
C ALA O 218 6.27 13.96 130.76
N THR O 219 6.85 15.17 130.88
CA THR O 219 6.61 16.28 129.93
C THR O 219 7.27 15.95 128.58
N ARG O 220 7.23 16.85 127.60
CA ARG O 220 7.84 16.58 126.28
C ARG O 220 7.75 17.73 125.26
N SER O 221 8.29 17.50 124.06
CA SER O 221 8.19 18.47 122.96
C SER O 221 7.10 18.09 121.96
N LYS O 222 6.42 19.12 121.43
CA LYS O 222 5.13 18.96 120.74
C LYS O 222 5.20 18.77 119.21
N VAL O 223 6.08 17.88 118.76
CA VAL O 223 6.21 17.58 117.33
C VAL O 223 5.06 16.70 116.87
N ASN O 224 4.31 17.22 115.88
CA ASN O 224 2.97 16.74 115.50
C ASN O 224 1.85 17.47 116.28
N GLY O 225 2.23 18.64 116.82
CA GLY O 225 1.36 19.43 117.73
C GLY O 225 1.11 18.71 119.05
N GLN O 226 2.08 17.88 119.44
CA GLN O 226 1.80 16.68 120.17
C GLN O 226 2.91 16.32 121.16
N SER O 227 2.58 16.09 122.44
CA SER O 227 3.60 15.64 123.38
C SER O 227 3.22 14.48 124.32
N GLY O 228 2.51 13.49 123.77
CA GLY O 228 2.46 12.16 124.36
C GLY O 228 3.57 11.36 123.68
N ARG O 229 3.81 10.13 124.13
CA ARG O 229 4.67 9.15 123.40
C ARG O 229 4.06 7.77 123.41
N MET O 230 4.50 6.96 122.46
CA MET O 230 3.97 5.63 122.20
C MET O 230 5.15 4.65 122.10
N GLU O 231 4.97 3.40 122.52
CA GLU O 231 6.09 2.46 122.48
C GLU O 231 5.60 1.05 122.22
N PHE O 232 6.03 0.48 121.10
CA PHE O 232 5.47 -0.79 120.61
C PHE O 232 6.45 -1.95 120.69
N PHE O 233 5.87 -3.15 120.74
CA PHE O 233 6.62 -4.37 121.02
C PHE O 233 5.99 -5.47 120.22
N TRP O 234 6.83 -6.36 119.70
CA TRP O 234 6.38 -7.43 118.81
C TRP O 234 6.63 -8.83 119.42
N THR O 235 6.46 -9.90 118.62
CA THR O 235 6.91 -11.24 119.00
C THR O 235 6.36 -12.38 118.13
N ILE O 236 7.29 -13.16 117.57
CA ILE O 236 7.00 -14.47 117.00
C ILE O 236 6.26 -15.25 118.06
N LEU O 237 4.94 -15.36 117.89
CA LEU O 237 4.16 -16.25 118.72
C LEU O 237 4.01 -17.62 118.04
N LYS O 238 4.80 -18.55 118.55
CA LYS O 238 4.83 -19.94 118.11
C LYS O 238 3.43 -20.55 118.06
N PRO O 239 3.23 -21.54 117.16
CA PRO O 239 2.02 -22.36 117.04
C PRO O 239 1.14 -22.46 118.30
N ASN O 240 1.49 -23.29 119.28
CA ASN O 240 0.56 -23.59 120.38
C ASN O 240 0.83 -22.99 121.75
N ASP O 241 1.00 -21.68 121.76
CA ASP O 241 1.40 -20.96 122.96
C ASP O 241 0.53 -19.73 123.05
N ALA O 242 0.69 -18.96 124.13
CA ALA O 242 -0.22 -17.85 124.36
C ALA O 242 0.44 -16.55 124.78
N ILE O 243 0.00 -15.46 124.15
CA ILE O 243 0.26 -14.11 124.66
C ILE O 243 -0.69 -13.74 125.81
N ASN O 244 -0.23 -14.05 127.02
CA ASN O 244 -1.07 -13.86 128.20
C ASN O 244 -0.99 -12.40 128.68
N PHE O 245 -2.16 -11.70 128.48
CA PHE O 245 -2.22 -10.28 128.79
C PHE O 245 -2.72 -9.87 130.19
N GLU O 246 -2.40 -8.64 130.55
CA GLU O 246 -2.53 -8.13 131.90
C GLU O 246 -2.12 -6.65 131.90
N SER O 247 -3.01 -5.76 132.35
CA SER O 247 -2.70 -4.32 132.35
C SER O 247 -3.50 -3.50 133.33
N ASN O 248 -2.81 -2.56 133.96
CA ASN O 248 -3.45 -1.54 134.78
C ASN O 248 -4.15 -0.47 133.95
N GLY O 249 -3.59 -0.16 132.78
CA GLY O 249 -4.25 0.74 131.84
C GLY O 249 -3.45 1.91 131.30
N ASN O 250 -2.67 1.64 130.27
CA ASN O 250 -2.01 2.65 129.45
C ASN O 250 -1.73 2.04 128.09
N PHE O 251 -2.30 0.86 127.89
CA PHE O 251 -1.84 -0.07 126.89
C PHE O 251 -2.63 -0.08 125.58
N ILE O 252 -1.93 0.32 124.50
CA ILE O 252 -2.46 0.30 123.15
C ILE O 252 -2.60 -1.16 122.77
N ALA O 253 -3.82 -1.64 122.98
CA ALA O 253 -4.24 -3.01 122.75
C ALA O 253 -4.10 -3.39 121.29
N PRO O 254 -3.75 -4.67 121.02
CA PRO O 254 -3.67 -5.15 119.64
C PRO O 254 -4.99 -5.00 118.91
N GLU O 255 -5.03 -5.37 117.64
CA GLU O 255 -6.31 -5.74 117.04
C GLU O 255 -6.02 -6.82 116.03
N TYR O 256 -5.06 -6.52 115.16
CA TYR O 256 -4.69 -7.38 114.05
C TYR O 256 -3.33 -7.99 114.31
N ALA O 257 -3.06 -9.15 113.71
CA ALA O 257 -1.77 -9.82 113.86
C ALA O 257 -1.39 -10.50 112.53
N TYR O 258 -0.15 -10.96 112.38
CA TYR O 258 0.25 -11.56 111.10
C TYR O 258 0.70 -13.01 111.12
N LYS O 259 -0.08 -13.90 110.48
CA LYS O 259 0.32 -15.28 110.27
C LYS O 259 1.47 -15.28 109.29
N ILE O 260 2.67 -15.63 109.77
CA ILE O 260 3.95 -15.52 109.03
C ILE O 260 4.65 -16.85 108.74
N VAL O 261 5.44 -16.88 107.67
CA VAL O 261 6.25 -18.04 107.32
C VAL O 261 7.69 -17.63 106.86
N LYS O 262 8.60 -17.48 107.81
CA LYS O 262 9.98 -17.17 107.46
C LYS O 262 10.60 -18.34 106.72
N LYS O 263 11.40 -18.05 105.71
CA LYS O 263 12.19 -19.08 105.04
C LYS O 263 13.51 -18.49 104.53
N GLY O 264 14.23 -17.82 105.44
CA GLY O 264 15.48 -17.20 105.08
C GLY O 264 15.29 -15.72 104.92
N ASP O 265 16.38 -14.99 105.13
CA ASP O 265 16.39 -13.55 105.23
C ASP O 265 16.74 -12.95 103.86
N SER O 266 16.33 -11.71 103.63
CA SER O 266 17.03 -10.85 102.67
C SER O 266 17.27 -9.49 103.34
N THR O 267 16.91 -8.35 102.73
CA THR O 267 17.18 -7.07 103.42
C THR O 267 16.23 -5.93 103.10
N ILE O 268 16.40 -4.79 103.77
CA ILE O 268 15.68 -3.58 103.38
C ILE O 268 16.48 -2.78 102.35
N MET O 269 15.85 -2.54 101.19
CA MET O 269 16.43 -1.70 100.16
C MET O 269 15.95 -0.25 100.34
N LYS O 270 16.88 0.70 100.29
CA LYS O 270 16.54 2.11 100.40
C LYS O 270 16.65 2.78 99.04
N SER O 271 15.66 2.55 98.20
CA SER O 271 15.60 3.18 96.89
C SER O 271 14.44 4.15 96.72
N GLU O 272 14.75 5.20 95.98
CA GLU O 272 13.80 6.23 95.63
C GLU O 272 12.97 5.85 94.40
N LEU O 273 13.05 4.59 93.95
CA LEU O 273 12.47 4.20 92.67
C LEU O 273 11.08 3.59 92.75
N GLU O 274 10.59 3.09 91.61
CA GLU O 274 9.36 2.31 91.58
C GLU O 274 9.45 1.06 90.72
N TYR O 275 8.52 0.15 90.95
CA TYR O 275 8.46 -1.11 90.28
C TYR O 275 8.33 -0.92 88.77
N GLY O 276 9.08 -1.75 88.04
CA GLY O 276 8.83 -2.04 86.61
C GLY O 276 8.49 -3.52 86.51
N ASN O 277 8.00 -3.98 85.36
CA ASN O 277 7.66 -5.40 85.27
C ASN O 277 8.79 -6.18 84.66
N CYS O 278 9.49 -6.84 85.56
CA CYS O 278 10.93 -6.87 85.63
C CYS O 278 11.29 -8.18 86.32
N ASN O 279 12.31 -8.86 85.84
CA ASN O 279 12.89 -9.94 86.63
C ASN O 279 14.40 -10.00 86.51
N THR O 280 15.10 -9.97 87.64
CA THR O 280 16.52 -10.26 87.59
C THR O 280 16.92 -11.12 88.75
N LYS O 281 18.20 -11.48 88.77
CA LYS O 281 18.80 -12.24 89.85
C LYS O 281 19.76 -11.32 90.58
N CYS O 282 19.66 -10.04 90.24
CA CYS O 282 20.54 -9.05 90.84
C CYS O 282 19.97 -7.65 90.76
N GLN O 283 19.81 -7.06 91.94
CA GLN O 283 19.04 -5.85 92.09
C GLN O 283 19.72 -4.84 92.99
N THR O 284 19.46 -3.57 92.72
CA THR O 284 20.31 -2.45 93.10
C THR O 284 19.40 -1.25 93.31
N PRO O 285 19.75 -0.35 94.25
CA PRO O 285 18.99 0.91 94.44
C PRO O 285 18.70 1.74 93.17
N MET O 286 19.39 1.43 92.08
CA MET O 286 19.22 2.14 90.77
C MET O 286 18.56 1.28 89.71
N GLY O 287 18.86 -0.02 89.71
CA GLY O 287 18.31 -0.90 88.67
C GLY O 287 18.64 -2.36 88.87
N ALA O 288 18.21 -3.16 87.91
CA ALA O 288 18.53 -4.58 87.89
C ALA O 288 19.73 -4.81 86.96
N ILE O 289 20.40 -5.94 87.12
CA ILE O 289 21.59 -6.26 86.32
C ILE O 289 21.55 -7.64 85.65
N ASN O 290 21.40 -7.63 84.32
CA ASN O 290 21.65 -8.81 83.47
C ASN O 290 23.12 -9.18 83.61
N SER O 291 23.38 -10.04 84.58
CA SER O 291 24.72 -10.21 85.14
C SER O 291 25.57 -11.27 84.45
N SER O 292 25.91 -11.02 83.19
CA SER O 292 26.83 -11.92 82.49
C SER O 292 28.13 -11.90 83.25
N MET O 293 28.54 -10.71 83.65
CA MET O 293 29.93 -10.45 84.03
C MET O 293 30.30 -10.93 85.42
N PRO O 294 31.59 -10.79 85.78
CA PRO O 294 31.98 -11.18 87.10
C PRO O 294 32.21 -9.98 88.01
N PHE O 295 32.01 -8.78 87.48
CA PHE O 295 32.25 -7.56 88.23
C PHE O 295 31.33 -6.47 87.76
N HIS O 296 30.69 -5.78 88.68
CA HIS O 296 29.96 -4.56 88.33
C HIS O 296 30.59 -3.40 89.07
N ASN O 297 30.31 -2.18 88.62
CA ASN O 297 30.67 -1.00 89.42
C ASN O 297 29.47 -0.12 89.84
N ILE O 298 28.29 -0.70 89.70
CA ILE O 298 27.08 0.07 89.81
C ILE O 298 26.70 0.56 91.20
N HIS O 299 26.89 -0.24 92.24
CA HIS O 299 26.50 0.22 93.55
C HIS O 299 26.84 -0.85 94.58
N PRO O 300 27.34 -0.46 95.76
CA PRO O 300 27.65 -1.47 96.76
C PRO O 300 26.44 -2.23 97.32
N LEU O 301 25.25 -1.64 97.28
CA LEU O 301 24.16 -2.13 98.13
C LEU O 301 23.21 -3.08 97.45
N THR O 302 23.76 -4.12 96.87
CA THR O 302 22.94 -5.04 96.10
C THR O 302 22.20 -6.04 96.99
N ILE O 303 21.40 -6.83 96.30
CA ILE O 303 20.61 -7.93 96.82
C ILE O 303 20.57 -8.86 95.61
N GLY O 304 20.76 -10.15 95.85
CA GLY O 304 20.72 -11.09 94.74
C GLY O 304 22.02 -11.79 94.51
N GLU O 305 22.15 -12.38 93.32
CA GLU O 305 23.38 -13.04 92.93
C GLU O 305 24.06 -12.05 92.00
N CYS O 306 24.98 -11.26 92.55
CA CYS O 306 25.54 -10.18 91.75
C CYS O 306 27.02 -10.38 91.48
N PRO O 307 27.51 -9.82 90.37
CA PRO O 307 28.94 -9.81 90.10
C PRO O 307 29.61 -8.98 91.15
N LYS O 308 30.84 -9.32 91.48
CA LYS O 308 31.59 -8.61 92.51
C LYS O 308 31.66 -7.10 92.28
N TYR O 309 31.24 -6.33 93.30
CA TYR O 309 31.30 -4.85 93.24
C TYR O 309 32.75 -4.35 93.36
N VAL O 310 33.19 -3.63 92.35
CA VAL O 310 34.58 -3.28 92.23
C VAL O 310 34.73 -1.79 91.96
N LYS O 311 35.71 -1.16 92.57
CA LYS O 311 35.89 0.26 92.36
C LYS O 311 36.76 0.57 91.13
N SER O 312 36.24 0.44 89.90
CA SER O 312 37.01 0.86 88.69
C SER O 312 36.23 1.29 87.46
N ASN O 313 36.92 1.78 86.44
CA ASN O 313 36.25 2.25 85.23
C ASN O 313 36.14 1.25 84.10
N ARG O 314 37.23 0.54 83.86
CA ARG O 314 37.28 -0.41 82.79
C ARG O 314 37.87 -1.62 83.40
N LEU O 315 37.42 -2.81 82.98
CA LEU O 315 38.36 -3.94 82.97
C LEU O 315 38.36 -4.55 81.58
N VAL O 316 39.41 -4.22 80.81
CA VAL O 316 39.36 -4.43 79.37
C VAL O 316 40.47 -5.34 78.84
N LEU O 317 40.02 -6.51 78.39
CA LEU O 317 40.85 -7.65 78.19
C LEU O 317 41.07 -7.79 76.71
N ALA O 318 42.33 -8.03 76.32
CA ALA O 318 42.67 -8.15 74.92
C ALA O 318 42.15 -9.46 74.31
N THR O 319 41.36 -9.36 73.24
CA THR O 319 40.95 -10.53 72.45
C THR O 319 41.99 -10.75 71.36
N GLY O 320 41.98 -9.88 70.36
CA GLY O 320 42.83 -10.00 69.18
C GLY O 320 44.27 -9.63 69.48
N LEU O 321 44.96 -9.06 68.49
CA LEU O 321 46.40 -8.80 68.65
C LEU O 321 46.78 -7.34 68.49
N ARG O 322 48.06 -7.04 68.70
CA ARG O 322 48.58 -5.69 68.67
C ARG O 322 48.22 -4.98 67.39
N ASN O 323 47.32 -4.00 67.47
CA ASN O 323 47.05 -3.10 66.36
C ASN O 323 48.03 -1.93 66.47
N SER O 324 49.02 -1.89 65.58
CA SER O 324 50.00 -0.81 65.63
C SER O 324 49.93 0.11 64.40
N PRO O 325 49.04 1.14 64.45
CA PRO O 325 48.94 2.15 63.37
C PRO O 325 50.19 3.05 63.27
N GLY P 1 56.66 -7.58 71.59
CA GLY P 1 56.49 -8.69 72.56
C GLY P 1 57.61 -9.73 72.58
N LEU P 2 57.49 -10.68 73.49
CA LEU P 2 58.57 -11.60 73.85
C LEU P 2 58.93 -12.72 72.86
N PHE P 3 58.56 -12.59 71.60
CA PHE P 3 58.94 -13.65 70.66
C PHE P 3 59.51 -13.13 69.36
N GLY P 4 59.78 -11.83 69.34
CA GLY P 4 60.50 -11.16 68.25
C GLY P 4 59.77 -11.00 66.93
N ALA P 5 58.48 -11.31 66.93
CA ALA P 5 57.69 -11.30 65.72
C ALA P 5 56.80 -10.05 65.57
N ILE P 6 55.68 -10.01 66.30
CA ILE P 6 54.64 -8.97 66.16
C ILE P 6 55.20 -7.54 66.33
N ALA P 7 56.09 -7.36 67.30
CA ALA P 7 56.86 -6.12 67.40
C ALA P 7 58.01 -6.11 66.37
N GLY P 8 58.86 -7.12 66.47
CA GLY P 8 60.18 -7.18 65.84
C GLY P 8 60.26 -7.37 64.34
N PHE P 9 60.84 -8.49 63.90
CA PHE P 9 61.25 -8.63 62.49
C PHE P 9 60.17 -8.38 61.45
N ILE P 10 58.92 -8.67 61.78
CA ILE P 10 57.80 -8.18 60.96
C ILE P 10 57.19 -7.00 61.68
N GLU P 11 57.22 -5.86 61.01
CA GLU P 11 56.61 -4.67 61.58
C GLU P 11 55.26 -4.50 60.92
N GLY P 12 54.26 -4.26 61.77
CA GLY P 12 52.90 -4.02 61.32
C GLY P 12 52.23 -5.25 60.77
N GLY P 13 50.90 -5.17 60.72
CA GLY P 13 50.08 -6.26 60.21
C GLY P 13 49.47 -5.94 58.88
N TRP P 14 49.16 -6.98 58.11
CA TRP P 14 48.59 -6.81 56.79
C TRP P 14 47.16 -6.29 56.92
N GLN P 15 47.01 -4.96 56.99
CA GLN P 15 45.69 -4.31 57.05
C GLN P 15 44.73 -5.03 56.11
N GLY P 16 45.22 -5.40 54.93
CA GLY P 16 44.46 -6.20 54.01
C GLY P 16 44.40 -7.68 54.37
N MET P 17 43.72 -8.02 55.46
CA MET P 17 43.44 -9.43 55.77
C MET P 17 42.05 -9.70 56.36
N VAL P 18 41.09 -9.92 55.47
CA VAL P 18 39.71 -10.30 55.81
C VAL P 18 39.72 -11.72 56.36
N ASP P 19 40.72 -12.47 55.93
CA ASP P 19 40.80 -13.90 56.11
C ASP P 19 40.85 -14.30 57.59
N GLY P 20 41.95 -14.00 58.27
CA GLY P 20 42.07 -14.35 59.69
C GLY P 20 43.06 -13.52 60.47
N TRP P 21 43.44 -14.02 61.64
CA TRP P 21 44.41 -13.33 62.48
C TRP P 21 45.85 -13.50 61.99
N TYR P 22 46.23 -14.74 61.65
CA TYR P 22 47.57 -15.01 61.12
C TYR P 22 47.54 -15.25 59.61
N GLY P 23 48.53 -14.73 58.90
CA GLY P 23 48.52 -14.85 57.45
C GLY P 23 49.83 -15.11 56.76
N TYR P 24 49.73 -15.80 55.63
CA TYR P 24 50.81 -15.90 54.68
C TYR P 24 50.67 -14.72 53.74
N HIS P 25 51.22 -14.89 52.53
CA HIS P 25 51.10 -13.94 51.43
C HIS P 25 51.72 -14.52 50.17
N HIS P 26 50.88 -14.97 49.25
CA HIS P 26 51.40 -15.38 47.94
C HIS P 26 51.74 -14.16 47.11
N SER P 27 52.71 -14.30 46.19
CA SER P 27 53.25 -13.18 45.40
C SER P 27 54.10 -13.61 44.19
N ASN P 28 53.43 -14.11 43.17
CA ASN P 28 54.07 -14.48 41.89
C ASN P 28 53.42 -13.75 40.72
N GLU P 29 54.18 -13.56 39.64
CA GLU P 29 53.76 -12.72 38.52
C GLU P 29 52.64 -13.36 37.69
N GLN P 30 51.58 -13.78 38.40
CA GLN P 30 50.25 -14.00 37.82
C GLN P 30 49.30 -13.09 38.58
N GLY P 31 49.77 -12.61 39.74
CA GLY P 31 48.99 -11.81 40.66
C GLY P 31 49.28 -12.26 42.08
N SER P 32 48.82 -11.48 43.05
CA SER P 32 49.05 -11.78 44.46
C SER P 32 47.93 -11.33 45.41
N GLY P 33 47.99 -11.84 46.63
CA GLY P 33 47.05 -11.54 47.70
C GLY P 33 47.66 -12.12 48.95
N TYR P 34 46.82 -12.56 49.89
CA TYR P 34 47.33 -13.26 51.08
C TYR P 34 46.30 -14.04 51.90
N ALA P 35 46.10 -15.30 51.53
CA ALA P 35 45.27 -16.23 52.31
C ALA P 35 45.85 -16.40 53.73
N ALA P 36 45.04 -16.14 54.73
CA ALA P 36 45.46 -16.30 56.12
C ALA P 36 45.65 -17.79 56.42
N ASP P 37 46.00 -18.13 57.65
CA ASP P 37 46.13 -19.55 58.02
C ASP P 37 44.87 -20.08 58.68
N LYS P 38 44.27 -21.10 58.10
CA LYS P 38 43.03 -21.60 58.65
C LYS P 38 43.22 -22.04 60.10
N GLU P 39 44.13 -22.99 60.30
CA GLU P 39 44.11 -23.80 61.51
C GLU P 39 44.58 -23.07 62.76
N SER P 40 45.78 -22.50 62.72
CA SER P 40 46.35 -21.88 63.90
C SER P 40 45.48 -20.71 64.36
N THR P 41 44.82 -20.05 63.42
CA THR P 41 43.91 -18.98 63.76
C THR P 41 42.88 -19.53 64.73
N GLN P 42 42.31 -20.69 64.39
CA GLN P 42 41.34 -21.35 65.27
C GLN P 42 41.95 -21.68 66.63
N LYS P 43 43.04 -22.44 66.62
CA LYS P 43 43.77 -22.70 67.86
C LYS P 43 43.92 -21.45 68.74
N ALA P 44 43.94 -20.28 68.10
CA ALA P 44 44.05 -19.01 68.83
C ALA P 44 42.69 -18.44 69.20
N ILE P 45 41.73 -18.52 68.29
CA ILE P 45 40.36 -18.15 68.64
C ILE P 45 39.93 -18.94 69.87
N ASP P 46 40.48 -20.14 70.04
CA ASP P 46 40.05 -21.03 71.13
C ASP P 46 40.90 -20.89 72.40
N GLY P 47 42.16 -20.45 72.23
CA GLY P 47 43.02 -20.08 73.35
C GLY P 47 42.41 -18.83 73.93
N VAL P 48 42.37 -17.77 73.14
CA VAL P 48 41.73 -16.55 73.59
C VAL P 48 40.34 -16.84 74.20
N THR P 49 39.43 -17.43 73.43
CA THR P 49 38.07 -17.65 73.91
C THR P 49 38.06 -18.28 75.29
N ASN P 50 38.87 -19.31 75.47
CA ASN P 50 38.90 -20.05 76.72
C ASN P 50 39.36 -19.24 77.88
N LYS P 51 40.43 -18.50 77.66
CA LYS P 51 40.93 -17.56 78.63
C LYS P 51 39.73 -16.87 79.25
N VAL P 52 38.96 -16.22 78.39
CA VAL P 52 37.89 -15.35 78.80
C VAL P 52 36.77 -16.05 79.57
N ASN P 53 36.11 -17.02 78.95
CA ASN P 53 35.05 -17.79 79.63
C ASN P 53 35.51 -18.28 80.99
N SER P 54 36.62 -19.00 81.03
CA SER P 54 37.16 -19.51 82.28
C SER P 54 37.60 -18.39 83.26
N ILE P 55 37.87 -17.19 82.76
CA ILE P 55 38.12 -16.11 83.70
C ILE P 55 36.80 -15.71 84.35
N ILE P 56 35.72 -15.91 83.62
CA ILE P 56 34.39 -15.49 83.99
C ILE P 56 33.59 -16.64 84.62
N ASP P 57 33.92 -17.86 84.25
CA ASP P 57 33.18 -19.00 84.70
C ASP P 57 33.63 -19.49 86.04
N LYS P 58 34.90 -19.27 86.40
CA LYS P 58 35.38 -19.81 87.65
C LYS P 58 34.89 -18.97 88.80
N MET P 59 34.18 -17.90 88.52
CA MET P 59 33.65 -17.17 89.64
C MET P 59 32.32 -17.66 90.12
N ASN P 60 31.57 -18.28 89.20
CA ASN P 60 30.29 -18.93 89.49
C ASN P 60 30.15 -19.54 90.89
N THR P 61 30.98 -19.03 91.80
CA THR P 61 30.58 -18.88 93.17
C THR P 61 30.41 -17.38 93.42
N GLN P 62 29.14 -17.02 93.42
CA GLN P 62 28.60 -16.04 94.36
C GLN P 62 27.13 -16.43 94.43
N PHE P 63 26.47 -15.91 95.44
CA PHE P 63 25.14 -16.28 95.72
C PHE P 63 24.52 -15.11 96.45
N GLU P 64 23.35 -15.34 97.03
CA GLU P 64 22.59 -14.31 97.72
C GLU P 64 23.40 -13.34 98.63
N ALA P 65 23.05 -12.04 98.62
CA ALA P 65 23.57 -11.04 99.62
C ALA P 65 22.76 -9.68 99.72
N VAL P 66 23.32 -8.60 100.33
CA VAL P 66 22.51 -7.47 100.94
C VAL P 66 23.11 -6.00 101.21
N GLY P 67 22.29 -5.13 101.84
CA GLY P 67 22.57 -3.72 102.27
C GLY P 67 22.71 -3.33 103.78
N ARG P 68 21.93 -2.38 104.31
CA ARG P 68 22.41 -1.61 105.49
C ARG P 68 21.49 -1.36 106.71
N GLU P 69 21.66 -2.11 107.81
CA GLU P 69 20.63 -2.13 108.88
C GLU P 69 21.04 -2.04 110.34
N PHE P 70 21.86 -1.06 110.70
CA PHE P 70 22.13 -0.84 112.11
C PHE P 70 21.74 0.54 112.59
N ASN P 71 21.23 0.63 113.82
CA ASN P 71 20.82 1.91 114.38
C ASN P 71 21.99 2.61 115.03
N ASN P 72 21.76 3.79 115.57
CA ASN P 72 22.93 4.45 116.09
C ASN P 72 23.29 4.03 117.53
N LEU P 73 22.77 2.89 117.98
CA LEU P 73 23.26 2.30 119.22
C LEU P 73 24.28 1.25 118.87
N GLU P 74 24.36 0.90 117.59
CA GLU P 74 25.21 -0.18 117.15
C GLU P 74 26.16 0.33 116.13
N ARG P 75 26.91 1.34 116.52
CA ARG P 75 27.80 1.95 115.56
C ARG P 75 29.15 1.30 115.49
N ARG P 76 29.56 0.65 116.57
CA ARG P 76 30.72 -0.22 116.52
C ARG P 76 30.45 -1.34 115.51
N ILE P 77 29.21 -1.81 115.47
CA ILE P 77 28.91 -2.87 114.55
C ILE P 77 28.82 -2.33 113.14
N GLU P 78 28.11 -1.24 112.95
CA GLU P 78 28.13 -0.55 111.66
C GLU P 78 29.58 -0.53 111.16
N ASN P 79 30.47 -0.13 112.06
CA ASN P 79 31.83 0.04 111.66
C ASN P 79 32.44 -1.25 111.23
N LEU P 80 32.10 -2.31 111.95
CA LEU P 80 32.62 -3.61 111.63
C LEU P 80 32.25 -3.97 110.21
N ASN P 81 30.96 -3.79 109.90
CA ASN P 81 30.42 -4.14 108.59
C ASN P 81 31.11 -3.38 107.48
N LYS P 82 31.33 -2.09 107.72
CA LYS P 82 32.14 -1.26 106.81
C LYS P 82 33.52 -1.87 106.61
N LYS P 83 34.34 -1.94 107.66
CA LYS P 83 35.66 -2.59 107.54
C LYS P 83 35.57 -3.73 106.52
N MET P 84 34.59 -4.60 106.73
CA MET P 84 34.50 -5.83 106.00
C MET P 84 34.10 -5.63 104.53
N GLU P 85 33.08 -4.83 104.28
CA GLU P 85 32.78 -4.44 102.91
C GLU P 85 33.96 -3.72 102.24
N ASP P 86 34.48 -2.71 102.93
CA ASP P 86 35.71 -2.08 102.52
C ASP P 86 36.82 -3.07 102.19
N GLY P 87 36.97 -4.13 102.99
CA GLY P 87 37.97 -5.16 102.72
C GLY P 87 37.76 -5.90 101.42
N PHE P 88 36.60 -6.53 101.26
CA PHE P 88 36.37 -7.30 100.06
C PHE P 88 36.55 -6.45 98.82
N LEU P 89 36.02 -5.24 98.88
CA LEU P 89 36.22 -4.28 97.82
C LEU P 89 37.71 -4.15 97.49
N ASP P 90 38.50 -3.75 98.47
CA ASP P 90 39.92 -3.58 98.29
C ASP P 90 40.53 -4.90 97.77
N VAL P 91 40.01 -6.04 98.21
CA VAL P 91 40.54 -7.30 97.68
C VAL P 91 40.18 -7.43 96.23
N TRP P 92 38.90 -7.66 95.94
CA TRP P 92 38.48 -7.80 94.55
C TRP P 92 39.05 -6.73 93.62
N THR P 93 38.96 -5.46 94.00
CA THR P 93 39.39 -4.41 93.06
C THR P 93 40.83 -4.63 92.65
N TYR P 94 41.70 -4.83 93.61
CA TYR P 94 43.07 -5.17 93.30
C TYR P 94 43.16 -6.42 92.41
N ASN P 95 42.83 -7.59 92.96
CA ASN P 95 42.76 -8.81 92.15
C ASN P 95 42.44 -8.54 90.71
N ALA P 96 41.28 -7.92 90.49
CA ALA P 96 40.71 -7.70 89.16
C ALA P 96 41.61 -6.85 88.27
N GLU P 97 42.27 -5.86 88.85
CA GLU P 97 43.02 -4.93 88.05
C GLU P 97 44.24 -5.62 87.49
N LEU P 98 44.87 -6.44 88.33
CA LEU P 98 46.11 -7.11 87.99
C LEU P 98 45.91 -8.29 87.09
N LEU P 99 44.80 -8.97 87.27
CA LEU P 99 44.51 -10.11 86.44
C LEU P 99 44.58 -9.62 85.02
N VAL P 100 43.65 -8.74 84.69
CA VAL P 100 43.63 -8.01 83.44
C VAL P 100 45.02 -7.59 82.97
N LEU P 101 45.73 -6.83 83.78
CA LEU P 101 47.09 -6.42 83.42
C LEU P 101 47.97 -7.59 82.96
N MET P 102 48.08 -8.62 83.80
CA MET P 102 48.88 -9.78 83.50
C MET P 102 48.31 -10.57 82.33
N GLU P 103 47.01 -10.80 82.36
CA GLU P 103 46.44 -11.65 81.35
C GLU P 103 46.57 -11.04 79.98
N ASN P 104 46.49 -9.72 79.94
CA ASN P 104 46.64 -9.01 78.69
C ASN P 104 48.06 -9.09 78.18
N GLU P 105 49.03 -9.01 79.09
CA GLU P 105 50.44 -9.18 78.74
C GLU P 105 50.58 -10.49 78.00
N ARG P 106 50.18 -11.56 78.66
CA ARG P 106 50.36 -12.89 78.15
C ARG P 106 49.62 -13.10 76.83
N THR P 107 48.52 -12.38 76.63
CA THR P 107 47.74 -12.55 75.42
C THR P 107 48.52 -12.00 74.24
N LEU P 108 49.21 -10.90 74.47
CA LEU P 108 50.04 -10.30 73.47
C LEU P 108 51.35 -11.06 73.35
N ASP P 109 51.53 -12.01 74.23
CA ASP P 109 52.60 -12.94 74.03
C ASP P 109 52.09 -14.20 73.32
N PHE P 110 50.85 -14.59 73.61
CA PHE P 110 50.26 -15.71 72.90
C PHE P 110 50.41 -15.49 71.39
N HIS P 111 49.76 -14.45 70.86
CA HIS P 111 49.85 -14.09 69.45
C HIS P 111 51.28 -14.02 68.92
N ASP P 112 52.16 -13.35 69.67
CA ASP P 112 53.59 -13.35 69.35
C ASP P 112 54.12 -14.72 68.98
N SER P 113 53.94 -15.67 69.88
CA SER P 113 54.40 -17.03 69.71
C SER P 113 53.95 -17.65 68.38
N ASN P 114 52.64 -17.71 68.15
CA ASN P 114 52.11 -18.35 66.96
C ASN P 114 52.79 -17.82 65.71
N VAL P 115 52.85 -16.50 65.57
CA VAL P 115 53.59 -15.92 64.47
C VAL P 115 55.00 -16.51 64.38
N LYS P 116 55.77 -16.49 65.48
CA LYS P 116 57.09 -17.13 65.46
C LYS P 116 57.01 -18.60 65.08
N ASN P 117 56.06 -19.30 65.68
CA ASN P 117 55.79 -20.70 65.35
C ASN P 117 55.47 -20.95 63.89
N LEU P 118 54.93 -19.94 63.23
CA LEU P 118 54.57 -20.06 61.85
C LEU P 118 55.75 -19.71 60.96
N TYR P 119 56.52 -18.69 61.36
CA TYR P 119 57.78 -18.40 60.68
C TYR P 119 58.56 -19.71 60.63
N ASP P 120 58.70 -20.32 61.81
CA ASP P 120 59.36 -21.59 61.98
C ASP P 120 58.75 -22.74 61.17
N LYS P 121 57.43 -22.69 60.97
CA LYS P 121 56.72 -23.76 60.24
C LYS P 121 57.16 -23.77 58.78
N VAL P 122 57.33 -22.57 58.26
CA VAL P 122 57.71 -22.33 56.87
C VAL P 122 59.21 -22.49 56.72
N ARG P 123 59.95 -21.96 57.69
CA ARG P 123 61.41 -22.01 57.67
C ARG P 123 62.00 -23.44 57.69
N LEU P 124 61.31 -24.38 58.35
CA LEU P 124 61.78 -25.76 58.57
C LEU P 124 61.54 -26.68 57.38
N GLN P 125 60.46 -26.40 56.64
CA GLN P 125 60.00 -27.29 55.57
C GLN P 125 60.62 -26.95 54.21
N LEU P 126 61.06 -25.71 54.07
CA LEU P 126 61.87 -25.24 52.94
C LEU P 126 63.11 -24.53 53.49
N ARG P 127 64.28 -24.96 53.05
CA ARG P 127 65.52 -24.50 53.65
C ARG P 127 66.40 -23.87 52.60
N ASP P 128 67.40 -24.63 52.15
CA ASP P 128 68.26 -24.29 51.02
C ASP P 128 67.49 -23.89 49.75
N ASN P 129 66.17 -24.10 49.77
CA ASN P 129 65.27 -23.71 48.66
C ASN P 129 65.01 -22.21 48.57
N ALA P 130 65.19 -21.48 49.66
CA ALA P 130 64.88 -20.04 49.70
C ALA P 130 65.79 -19.18 50.60
N LYS P 131 66.04 -17.94 50.16
CA LYS P 131 66.80 -16.99 50.93
C LYS P 131 65.92 -16.45 52.06
N GLU P 132 66.45 -16.45 53.29
CA GLU P 132 65.76 -15.80 54.39
C GLU P 132 65.98 -14.31 54.32
N LEU P 133 64.96 -13.61 53.84
CA LEU P 133 65.06 -12.18 53.59
C LEU P 133 65.37 -11.33 54.83
N GLY P 134 65.02 -11.86 56.02
CA GLY P 134 65.31 -11.22 57.32
C GLY P 134 64.17 -10.45 58.00
N ASN P 135 62.99 -10.50 57.37
CA ASN P 135 61.84 -9.68 57.73
C ASN P 135 60.55 -10.50 57.58
N GLY P 136 60.57 -11.71 58.12
CA GLY P 136 59.43 -12.61 58.06
C GLY P 136 59.21 -13.21 56.68
N CYS P 137 60.02 -12.78 55.72
CA CYS P 137 59.85 -13.18 54.32
C CYS P 137 60.92 -14.10 53.76
N PHE P 138 60.50 -14.88 52.76
CA PHE P 138 61.38 -15.77 52.04
C PHE P 138 61.29 -15.39 50.57
N GLU P 139 62.40 -15.57 49.86
CA GLU P 139 62.43 -15.48 48.40
C GLU P 139 62.86 -16.83 47.83
N PHE P 140 62.22 -17.24 46.74
CA PHE P 140 62.48 -18.55 46.14
C PHE P 140 63.66 -18.58 45.17
N TYR P 141 64.63 -19.47 45.44
CA TYR P 141 65.72 -19.76 44.50
C TYR P 141 65.19 -20.54 43.29
N HIS P 142 63.86 -20.51 43.11
CA HIS P 142 63.20 -21.11 41.95
C HIS P 142 61.75 -20.63 41.88
N LYS P 143 60.98 -21.24 40.95
CA LYS P 143 59.63 -20.77 40.64
C LYS P 143 58.60 -21.24 41.66
N CYS P 144 57.42 -20.62 41.59
CA CYS P 144 56.27 -20.99 42.43
C CYS P 144 55.02 -20.24 41.98
N ASP P 145 54.07 -20.98 41.40
CA ASP P 145 52.76 -20.45 41.02
C ASP P 145 51.78 -20.44 42.21
N ASN P 146 50.49 -20.47 41.91
CA ASN P 146 49.45 -20.39 42.93
C ASN P 146 49.16 -21.74 43.61
N GLU P 147 48.82 -22.77 42.82
CA GLU P 147 48.69 -24.14 43.34
C GLU P 147 49.97 -24.60 44.07
N CYS P 148 51.10 -23.99 43.69
CA CYS P 148 52.40 -24.25 44.31
C CYS P 148 52.40 -23.92 45.80
N MET P 149 51.76 -22.81 46.14
CA MET P 149 51.73 -22.32 47.50
C MET P 149 50.66 -23.02 48.36
N GLU P 150 50.08 -24.10 47.82
CA GLU P 150 49.25 -25.02 48.59
C GLU P 150 50.14 -25.76 49.58
N SER P 151 50.76 -26.84 49.06
CA SER P 151 51.86 -27.55 49.70
C SER P 151 52.51 -26.78 50.86
N VAL P 152 52.89 -25.54 50.56
CA VAL P 152 53.53 -24.59 51.49
C VAL P 152 52.83 -24.58 52.83
N ARG P 153 51.70 -23.88 52.87
CA ARG P 153 50.72 -24.05 53.93
C ARG P 153 50.33 -25.54 53.95
N ASN P 154 49.27 -25.92 53.25
CA ASN P 154 48.80 -27.32 53.19
C ASN P 154 49.52 -28.27 54.15
N GLY P 155 50.77 -28.60 53.84
CA GLY P 155 51.54 -29.55 54.61
C GLY P 155 52.63 -30.12 53.75
N THR P 156 52.29 -31.15 52.95
CA THR P 156 53.27 -31.77 52.06
C THR P 156 53.72 -30.77 50.99
N TYR P 157 54.51 -29.78 51.41
CA TYR P 157 55.40 -29.10 50.48
C TYR P 157 56.61 -29.99 50.34
N ASP P 158 56.86 -30.45 49.11
CA ASP P 158 57.87 -31.47 48.89
C ASP P 158 59.27 -30.86 48.70
N TYR P 159 59.95 -30.57 49.83
CA TYR P 159 61.36 -30.15 49.81
C TYR P 159 62.18 -30.99 48.81
N PRO P 160 62.13 -32.33 48.94
CA PRO P 160 62.65 -33.18 47.88
C PRO P 160 62.61 -32.56 46.48
N GLN P 161 61.42 -32.18 46.02
CA GLN P 161 61.18 -32.00 44.57
C GLN P 161 61.78 -30.78 43.84
N TYR P 162 62.25 -29.78 44.58
CA TYR P 162 62.73 -28.56 43.93
C TYR P 162 64.18 -28.21 44.30
N SER P 163 64.78 -29.02 45.17
CA SER P 163 66.05 -28.71 45.83
C SER P 163 67.19 -28.32 44.90
N GLU P 164 67.42 -29.12 43.85
CA GLU P 164 68.61 -28.94 43.02
C GLU P 164 68.48 -27.84 41.96
N GLU P 165 67.26 -27.56 41.54
CA GLU P 165 66.96 -26.41 40.70
C GLU P 165 67.48 -25.21 41.44
N ALA P 166 66.93 -25.01 42.64
CA ALA P 166 67.35 -23.98 43.57
C ALA P 166 68.82 -24.07 43.98
N ARG P 167 69.43 -25.26 43.84
CA ARG P 167 70.85 -25.48 44.19
C ARG P 167 71.76 -24.70 43.26
N LEU P 168 71.76 -25.09 41.99
CA LEU P 168 72.62 -24.43 41.02
C LEU P 168 72.18 -22.97 40.85
N LYS P 169 71.03 -22.63 41.44
CA LYS P 169 70.53 -21.25 41.50
C LYS P 169 71.14 -20.45 42.66
N ARG P 170 71.59 -21.15 43.69
CA ARG P 170 72.38 -20.58 44.77
C ARG P 170 73.87 -20.57 44.35
N GLU P 171 74.21 -21.44 43.40
CA GLU P 171 75.48 -21.42 42.68
C GLU P 171 75.27 -20.65 41.38
N GLU P 172 74.47 -19.59 41.46
CA GLU P 172 74.19 -18.74 40.31
C GLU P 172 74.63 -17.31 40.62
N ILE P 173 74.82 -17.01 41.91
CA ILE P 173 75.37 -15.73 42.34
C ILE P 173 76.87 -15.74 42.05
N SER P 174 77.57 -16.59 42.82
CA SER P 174 79.03 -16.70 42.87
C SER P 174 79.65 -17.51 41.71
N SER P 175 80.91 -17.92 41.87
CA SER P 175 81.58 -18.84 40.95
C SER P 175 82.08 -18.23 39.65
N GLY Q 4 -16.04 46.52 37.97
CA GLY Q 4 -15.26 47.11 36.85
C GLY Q 4 -14.60 46.06 35.98
N ASP Q 5 -14.80 46.19 34.67
CA ASP Q 5 -14.21 45.27 33.67
C ASP Q 5 -13.09 45.95 32.89
N GLN Q 6 -12.41 45.20 32.03
CA GLN Q 6 -11.24 45.71 31.30
C GLN Q 6 -11.11 45.25 29.85
N ILE Q 7 -11.16 46.22 28.96
CA ILE Q 7 -10.89 46.01 27.53
C ILE Q 7 -9.50 46.57 27.24
N CYS Q 8 -8.70 45.78 26.53
CA CYS Q 8 -7.27 46.06 26.38
C CYS Q 8 -6.80 46.12 24.95
N ILE Q 9 -5.48 46.14 24.77
CA ILE Q 9 -4.87 46.17 23.45
C ILE Q 9 -3.61 45.29 23.42
N GLY Q 10 -3.55 44.35 22.48
CA GLY Q 10 -2.43 43.43 22.35
C GLY Q 10 -2.10 43.03 20.92
N TYR Q 11 -0.79 42.94 20.65
CA TYR Q 11 -0.29 42.56 19.33
C TYR Q 11 0.24 41.13 19.36
N HIS Q 12 -0.04 40.38 18.29
CA HIS Q 12 0.42 38.99 18.14
C HIS Q 12 1.89 38.89 18.51
N ALA Q 13 2.19 38.06 19.52
CA ALA Q 13 3.57 37.92 19.98
C ALA Q 13 4.09 36.48 19.95
N ASN Q 14 3.97 35.81 18.80
CA ASN Q 14 4.56 34.48 18.66
C ASN Q 14 6.08 34.57 18.73
N ASN Q 15 6.65 33.87 19.71
CA ASN Q 15 8.10 33.81 19.92
C ASN Q 15 8.83 33.11 18.76
N SER Q 16 9.75 33.85 18.15
CA SER Q 16 10.42 33.49 16.91
C SER Q 16 11.53 34.52 16.72
N THR Q 17 12.51 34.51 17.63
CA THR Q 17 13.46 35.62 17.83
C THR Q 17 14.44 35.87 16.66
N GLU Q 18 14.17 35.25 15.51
CA GLU Q 18 14.84 35.51 14.22
C GLU Q 18 14.82 37.02 13.85
N GLN Q 19 15.92 37.50 13.26
CA GLN Q 19 16.18 38.96 13.11
C GLN Q 19 15.71 39.64 11.79
N VAL Q 20 15.90 40.97 11.70
CA VAL Q 20 15.59 41.79 10.50
C VAL Q 20 16.50 43.04 10.48
N ASP Q 21 16.18 44.02 9.61
CA ASP Q 21 16.99 45.23 9.47
C ASP Q 21 16.20 46.49 9.05
N THR Q 22 16.61 47.64 9.58
CA THR Q 22 15.92 48.92 9.33
C THR Q 22 16.87 50.10 9.47
N ILE Q 23 16.48 51.23 8.88
CA ILE Q 23 17.29 52.46 8.83
C ILE Q 23 18.05 52.79 10.13
N MET Q 24 17.39 52.69 11.27
CA MET Q 24 17.97 53.13 12.54
C MET Q 24 18.68 52.07 13.32
N GLU Q 25 18.12 50.88 13.31
CA GLU Q 25 18.64 49.82 14.15
C GLU Q 25 18.85 48.59 13.30
N LYS Q 26 20.03 47.99 13.48
CA LYS Q 26 20.36 46.73 12.83
C LYS Q 26 20.12 45.56 13.80
N ASN Q 27 19.81 44.38 13.25
CA ASN Q 27 19.44 43.16 14.01
C ASN Q 27 18.14 43.25 14.83
N VAL Q 28 17.09 43.83 14.22
CA VAL Q 28 15.79 44.10 14.91
C VAL Q 28 14.87 42.87 14.98
N THR Q 29 14.73 42.29 16.17
CA THR Q 29 13.84 41.14 16.38
C THR Q 29 12.37 41.55 16.15
N VAL Q 30 11.63 40.72 15.39
CA VAL Q 30 10.29 41.07 14.84
C VAL Q 30 9.34 39.85 14.73
N THR Q 31 8.02 40.10 14.77
CA THR Q 31 6.98 39.06 14.63
C THR Q 31 7.25 38.10 13.47
N HIS Q 32 7.29 38.66 12.26
CA HIS Q 32 7.52 37.90 11.02
C HIS Q 32 8.47 38.63 10.06
N ALA Q 33 8.78 37.94 8.96
CA ALA Q 33 9.69 38.44 7.94
C ALA Q 33 9.39 37.74 6.62
N GLN Q 34 10.36 37.76 5.70
CA GLN Q 34 10.30 36.94 4.49
C GLN Q 34 11.52 37.12 3.57
N ASP Q 35 11.92 36.03 2.91
CA ASP Q 35 13.03 36.08 1.97
C ASP Q 35 12.58 36.69 0.64
N ILE Q 36 13.20 37.82 0.31
CA ILE Q 36 13.17 38.38 -1.02
C ILE Q 36 14.23 37.63 -1.84
N LEU Q 37 15.36 37.37 -1.17
CA LEU Q 37 16.61 36.91 -1.79
C LEU Q 37 16.78 35.40 -1.78
N GLU Q 38 16.95 34.82 -2.97
CA GLU Q 38 17.30 33.41 -3.07
C GLU Q 38 18.79 33.23 -3.01
N LYS Q 39 19.16 31.98 -2.81
CA LYS Q 39 20.48 31.62 -2.37
C LYS Q 39 20.63 30.13 -2.66
N LYS Q 40 19.50 29.51 -3.02
CA LYS Q 40 19.41 28.04 -3.25
C LYS Q 40 19.16 27.61 -4.71
N HIS Q 41 20.27 27.28 -5.39
CA HIS Q 41 20.23 26.71 -6.72
C HIS Q 41 20.46 25.20 -6.66
N ASN Q 42 20.38 24.54 -7.81
CA ASN Q 42 20.31 23.07 -7.87
C ASN Q 42 21.58 22.39 -8.41
N GLY Q 43 22.66 23.15 -8.50
CA GLY Q 43 23.99 22.59 -8.76
C GLY Q 43 24.32 22.15 -10.18
N LYS Q 44 23.36 21.53 -10.85
CA LYS Q 44 23.63 20.90 -12.14
C LYS Q 44 23.25 21.77 -13.34
N LEU Q 45 23.71 21.35 -14.52
CA LEU Q 45 23.57 22.08 -15.79
C LEU Q 45 22.67 21.25 -16.71
N CYS Q 46 21.51 21.78 -17.05
CA CYS Q 46 20.40 20.95 -17.52
C CYS Q 46 20.07 21.03 -18.99
N ASP Q 47 19.24 20.07 -19.43
CA ASP Q 47 18.39 20.24 -20.60
C ASP Q 47 17.36 21.31 -20.19
N LEU Q 48 17.77 22.58 -20.29
CA LEU Q 48 17.08 23.70 -19.63
C LEU Q 48 15.79 24.15 -20.31
N ASP Q 49 15.94 24.85 -21.43
CA ASP Q 49 14.84 25.47 -22.18
C ASP Q 49 13.60 24.57 -22.28
N GLY Q 50 13.85 23.27 -22.32
CA GLY Q 50 12.96 22.24 -22.84
C GLY Q 50 13.79 21.51 -23.89
N VAL Q 51 15.08 21.86 -23.90
CA VAL Q 51 16.05 21.54 -24.97
C VAL Q 51 17.40 21.07 -24.39
N LYS Q 52 18.01 20.07 -25.03
CA LYS Q 52 19.33 19.54 -24.68
C LYS Q 52 20.43 20.47 -25.22
N PRO Q 53 21.28 21.04 -24.33
CA PRO Q 53 22.22 22.13 -24.68
C PRO Q 53 23.62 21.70 -25.18
N LEU Q 54 24.35 22.67 -25.74
CA LEU Q 54 25.65 22.41 -26.39
C LEU Q 54 26.86 22.60 -25.47
N ILE Q 55 27.24 21.50 -24.82
CA ILE Q 55 28.31 21.48 -23.84
C ILE Q 55 29.57 20.78 -24.38
N LEU Q 56 30.28 21.46 -25.27
CA LEU Q 56 31.48 20.92 -25.91
C LEU Q 56 32.74 21.29 -25.13
N ARG Q 57 33.22 20.35 -24.32
CA ARG Q 57 34.17 20.63 -23.23
C ARG Q 57 35.62 20.95 -23.61
N ASP Q 58 36.20 20.18 -24.53
CA ASP Q 58 37.62 20.31 -24.83
C ASP Q 58 37.87 20.96 -26.18
N CYS Q 59 36.88 20.86 -27.07
CA CYS Q 59 36.81 21.69 -28.29
C CYS Q 59 36.37 23.12 -27.91
N SER Q 60 36.75 24.10 -28.74
CA SER Q 60 36.26 25.47 -28.61
C SER Q 60 35.22 25.69 -29.71
N VAL Q 61 34.70 26.92 -29.85
CA VAL Q 61 33.82 27.22 -30.99
C VAL Q 61 34.60 27.04 -32.28
N ALA Q 62 35.88 27.43 -32.27
CA ALA Q 62 36.81 27.21 -33.38
C ALA Q 62 37.00 25.72 -33.69
N GLY Q 63 37.47 24.96 -32.70
CA GLY Q 63 37.60 23.51 -32.80
C GLY Q 63 36.30 22.92 -33.32
N TRP Q 64 35.18 23.29 -32.67
CA TRP Q 64 33.87 22.77 -33.02
C TRP Q 64 33.43 23.09 -34.44
N LEU Q 65 33.49 24.37 -34.83
CA LEU Q 65 32.96 24.82 -36.13
C LEU Q 65 33.79 24.40 -37.35
N LEU Q 66 35.10 24.31 -37.19
CA LEU Q 66 35.95 23.72 -38.21
C LEU Q 66 35.79 22.21 -38.18
N GLY Q 67 36.88 21.48 -37.92
CA GLY Q 67 36.81 20.02 -37.86
C GLY Q 67 37.92 19.41 -37.03
N ASN Q 68 38.13 19.94 -35.83
CA ASN Q 68 39.10 19.40 -34.91
C ASN Q 68 38.84 17.89 -34.76
N PRO Q 69 39.72 17.04 -35.33
CA PRO Q 69 39.47 15.60 -35.60
C PRO Q 69 39.17 14.75 -34.37
N MET Q 70 39.29 15.38 -33.20
CA MET Q 70 39.02 14.78 -31.90
C MET Q 70 37.69 15.32 -31.36
N CYS Q 71 36.64 15.24 -32.19
CA CYS Q 71 35.32 15.83 -31.90
C CYS Q 71 34.19 15.26 -32.78
N ASP Q 72 32.97 15.75 -32.58
CA ASP Q 72 31.82 15.34 -33.39
C ASP Q 72 30.76 16.44 -33.70
N GLU Q 73 30.13 16.28 -34.86
CA GLU Q 73 28.87 16.94 -35.18
C GLU Q 73 27.74 15.91 -35.03
N PHE Q 74 28.05 14.81 -34.34
CA PHE Q 74 27.10 13.75 -33.94
C PHE Q 74 26.23 14.24 -32.78
N ILE Q 75 26.69 15.33 -32.15
CA ILE Q 75 25.83 16.24 -31.37
C ILE Q 75 25.08 17.21 -32.34
N ASN Q 76 24.65 16.67 -33.49
CA ASN Q 76 23.78 17.34 -34.44
C ASN Q 76 22.40 17.57 -33.82
N VAL Q 77 22.39 17.71 -32.49
CA VAL Q 77 21.19 17.81 -31.66
C VAL Q 77 20.29 18.91 -32.23
N PRO Q 78 19.13 18.52 -32.83
CA PRO Q 78 18.25 19.40 -33.66
C PRO Q 78 17.84 20.75 -33.03
N GLU Q 79 18.63 21.21 -32.06
CA GLU Q 79 18.31 22.34 -31.21
C GLU Q 79 19.34 22.31 -30.07
N TRP Q 80 19.72 23.49 -29.57
CA TRP Q 80 20.46 23.58 -28.31
C TRP Q 80 19.87 24.65 -27.39
N SER Q 81 19.83 24.36 -26.10
CA SER Q 81 19.38 25.34 -25.12
C SER Q 81 20.41 26.45 -25.10
N TYR Q 82 21.67 26.08 -24.84
CA TYR Q 82 22.75 27.04 -24.76
C TYR Q 82 24.09 26.41 -25.11
N ILE Q 83 25.05 27.24 -25.52
CA ILE Q 83 26.41 26.77 -25.69
C ILE Q 83 27.16 26.93 -24.39
N VAL Q 84 28.08 26.00 -24.17
CA VAL Q 84 28.87 25.95 -22.96
C VAL Q 84 30.32 25.68 -23.34
N GLU Q 85 31.10 26.76 -23.47
CA GLU Q 85 32.54 26.68 -23.72
C GLU Q 85 33.26 26.75 -22.37
N LYS Q 86 33.99 25.70 -22.02
CA LYS Q 86 34.72 25.69 -20.75
C LYS Q 86 35.71 26.84 -20.76
N ALA Q 87 35.99 27.39 -19.58
CA ALA Q 87 36.84 28.57 -19.46
C ALA Q 87 38.11 28.35 -20.25
N ASN Q 88 38.07 28.72 -21.54
CA ASN Q 88 39.14 28.43 -22.51
C ASN Q 88 39.59 26.94 -22.59
N PRO Q 89 38.89 26.11 -23.39
CA PRO Q 89 39.15 24.66 -23.44
C PRO Q 89 40.56 24.32 -23.95
N VAL Q 90 41.00 23.07 -23.77
CA VAL Q 90 42.37 22.66 -24.18
C VAL Q 90 42.67 22.69 -25.71
N ASN Q 91 41.76 22.17 -26.53
CA ASN Q 91 42.02 22.05 -27.99
C ASN Q 91 41.22 22.95 -28.92
N ASP Q 92 41.60 24.23 -28.92
CA ASP Q 92 41.25 25.16 -30.00
C ASP Q 92 42.36 25.03 -31.06
N LEU Q 93 41.96 24.85 -32.32
CA LEU Q 93 42.87 24.88 -33.49
C LEU Q 93 44.10 23.97 -33.42
N CYS Q 94 43.99 22.77 -34.02
CA CYS Q 94 45.11 21.79 -34.01
C CYS Q 94 46.38 22.29 -34.75
N TYR Q 95 46.18 23.11 -35.76
CA TYR Q 95 47.30 23.83 -36.36
C TYR Q 95 47.27 25.27 -35.86
N PRO Q 96 48.41 25.77 -35.33
CA PRO Q 96 48.53 27.15 -34.83
C PRO Q 96 48.08 28.22 -35.82
N GLY Q 97 47.71 29.37 -35.30
CA GLY Q 97 47.27 30.47 -36.14
C GLY Q 97 45.99 31.13 -35.68
N ASP Q 98 45.88 32.42 -35.98
CA ASP Q 98 44.73 33.24 -35.62
C ASP Q 98 43.50 32.89 -36.47
N PHE Q 99 42.35 33.39 -36.02
CA PHE Q 99 41.04 33.18 -36.65
C PHE Q 99 40.39 34.56 -36.73
N ASN Q 100 40.28 35.10 -37.95
CA ASN Q 100 39.71 36.45 -38.15
C ASN Q 100 38.27 36.53 -37.65
N ASP Q 101 38.01 37.50 -36.77
CA ASP Q 101 36.66 37.77 -36.23
C ASP Q 101 36.02 36.64 -35.42
N TYR Q 102 36.81 35.98 -34.58
CA TYR Q 102 36.28 34.93 -33.71
C TYR Q 102 35.13 35.50 -32.86
N GLU Q 103 35.39 36.56 -32.11
CA GLU Q 103 34.41 37.07 -31.16
C GLU Q 103 33.24 37.76 -31.83
N GLU Q 104 33.49 38.38 -32.96
CA GLU Q 104 32.40 39.04 -33.68
C GLU Q 104 31.52 37.95 -34.33
N LEU Q 105 32.07 36.75 -34.50
CA LEU Q 105 31.31 35.57 -34.96
C LEU Q 105 30.67 34.89 -33.77
N LYS Q 106 31.46 34.57 -32.77
CA LYS Q 106 30.97 34.01 -31.52
C LYS Q 106 29.72 34.74 -31.04
N HIS Q 107 29.71 36.07 -31.19
CA HIS Q 107 28.55 36.90 -30.86
C HIS Q 107 27.36 36.51 -31.73
N LEU Q 108 27.56 36.52 -33.04
CA LEU Q 108 26.52 36.19 -33.99
C LEU Q 108 25.90 34.83 -33.70
N LEU Q 109 26.63 34.00 -32.96
CA LEU Q 109 26.25 32.60 -32.73
C LEU Q 109 25.24 32.37 -31.61
N SER Q 110 25.04 33.36 -30.75
CA SER Q 110 24.09 33.25 -29.64
C SER Q 110 22.68 33.66 -30.06
N ARG Q 111 22.54 34.07 -31.32
CA ARG Q 111 21.26 34.48 -31.91
C ARG Q 111 20.72 33.35 -32.81
N ILE Q 112 21.46 32.22 -32.84
CA ILE Q 112 21.10 31.02 -33.61
C ILE Q 112 21.12 29.74 -32.75
N ASN Q 113 20.29 28.77 -33.13
CA ASN Q 113 20.01 27.61 -32.28
C ASN Q 113 20.38 26.21 -32.82
N HIS Q 114 20.63 26.10 -34.12
CA HIS Q 114 21.18 24.88 -34.75
C HIS Q 114 21.27 25.00 -36.27
N PHE Q 115 22.43 24.67 -36.82
CA PHE Q 115 22.60 24.55 -38.26
C PHE Q 115 22.35 23.09 -38.65
N GLU Q 116 21.99 22.86 -39.92
CA GLU Q 116 22.15 21.53 -40.52
C GLU Q 116 23.31 21.63 -41.53
N LYS Q 117 24.27 20.70 -41.40
CA LYS Q 117 25.49 20.75 -42.19
C LYS Q 117 25.24 20.35 -43.64
N ILE Q 118 25.71 21.20 -44.56
CA ILE Q 118 25.46 21.01 -45.99
C ILE Q 118 26.77 20.85 -46.76
N GLN Q 119 26.83 19.82 -47.62
CA GLN Q 119 27.95 19.61 -48.51
C GLN Q 119 27.97 20.74 -49.55
N ILE Q 120 28.85 21.70 -49.33
CA ILE Q 120 28.93 22.89 -50.17
C ILE Q 120 29.67 22.63 -51.49
N ILE Q 121 30.92 22.21 -51.42
CA ILE Q 121 31.60 21.66 -52.58
C ILE Q 121 32.32 20.39 -52.19
N PRO Q 122 31.93 19.25 -52.79
CA PRO Q 122 32.46 17.94 -52.44
C PRO Q 122 34.02 17.88 -52.41
N LYS Q 123 34.45 16.92 -51.50
CA LYS Q 123 35.88 16.63 -51.30
C LYS Q 123 36.46 16.13 -52.62
N SER Q 124 35.94 14.99 -53.07
CA SER Q 124 36.43 14.29 -54.27
C SER Q 124 36.45 15.11 -55.57
N SER Q 125 35.40 15.91 -55.80
CA SER Q 125 35.29 16.69 -57.04
C SER Q 125 36.29 17.87 -57.12
N TRP Q 126 37.59 17.46 -57.12
CA TRP Q 126 38.74 18.37 -57.25
C TRP Q 126 39.69 17.81 -58.29
N SER Q 127 39.20 17.67 -59.53
CA SER Q 127 39.83 16.78 -60.53
C SER Q 127 41.28 17.10 -60.95
N SER Q 128 41.69 18.36 -60.82
CA SER Q 128 43.07 18.76 -61.17
C SER Q 128 43.89 19.01 -59.91
N HIS Q 129 43.51 18.37 -58.82
CA HIS Q 129 44.12 18.61 -57.51
C HIS Q 129 44.09 17.35 -56.63
N GLU Q 130 44.99 17.32 -55.65
CA GLU Q 130 44.99 16.30 -54.58
C GLU Q 130 44.79 16.97 -53.19
N ALA Q 131 43.81 16.46 -52.44
CA ALA Q 131 43.39 17.07 -51.16
C ALA Q 131 43.09 16.04 -50.07
N SER Q 132 44.10 15.27 -49.72
CA SER Q 132 44.03 14.29 -48.62
C SER Q 132 45.41 14.00 -48.00
N LEU Q 133 46.45 14.58 -48.60
CA LEU Q 133 47.73 14.81 -47.89
C LEU Q 133 47.74 16.25 -47.36
N GLY Q 134 46.57 16.89 -47.41
CA GLY Q 134 46.34 18.15 -46.70
C GLY Q 134 46.15 17.87 -45.22
N VAL Q 135 47.19 17.27 -44.62
CA VAL Q 135 47.11 16.66 -43.30
C VAL Q 135 48.35 16.97 -42.43
N SER Q 136 48.19 16.92 -41.11
CA SER Q 136 49.31 17.15 -40.17
C SER Q 136 49.15 16.45 -38.81
N SER Q 137 50.28 16.00 -38.25
CA SER Q 137 50.33 15.28 -36.96
C SER Q 137 50.19 16.24 -35.78
N ALA Q 138 50.03 17.52 -36.07
CA ALA Q 138 49.48 18.44 -35.10
C ALA Q 138 47.98 18.14 -34.92
N CYS Q 139 47.40 17.34 -35.83
CA CYS Q 139 46.06 16.80 -35.64
C CYS Q 139 46.11 15.26 -35.57
N PRO Q 140 46.15 14.69 -34.34
CA PRO Q 140 46.12 13.25 -34.20
C PRO Q 140 44.70 12.67 -33.98
N TYR Q 141 44.15 12.03 -35.01
CA TYR Q 141 43.00 11.15 -34.83
C TYR Q 141 43.52 9.76 -34.40
N GLN Q 142 42.78 8.68 -34.67
CA GLN Q 142 43.11 7.35 -34.13
C GLN Q 142 44.49 6.82 -34.55
N GLY Q 143 45.51 7.26 -33.82
CA GLY Q 143 46.89 6.98 -34.20
C GLY Q 143 47.29 7.79 -35.42
N LYS Q 144 46.40 7.77 -36.43
CA LYS Q 144 46.56 8.52 -37.67
C LYS Q 144 46.93 10.00 -37.45
N SER Q 145 47.47 10.64 -38.49
CA SER Q 145 47.67 12.09 -38.51
C SER Q 145 46.74 12.74 -39.54
N SER Q 146 46.01 13.77 -39.11
CA SER Q 146 44.88 14.32 -39.87
C SER Q 146 44.98 15.83 -40.07
N PHE Q 147 43.83 16.49 -39.99
CA PHE Q 147 43.69 17.94 -40.12
C PHE Q 147 42.31 18.29 -39.54
N PHE Q 148 41.89 19.54 -39.65
CA PHE Q 148 40.49 19.88 -39.45
C PHE Q 148 39.72 19.19 -40.60
N ARG Q 149 39.17 18.00 -40.33
CA ARG Q 149 38.51 17.17 -41.36
C ARG Q 149 37.06 17.63 -41.62
N ASN Q 150 36.91 18.92 -41.92
CA ASN Q 150 35.63 19.56 -42.17
C ASN Q 150 35.80 20.73 -43.16
N VAL Q 151 37.04 21.23 -43.20
CA VAL Q 151 37.54 22.09 -44.26
C VAL Q 151 38.52 21.25 -45.11
N VAL Q 152 38.97 21.78 -46.24
CA VAL Q 152 39.86 21.02 -47.14
C VAL Q 152 41.19 21.73 -47.31
N TRP Q 153 42.28 21.05 -46.99
CA TRP Q 153 43.60 21.57 -47.25
C TRP Q 153 44.00 21.14 -48.66
N LEU Q 154 44.78 21.98 -49.35
CA LEU Q 154 45.14 21.77 -50.77
C LEU Q 154 46.65 21.87 -51.10
N ILE Q 155 47.24 20.76 -51.57
CA ILE Q 155 48.67 20.66 -51.97
C ILE Q 155 48.87 20.14 -53.41
N LYS Q 156 50.01 20.49 -54.02
CA LYS Q 156 50.28 20.21 -55.45
C LYS Q 156 50.32 18.73 -55.89
N LYS Q 157 49.61 18.45 -57.00
CA LYS Q 157 49.55 17.13 -57.63
C LYS Q 157 50.42 17.17 -58.91
N ASN Q 158 50.88 15.99 -59.37
CA ASN Q 158 51.87 15.88 -60.45
C ASN Q 158 53.07 16.83 -60.23
N SER Q 159 52.93 18.10 -60.63
CA SER Q 159 53.87 19.18 -60.25
C SER Q 159 53.25 20.59 -60.31
N THR Q 160 52.80 21.01 -61.50
CA THR Q 160 52.26 22.37 -61.74
C THR Q 160 51.00 22.64 -60.92
N TYR Q 161 50.70 23.93 -60.73
CA TYR Q 161 49.56 24.36 -59.91
C TYR Q 161 48.91 25.64 -60.48
N PRO Q 162 48.23 25.54 -61.64
CA PRO Q 162 47.45 26.69 -62.14
C PRO Q 162 46.34 27.15 -61.18
N THR Q 163 45.90 28.38 -61.38
CA THR Q 163 45.01 29.09 -60.45
C THR Q 163 43.57 28.53 -60.41
N ILE Q 164 43.04 28.34 -59.20
CA ILE Q 164 41.70 27.77 -58.95
C ILE Q 164 40.60 28.81 -59.14
N LYS Q 165 39.41 28.37 -59.57
CA LYS Q 165 38.36 29.28 -60.08
C LYS Q 165 36.89 29.01 -59.65
N ARG Q 166 36.65 28.02 -58.79
CA ARG Q 166 35.26 27.57 -58.47
C ARG Q 166 34.41 28.55 -57.61
N SER Q 167 33.08 28.43 -57.76
CA SER Q 167 32.12 29.23 -56.97
C SER Q 167 30.90 28.44 -56.45
N TYR Q 168 30.01 29.12 -55.70
CA TYR Q 168 28.83 28.48 -55.06
C TYR Q 168 27.53 29.31 -54.99
N ASN Q 169 26.62 29.07 -55.94
CA ASN Q 169 25.34 29.81 -56.05
C ASN Q 169 24.24 29.28 -55.10
N ASN Q 170 24.54 29.30 -53.79
CA ASN Q 170 23.61 28.91 -52.72
C ASN Q 170 22.14 29.30 -52.94
N THR Q 171 21.23 28.34 -52.72
CA THR Q 171 19.77 28.57 -52.86
C THR Q 171 18.90 27.79 -51.85
N ASN Q 172 18.76 28.32 -50.63
CA ASN Q 172 17.91 27.74 -49.59
C ASN Q 172 16.80 28.71 -49.19
N GLN Q 173 16.14 28.45 -48.05
CA GLN Q 173 15.46 29.52 -47.33
C GLN Q 173 16.48 30.17 -46.40
N GLU Q 174 17.24 29.34 -45.69
CA GLU Q 174 18.25 29.80 -44.73
C GLU Q 174 19.47 30.40 -45.39
N ASP Q 175 19.99 31.47 -44.79
CA ASP Q 175 21.32 32.01 -45.12
C ASP Q 175 22.36 30.96 -44.74
N LEU Q 176 23.62 31.21 -45.10
CA LEU Q 176 24.66 30.25 -44.74
C LEU Q 176 26.00 30.83 -44.28
N LEU Q 177 26.51 30.25 -43.20
CA LEU Q 177 27.83 30.55 -42.70
C LEU Q 177 28.84 29.72 -43.50
N VAL Q 178 29.62 30.40 -44.32
CA VAL Q 178 30.72 29.79 -45.09
C VAL Q 178 31.99 29.88 -44.24
N LEU Q 179 32.98 29.03 -44.52
CA LEU Q 179 34.28 29.10 -43.85
C LEU Q 179 35.42 28.66 -44.76
N TRP Q 180 36.46 29.49 -44.87
CA TRP Q 180 37.70 29.17 -45.59
C TRP Q 180 38.92 29.69 -44.82
N GLY Q 181 40.09 29.17 -45.18
CA GLY Q 181 41.33 29.62 -44.55
C GLY Q 181 42.52 29.79 -45.49
N ILE Q 182 43.65 30.18 -44.91
CA ILE Q 182 44.93 30.31 -45.63
C ILE Q 182 46.08 29.69 -44.82
N HIS Q 183 47.12 29.28 -45.53
CA HIS Q 183 48.29 28.73 -44.90
C HIS Q 183 49.47 29.69 -45.03
N HIS Q 184 50.24 29.80 -43.96
CA HIS Q 184 51.40 30.68 -43.92
C HIS Q 184 52.70 29.89 -43.73
N PRO Q 185 53.58 29.91 -44.74
CA PRO Q 185 54.81 29.12 -44.85
C PRO Q 185 56.02 29.70 -44.11
N ASN Q 186 56.51 28.93 -43.15
CA ASN Q 186 57.64 29.32 -42.28
C ASN Q 186 58.91 29.68 -43.04
N ASP Q 187 59.53 28.70 -43.69
CA ASP Q 187 60.67 29.01 -44.54
C ASP Q 187 60.24 29.28 -45.98
N ALA Q 188 60.96 30.19 -46.63
CA ALA Q 188 60.72 30.58 -48.01
C ALA Q 188 60.95 29.42 -48.98
N ALA Q 189 61.84 28.49 -48.62
CA ALA Q 189 62.12 27.29 -49.42
C ALA Q 189 60.93 26.34 -49.44
N GLU Q 190 60.16 26.32 -48.36
CA GLU Q 190 58.95 25.50 -48.26
C GLU Q 190 57.78 26.03 -49.11
N GLN Q 191 57.84 27.31 -49.48
CA GLN Q 191 56.91 27.90 -50.45
C GLN Q 191 56.81 27.04 -51.71
N THR Q 192 57.92 26.38 -52.07
CA THR Q 192 57.96 25.41 -53.15
C THR Q 192 57.63 24.00 -52.65
N LYS Q 193 58.08 23.68 -51.44
CA LYS Q 193 57.93 22.33 -50.89
C LYS Q 193 56.47 21.88 -50.81
N LEU Q 194 55.54 22.83 -50.95
CA LEU Q 194 54.11 22.51 -50.92
C LEU Q 194 53.29 22.98 -52.14
N TYR Q 195 53.65 24.11 -52.73
CA TYR Q 195 52.88 24.67 -53.86
C TYR Q 195 53.83 25.28 -54.90
N GLN Q 196 53.92 24.68 -56.10
CA GLN Q 196 54.93 25.10 -57.12
C GLN Q 196 55.06 26.62 -57.36
N ASN Q 197 53.99 27.28 -57.82
CA ASN Q 197 53.99 28.74 -58.05
C ASN Q 197 54.00 29.49 -56.70
N PRO Q 198 55.15 30.12 -56.34
CA PRO Q 198 55.29 30.63 -54.96
C PRO Q 198 54.80 32.07 -54.70
N THR Q 199 54.20 32.72 -55.69
CA THR Q 199 53.60 34.06 -55.51
C THR Q 199 52.09 33.90 -55.38
N THR Q 200 51.63 33.64 -54.16
CA THR Q 200 50.23 33.27 -53.93
C THR Q 200 49.30 34.43 -53.61
N TYR Q 201 48.10 34.37 -54.20
CA TYR Q 201 47.00 35.24 -53.81
C TYR Q 201 45.74 34.38 -53.61
N ILE Q 202 44.83 34.88 -52.78
CA ILE Q 202 43.54 34.25 -52.55
C ILE Q 202 42.45 35.32 -52.67
N SER Q 203 41.37 35.01 -53.38
CA SER Q 203 40.32 35.99 -53.63
C SER Q 203 38.95 35.40 -53.37
N VAL Q 204 38.20 36.05 -52.48
CA VAL Q 204 36.84 35.62 -52.15
C VAL Q 204 35.87 36.75 -52.52
N GLY Q 205 34.90 36.43 -53.38
CA GLY Q 205 33.87 37.39 -53.81
C GLY Q 205 32.47 37.05 -53.31
N THR Q 206 31.79 38.04 -52.76
CA THR Q 206 30.42 37.91 -52.25
C THR Q 206 29.69 39.18 -52.71
N SER Q 207 28.95 39.83 -51.81
CA SER Q 207 28.47 41.20 -52.00
C SER Q 207 29.11 42.01 -50.88
N THR Q 208 28.91 41.52 -49.64
CA THR Q 208 29.70 41.91 -48.48
C THR Q 208 31.17 41.97 -48.90
N LEU Q 209 31.69 40.83 -49.35
CA LEU Q 209 33.13 40.66 -49.40
C LEU Q 209 33.78 40.65 -50.78
N ASN Q 210 34.62 41.65 -50.97
CA ASN Q 210 35.72 41.61 -51.92
C ASN Q 210 36.98 41.63 -51.06
N GLN Q 211 37.73 40.53 -51.08
CA GLN Q 211 38.95 40.42 -50.29
C GLN Q 211 40.10 39.70 -50.99
N ARG Q 212 41.33 40.07 -50.62
CA ARG Q 212 42.53 39.35 -51.05
C ARG Q 212 43.29 38.82 -49.83
N LEU Q 213 44.08 37.78 -50.04
CA LEU Q 213 44.84 37.17 -48.96
C LEU Q 213 46.21 36.72 -49.47
N VAL Q 214 47.26 37.24 -48.83
CA VAL Q 214 48.63 36.92 -49.20
C VAL Q 214 49.36 36.32 -47.99
N PRO Q 215 49.90 35.10 -48.14
CA PRO Q 215 50.63 34.34 -47.10
C PRO Q 215 51.97 34.98 -46.71
N ARG Q 216 52.25 35.04 -45.40
CA ARG Q 216 53.46 35.68 -44.88
C ARG Q 216 54.62 34.72 -44.63
N ILE Q 217 55.82 35.15 -45.04
CA ILE Q 217 57.07 34.44 -44.75
C ILE Q 217 57.74 35.11 -43.54
N ALA Q 218 57.95 34.30 -42.50
CA ALA Q 218 58.60 34.72 -41.25
C ALA Q 218 58.79 33.49 -40.36
N THR Q 219 60.00 33.30 -39.85
CA THR Q 219 60.25 32.22 -38.88
C THR Q 219 59.50 32.54 -37.59
N ARG Q 220 58.91 31.51 -36.99
CA ARG Q 220 58.13 31.65 -35.76
C ARG Q 220 58.49 30.52 -34.79
N SER Q 221 58.80 30.87 -33.53
CA SER Q 221 59.12 29.86 -32.53
C SER Q 221 57.95 28.92 -32.43
N LYS Q 222 58.20 27.67 -32.76
CA LYS Q 222 57.15 26.69 -33.06
C LYS Q 222 56.29 26.34 -31.84
N VAL Q 223 54.99 26.13 -32.06
CA VAL Q 223 54.08 25.70 -31.01
C VAL Q 223 53.05 24.75 -31.58
N ASN Q 224 52.53 23.87 -30.72
CA ASN Q 224 51.65 22.78 -31.14
C ASN Q 224 52.35 21.89 -32.16
N GLY Q 225 53.57 22.27 -32.53
CA GLY Q 225 54.30 21.64 -33.62
C GLY Q 225 53.99 22.31 -34.96
N GLN Q 226 54.97 23.07 -35.45
CA GLN Q 226 54.93 23.77 -36.74
C GLN Q 226 55.16 25.26 -36.57
N SER Q 227 56.28 25.73 -37.10
CA SER Q 227 56.60 27.15 -37.17
C SER Q 227 55.53 27.88 -38.00
N GLY Q 228 54.96 27.17 -38.96
CA GLY Q 228 53.89 27.69 -39.80
C GLY Q 228 52.64 28.07 -39.01
N ARG Q 229 51.81 28.92 -39.60
CA ARG Q 229 50.52 29.29 -39.00
C ARG Q 229 49.37 29.02 -39.98
N MET Q 230 48.15 29.07 -39.46
CA MET Q 230 46.94 28.83 -40.25
C MET Q 230 45.90 29.85 -39.83
N GLU Q 231 45.49 30.69 -40.77
CA GLU Q 231 44.49 31.72 -40.48
C GLU Q 231 43.18 31.37 -41.17
N PHE Q 232 42.08 31.84 -40.60
CA PHE Q 232 40.74 31.56 -41.11
C PHE Q 232 39.87 32.81 -41.14
N PHE Q 233 39.08 32.93 -42.19
CA PHE Q 233 38.07 33.97 -42.32
C PHE Q 233 36.67 33.36 -42.20
N TRP Q 234 35.62 34.15 -42.43
CA TRP Q 234 34.22 33.67 -42.46
C TRP Q 234 33.26 34.69 -43.10
N THR Q 235 32.05 34.23 -43.46
CA THR Q 235 31.07 35.08 -44.14
C THR Q 235 29.64 34.61 -43.88
N ILE Q 236 28.82 35.56 -43.44
CA ILE Q 236 27.36 35.44 -43.46
C ILE Q 236 26.94 35.63 -44.91
N LEU Q 237 26.45 34.57 -45.55
CA LEU Q 237 26.05 34.66 -46.96
C LEU Q 237 24.53 34.54 -47.22
N LYS Q 238 24.00 35.53 -47.94
CA LYS Q 238 22.59 35.60 -48.35
C LYS Q 238 22.07 34.30 -49.00
N PRO Q 239 20.73 34.05 -48.93
CA PRO Q 239 20.11 32.97 -49.73
C PRO Q 239 20.18 33.25 -51.25
N ASN Q 240 20.24 34.53 -51.63
CA ASN Q 240 20.54 34.98 -52.99
C ASN Q 240 21.83 34.35 -53.53
N ASP Q 241 22.91 34.63 -52.80
CA ASP Q 241 24.22 34.88 -53.38
C ASP Q 241 25.08 33.69 -53.77
N ALA Q 242 26.30 34.02 -54.19
CA ALA Q 242 27.33 33.08 -54.65
C ALA Q 242 28.70 33.51 -54.10
N ILE Q 243 29.61 32.55 -53.94
CA ILE Q 243 30.94 32.86 -53.40
C ILE Q 243 32.06 32.42 -54.39
N ASN Q 244 32.64 33.40 -55.09
CA ASN Q 244 33.65 33.16 -56.14
C ASN Q 244 35.06 33.14 -55.58
N PHE Q 245 35.64 31.94 -55.56
CA PHE Q 245 37.01 31.81 -55.09
C PHE Q 245 37.97 31.83 -56.27
N GLU Q 246 39.12 32.48 -56.06
CA GLU Q 246 40.29 32.28 -56.93
C GLU Q 246 41.57 32.26 -56.11
N SER Q 247 42.38 31.23 -56.28
CA SER Q 247 43.60 31.07 -55.48
C SER Q 247 44.77 30.65 -56.33
N ASN Q 248 45.87 31.38 -56.22
CA ASN Q 248 47.11 30.93 -56.81
C ASN Q 248 47.50 29.62 -56.14
N GLY Q 249 47.52 29.63 -54.81
CA GLY Q 249 47.75 28.40 -54.07
C GLY Q 249 48.38 28.46 -52.69
N ASN Q 250 47.66 29.04 -51.73
CA ASN Q 250 47.93 28.83 -50.31
C ASN Q 250 46.56 28.67 -49.68
N PHE Q 251 45.73 27.87 -50.35
CA PHE Q 251 44.30 27.91 -50.13
C PHE Q 251 43.70 26.71 -49.42
N ILE Q 252 43.11 27.01 -48.27
CA ILE Q 252 42.28 26.06 -47.54
C ILE Q 252 40.83 26.24 -48.00
N ALA Q 253 40.34 25.25 -48.75
CA ALA Q 253 38.99 25.28 -49.31
C ALA Q 253 37.99 24.61 -48.37
N PRO Q 254 36.77 25.17 -48.27
CA PRO Q 254 35.70 24.49 -47.52
C PRO Q 254 35.28 23.15 -48.11
N GLU Q 255 34.54 22.37 -47.33
CA GLU Q 255 33.79 21.24 -47.85
C GLU Q 255 32.38 21.44 -47.36
N TYR Q 256 32.25 21.53 -46.05
CA TYR Q 256 30.96 21.70 -45.41
C TYR Q 256 30.78 23.14 -44.94
N ALA Q 257 29.58 23.66 -45.11
CA ALA Q 257 29.24 24.99 -44.65
C ALA Q 257 27.79 25.03 -44.19
N TYR Q 258 27.57 25.72 -43.07
CA TYR Q 258 26.37 25.56 -42.25
C TYR Q 258 25.23 26.47 -42.66
N LYS Q 259 24.01 25.93 -42.55
CA LYS Q 259 22.80 26.70 -42.80
C LYS Q 259 22.60 27.78 -41.75
N ILE Q 260 21.40 28.37 -41.70
CA ILE Q 260 21.09 29.36 -40.69
C ILE Q 260 19.64 29.23 -40.23
N VAL Q 261 19.40 28.36 -39.27
CA VAL Q 261 18.11 28.40 -38.57
C VAL Q 261 18.23 29.47 -37.47
N LYS Q 262 18.43 30.70 -37.93
CA LYS Q 262 18.58 31.91 -37.10
C LYS Q 262 17.27 32.26 -36.38
N LYS Q 263 16.74 31.25 -35.71
CA LYS Q 263 15.81 31.41 -34.62
C LYS Q 263 16.57 30.82 -33.43
N GLY Q 264 17.19 31.68 -32.62
CA GLY Q 264 18.04 31.20 -31.53
C GLY Q 264 18.24 32.12 -30.34
N ASP Q 265 18.37 31.50 -29.16
CA ASP Q 265 18.74 32.20 -27.93
C ASP Q 265 19.59 31.27 -27.07
N SER Q 266 20.89 31.59 -26.97
CA SER Q 266 21.88 30.73 -26.31
C SER Q 266 23.23 31.44 -26.07
N THR Q 267 23.26 32.35 -25.09
CA THR Q 267 24.43 33.22 -24.79
C THR Q 267 25.76 32.46 -24.57
N ILE Q 268 26.88 33.16 -24.84
CA ILE Q 268 28.23 32.63 -24.60
C ILE Q 268 28.42 32.43 -23.11
N MET Q 269 28.43 31.17 -22.67
CA MET Q 269 28.47 30.85 -21.24
C MET Q 269 29.64 29.98 -20.85
N LYS Q 270 30.53 30.54 -20.02
CA LYS Q 270 31.64 29.79 -19.46
C LYS Q 270 31.12 28.95 -18.29
N SER Q 271 31.44 27.65 -18.31
CA SER Q 271 31.03 26.74 -17.25
C SER Q 271 31.85 25.45 -17.22
N GLU Q 272 32.25 25.05 -16.02
CA GLU Q 272 32.82 23.73 -15.78
C GLU Q 272 31.69 22.85 -15.25
N LEU Q 273 30.77 22.48 -16.13
CA LEU Q 273 29.48 21.88 -15.73
C LEU Q 273 28.88 20.92 -16.77
N GLU Q 274 28.07 19.96 -16.30
CA GLU Q 274 27.50 18.89 -17.14
C GLU Q 274 26.04 18.47 -16.85
N TYR Q 275 25.57 17.51 -17.65
CA TYR Q 275 24.17 17.10 -17.80
C TYR Q 275 23.33 16.81 -16.52
N GLY Q 276 21.99 16.81 -16.68
CA GLY Q 276 21.00 16.55 -15.61
C GLY Q 276 19.83 17.52 -15.70
N ASN Q 277 18.60 16.99 -15.88
CA ASN Q 277 17.38 17.76 -16.27
C ASN Q 277 16.87 18.96 -15.40
N CYS Q 278 16.18 19.91 -16.06
CA CYS Q 278 15.47 21.07 -15.46
C CYS Q 278 14.90 21.98 -16.57
N ASN Q 279 14.17 23.04 -16.21
CA ASN Q 279 13.41 23.84 -17.22
C ASN Q 279 13.17 25.35 -17.03
N THR Q 280 13.53 25.91 -15.87
CA THR Q 280 13.13 27.28 -15.48
C THR Q 280 13.58 28.43 -16.40
N LYS Q 281 12.82 29.54 -16.43
CA LYS Q 281 13.01 30.67 -17.38
C LYS Q 281 14.17 31.61 -17.02
N CYS Q 282 15.32 30.99 -16.78
CA CYS Q 282 16.50 31.66 -16.27
C CYS Q 282 17.53 30.60 -15.88
N GLN Q 283 18.53 30.42 -16.74
CA GLN Q 283 19.62 29.50 -16.44
C GLN Q 283 20.81 30.26 -15.83
N THR Q 284 21.70 29.54 -15.16
CA THR Q 284 22.83 30.12 -14.42
C THR Q 284 24.11 29.32 -14.69
N PRO Q 285 25.29 29.99 -14.74
CA PRO Q 285 26.51 29.20 -14.88
C PRO Q 285 27.00 28.56 -13.57
N MET Q 286 26.06 28.06 -12.77
CA MET Q 286 26.36 27.23 -11.58
C MET Q 286 25.22 26.27 -11.15
N GLY Q 287 24.11 26.28 -11.90
CA GLY Q 287 22.93 25.46 -11.61
C GLY Q 287 21.67 26.29 -11.75
N ALA Q 288 20.58 25.67 -12.17
CA ALA Q 288 19.32 26.39 -12.44
C ALA Q 288 18.69 27.03 -11.21
N ILE Q 289 17.67 27.85 -11.44
CA ILE Q 289 16.93 28.52 -10.36
C ILE Q 289 15.50 27.97 -10.24
N ASN Q 290 15.38 26.81 -9.60
CA ASN Q 290 14.08 26.21 -9.29
C ASN Q 290 13.57 26.78 -7.99
N SER Q 291 13.20 28.06 -8.05
CA SER Q 291 12.63 28.76 -6.91
C SER Q 291 11.61 29.76 -7.40
N SER Q 292 10.42 29.71 -6.79
CA SER Q 292 9.29 30.57 -7.16
C SER Q 292 9.28 31.86 -6.33
N MET Q 293 10.45 32.50 -6.26
CA MET Q 293 10.66 33.71 -5.45
C MET Q 293 11.36 34.82 -6.27
N PRO Q 294 11.40 36.05 -5.74
CA PRO Q 294 11.78 37.20 -6.59
C PRO Q 294 13.26 37.40 -6.93
N PHE Q 295 14.17 36.93 -6.08
CA PHE Q 295 15.61 37.30 -6.23
C PHE Q 295 16.61 36.15 -6.04
N HIS Q 296 17.88 36.47 -6.27
CA HIS Q 296 18.99 35.52 -6.20
C HIS Q 296 20.33 36.26 -6.21
N ASN Q 297 21.41 35.54 -5.89
CA ASN Q 297 22.78 35.99 -6.13
C ASN Q 297 23.70 34.86 -6.54
N ILE Q 298 23.15 33.91 -7.28
CA ILE Q 298 23.89 32.74 -7.74
C ILE Q 298 25.03 33.13 -8.68
N HIS Q 299 24.74 34.07 -9.59
CA HIS Q 299 25.71 34.51 -10.59
C HIS Q 299 25.14 35.68 -11.38
N PRO Q 300 26.01 36.65 -11.73
CA PRO Q 300 25.63 37.77 -12.61
C PRO Q 300 25.07 37.32 -13.96
N LEU Q 301 25.95 36.92 -14.87
CA LEU Q 301 25.56 36.59 -16.25
C LEU Q 301 24.87 35.23 -16.33
N THR Q 302 23.64 35.24 -16.84
CA THR Q 302 22.84 34.03 -16.99
C THR Q 302 22.13 34.03 -18.36
N ILE Q 303 21.25 33.06 -18.60
CA ILE Q 303 20.58 32.95 -19.91
C ILE Q 303 19.23 33.72 -19.92
N GLY Q 304 19.16 34.78 -20.74
CA GLY Q 304 17.92 35.55 -20.97
C GLY Q 304 17.59 36.67 -19.99
N GLU Q 305 16.68 36.37 -19.06
CA GLU Q 305 16.22 37.30 -18.01
C GLU Q 305 16.11 36.50 -16.70
N CYS Q 306 16.70 37.02 -15.61
CA CYS Q 306 16.78 36.30 -14.33
C CYS Q 306 16.28 37.09 -13.09
N PRO Q 307 15.72 36.40 -12.06
CA PRO Q 307 15.45 37.09 -10.79
C PRO Q 307 16.67 37.88 -10.25
N LYS Q 308 16.86 39.11 -10.74
CA LYS Q 308 18.10 39.95 -10.60
C LYS Q 308 19.24 39.52 -9.66
N TYR Q 309 20.46 39.47 -10.19
CA TYR Q 309 21.64 39.21 -9.36
C TYR Q 309 21.86 40.40 -8.40
N VAL Q 310 22.07 40.07 -7.13
CA VAL Q 310 22.10 41.03 -6.03
C VAL Q 310 23.14 40.57 -4.97
N LYS Q 311 24.22 41.33 -4.81
CA LYS Q 311 25.32 40.95 -3.89
C LYS Q 311 25.11 41.39 -2.40
N SER Q 312 24.09 40.81 -1.75
CA SER Q 312 23.92 40.96 -0.29
C SER Q 312 23.09 39.79 0.24
N ASN Q 313 23.58 39.15 1.32
CA ASN Q 313 22.96 37.94 1.91
C ASN Q 313 21.65 38.22 2.64
N ARG Q 314 21.66 39.29 3.43
CA ARG Q 314 20.48 39.78 4.12
C ARG Q 314 19.62 40.65 3.17
N LEU Q 315 18.50 40.10 2.76
CA LEU Q 315 17.38 40.88 2.24
C LEU Q 315 16.11 40.38 2.91
N VAL Q 316 15.96 40.75 4.19
CA VAL Q 316 14.86 40.27 5.02
C VAL Q 316 13.80 41.37 5.16
N LEU Q 317 12.64 41.15 4.55
CA LEU Q 317 11.57 42.15 4.49
C LEU Q 317 10.50 41.85 5.54
N ALA Q 318 10.26 42.83 6.40
CA ALA Q 318 9.44 42.65 7.60
C ALA Q 318 7.94 42.61 7.31
N THR Q 319 7.28 41.59 7.85
CA THR Q 319 5.81 41.46 7.78
C THR Q 319 5.17 41.97 9.09
N GLY Q 320 5.84 41.78 10.22
CA GLY Q 320 5.28 42.08 11.55
C GLY Q 320 5.88 43.26 12.32
N LEU Q 321 6.06 43.08 13.63
CA LEU Q 321 6.46 44.16 14.55
C LEU Q 321 7.32 43.64 15.71
N ARG Q 322 7.97 44.55 16.44
CA ARG Q 322 8.96 44.23 17.50
C ARG Q 322 8.59 43.07 18.45
N ASN Q 323 9.50 42.10 18.64
CA ASN Q 323 9.15 40.80 19.25
C ASN Q 323 10.30 39.89 19.80
N SER Q 324 11.06 40.37 20.79
CA SER Q 324 12.07 39.54 21.50
C SER Q 324 11.58 39.05 22.90
N PRO Q 325 11.99 37.82 23.32
CA PRO Q 325 11.27 37.07 24.39
C PRO Q 325 11.14 37.78 25.76
N GLY R 1 8.56 50.97 19.72
CA GLY R 1 7.43 51.96 19.68
C GLY R 1 7.87 53.37 19.34
N LEU R 2 8.47 53.54 18.17
CA LEU R 2 8.85 54.86 17.65
C LEU R 2 7.58 55.65 17.29
N PHE R 3 6.43 55.04 17.57
CA PHE R 3 5.12 55.64 17.38
C PHE R 3 4.17 55.40 18.56
N GLY R 4 4.75 55.01 19.70
CA GLY R 4 4.02 54.87 20.95
C GLY R 4 2.91 53.85 20.92
N ALA R 5 3.29 52.58 20.74
CA ALA R 5 2.33 51.49 20.60
C ALA R 5 2.91 50.12 20.95
N ILE R 6 4.06 49.76 20.38
CA ILE R 6 4.70 48.47 20.68
C ILE R 6 5.67 48.52 21.88
N ALA R 7 6.45 49.60 21.98
CA ALA R 7 7.23 49.90 23.19
C ALA R 7 6.68 51.13 23.93
N GLY R 8 6.50 52.23 23.18
CA GLY R 8 5.97 53.53 23.66
C GLY R 8 5.10 53.59 24.91
N PHE R 9 3.77 53.53 24.74
CA PHE R 9 2.89 53.55 25.92
C PHE R 9 2.35 52.18 26.44
N ILE R 10 2.30 51.17 25.57
CA ILE R 10 1.91 49.84 26.01
C ILE R 10 3.15 49.00 26.29
N GLU R 11 3.15 48.32 27.44
CA GLU R 11 4.21 47.36 27.79
C GLU R 11 3.93 45.98 27.18
N GLY R 12 4.52 45.74 26.01
CA GLY R 12 4.44 44.44 25.33
C GLY R 12 3.09 44.12 24.72
N GLY R 13 3.02 42.99 24.03
CA GLY R 13 1.78 42.52 23.43
C GLY R 13 1.20 41.36 24.21
N TRP R 14 -0.08 41.09 23.97
CA TRP R 14 -0.75 39.93 24.55
C TRP R 14 -0.41 38.66 23.75
N GLN R 15 0.63 37.96 24.20
CA GLN R 15 1.16 36.77 23.52
C GLN R 15 0.18 35.58 23.44
N GLY R 16 -0.66 35.43 24.45
CA GLY R 16 -1.69 34.39 24.45
C GLY R 16 -2.77 34.72 23.42
N MET R 17 -2.37 34.74 22.14
CA MET R 17 -3.25 35.16 21.05
C MET R 17 -2.64 34.93 19.63
N VAL R 18 -2.71 33.67 19.16
CA VAL R 18 -2.49 33.34 17.74
C VAL R 18 -3.86 33.38 17.04
N ASP R 19 -4.61 34.45 17.32
CA ASP R 19 -6.00 34.63 16.85
C ASP R 19 -6.12 35.77 15.84
N GLY R 20 -5.25 36.77 16.00
CA GLY R 20 -5.16 37.90 15.09
C GLY R 20 -3.99 38.79 15.49
N TRP R 21 -3.59 39.71 14.60
CA TRP R 21 -2.57 40.69 14.92
C TRP R 21 -2.99 41.64 16.06
N TYR R 22 -4.18 42.24 15.92
CA TYR R 22 -4.68 43.22 16.90
C TYR R 22 -6.04 42.85 17.55
N GLY R 23 -6.06 41.78 18.34
CA GLY R 23 -7.21 41.46 19.18
C GLY R 23 -6.99 41.94 20.60
N TYR R 24 -8.08 42.04 21.38
CA TYR R 24 -8.01 42.54 22.77
C TYR R 24 -8.44 41.56 23.88
N HIS R 25 -7.64 41.49 24.94
CA HIS R 25 -7.96 40.68 26.12
C HIS R 25 -9.12 41.30 26.89
N HIS R 26 -10.20 40.52 27.08
CA HIS R 26 -11.35 40.98 27.85
C HIS R 26 -11.53 40.23 29.18
N SER R 27 -11.26 40.93 30.29
CA SER R 27 -11.60 40.43 31.63
C SER R 27 -13.05 40.84 31.92
N ASN R 28 -13.83 39.88 32.42
CA ASN R 28 -15.28 39.92 32.33
C ASN R 28 -15.95 39.23 33.52
N GLU R 29 -17.23 39.53 33.77
CA GLU R 29 -18.03 38.75 34.72
C GLU R 29 -18.14 37.30 34.21
N GLN R 30 -17.19 36.49 34.68
CA GLN R 30 -16.93 35.13 34.22
C GLN R 30 -15.82 35.09 33.17
N GLY R 31 -15.96 35.88 32.11
CA GLY R 31 -15.04 35.87 30.94
C GLY R 31 -13.61 36.29 31.24
N SER R 32 -12.66 35.74 30.48
CA SER R 32 -11.22 35.90 30.78
C SER R 32 -10.32 35.97 29.55
N GLY R 33 -10.92 35.87 28.36
CA GLY R 33 -10.17 35.51 27.14
C GLY R 33 -9.66 36.56 26.17
N TYR R 34 -9.10 36.05 25.07
CA TYR R 34 -8.44 36.82 24.02
C TYR R 34 -9.08 36.48 22.66
N ALA R 35 -9.70 37.48 22.03
CA ALA R 35 -10.33 37.30 20.71
C ALA R 35 -9.50 37.92 19.58
N ALA R 36 -10.07 37.99 18.37
CA ALA R 36 -9.42 38.65 17.24
C ALA R 36 -10.02 40.05 17.02
N ASP R 37 -9.69 40.68 15.88
CA ASP R 37 -10.33 41.93 15.46
C ASP R 37 -10.23 42.14 13.93
N LYS R 38 -10.99 41.34 13.19
CA LYS R 38 -10.92 41.31 11.71
C LYS R 38 -10.88 42.69 11.06
N GLU R 39 -11.99 43.42 11.17
CA GLU R 39 -12.27 44.69 10.44
C GLU R 39 -11.13 45.44 9.73
N SER R 40 -10.11 45.85 10.48
CA SER R 40 -8.95 46.53 9.87
C SER R 40 -7.58 45.97 10.28
N THR R 41 -7.59 44.79 10.90
CA THR R 41 -6.44 43.90 10.86
C THR R 41 -6.39 43.47 9.39
N GLN R 42 -7.52 43.65 8.70
CA GLN R 42 -7.63 43.46 7.26
C GLN R 42 -6.64 44.37 6.53
N LYS R 43 -6.71 45.67 6.83
CA LYS R 43 -5.84 46.69 6.23
C LYS R 43 -4.35 46.39 6.40
N ALA R 44 -4.03 45.54 7.38
CA ALA R 44 -2.66 45.08 7.61
C ALA R 44 -2.29 44.06 6.55
N ILE R 45 -3.18 43.08 6.33
CA ILE R 45 -3.05 42.18 5.20
C ILE R 45 -2.97 43.04 3.94
N ASP R 46 -3.96 43.92 3.79
CA ASP R 46 -4.05 44.83 2.63
C ASP R 46 -2.77 45.63 2.43
N GLY R 47 -2.06 45.86 3.53
CA GLY R 47 -0.76 46.51 3.50
C GLY R 47 0.33 45.54 3.07
N VAL R 48 0.42 44.42 3.80
CA VAL R 48 1.45 43.38 3.59
C VAL R 48 1.45 42.85 2.14
N THR R 49 0.26 42.54 1.64
CA THR R 49 0.08 41.98 0.30
C THR R 49 0.36 43.02 -0.80
N ASN R 50 -0.61 43.87 -1.14
CA ASN R 50 -0.49 44.80 -2.27
C ASN R 50 0.80 45.66 -2.33
N LYS R 51 1.47 45.84 -1.19
CA LYS R 51 2.77 46.58 -1.10
C LYS R 51 3.96 45.74 -1.56
N VAL R 52 4.15 44.59 -0.92
CA VAL R 52 5.23 43.66 -1.24
C VAL R 52 5.13 43.19 -2.69
N ASN R 53 3.91 42.84 -3.11
CA ASN R 53 3.63 42.51 -4.51
C ASN R 53 4.07 43.64 -5.44
N SER R 54 3.83 44.89 -5.02
CA SER R 54 4.30 46.06 -5.79
C SER R 54 5.81 46.26 -5.64
N ILE R 55 6.39 45.66 -4.59
CA ILE R 55 7.85 45.56 -4.45
C ILE R 55 8.40 44.53 -5.47
N ILE R 56 7.68 43.42 -5.66
CA ILE R 56 7.96 42.49 -6.74
C ILE R 56 7.75 43.15 -8.11
N ASP R 57 6.64 43.87 -8.27
CA ASP R 57 6.19 44.38 -9.58
C ASP R 57 7.02 45.50 -10.17
N LYS R 58 7.09 46.63 -9.48
CA LYS R 58 7.77 47.82 -10.00
C LYS R 58 9.28 47.57 -9.99
N MET R 59 9.68 46.55 -10.74
CA MET R 59 11.06 46.10 -10.82
C MET R 59 11.12 45.07 -11.95
N ASN R 60 9.96 44.70 -12.47
CA ASN R 60 9.85 43.74 -13.58
C ASN R 60 10.43 44.22 -14.92
N THR R 61 11.52 44.98 -14.88
CA THR R 61 12.20 45.38 -16.12
C THR R 61 13.73 45.19 -16.13
N GLN R 62 14.08 43.99 -16.59
CA GLN R 62 15.39 43.66 -17.14
C GLN R 62 15.08 42.99 -18.49
N PHE R 63 15.47 43.68 -19.56
CA PHE R 63 15.48 43.23 -20.95
C PHE R 63 16.16 41.85 -21.14
N GLU R 64 16.75 41.67 -22.33
CA GLU R 64 17.67 40.54 -22.58
C GLU R 64 19.10 40.83 -22.07
N ALA R 65 19.32 40.62 -20.76
CA ALA R 65 20.64 40.76 -20.12
C ALA R 65 21.59 39.62 -20.54
N VAL R 66 22.90 39.89 -20.56
CA VAL R 66 23.88 39.01 -21.22
C VAL R 66 25.27 38.96 -20.58
N GLY R 67 26.30 38.60 -21.38
CA GLY R 67 27.66 38.32 -20.91
C GLY R 67 28.81 39.24 -21.32
N ARG R 68 29.95 38.65 -21.71
CA ARG R 68 31.23 39.37 -21.83
C ARG R 68 31.92 39.32 -23.23
N GLU R 69 33.12 38.73 -23.30
CA GLU R 69 33.86 38.39 -24.55
C GLU R 69 34.45 39.45 -25.49
N PHE R 70 35.69 39.88 -25.23
CA PHE R 70 36.42 40.76 -26.16
C PHE R 70 37.85 40.24 -26.48
N ASN R 71 38.51 40.84 -27.47
CA ASN R 71 39.80 40.36 -27.98
C ASN R 71 40.98 40.59 -27.03
N ASN R 72 41.91 39.64 -26.97
CA ASN R 72 43.08 39.73 -26.08
C ASN R 72 44.14 40.77 -26.48
N LEU R 73 44.01 41.28 -27.71
CA LEU R 73 44.83 42.38 -28.23
C LEU R 73 43.87 43.56 -28.49
N GLU R 74 43.13 43.94 -27.43
CA GLU R 74 41.97 44.86 -27.53
C GLU R 74 41.27 45.10 -26.17
N ARG R 75 42.05 45.14 -25.09
CA ARG R 75 41.56 45.04 -23.68
C ARG R 75 40.95 46.31 -23.03
N ARG R 76 40.96 47.43 -23.76
CA ARG R 76 40.33 48.68 -23.32
C ARG R 76 38.81 48.59 -23.40
N ILE R 77 38.33 48.50 -24.64
CA ILE R 77 36.92 48.35 -24.92
C ILE R 77 36.30 47.30 -23.99
N GLU R 78 37.11 46.29 -23.63
CA GLU R 78 36.68 45.20 -22.75
C GLU R 78 36.51 45.63 -21.29
N ASN R 79 37.44 46.46 -20.81
CA ASN R 79 37.38 46.96 -19.42
C ASN R 79 36.27 48.01 -19.25
N LEU R 80 35.73 48.49 -20.37
CA LEU R 80 34.49 49.27 -20.38
C LEU R 80 33.29 48.35 -20.11
N ASN R 81 33.32 47.15 -20.68
CA ASN R 81 32.30 46.14 -20.37
C ASN R 81 32.35 45.55 -18.96
N LYS R 82 33.52 45.50 -18.32
CA LYS R 82 33.61 45.14 -16.89
C LYS R 82 32.89 46.20 -16.05
N LYS R 83 33.37 47.43 -16.12
CA LYS R 83 32.79 48.61 -15.47
C LYS R 83 31.27 48.66 -15.61
N MET R 84 30.80 48.55 -16.85
CA MET R 84 29.41 48.83 -17.15
C MET R 84 28.45 47.90 -16.44
N GLU R 85 28.66 46.60 -16.62
CA GLU R 85 27.77 45.58 -16.07
C GLU R 85 27.90 45.41 -14.56
N ASP R 86 29.08 45.77 -14.04
CA ASP R 86 29.30 45.82 -12.59
C ASP R 86 28.53 47.02 -12.02
N GLY R 87 28.49 48.12 -12.79
CA GLY R 87 27.76 49.33 -12.40
C GLY R 87 26.31 49.05 -12.08
N PHE R 88 25.72 48.14 -12.85
CA PHE R 88 24.32 47.74 -12.70
C PHE R 88 24.02 46.69 -11.65
N LEU R 89 25.01 45.87 -11.26
CA LEU R 89 24.89 45.10 -10.00
C LEU R 89 24.82 46.09 -8.83
N ASP R 90 25.66 47.12 -8.88
CA ASP R 90 25.79 48.14 -7.83
C ASP R 90 24.64 49.14 -7.74
N VAL R 91 24.04 49.44 -8.88
CA VAL R 91 22.91 50.37 -8.92
C VAL R 91 21.60 49.74 -8.41
N TRP R 92 21.44 48.42 -8.58
CA TRP R 92 20.22 47.72 -8.17
C TRP R 92 20.34 47.06 -6.79
N THR R 93 21.58 46.95 -6.27
CA THR R 93 21.83 46.61 -4.87
C THR R 93 22.11 47.91 -4.11
N TYR R 94 21.61 49.01 -4.66
CA TYR R 94 21.37 50.18 -3.85
C TYR R 94 19.91 50.18 -3.41
N ASN R 95 18.99 50.16 -4.37
CA ASN R 95 17.55 50.35 -4.10
C ASN R 95 16.88 49.16 -3.41
N ALA R 96 17.30 47.94 -3.77
CA ALA R 96 16.79 46.73 -3.13
C ALA R 96 17.34 46.57 -1.71
N GLU R 97 18.51 47.16 -1.44
CA GLU R 97 19.01 47.33 -0.06
C GLU R 97 18.32 48.52 0.59
N LEU R 98 18.33 49.65 -0.12
CA LEU R 98 17.65 50.90 0.25
C LEU R 98 16.17 50.62 0.48
N LEU R 99 15.46 50.38 -0.61
CA LEU R 99 14.02 50.17 -0.55
C LEU R 99 13.65 49.25 0.60
N VAL R 100 14.37 48.14 0.74
CA VAL R 100 14.13 47.23 1.88
C VAL R 100 14.20 47.94 3.25
N LEU R 101 15.11 48.89 3.41
CA LEU R 101 15.31 49.58 4.70
C LEU R 101 14.23 50.62 5.05
N MET R 102 13.95 51.50 4.09
CA MET R 102 12.90 52.52 4.21
C MET R 102 11.55 51.88 4.44
N GLU R 103 11.22 50.88 3.62
CA GLU R 103 9.93 50.21 3.69
C GLU R 103 9.85 49.33 4.94
N ASN R 104 10.92 48.59 5.23
CA ASN R 104 10.99 47.86 6.49
C ASN R 104 10.59 48.75 7.67
N GLU R 105 11.01 50.02 7.61
CA GLU R 105 10.67 50.99 8.66
C GLU R 105 9.19 51.40 8.61
N ARG R 106 8.71 51.75 7.43
CA ARG R 106 7.29 52.04 7.21
C ARG R 106 6.43 51.00 7.93
N THR R 107 6.57 49.74 7.50
CA THR R 107 5.85 48.60 8.06
C THR R 107 5.84 48.56 9.58
N LEU R 108 7.02 48.66 10.16
CA LEU R 108 7.21 48.45 11.59
C LEU R 108 6.63 49.58 12.43
N ASP R 109 6.44 50.74 11.81
CA ASP R 109 5.79 51.87 12.44
C ASP R 109 4.32 51.97 12.02
N PHE R 110 3.99 51.47 10.83
CA PHE R 110 2.59 51.33 10.36
C PHE R 110 1.77 50.52 11.36
N HIS R 111 2.28 49.35 11.72
CA HIS R 111 1.66 48.50 12.71
C HIS R 111 1.37 49.27 13.99
N ASP R 112 2.13 50.34 14.25
CA ASP R 112 1.96 51.18 15.43
C ASP R 112 1.01 52.36 15.20
N SER R 113 0.76 52.65 13.93
CA SER R 113 -0.35 53.53 13.54
C SER R 113 -1.64 52.68 13.58
N ASN R 114 -1.47 51.35 13.50
CA ASN R 114 -2.59 50.41 13.67
C ASN R 114 -2.99 50.29 15.14
N VAL R 115 -2.04 49.92 15.98
CA VAL R 115 -2.27 49.73 17.41
C VAL R 115 -2.81 50.99 18.08
N LYS R 116 -2.32 52.17 17.67
CA LYS R 116 -2.72 53.43 18.30
C LYS R 116 -4.21 53.73 18.15
N ASN R 117 -4.76 53.43 16.97
CA ASN R 117 -6.10 53.89 16.63
C ASN R 117 -7.25 52.93 16.92
N LEU R 118 -6.92 51.72 17.37
CA LEU R 118 -7.91 50.86 18.00
C LEU R 118 -8.05 51.28 19.45
N TYR R 119 -6.94 51.69 20.05
CA TYR R 119 -6.91 52.27 21.39
C TYR R 119 -7.68 53.58 21.45
N ASP R 120 -7.85 54.23 20.30
CA ASP R 120 -8.64 55.46 20.23
C ASP R 120 -10.09 55.23 19.83
N LYS R 121 -10.39 54.11 19.15
CA LYS R 121 -11.78 53.79 18.76
C LYS R 121 -12.61 53.25 19.94
N VAL R 122 -11.96 52.56 20.85
CA VAL R 122 -12.58 52.15 22.11
C VAL R 122 -12.56 53.34 23.06
N ARG R 123 -11.48 54.12 23.00
CA ARG R 123 -11.28 55.28 23.89
C ARG R 123 -12.18 56.47 23.55
N LEU R 124 -12.50 56.65 22.27
CA LEU R 124 -13.36 57.76 21.84
C LEU R 124 -14.83 57.38 21.74
N GLN R 125 -15.12 56.15 21.27
CA GLN R 125 -16.49 55.63 21.24
C GLN R 125 -17.22 55.90 22.55
N LEU R 126 -16.46 55.93 23.65
CA LEU R 126 -16.99 56.20 24.97
C LEU R 126 -16.01 57.11 25.71
N ARG R 127 -16.45 58.32 26.04
CA ARG R 127 -15.56 59.30 26.68
C ARG R 127 -15.48 59.07 28.19
N ASP R 128 -16.27 59.80 28.99
CA ASP R 128 -16.27 59.60 30.45
C ASP R 128 -17.28 58.55 30.96
N ASN R 129 -17.39 57.46 30.19
CA ASN R 129 -18.17 56.27 30.57
C ASN R 129 -17.33 55.27 31.40
N ALA R 130 -16.01 55.26 31.15
CA ALA R 130 -15.03 54.51 31.93
C ALA R 130 -13.85 55.46 32.24
N LYS R 131 -12.73 54.91 32.69
CA LYS R 131 -11.49 55.68 32.77
C LYS R 131 -10.33 54.82 32.29
N GLU R 132 -9.11 55.15 32.71
CA GLU R 132 -7.92 54.43 32.28
C GLU R 132 -6.99 54.10 33.46
N LEU R 133 -6.66 52.83 33.66
CA LEU R 133 -5.76 52.39 34.75
C LEU R 133 -4.33 52.95 34.62
N GLY R 134 -3.61 52.51 33.59
CA GLY R 134 -2.21 52.91 33.35
C GLY R 134 -1.44 51.86 32.54
N ASN R 135 -2.21 50.95 31.91
CA ASN R 135 -1.65 49.79 31.19
C ASN R 135 -1.92 49.82 29.67
N GLY R 136 -3.02 50.48 29.29
CA GLY R 136 -3.49 50.50 27.90
C GLY R 136 -4.93 50.05 27.84
N CYS R 137 -5.49 49.82 29.03
CA CYS R 137 -6.83 49.27 29.18
C CYS R 137 -7.74 50.27 29.86
N PHE R 138 -8.99 49.85 30.12
CA PHE R 138 -10.01 50.76 30.63
C PHE R 138 -10.80 50.13 31.78
N GLU R 139 -10.82 50.79 32.94
CA GLU R 139 -11.61 50.32 34.09
C GLU R 139 -13.02 50.89 34.12
N PHE R 140 -13.98 50.02 33.80
CA PHE R 140 -15.39 50.36 33.87
C PHE R 140 -15.76 50.81 35.27
N TYR R 141 -16.71 51.72 35.34
CA TYR R 141 -17.43 51.97 36.58
C TYR R 141 -18.47 50.86 36.78
N HIS R 142 -18.98 50.32 35.66
CA HIS R 142 -20.10 49.35 35.67
C HIS R 142 -19.75 47.91 35.26
N LYS R 143 -20.54 46.96 35.75
CA LYS R 143 -20.40 45.53 35.43
C LYS R 143 -20.71 45.24 33.96
N CYS R 144 -20.24 44.10 33.47
CA CYS R 144 -20.30 43.77 32.04
C CYS R 144 -20.05 42.26 31.83
N ASP R 145 -21.08 41.50 31.46
CA ASP R 145 -20.90 40.06 31.18
C ASP R 145 -20.55 39.77 29.70
N ASN R 146 -20.60 38.50 29.27
CA ASN R 146 -20.08 38.12 27.96
C ASN R 146 -20.89 38.52 26.72
N GLU R 147 -22.15 38.92 26.91
CA GLU R 147 -22.98 39.51 25.84
C GLU R 147 -22.99 41.03 25.93
N CYS R 148 -22.14 41.56 26.80
CA CYS R 148 -22.08 42.97 27.13
C CYS R 148 -21.04 43.70 26.27
N MET R 149 -19.82 43.16 26.23
CA MET R 149 -18.72 43.71 25.42
C MET R 149 -18.84 43.28 23.96
N GLU R 150 -19.93 42.57 23.64
CA GLU R 150 -20.31 42.24 22.27
C GLU R 150 -20.56 43.53 21.50
N SER R 151 -20.97 44.55 22.26
CA SER R 151 -21.32 45.86 21.73
C SER R 151 -20.12 46.77 21.56
N VAL R 152 -19.12 46.63 22.44
CA VAL R 152 -17.92 47.48 22.39
C VAL R 152 -17.15 47.23 21.09
N ARG R 153 -16.98 45.97 20.72
CA ARG R 153 -16.36 45.59 19.44
C ARG R 153 -17.32 45.85 18.27
N ASN R 154 -18.61 45.91 18.59
CA ASN R 154 -19.63 46.32 17.63
C ASN R 154 -19.44 47.79 17.25
N GLY R 155 -20.13 48.67 18.00
CA GLY R 155 -20.17 50.09 17.69
C GLY R 155 -21.45 50.71 18.20
N THR R 156 -22.59 50.07 17.92
CA THR R 156 -23.90 50.56 18.36
C THR R 156 -23.98 50.59 19.89
N TYR R 157 -22.86 50.29 20.55
CA TYR R 157 -22.70 50.49 22.00
C TYR R 157 -22.98 51.95 22.31
N ASP R 158 -24.26 52.24 22.53
CA ASP R 158 -24.77 53.60 22.55
C ASP R 158 -24.20 54.40 23.71
N TYR R 159 -23.64 55.55 23.39
CA TYR R 159 -23.16 56.50 24.38
C TYR R 159 -24.31 56.97 25.31
N PRO R 160 -25.48 57.30 24.73
CA PRO R 160 -26.67 57.39 25.59
C PRO R 160 -27.17 56.02 26.10
N GLN R 161 -26.45 55.47 27.09
CA GLN R 161 -26.81 54.21 27.76
C GLN R 161 -26.04 54.02 29.07
N TYR R 162 -24.92 53.31 28.98
CA TYR R 162 -24.16 52.87 30.15
C TYR R 162 -23.14 53.92 30.61
N SER R 163 -23.40 54.48 31.79
CA SER R 163 -22.47 55.39 32.49
C SER R 163 -23.09 56.21 33.64
N GLU R 164 -24.38 56.00 33.92
CA GLU R 164 -25.04 56.73 35.02
C GLU R 164 -24.67 56.19 36.40
N GLU R 165 -23.75 55.23 36.43
CA GLU R 165 -23.08 54.81 37.66
C GLU R 165 -21.77 55.58 37.82
N ALA R 166 -21.39 56.29 36.76
CA ALA R 166 -20.32 57.30 36.79
C ALA R 166 -20.97 58.67 36.99
N ARG R 167 -22.26 58.63 37.35
CA ARG R 167 -23.01 59.82 37.76
C ARG R 167 -23.21 59.78 39.28
N LEU R 168 -22.79 58.67 39.89
CA LEU R 168 -22.60 58.57 41.33
C LEU R 168 -21.24 57.93 41.65
N LYS R 169 -20.94 56.78 41.05
CA LYS R 169 -19.66 56.07 41.22
C LYS R 169 -18.45 56.81 40.61
N ARG R 170 -18.70 58.03 40.13
CA ARG R 170 -17.64 58.95 39.71
C ARG R 170 -17.30 59.94 40.84
N GLU R 171 -18.05 59.85 41.95
CA GLU R 171 -17.79 60.70 43.13
C GLU R 171 -17.92 60.03 44.51
N GLU R 172 -18.34 58.76 44.56
CA GLU R 172 -18.14 57.94 45.76
C GLU R 172 -16.67 57.54 45.74
N ILE R 173 -16.18 57.38 44.51
CA ILE R 173 -14.76 57.29 44.18
C ILE R 173 -14.22 58.73 44.02
N SER R 174 -14.49 59.55 45.04
CA SER R 174 -14.04 60.94 45.13
C SER R 174 -14.32 61.54 46.53
N SER R 175 -15.47 61.19 47.11
CA SER R 175 -15.86 61.63 48.45
C SER R 175 -16.23 63.10 48.55
#